data_7LPP
#
_entry.id   7LPP
#
_cell.length_a   98.100
_cell.length_b   133.161
_cell.length_c   129.586
_cell.angle_alpha   90.000
_cell.angle_beta   94.460
_cell.angle_gamma   90.000
#
_symmetry.space_group_name_H-M   'P 1 21 1'
#
loop_
_entity.id
_entity.type
_entity.pdbx_description
1 polymer 'Cytoplasmic protein'
2 non-polymer 4-(hydroxymethyl)-1-[[2-(3-methoxyphenyl)-1,3-thiazol-5-yl]methyl]piperidin-4-ol
3 non-polymer GLYCEROL
4 non-polymer 'MAGNESIUM ION'
5 water water
#
_entity_poly.entity_id   1
_entity_poly.type   'polypeptide(L)'
_entity_poly.pdbx_seq_one_letter_code
;SMPPPPEVSPVTGNPVSPHYIHSSTLHFQDVNGRSLVLRGVNLSGSAKHPNNQPSHIREGFWETAEAGKGDFINKPLNLD
DGSADLHLARLKAWGYNLLRYVFTWESLEHAGPKEYDYAYMDYIIAVLRKCKEWGFRVFMDPHQDVWSRFTGGSGAPLWT
LYACGIDPYHLTATAAAYLHCEWPSAESPKPQDFPAMIWGTNYTHLANQTIWTFFFAGKTYAPKCIIDGKNIQDFLQDHF
IDAVGELAKRIAEEAGDLLDECVIGWDSINEPGEGLIGCKDLAVIPAEQQLKKGPSPTPIEGMRLGMGEAQDVQAWNFGP
MGPYRGSRQTIDPKGVKLWLSKEDDVKRGSGKWGWTRGKEWALGTCIWAHHGVWEIATSTLLRPDYFSTLPTNPGHQVDF
VDDFWALHWLAYSSRIRLHHPESIHFIQAPVLRQPPKLPESFLKGRACSSPHFYDGLTLMTKHWNWFNADAIGVIRKKYW
SIVQAVRIGEGPIRKMIQGELAVLKQDTIDILGNYPTLVGEIGIPYDMDDKKAYGYVDGGRGEGDYSSQQKAMDCSMNAC
DGPNCLNYAIWNYVPDNVHEWGDNWNGEDLSLWSVDDKEQESYHDSPRSDTPNFSTNSNSLTNSSATLTVPMSGASKLRP
SPSVIDSGDFSPTLILDGSRAVAAFCRPYPVATVGIPERIDFDITSTKFKYAVRVRADDIANEQVYTEIYLPFVHYAASL
NASYSSFAQLSLDVTIVASHGRVEIQGQTLRWWYPVPGTGEEVYTIEVQRNGGALRRDLGYVQQGNFLDVCPECVIA
;
_entity_poly.pdbx_strand_id   A,B,C,D
#
# COMPACT_ATOMS: atom_id res chain seq x y z
N PRO A 5 -14.60 -28.70 -8.94
CA PRO A 5 -13.87 -28.30 -7.73
C PRO A 5 -12.66 -29.20 -7.48
N PRO A 6 -11.76 -28.82 -6.57
CA PRO A 6 -10.54 -29.60 -6.36
C PRO A 6 -10.84 -31.03 -5.96
N GLU A 7 -10.02 -31.95 -6.47
CA GLU A 7 -10.09 -33.34 -6.04
C GLU A 7 -9.70 -33.52 -4.58
N VAL A 8 -9.20 -32.46 -3.94
CA VAL A 8 -8.80 -32.50 -2.54
C VAL A 8 -9.89 -31.87 -1.68
N SER A 9 -10.01 -32.37 -0.46
CA SER A 9 -11.03 -31.88 0.46
C SER A 9 -10.61 -30.53 1.03
N PRO A 10 -11.48 -29.52 0.99
CA PRO A 10 -11.13 -28.23 1.61
C PRO A 10 -10.96 -28.31 3.11
N VAL A 11 -11.46 -29.37 3.76
CA VAL A 11 -11.26 -29.53 5.19
C VAL A 11 -9.93 -30.20 5.48
N THR A 12 -9.66 -31.33 4.83
CA THR A 12 -8.48 -32.13 5.10
C THR A 12 -7.33 -31.88 4.14
N GLY A 13 -7.63 -31.56 2.88
CA GLY A 13 -6.64 -31.58 1.83
C GLY A 13 -6.47 -32.93 1.18
N ASN A 14 -6.98 -33.99 1.80
CA ASN A 14 -6.88 -35.32 1.22
C ASN A 14 -7.76 -35.44 -0.01
N PRO A 15 -7.44 -36.36 -0.92
CA PRO A 15 -8.27 -36.55 -2.11
C PRO A 15 -9.68 -37.01 -1.75
N VAL A 16 -10.62 -36.76 -2.67
CA VAL A 16 -12.03 -37.00 -2.41
C VAL A 16 -12.48 -38.28 -3.10
N SER A 17 -13.42 -38.98 -2.46
CA SER A 17 -14.00 -40.19 -3.01
C SER A 17 -14.84 -39.84 -4.25
N PRO A 18 -15.04 -40.81 -5.15
CA PRO A 18 -15.86 -40.53 -6.35
C PRO A 18 -17.30 -40.14 -6.04
N HIS A 19 -17.78 -40.36 -4.82
CA HIS A 19 -19.12 -39.95 -4.41
C HIS A 19 -19.10 -38.74 -3.49
N TYR A 20 -17.96 -38.08 -3.36
CA TYR A 20 -17.87 -36.87 -2.56
C TYR A 20 -18.83 -35.82 -3.09
N ILE A 21 -19.52 -35.14 -2.19
CA ILE A 21 -20.40 -34.03 -2.53
C ILE A 21 -19.72 -32.74 -2.09
N HIS A 22 -19.43 -31.87 -3.05
CA HIS A 22 -18.77 -30.61 -2.76
C HIS A 22 -19.79 -29.59 -2.25
N SER A 23 -19.48 -28.96 -1.13
CA SER A 23 -20.30 -27.90 -0.56
C SER A 23 -19.48 -26.64 -0.34
N SER A 24 -18.63 -26.32 -1.32
CA SER A 24 -17.76 -25.15 -1.25
C SER A 24 -18.34 -23.93 -1.94
N THR A 25 -19.37 -24.10 -2.75
CA THR A 25 -19.98 -23.02 -3.53
C THR A 25 -21.43 -22.83 -3.08
N LEU A 26 -22.17 -22.06 -3.87
CA LEU A 26 -23.58 -21.83 -3.56
C LEU A 26 -24.44 -23.07 -3.76
N HIS A 27 -23.93 -24.08 -4.46
CA HIS A 27 -24.68 -25.31 -4.70
C HIS A 27 -23.83 -26.52 -4.32
N PHE A 28 -24.52 -27.61 -4.00
CA PHE A 28 -23.85 -28.90 -3.90
C PHE A 28 -23.34 -29.31 -5.27
N GLN A 29 -22.23 -30.04 -5.28
CA GLN A 29 -21.61 -30.45 -6.54
C GLN A 29 -20.97 -31.81 -6.38
N ASP A 30 -21.04 -32.61 -7.43
CA ASP A 30 -20.32 -33.88 -7.47
C ASP A 30 -18.88 -33.61 -7.91
N VAL A 31 -18.12 -34.68 -8.16
CA VAL A 31 -16.72 -34.51 -8.55
C VAL A 31 -16.59 -34.02 -9.98
N ASN A 32 -17.64 -34.12 -10.78
CA ASN A 32 -17.62 -33.69 -12.17
C ASN A 32 -18.27 -32.33 -12.37
N GLY A 33 -18.58 -31.61 -11.29
CA GLY A 33 -19.03 -30.24 -11.37
C GLY A 33 -20.53 -30.03 -11.46
N ARG A 34 -21.30 -31.09 -11.70
CA ARG A 34 -22.75 -30.94 -11.80
C ARG A 34 -23.33 -30.38 -10.52
N SER A 35 -24.23 -29.41 -10.65
CA SER A 35 -24.91 -28.83 -9.51
C SER A 35 -26.01 -29.77 -9.04
N LEU A 36 -25.92 -30.23 -7.80
CA LEU A 36 -26.85 -31.21 -7.25
C LEU A 36 -27.96 -30.53 -6.47
N VAL A 37 -29.14 -31.14 -6.50
CA VAL A 37 -30.29 -30.71 -5.73
C VAL A 37 -30.74 -31.86 -4.85
N LEU A 38 -30.85 -31.60 -3.55
CA LEU A 38 -31.15 -32.63 -2.55
C LEU A 38 -32.55 -32.38 -2.00
N ARG A 39 -33.47 -33.28 -2.28
CA ARG A 39 -34.85 -33.18 -1.80
C ARG A 39 -35.25 -34.51 -1.20
N GLY A 40 -35.78 -34.46 0.02
CA GLY A 40 -36.24 -35.65 0.69
C GLY A 40 -37.19 -35.30 1.81
N VAL A 41 -37.17 -36.11 2.86
CA VAL A 41 -38.06 -35.93 4.01
C VAL A 41 -37.26 -36.08 5.29
N ASN A 42 -37.90 -35.76 6.41
CA ASN A 42 -37.37 -36.04 7.74
C ASN A 42 -37.86 -37.40 8.19
N LEU A 43 -36.93 -38.26 8.61
CA LEU A 43 -37.25 -39.63 9.01
C LEU A 43 -36.57 -39.93 10.32
N SER A 44 -37.33 -39.96 11.42
CA SER A 44 -38.77 -39.67 11.42
C SER A 44 -39.15 -39.08 12.76
N GLY A 45 -40.27 -38.37 12.81
CA GLY A 45 -40.76 -37.85 14.07
C GLY A 45 -41.16 -38.93 15.05
N SER A 46 -41.39 -40.16 14.57
CA SER A 46 -41.74 -41.25 15.48
C SER A 46 -40.61 -41.57 16.45
N ALA A 47 -39.37 -41.27 16.08
CA ALA A 47 -38.21 -41.49 16.94
C ALA A 47 -38.09 -40.45 18.05
N LYS A 48 -39.09 -39.58 18.23
CA LYS A 48 -39.03 -38.57 19.28
C LYS A 48 -39.44 -39.10 20.64
N HIS A 49 -40.16 -40.22 20.69
CA HIS A 49 -40.60 -40.84 21.92
C HIS A 49 -40.31 -42.34 21.84
N PRO A 50 -40.18 -43.01 22.99
CA PRO A 50 -39.87 -44.45 22.96
C PRO A 50 -41.03 -45.30 22.45
N ASN A 51 -40.85 -46.61 22.48
CA ASN A 51 -41.90 -47.52 22.04
C ASN A 51 -43.07 -47.49 23.02
N ASN A 52 -44.29 -47.49 22.46
CA ASN A 52 -45.52 -47.59 23.23
C ASN A 52 -45.63 -46.46 24.28
N GLN A 53 -45.19 -45.26 23.90
CA GLN A 53 -45.37 -44.08 24.76
C GLN A 53 -45.53 -42.84 23.88
N PRO A 54 -46.66 -42.71 23.18
CA PRO A 54 -46.94 -41.47 22.47
C PRO A 54 -47.30 -40.37 23.45
N SER A 55 -47.34 -39.14 22.95
CA SER A 55 -47.45 -37.97 23.81
C SER A 55 -48.72 -37.95 24.65
N HIS A 56 -49.76 -38.66 24.24
CA HIS A 56 -51.06 -38.56 24.90
C HIS A 56 -51.31 -39.64 25.95
N ILE A 57 -50.39 -40.58 26.12
CA ILE A 57 -50.54 -41.63 27.12
C ILE A 57 -49.61 -41.31 28.30
N ARG A 58 -50.20 -41.08 29.46
CA ARG A 58 -49.41 -40.79 30.66
C ARG A 58 -48.97 -42.06 31.38
N GLU A 59 -49.58 -43.20 31.10
CA GLU A 59 -49.26 -44.44 31.81
C GLU A 59 -47.88 -44.92 31.39
N GLY A 60 -46.97 -45.07 32.35
CA GLY A 60 -45.62 -45.45 32.02
C GLY A 60 -44.72 -44.30 31.61
N PHE A 61 -45.26 -43.09 31.48
CA PHE A 61 -44.49 -41.97 30.98
C PHE A 61 -43.32 -41.64 31.90
N TRP A 62 -43.60 -41.42 33.17
CA TRP A 62 -42.54 -41.09 34.14
C TRP A 62 -41.83 -42.32 34.65
N GLU A 63 -42.54 -43.44 34.81
CA GLU A 63 -42.00 -44.59 35.52
C GLU A 63 -40.81 -45.20 34.78
N THR A 64 -40.92 -45.33 33.45
CA THR A 64 -39.83 -45.89 32.66
C THR A 64 -38.63 -44.94 32.64
N ALA A 65 -38.88 -43.66 32.40
CA ALA A 65 -37.79 -42.69 32.32
C ALA A 65 -37.08 -42.54 33.65
N GLU A 66 -37.83 -42.53 34.76
CA GLU A 66 -37.20 -42.52 36.07
C GLU A 66 -36.40 -43.79 36.33
N ALA A 67 -36.74 -44.89 35.67
CA ALA A 67 -35.97 -46.12 35.74
C ALA A 67 -34.78 -46.12 34.79
N GLY A 68 -34.52 -45.00 34.12
CA GLY A 68 -33.41 -44.90 33.18
C GLY A 68 -33.62 -45.60 31.86
N LYS A 69 -34.83 -46.05 31.57
CA LYS A 69 -35.09 -46.81 30.36
C LYS A 69 -35.45 -45.89 29.21
N GLY A 70 -35.33 -46.41 27.99
CA GLY A 70 -35.65 -45.67 26.79
C GLY A 70 -35.60 -46.53 25.55
N ASP A 71 -36.71 -47.23 25.27
CA ASP A 71 -36.74 -48.20 24.18
C ASP A 71 -37.12 -47.50 22.88
N PHE A 72 -36.12 -47.10 22.11
CA PHE A 72 -36.33 -46.45 20.82
C PHE A 72 -36.02 -47.38 19.65
N ILE A 73 -35.85 -48.69 19.91
CA ILE A 73 -35.52 -49.63 18.86
C ILE A 73 -36.67 -49.75 17.88
N ASN A 74 -36.33 -49.89 16.59
CA ASN A 74 -37.26 -49.99 15.46
C ASN A 74 -37.97 -48.68 15.18
N LYS A 75 -37.52 -47.58 15.76
CA LYS A 75 -37.98 -46.23 15.40
C LYS A 75 -36.77 -45.47 14.86
N PRO A 76 -36.82 -44.92 13.64
CA PRO A 76 -37.98 -44.70 12.77
C PRO A 76 -38.45 -45.92 11.97
N LEU A 77 -37.54 -46.81 11.61
CA LEU A 77 -37.86 -47.94 10.75
C LEU A 77 -37.66 -49.25 11.50
N ASN A 78 -38.63 -50.16 11.33
CA ASN A 78 -38.57 -51.48 11.95
C ASN A 78 -37.78 -52.41 11.03
N LEU A 79 -36.63 -52.89 11.51
CA LEU A 79 -35.78 -53.77 10.72
C LEU A 79 -36.09 -55.24 10.94
N ASP A 80 -37.08 -55.57 11.77
CA ASP A 80 -37.38 -56.96 12.09
C ASP A 80 -38.39 -57.58 11.13
N ASP A 81 -39.48 -56.87 10.84
CA ASP A 81 -40.58 -57.42 10.07
C ASP A 81 -40.56 -57.01 8.60
N GLY A 82 -39.46 -56.43 8.13
CA GLY A 82 -39.33 -56.09 6.72
C GLY A 82 -40.12 -54.88 6.28
N SER A 83 -40.69 -54.11 7.20
CA SER A 83 -41.41 -52.90 6.82
C SER A 83 -40.49 -51.78 6.35
N ALA A 84 -39.22 -51.83 6.74
CA ALA A 84 -38.30 -50.73 6.42
C ALA A 84 -38.01 -50.67 4.92
N ASP A 85 -37.89 -51.83 4.27
CA ASP A 85 -37.61 -51.85 2.83
C ASP A 85 -38.73 -51.22 2.04
N LEU A 86 -39.97 -51.37 2.49
CA LEU A 86 -41.10 -50.82 1.75
C LEU A 86 -41.15 -49.30 1.86
N HIS A 87 -41.00 -48.77 3.08
CA HIS A 87 -41.04 -47.32 3.26
C HIS A 87 -39.90 -46.64 2.50
N LEU A 88 -38.70 -47.21 2.56
CA LEU A 88 -37.58 -46.64 1.82
C LEU A 88 -37.79 -46.74 0.31
N ALA A 89 -38.38 -47.85 -0.16
CA ALA A 89 -38.69 -47.96 -1.58
C ALA A 89 -39.68 -46.89 -2.01
N ARG A 90 -40.65 -46.57 -1.14
CA ARG A 90 -41.64 -45.55 -1.47
C ARG A 90 -40.99 -44.17 -1.57
N LEU A 91 -40.00 -43.90 -0.72
CA LEU A 91 -39.34 -42.59 -0.76
C LEU A 91 -38.39 -42.47 -1.94
N LYS A 92 -37.72 -43.55 -2.34
CA LYS A 92 -36.90 -43.50 -3.54
C LYS A 92 -37.76 -43.43 -4.79
N ALA A 93 -38.93 -44.07 -4.77
CA ALA A 93 -39.83 -44.01 -5.91
C ALA A 93 -40.45 -42.64 -6.09
N TRP A 94 -40.54 -41.84 -5.02
CA TRP A 94 -41.03 -40.47 -5.10
C TRP A 94 -39.97 -39.49 -5.55
N GLY A 95 -38.81 -39.97 -5.98
CA GLY A 95 -37.73 -39.10 -6.45
C GLY A 95 -36.90 -38.47 -5.37
N TYR A 96 -37.02 -38.93 -4.13
CA TYR A 96 -36.28 -38.35 -3.02
C TYR A 96 -34.90 -38.99 -2.90
N ASN A 97 -33.89 -38.16 -2.70
CA ASN A 97 -32.52 -38.64 -2.52
C ASN A 97 -31.91 -38.15 -1.21
N LEU A 98 -32.71 -37.52 -0.35
CA LEU A 98 -32.23 -36.95 0.90
C LEU A 98 -33.06 -37.48 2.05
N LEU A 99 -32.42 -37.60 3.21
CA LEU A 99 -33.10 -37.96 4.45
C LEU A 99 -32.46 -37.19 5.59
N ARG A 100 -33.29 -36.53 6.40
CA ARG A 100 -32.84 -35.92 7.64
C ARG A 100 -33.14 -36.91 8.75
N TYR A 101 -32.12 -37.65 9.19
CA TYR A 101 -32.32 -38.68 10.20
C TYR A 101 -32.51 -38.04 11.57
N VAL A 102 -33.61 -38.39 12.24
CA VAL A 102 -33.97 -37.81 13.53
C VAL A 102 -33.53 -38.77 14.63
N PHE A 103 -32.80 -38.23 15.61
CA PHE A 103 -32.48 -38.95 16.84
C PHE A 103 -32.42 -37.92 17.96
N THR A 104 -32.65 -38.38 19.19
CA THR A 104 -32.70 -37.49 20.33
C THR A 104 -31.68 -37.88 21.38
N TRP A 105 -31.20 -36.86 22.09
CA TRP A 105 -30.26 -37.03 23.20
C TRP A 105 -30.79 -38.04 24.22
N GLU A 106 -32.10 -38.07 24.43
CA GLU A 106 -32.68 -38.99 25.41
C GLU A 106 -32.41 -40.44 25.02
N SER A 107 -32.58 -40.77 23.74
CA SER A 107 -32.40 -42.15 23.30
C SER A 107 -30.96 -42.64 23.44
N LEU A 108 -30.01 -41.74 23.68
CA LEU A 108 -28.61 -42.11 23.78
C LEU A 108 -28.07 -42.14 25.20
N GLU A 109 -28.63 -41.33 26.11
CA GLU A 109 -28.07 -41.15 27.45
C GLU A 109 -29.17 -41.20 28.50
N HIS A 110 -30.19 -42.05 28.27
CA HIS A 110 -31.31 -42.10 29.20
C HIS A 110 -30.96 -42.81 30.49
N ALA A 111 -30.05 -43.79 30.44
CA ALA A 111 -29.71 -44.55 31.63
C ALA A 111 -29.10 -43.67 32.72
N GLY A 112 -28.33 -42.67 32.31
CA GLY A 112 -27.71 -41.75 33.24
C GLY A 112 -26.57 -40.99 32.59
N PRO A 113 -26.00 -40.03 33.31
CA PRO A 113 -24.86 -39.28 32.77
C PRO A 113 -23.73 -40.21 32.38
N LYS A 114 -23.30 -40.11 31.12
CA LYS A 114 -22.22 -40.92 30.53
C LYS A 114 -22.56 -42.41 30.51
N GLU A 115 -23.84 -42.76 30.62
CA GLU A 115 -24.31 -44.14 30.47
C GLU A 115 -25.04 -44.22 29.13
N TYR A 116 -24.34 -44.66 28.09
CA TYR A 116 -24.81 -44.54 26.73
C TYR A 116 -25.47 -45.82 26.23
N ASP A 117 -26.50 -45.66 25.40
CA ASP A 117 -27.25 -46.77 24.83
C ASP A 117 -26.61 -47.15 23.50
N TYR A 118 -25.56 -47.97 23.57
CA TYR A 118 -24.86 -48.40 22.37
C TYR A 118 -25.72 -49.34 21.53
N ALA A 119 -26.68 -50.04 22.15
CA ALA A 119 -27.59 -50.88 21.38
C ALA A 119 -28.42 -50.04 20.41
N TYR A 120 -28.86 -48.85 20.84
CA TYR A 120 -29.62 -48.00 19.95
C TYR A 120 -28.74 -47.42 18.86
N MET A 121 -27.50 -47.02 19.20
CA MET A 121 -26.57 -46.53 18.19
C MET A 121 -26.32 -47.59 17.13
N ASP A 122 -26.17 -48.85 17.55
CA ASP A 122 -26.03 -49.93 16.59
C ASP A 122 -27.28 -50.05 15.71
N TYR A 123 -28.45 -49.78 16.28
CA TYR A 123 -29.67 -49.78 15.47
C TYR A 123 -29.63 -48.65 14.45
N ILE A 124 -29.25 -47.44 14.89
CA ILE A 124 -29.15 -46.31 13.97
C ILE A 124 -28.21 -46.64 12.82
N ILE A 125 -27.06 -47.23 13.13
CA ILE A 125 -26.12 -47.65 12.08
C ILE A 125 -26.78 -48.65 11.14
N ALA A 126 -27.57 -49.57 11.70
CA ALA A 126 -28.24 -50.55 10.86
C ALA A 126 -29.24 -49.89 9.91
N VAL A 127 -30.00 -48.90 10.41
CA VAL A 127 -30.91 -48.18 9.54
C VAL A 127 -30.13 -47.35 8.52
N LEU A 128 -29.03 -46.74 8.94
CA LEU A 128 -28.23 -45.93 8.03
C LEU A 128 -27.66 -46.76 6.89
N ARG A 129 -27.31 -48.03 7.16
CA ARG A 129 -26.84 -48.91 6.10
C ARG A 129 -27.95 -49.16 5.07
N LYS A 130 -29.18 -49.32 5.54
CA LYS A 130 -30.29 -49.55 4.61
C LYS A 130 -30.57 -48.31 3.76
N CYS A 131 -30.50 -47.12 4.36
CA CYS A 131 -30.69 -45.90 3.58
C CYS A 131 -29.58 -45.75 2.54
N LYS A 132 -28.36 -46.16 2.89
CA LYS A 132 -27.27 -46.18 1.93
C LYS A 132 -27.55 -47.15 0.79
N GLU A 133 -28.07 -48.33 1.13
CA GLU A 133 -28.59 -49.29 0.15
C GLU A 133 -29.41 -48.60 -0.93
N TRP A 134 -30.35 -47.76 -0.51
CA TRP A 134 -31.33 -47.15 -1.39
C TRP A 134 -30.85 -45.88 -2.05
N GLY A 135 -29.59 -45.48 -1.81
CA GLY A 135 -29.06 -44.30 -2.47
C GLY A 135 -29.46 -42.99 -1.85
N PHE A 136 -29.96 -43.00 -0.61
CA PHE A 136 -30.31 -41.77 0.06
C PHE A 136 -29.06 -41.11 0.65
N ARG A 137 -28.99 -39.79 0.53
CA ARG A 137 -28.03 -39.01 1.28
C ARG A 137 -28.66 -38.61 2.61
N VAL A 138 -27.93 -38.82 3.70
CA VAL A 138 -28.43 -38.56 5.03
C VAL A 138 -27.53 -37.53 5.71
N PHE A 139 -28.15 -36.61 6.46
CA PHE A 139 -27.41 -35.80 7.42
C PHE A 139 -28.15 -35.83 8.75
N MET A 140 -27.42 -36.10 9.82
CA MET A 140 -28.02 -36.41 11.11
C MET A 140 -28.59 -35.17 11.77
N ASP A 141 -29.73 -35.34 12.45
CA ASP A 141 -30.39 -34.24 13.14
C ASP A 141 -30.43 -34.53 14.63
N PRO A 142 -29.55 -33.94 15.42
CA PRO A 142 -29.71 -33.98 16.89
C PRO A 142 -30.99 -33.26 17.27
N HIS A 143 -32.06 -34.01 17.49
CA HIS A 143 -33.40 -33.43 17.56
C HIS A 143 -33.83 -33.19 18.99
N GLN A 144 -34.58 -32.10 19.18
CA GLN A 144 -35.21 -31.78 20.45
C GLN A 144 -36.36 -30.84 20.17
N ASP A 145 -37.36 -30.88 21.06
CA ASP A 145 -38.48 -29.95 21.01
C ASP A 145 -38.82 -29.54 22.44
N VAL A 146 -38.90 -28.23 22.67
CA VAL A 146 -38.95 -27.61 24.00
C VAL A 146 -38.15 -28.44 25.01
N TRP A 147 -36.87 -28.62 24.70
CA TRP A 147 -35.88 -29.28 25.55
C TRP A 147 -36.07 -30.80 25.63
N SER A 148 -37.21 -31.26 26.14
CA SER A 148 -37.39 -32.68 26.42
C SER A 148 -38.85 -33.06 26.29
N ARG A 149 -39.09 -34.37 26.23
CA ARG A 149 -40.45 -34.89 26.30
C ARG A 149 -41.12 -34.47 27.60
N PHE A 150 -40.35 -34.43 28.69
CA PHE A 150 -40.87 -34.17 30.02
C PHE A 150 -41.14 -32.70 30.29
N THR A 151 -40.72 -31.82 29.37
CA THR A 151 -41.13 -30.42 29.41
C THR A 151 -42.04 -30.07 28.23
N GLY A 152 -42.65 -31.07 27.60
CA GLY A 152 -43.69 -30.86 26.61
C GLY A 152 -43.33 -31.22 25.18
N GLY A 153 -42.15 -31.77 24.91
CA GLY A 153 -41.76 -32.00 23.53
C GLY A 153 -40.92 -33.23 23.28
N SER A 154 -39.61 -33.05 23.15
CA SER A 154 -38.68 -34.14 22.90
C SER A 154 -37.26 -33.63 23.11
N GLY A 155 -36.33 -34.56 23.24
CA GLY A 155 -34.92 -34.19 23.31
C GLY A 155 -34.14 -34.71 24.49
N ALA A 156 -34.07 -33.93 25.56
CA ALA A 156 -33.16 -34.24 26.66
C ALA A 156 -33.68 -35.40 27.50
N PRO A 157 -32.79 -36.19 28.09
CA PRO A 157 -33.21 -37.24 29.00
C PRO A 157 -33.70 -36.67 30.32
N LEU A 158 -34.46 -37.49 31.04
CA LEU A 158 -35.17 -37.01 32.23
C LEU A 158 -34.23 -36.48 33.30
N TRP A 159 -33.03 -37.08 33.41
CA TRP A 159 -32.14 -36.66 34.49
C TRP A 159 -31.62 -35.24 34.30
N THR A 160 -31.75 -34.67 33.11
CA THR A 160 -31.31 -33.29 32.91
C THR A 160 -32.23 -32.31 33.63
N LEU A 161 -33.51 -32.67 33.79
CA LEU A 161 -34.40 -31.83 34.58
C LEU A 161 -33.99 -31.82 36.04
N TYR A 162 -33.70 -32.99 36.61
CA TYR A 162 -33.16 -33.05 37.97
C TYR A 162 -31.82 -32.33 38.05
N ALA A 163 -31.05 -32.32 36.96
CA ALA A 163 -29.76 -31.63 36.96
C ALA A 163 -29.91 -30.14 37.20
N CYS A 164 -31.04 -29.56 36.81
CA CYS A 164 -31.31 -28.14 37.02
C CYS A 164 -32.16 -27.86 38.26
N GLY A 165 -32.34 -28.86 39.12
CA GLY A 165 -33.07 -28.66 40.36
C GLY A 165 -34.55 -28.46 40.16
N ILE A 166 -35.14 -29.14 39.18
CA ILE A 166 -36.56 -28.99 38.83
C ILE A 166 -37.27 -30.29 39.13
N ASP A 167 -38.38 -30.20 39.86
CA ASP A 167 -39.19 -31.36 40.21
C ASP A 167 -40.16 -31.66 39.07
N PRO A 168 -39.95 -32.75 38.32
CA PRO A 168 -40.78 -33.00 37.13
C PRO A 168 -42.27 -33.18 37.43
N TYR A 169 -42.63 -33.52 38.67
CA TYR A 169 -44.03 -33.73 39.01
C TYR A 169 -44.71 -32.48 39.53
N HIS A 170 -44.01 -31.34 39.52
CA HIS A 170 -44.61 -30.05 39.86
C HIS A 170 -44.68 -29.12 38.65
N LEU A 171 -44.50 -29.66 37.45
CA LEU A 171 -44.49 -28.83 36.25
C LEU A 171 -45.89 -28.35 35.89
N THR A 172 -46.87 -29.25 35.92
CA THR A 172 -48.22 -28.88 35.50
C THR A 172 -48.86 -27.91 36.48
N ALA A 173 -48.65 -28.12 37.79
CA ALA A 173 -49.28 -27.28 38.79
C ALA A 173 -48.79 -25.84 38.74
N THR A 174 -47.53 -25.65 38.36
CA THR A 174 -46.93 -24.31 38.30
C THR A 174 -47.03 -23.67 36.92
N ALA A 175 -47.64 -24.37 35.95
CA ALA A 175 -47.70 -23.95 34.56
C ALA A 175 -46.30 -23.73 33.96
N ALA A 176 -45.27 -24.30 34.58
CA ALA A 176 -43.93 -24.22 34.00
C ALA A 176 -43.81 -25.03 32.71
N ALA A 177 -44.76 -25.93 32.45
CA ALA A 177 -44.76 -26.72 31.25
C ALA A 177 -46.14 -27.34 31.07
N TYR A 178 -46.64 -27.33 29.83
CA TYR A 178 -47.88 -28.00 29.48
C TYR A 178 -47.51 -29.29 28.74
N LEU A 179 -47.94 -30.43 29.28
CA LEU A 179 -47.64 -31.73 28.71
C LEU A 179 -48.91 -32.33 28.12
N HIS A 180 -48.76 -33.00 26.98
CA HIS A 180 -49.91 -33.67 26.37
C HIS A 180 -50.42 -34.81 27.25
N CYS A 181 -49.54 -35.40 28.08
CA CYS A 181 -50.00 -36.45 28.98
C CYS A 181 -50.90 -35.89 30.07
N GLU A 182 -50.62 -34.68 30.55
CA GLU A 182 -51.39 -34.12 31.66
C GLU A 182 -52.14 -32.85 31.29
N TRP A 183 -52.91 -32.89 30.20
CA TRP A 183 -53.73 -31.73 29.84
C TRP A 183 -55.21 -32.05 30.04
N PRO A 184 -55.97 -31.18 30.72
CA PRO A 184 -55.47 -29.92 31.28
C PRO A 184 -54.89 -30.09 32.69
N SER A 185 -54.87 -31.32 33.19
CA SER A 185 -54.35 -31.57 34.52
C SER A 185 -53.88 -33.02 34.62
N ALA A 186 -52.98 -33.26 35.56
CA ALA A 186 -52.54 -34.63 35.85
C ALA A 186 -53.62 -35.44 36.55
N GLU A 187 -54.56 -34.78 37.22
CA GLU A 187 -55.64 -35.49 37.89
C GLU A 187 -56.62 -36.08 36.89
N SER A 188 -57.14 -35.25 35.98
CA SER A 188 -58.13 -35.66 34.99
C SER A 188 -57.65 -35.24 33.60
N PRO A 189 -56.70 -35.98 33.02
CA PRO A 189 -56.22 -35.62 31.68
C PRO A 189 -57.26 -35.91 30.61
N LYS A 190 -57.33 -35.01 29.63
CA LYS A 190 -58.16 -35.20 28.44
C LYS A 190 -57.30 -34.81 27.24
N PRO A 191 -56.36 -35.67 26.84
CA PRO A 191 -55.43 -35.31 25.76
C PRO A 191 -56.10 -35.07 24.42
N GLN A 192 -57.35 -35.49 24.25
CA GLN A 192 -58.08 -35.17 23.03
C GLN A 192 -58.35 -33.68 22.89
N ASP A 193 -58.39 -32.95 24.02
CA ASP A 193 -58.70 -31.52 24.03
C ASP A 193 -57.45 -30.66 24.00
N PHE A 194 -56.32 -31.21 23.58
CA PHE A 194 -55.07 -30.46 23.59
C PHE A 194 -55.07 -29.39 22.52
N PRO A 195 -55.04 -28.10 22.88
CA PRO A 195 -55.11 -27.02 21.87
C PRO A 195 -54.09 -27.17 20.75
N ALA A 196 -54.39 -26.54 19.61
CA ALA A 196 -53.56 -26.69 18.42
C ALA A 196 -52.21 -26.01 18.61
N MET A 197 -51.14 -26.79 18.51
CA MET A 197 -49.77 -26.29 18.50
C MET A 197 -49.41 -25.52 19.78
N ILE A 198 -50.18 -25.70 20.85
CA ILE A 198 -49.88 -25.00 22.10
C ILE A 198 -48.54 -25.44 22.68
N TRP A 199 -48.07 -26.64 22.32
CA TRP A 199 -46.82 -27.14 22.87
C TRP A 199 -45.67 -26.17 22.65
N GLY A 200 -45.68 -25.45 21.52
CA GLY A 200 -44.60 -24.52 21.24
C GLY A 200 -44.51 -23.38 22.23
N THR A 201 -45.64 -23.04 22.87
CA THR A 201 -45.61 -21.98 23.88
C THR A 201 -44.82 -22.37 25.11
N ASN A 202 -44.37 -23.62 25.21
CA ASN A 202 -43.58 -24.03 26.37
C ASN A 202 -42.24 -23.33 26.43
N TYR A 203 -41.69 -22.92 25.28
CA TYR A 203 -40.45 -22.13 25.27
C TYR A 203 -40.59 -20.87 26.10
N THR A 204 -41.81 -20.36 26.26
CA THR A 204 -42.06 -19.12 26.98
C THR A 204 -42.68 -19.37 28.36
N HIS A 205 -42.50 -20.57 28.91
CA HIS A 205 -42.90 -20.88 30.28
C HIS A 205 -41.64 -21.18 31.10
N LEU A 206 -41.84 -21.25 32.42
CA LEU A 206 -40.71 -21.15 33.34
C LEU A 206 -39.68 -22.25 33.11
N ALA A 207 -40.12 -23.49 32.89
CA ALA A 207 -39.19 -24.61 32.77
C ALA A 207 -38.22 -24.39 31.61
N ASN A 208 -38.75 -24.18 30.40
CA ASN A 208 -37.87 -23.93 29.26
C ASN A 208 -37.12 -22.61 29.42
N GLN A 209 -37.77 -21.62 30.02
CA GLN A 209 -37.10 -20.34 30.26
C GLN A 209 -35.91 -20.50 31.20
N THR A 210 -35.97 -21.47 32.12
CA THR A 210 -34.87 -21.70 33.05
C THR A 210 -33.80 -22.59 32.44
N ILE A 211 -34.22 -23.73 31.85
CA ILE A 211 -33.27 -24.72 31.38
C ILE A 211 -32.43 -24.16 30.23
N TRP A 212 -33.08 -23.50 29.27
CA TRP A 212 -32.34 -22.99 28.12
C TRP A 212 -31.35 -21.90 28.54
N THR A 213 -31.73 -21.06 29.51
CA THR A 213 -30.79 -20.08 30.03
C THR A 213 -29.61 -20.77 30.71
N PHE A 214 -29.87 -21.86 31.43
CA PHE A 214 -28.78 -22.67 31.96
C PHE A 214 -27.91 -23.22 30.85
N PHE A 215 -28.52 -23.69 29.77
CA PHE A 215 -27.80 -24.40 28.73
C PHE A 215 -26.82 -23.49 28.00
N PHE A 216 -27.30 -22.36 27.51
CA PHE A 216 -26.48 -21.49 26.67
C PHE A 216 -25.75 -20.40 27.44
N ALA A 217 -26.23 -20.05 28.64
CA ALA A 217 -25.67 -18.91 29.35
C ALA A 217 -25.68 -19.16 30.86
N GLY A 218 -25.42 -20.41 31.26
CA GLY A 218 -25.42 -20.72 32.68
C GLY A 218 -24.34 -19.98 33.44
N LYS A 219 -23.12 -19.97 32.91
CA LYS A 219 -22.00 -19.31 33.58
C LYS A 219 -22.16 -17.81 33.65
N THR A 220 -23.03 -17.22 32.80
CA THR A 220 -23.22 -15.78 32.79
C THR A 220 -24.31 -15.31 33.74
N TYR A 221 -25.42 -16.06 33.83
CA TYR A 221 -26.57 -15.63 34.60
C TYR A 221 -26.87 -16.52 35.80
N ALA A 222 -26.25 -17.69 35.90
CA ALA A 222 -26.42 -18.57 37.06
C ALA A 222 -25.06 -19.11 37.50
N PRO A 223 -24.16 -18.24 37.95
CA PRO A 223 -22.84 -18.72 38.39
C PRO A 223 -22.90 -19.52 39.68
N LYS A 224 -23.96 -19.35 40.48
CA LYS A 224 -24.10 -20.09 41.74
C LYS A 224 -24.58 -21.52 41.53
N CYS A 225 -24.80 -21.96 40.29
CA CYS A 225 -25.33 -23.29 40.00
C CYS A 225 -24.17 -24.17 39.56
N ILE A 226 -23.52 -24.80 40.52
CA ILE A 226 -22.39 -25.68 40.27
C ILE A 226 -22.85 -27.12 40.39
N ILE A 227 -22.42 -27.96 39.45
CA ILE A 227 -22.73 -29.39 39.47
C ILE A 227 -21.51 -30.13 38.96
N ASP A 228 -20.96 -31.02 39.79
CA ASP A 228 -19.73 -31.75 39.48
C ASP A 228 -18.58 -30.80 39.16
N GLY A 229 -18.40 -29.81 40.03
CA GLY A 229 -17.30 -28.87 39.94
C GLY A 229 -17.39 -27.86 38.82
N LYS A 230 -18.26 -28.07 37.83
CA LYS A 230 -18.41 -27.16 36.70
C LYS A 230 -19.81 -26.56 36.71
N ASN A 231 -19.95 -25.44 36.03
CA ASN A 231 -21.24 -24.76 35.98
C ASN A 231 -22.25 -25.60 35.19
N ILE A 232 -23.54 -25.35 35.46
CA ILE A 232 -24.59 -26.12 34.81
C ILE A 232 -24.54 -25.94 33.30
N GLN A 233 -24.02 -24.80 32.82
CA GLN A 233 -23.88 -24.61 31.37
C GLN A 233 -22.94 -25.64 30.77
N ASP A 234 -21.74 -25.77 31.33
CA ASP A 234 -20.80 -26.76 30.83
C ASP A 234 -21.32 -28.18 31.06
N PHE A 235 -22.00 -28.41 32.19
CA PHE A 235 -22.49 -29.75 32.50
C PHE A 235 -23.47 -30.24 31.43
N LEU A 236 -24.42 -29.38 31.03
CA LEU A 236 -25.43 -29.78 30.08
C LEU A 236 -24.91 -29.80 28.65
N GLN A 237 -24.10 -28.81 28.28
CA GLN A 237 -23.57 -28.77 26.92
C GLN A 237 -22.60 -29.92 26.68
N ASP A 238 -21.66 -30.13 27.60
CA ASP A 238 -20.67 -31.19 27.42
C ASP A 238 -21.33 -32.55 27.32
N HIS A 239 -22.32 -32.83 28.17
CA HIS A 239 -22.98 -34.12 28.14
C HIS A 239 -23.71 -34.33 26.83
N PHE A 240 -24.42 -33.30 26.35
CA PHE A 240 -25.11 -33.41 25.07
C PHE A 240 -24.12 -33.56 23.92
N ILE A 241 -23.06 -32.74 23.91
CA ILE A 241 -22.07 -32.82 22.84
C ILE A 241 -21.34 -34.17 22.88
N ASP A 242 -21.03 -34.66 24.08
CA ASP A 242 -20.41 -35.98 24.20
C ASP A 242 -21.34 -37.07 23.70
N ALA A 243 -22.63 -36.96 24.01
CA ALA A 243 -23.60 -37.96 23.55
C ALA A 243 -23.65 -38.00 22.03
N VAL A 244 -23.82 -36.83 21.40
CA VAL A 244 -23.79 -36.77 19.94
C VAL A 244 -22.43 -37.20 19.42
N GLY A 245 -21.36 -36.86 20.14
CA GLY A 245 -20.04 -37.32 19.76
C GLY A 245 -19.87 -38.82 19.82
N GLU A 246 -20.54 -39.47 20.78
CA GLU A 246 -20.48 -40.93 20.88
C GLU A 246 -21.10 -41.58 19.65
N LEU A 247 -22.28 -41.10 19.23
CA LEU A 247 -22.91 -41.66 18.04
C LEU A 247 -22.05 -41.45 16.80
N ALA A 248 -21.45 -40.27 16.66
CA ALA A 248 -20.55 -40.02 15.54
C ALA A 248 -19.34 -40.94 15.61
N LYS A 249 -18.79 -41.15 16.81
CA LYS A 249 -17.62 -42.02 16.95
C LYS A 249 -17.95 -43.47 16.62
N ARG A 250 -19.09 -43.97 17.09
CA ARG A 250 -19.46 -45.35 16.80
C ARG A 250 -19.73 -45.56 15.32
N ILE A 251 -20.21 -44.53 14.62
CA ILE A 251 -20.39 -44.65 13.17
C ILE A 251 -19.05 -44.73 12.47
N ALA A 252 -18.13 -43.83 12.81
CA ALA A 252 -16.83 -43.82 12.16
C ALA A 252 -16.03 -45.08 12.43
N GLU A 253 -16.20 -45.67 13.61
CA GLU A 253 -15.43 -46.86 13.97
C GLU A 253 -16.09 -48.15 13.48
N GLU A 254 -17.38 -48.34 13.75
CA GLU A 254 -18.05 -49.59 13.45
C GLU A 254 -18.60 -49.67 12.03
N ALA A 255 -18.82 -48.54 11.37
CA ALA A 255 -19.39 -48.54 10.02
C ALA A 255 -18.92 -47.29 9.27
N GLY A 256 -17.61 -47.10 9.18
CA GLY A 256 -17.05 -45.95 8.50
C GLY A 256 -17.43 -45.86 7.03
N ASP A 257 -17.90 -46.97 6.45
CA ASP A 257 -18.32 -46.95 5.05
C ASP A 257 -19.48 -46.00 4.80
N LEU A 258 -20.18 -45.56 5.86
CA LEU A 258 -21.35 -44.71 5.71
C LEU A 258 -20.99 -43.24 5.54
N LEU A 259 -19.83 -42.81 6.03
CA LEU A 259 -19.50 -41.39 6.01
C LEU A 259 -19.21 -40.92 4.59
N ASP A 260 -19.74 -39.73 4.28
CA ASP A 260 -19.51 -39.00 3.03
C ASP A 260 -20.25 -39.61 1.84
N GLU A 261 -20.26 -40.93 1.72
CA GLU A 261 -21.04 -41.53 0.64
C GLU A 261 -22.52 -41.54 0.97
N CYS A 262 -22.88 -41.81 2.23
CA CYS A 262 -24.26 -41.75 2.68
C CYS A 262 -24.49 -40.64 3.68
N VAL A 263 -23.86 -40.71 4.86
CA VAL A 263 -23.98 -39.65 5.86
C VAL A 263 -23.05 -38.52 5.44
N ILE A 264 -23.60 -37.47 4.86
CA ILE A 264 -22.79 -36.39 4.31
C ILE A 264 -22.41 -35.35 5.35
N GLY A 265 -23.23 -35.16 6.38
CA GLY A 265 -22.93 -34.15 7.37
C GLY A 265 -23.79 -34.29 8.60
N TRP A 266 -23.69 -33.29 9.47
CA TRP A 266 -24.41 -33.26 10.73
C TRP A 266 -25.04 -31.89 10.94
N ASP A 267 -26.29 -31.89 11.40
CA ASP A 267 -27.00 -30.66 11.73
C ASP A 267 -26.62 -30.20 13.14
N SER A 268 -26.82 -28.91 13.40
CA SER A 268 -26.66 -28.39 14.75
C SER A 268 -27.88 -28.77 15.59
N ILE A 269 -27.84 -28.44 16.88
CA ILE A 269 -28.95 -28.76 17.76
C ILE A 269 -30.22 -28.15 17.20
N ASN A 270 -31.22 -28.99 16.97
CA ASN A 270 -32.44 -28.56 16.30
C ASN A 270 -33.19 -27.53 17.15
N GLU A 271 -33.62 -26.45 16.50
CA GLU A 271 -34.44 -25.37 17.05
C GLU A 271 -34.16 -25.10 18.53
N PRO A 272 -32.97 -24.63 18.87
CA PRO A 272 -32.66 -24.40 20.29
C PRO A 272 -33.48 -23.26 20.87
N GLY A 273 -33.82 -23.40 22.14
CA GLY A 273 -34.53 -22.34 22.84
C GLY A 273 -33.59 -21.28 23.36
N GLU A 274 -34.10 -20.06 23.42
CA GLU A 274 -33.31 -18.92 23.88
C GLU A 274 -33.46 -18.63 25.37
N GLY A 275 -34.25 -19.42 26.09
CA GLY A 275 -34.47 -19.17 27.50
C GLY A 275 -34.98 -17.77 27.75
N LEU A 276 -34.48 -17.15 28.81
CA LEU A 276 -34.72 -15.75 29.08
C LEU A 276 -33.62 -14.85 28.52
N ILE A 277 -32.67 -15.42 27.79
CA ILE A 277 -31.52 -14.65 27.33
C ILE A 277 -31.98 -13.55 26.41
N GLY A 278 -31.51 -12.33 26.68
CA GLY A 278 -31.86 -11.16 25.90
C GLY A 278 -33.15 -10.48 26.29
N CYS A 279 -33.81 -10.93 27.36
CA CYS A 279 -35.06 -10.32 27.78
C CYS A 279 -34.82 -8.91 28.29
N LYS A 280 -35.45 -7.93 27.64
CA LYS A 280 -35.26 -6.53 28.03
C LYS A 280 -36.03 -6.18 29.30
N ASP A 281 -37.15 -6.85 29.56
CA ASP A 281 -37.98 -6.56 30.72
C ASP A 281 -38.75 -7.83 31.07
N LEU A 282 -38.43 -8.42 32.22
CA LEU A 282 -39.10 -9.62 32.67
C LEU A 282 -40.55 -9.37 33.09
N ALA A 283 -40.94 -8.10 33.25
CA ALA A 283 -42.30 -7.81 33.70
C ALA A 283 -43.31 -8.03 32.58
N VAL A 284 -42.90 -7.88 31.33
CA VAL A 284 -43.81 -7.92 30.18
C VAL A 284 -43.36 -9.02 29.23
N ILE A 285 -44.26 -9.36 28.31
CA ILE A 285 -43.97 -10.23 27.17
C ILE A 285 -43.77 -9.35 25.94
N PRO A 286 -42.67 -9.48 25.22
CA PRO A 286 -42.43 -8.58 24.09
C PRO A 286 -43.43 -8.80 22.96
N ALA A 287 -43.76 -7.71 22.28
CA ALA A 287 -44.64 -7.80 21.13
C ALA A 287 -44.00 -8.55 19.97
N GLU A 288 -42.67 -8.63 19.94
CA GLU A 288 -41.97 -9.36 18.90
C GLU A 288 -42.00 -10.86 19.10
N GLN A 289 -42.39 -11.34 20.28
CA GLN A 289 -42.59 -12.77 20.48
C GLN A 289 -43.74 -13.24 19.61
N GLN A 290 -43.42 -14.01 18.57
CA GLN A 290 -44.40 -14.33 17.53
C GLN A 290 -45.56 -15.13 18.08
N LEU A 291 -45.28 -16.09 18.96
CA LEU A 291 -46.23 -17.11 19.34
C LEU A 291 -46.67 -16.91 20.78
N LYS A 292 -47.96 -16.68 20.98
CA LYS A 292 -48.59 -16.70 22.29
C LYS A 292 -49.94 -17.38 22.15
N LYS A 293 -50.19 -18.39 22.97
CA LYS A 293 -51.48 -19.07 22.94
C LYS A 293 -51.75 -19.70 24.31
N GLY A 294 -52.99 -19.61 24.74
CA GLY A 294 -53.39 -20.13 26.03
C GLY A 294 -52.93 -19.21 27.15
N PRO A 295 -52.90 -19.72 28.39
CA PRO A 295 -52.35 -18.92 29.49
C PRO A 295 -50.88 -18.63 29.22
N SER A 296 -50.56 -17.34 29.17
CA SER A 296 -49.21 -16.88 28.85
C SER A 296 -48.75 -15.93 29.95
N PRO A 297 -48.14 -16.47 31.01
CA PRO A 297 -47.60 -15.59 32.05
C PRO A 297 -46.31 -14.94 31.59
N THR A 298 -46.06 -13.75 32.12
CA THR A 298 -44.79 -13.08 31.89
C THR A 298 -43.70 -13.83 32.65
N PRO A 299 -42.43 -13.59 32.30
CA PRO A 299 -41.34 -14.24 33.06
C PRO A 299 -41.48 -14.13 34.57
N ILE A 300 -41.70 -12.93 35.11
CA ILE A 300 -41.84 -12.79 36.55
C ILE A 300 -43.15 -13.43 37.03
N GLU A 301 -44.21 -13.35 36.23
CA GLU A 301 -45.44 -14.05 36.59
C GLU A 301 -45.23 -15.56 36.58
N GLY A 302 -44.40 -16.06 35.67
CA GLY A 302 -44.07 -17.47 35.66
C GLY A 302 -43.16 -17.86 36.80
N MET A 303 -42.28 -16.95 37.24
CA MET A 303 -41.44 -17.21 38.39
C MET A 303 -42.28 -17.26 39.67
N ARG A 304 -43.14 -16.26 39.87
CA ARG A 304 -44.00 -16.26 41.04
C ARG A 304 -44.87 -17.51 41.08
N LEU A 305 -45.41 -17.91 39.92
CA LEU A 305 -46.13 -19.18 39.86
C LEU A 305 -45.23 -20.34 40.24
N GLY A 306 -43.98 -20.34 39.77
CA GLY A 306 -43.03 -21.38 40.10
C GLY A 306 -42.78 -21.53 41.58
N MET A 307 -43.04 -20.48 42.37
CA MET A 307 -42.95 -20.52 43.82
C MET A 307 -44.29 -20.87 44.47
N GLY A 308 -45.26 -21.35 43.70
CA GLY A 308 -46.54 -21.76 44.26
C GLY A 308 -47.50 -20.64 44.56
N GLU A 309 -47.26 -19.44 44.04
CA GLU A 309 -48.16 -18.31 44.27
C GLU A 309 -49.12 -18.15 43.10
N ALA A 310 -50.37 -17.82 43.41
CA ALA A 310 -51.38 -17.67 42.38
C ALA A 310 -51.14 -16.40 41.57
N GLN A 311 -51.42 -16.48 40.27
CA GLN A 311 -51.28 -15.34 39.37
C GLN A 311 -52.47 -15.29 38.44
N ASP A 312 -52.82 -14.07 38.03
CA ASP A 312 -53.83 -13.83 37.01
C ASP A 312 -53.09 -13.44 35.73
N VAL A 313 -53.20 -14.28 34.70
CA VAL A 313 -52.32 -14.23 33.55
C VAL A 313 -53.12 -13.92 32.29
N GLN A 314 -52.46 -13.25 31.35
CA GLN A 314 -53.06 -13.04 30.03
C GLN A 314 -53.32 -14.39 29.36
N ALA A 315 -54.49 -14.51 28.73
CA ALA A 315 -54.80 -15.63 27.86
C ALA A 315 -54.80 -15.14 26.42
N TRP A 316 -54.29 -15.97 25.51
CA TRP A 316 -54.11 -15.57 24.13
C TRP A 316 -54.80 -16.56 23.20
N ASN A 317 -55.59 -16.04 22.27
CA ASN A 317 -56.14 -16.84 21.17
C ASN A 317 -55.40 -16.49 19.90
N PHE A 318 -55.35 -17.43 18.96
CA PHE A 318 -54.70 -17.22 17.68
C PHE A 318 -55.74 -16.84 16.64
N GLY A 319 -55.78 -15.56 16.29
CA GLY A 319 -56.73 -15.05 15.34
C GLY A 319 -56.25 -15.19 13.91
N PRO A 320 -57.02 -14.62 12.96
CA PRO A 320 -56.65 -14.74 11.55
C PRO A 320 -55.35 -14.02 11.20
N MET A 321 -54.87 -13.11 12.06
CA MET A 321 -53.61 -12.43 11.84
C MET A 321 -52.86 -12.33 13.18
N GLY A 322 -52.25 -13.45 13.58
CA GLY A 322 -51.43 -13.50 14.76
C GLY A 322 -52.23 -13.73 16.03
N PRO A 323 -51.53 -13.81 17.16
CA PRO A 323 -52.22 -13.94 18.44
C PRO A 323 -52.85 -12.62 18.87
N TYR A 324 -53.82 -12.72 19.76
CA TYR A 324 -54.46 -11.54 20.32
C TYR A 324 -55.01 -11.87 21.71
N ARG A 325 -55.13 -10.83 22.54
CA ARG A 325 -55.48 -11.02 23.94
C ARG A 325 -56.93 -11.42 24.11
N GLY A 326 -57.18 -12.39 24.98
CA GLY A 326 -58.52 -12.83 25.29
C GLY A 326 -58.82 -12.81 26.76
N SER A 327 -58.99 -13.99 27.36
CA SER A 327 -59.29 -14.09 28.77
C SER A 327 -58.13 -13.57 29.61
N ARG A 328 -58.37 -13.47 30.92
CA ARG A 328 -57.30 -13.33 31.90
C ARG A 328 -57.59 -14.32 33.02
N GLN A 329 -56.93 -15.47 32.96
CA GLN A 329 -57.21 -16.61 33.84
C GLN A 329 -56.32 -16.55 35.08
N THR A 330 -56.78 -17.25 36.13
CA THR A 330 -56.04 -17.36 37.37
C THR A 330 -55.46 -18.77 37.47
N ILE A 331 -54.14 -18.85 37.51
CA ILE A 331 -53.43 -20.11 37.73
C ILE A 331 -53.01 -20.15 39.19
N ASP A 332 -53.52 -21.13 39.93
CA ASP A 332 -53.28 -21.23 41.37
C ASP A 332 -52.61 -22.56 41.70
N PRO A 333 -51.28 -22.58 41.88
CA PRO A 333 -50.60 -23.84 42.21
C PRO A 333 -50.82 -24.30 43.64
N LYS A 334 -51.41 -23.46 44.50
CA LYS A 334 -51.70 -23.80 45.89
C LYS A 334 -50.43 -24.17 46.66
N GLY A 335 -49.41 -23.33 46.51
CA GLY A 335 -48.15 -23.50 47.21
C GLY A 335 -47.20 -24.50 46.60
N VAL A 336 -47.64 -25.29 45.63
CA VAL A 336 -46.76 -26.27 44.99
C VAL A 336 -45.70 -25.52 44.21
N LYS A 337 -44.43 -25.73 44.56
CA LYS A 337 -43.32 -25.03 43.93
C LYS A 337 -42.68 -25.91 42.86
N LEU A 338 -42.28 -25.28 41.75
CA LEU A 338 -41.60 -26.00 40.69
C LEU A 338 -40.30 -26.64 41.20
N TRP A 339 -39.66 -26.03 42.18
CA TRP A 339 -38.28 -26.30 42.51
C TRP A 339 -38.15 -27.50 43.44
N LEU A 340 -37.20 -28.39 43.11
CA LEU A 340 -36.95 -29.59 43.88
C LEU A 340 -36.45 -29.24 45.28
N SER A 341 -36.98 -29.94 46.28
CA SER A 341 -36.50 -29.76 47.64
C SER A 341 -35.20 -30.53 47.84
N LYS A 342 -34.38 -30.05 48.77
CA LYS A 342 -33.09 -30.68 49.01
C LYS A 342 -33.24 -32.15 49.37
N GLU A 343 -34.22 -32.48 50.23
CA GLU A 343 -34.46 -33.87 50.58
C GLU A 343 -34.79 -34.71 49.36
N ASP A 344 -35.61 -34.17 48.46
CA ASP A 344 -35.94 -34.89 47.24
C ASP A 344 -34.77 -34.89 46.26
N ASP A 345 -33.88 -33.91 46.35
CA ASP A 345 -32.68 -33.91 45.52
C ASP A 345 -31.70 -35.00 45.97
N VAL A 346 -31.73 -35.35 47.25
CA VAL A 346 -30.91 -36.47 47.72
C VAL A 346 -31.49 -37.79 47.26
N LYS A 347 -32.82 -37.92 47.28
CA LYS A 347 -33.49 -39.19 46.98
C LYS A 347 -33.71 -39.40 45.49
N ARG A 348 -34.01 -38.34 44.73
CA ARG A 348 -34.32 -38.46 43.31
C ARG A 348 -33.38 -37.68 42.40
N GLY A 349 -32.65 -36.70 42.91
CA GLY A 349 -31.82 -35.88 42.05
C GLY A 349 -30.35 -36.18 42.13
N SER A 350 -29.61 -35.35 42.88
CA SER A 350 -28.15 -35.46 42.91
C SER A 350 -27.70 -36.85 43.35
N GLY A 351 -28.24 -37.35 44.46
CA GLY A 351 -27.81 -38.63 44.98
C GLY A 351 -28.29 -39.82 44.19
N LYS A 352 -29.30 -39.64 43.33
CA LYS A 352 -29.82 -40.77 42.56
C LYS A 352 -29.01 -41.00 41.28
N TRP A 353 -28.53 -39.93 40.66
CA TRP A 353 -27.85 -40.03 39.38
C TRP A 353 -26.34 -39.89 39.46
N GLY A 354 -25.79 -39.54 40.63
CA GLY A 354 -24.36 -39.58 40.82
C GLY A 354 -23.61 -38.33 40.45
N TRP A 355 -24.11 -37.17 40.88
CA TRP A 355 -23.39 -35.92 40.75
C TRP A 355 -23.52 -35.15 42.06
N THR A 356 -22.64 -34.17 42.23
CA THR A 356 -22.58 -33.38 43.45
C THR A 356 -22.99 -31.95 43.16
N ARG A 357 -23.97 -31.45 43.89
CA ARG A 357 -24.46 -30.09 43.70
C ARG A 357 -23.68 -29.12 44.58
N GLY A 358 -23.32 -27.97 44.00
CA GLY A 358 -22.54 -26.99 44.73
C GLY A 358 -23.27 -26.47 45.95
N LYS A 359 -22.50 -25.84 46.84
CA LYS A 359 -23.05 -25.35 48.09
C LYS A 359 -24.06 -24.24 47.86
N GLU A 360 -23.76 -23.32 46.95
CA GLU A 360 -24.55 -22.11 46.76
C GLU A 360 -25.72 -22.32 45.79
N TRP A 361 -25.97 -23.55 45.36
CA TRP A 361 -27.14 -23.84 44.53
C TRP A 361 -28.33 -24.07 45.45
N ALA A 362 -29.01 -22.98 45.80
CA ALA A 362 -30.18 -23.06 46.66
C ALA A 362 -31.25 -23.92 46.00
N LEU A 363 -31.77 -24.88 46.76
CA LEU A 363 -32.84 -25.75 46.31
C LEU A 363 -34.15 -25.37 46.97
N GLY A 364 -35.24 -25.90 46.43
CA GLY A 364 -36.56 -25.65 46.96
C GLY A 364 -37.10 -24.26 46.76
N THR A 365 -36.28 -23.31 46.32
CA THR A 365 -36.72 -21.94 46.06
C THR A 365 -36.21 -21.52 44.69
N CYS A 366 -36.79 -20.45 44.15
CA CYS A 366 -36.50 -20.04 42.79
C CYS A 366 -35.04 -19.63 42.63
N ILE A 367 -34.39 -20.20 41.62
CA ILE A 367 -32.96 -19.99 41.44
C ILE A 367 -32.67 -18.57 40.96
N TRP A 368 -33.62 -17.94 40.26
CA TRP A 368 -33.37 -16.59 39.75
C TRP A 368 -33.49 -15.56 40.85
N ALA A 369 -34.43 -15.75 41.78
CA ALA A 369 -34.48 -14.88 42.96
C ALA A 369 -33.22 -15.05 43.80
N HIS A 370 -32.68 -16.26 43.86
CA HIS A 370 -31.41 -16.49 44.54
C HIS A 370 -30.28 -15.70 43.88
N HIS A 371 -30.43 -15.31 42.63
CA HIS A 371 -29.47 -14.45 41.95
C HIS A 371 -29.90 -12.99 41.96
N GLY A 372 -30.89 -12.64 42.77
CA GLY A 372 -31.28 -11.25 42.95
C GLY A 372 -32.24 -10.71 41.92
N VAL A 373 -32.81 -11.55 41.05
CA VAL A 373 -33.70 -11.06 40.00
C VAL A 373 -34.95 -10.43 40.63
N TRP A 374 -35.56 -11.12 41.58
CA TRP A 374 -36.71 -10.63 42.31
C TRP A 374 -36.63 -11.11 43.74
N GLU A 375 -37.43 -10.52 44.62
CA GLU A 375 -37.42 -10.84 46.04
C GLU A 375 -38.67 -11.65 46.36
N ILE A 376 -38.47 -12.87 46.89
CA ILE A 376 -39.59 -13.77 47.14
C ILE A 376 -40.41 -13.32 48.34
N ALA A 377 -39.79 -12.60 49.28
CA ALA A 377 -40.53 -12.10 50.43
C ALA A 377 -41.63 -11.14 50.00
N THR A 378 -41.34 -10.24 49.06
CA THR A 378 -42.32 -9.26 48.61
C THR A 378 -42.89 -9.55 47.23
N SER A 379 -42.33 -10.54 46.51
CA SER A 379 -42.75 -10.85 45.14
C SER A 379 -42.64 -9.61 44.25
N THR A 380 -41.57 -8.85 44.44
CA THR A 380 -41.32 -7.63 43.69
C THR A 380 -40.12 -7.83 42.79
N LEU A 381 -40.25 -7.39 41.54
CA LEU A 381 -39.16 -7.49 40.57
C LEU A 381 -38.06 -6.49 40.92
N LEU A 382 -36.81 -6.96 40.93
CA LEU A 382 -35.67 -6.15 41.32
C LEU A 382 -34.76 -5.79 40.14
N ARG A 383 -34.38 -6.77 39.32
CA ARG A 383 -33.48 -6.56 38.19
C ARG A 383 -34.22 -6.96 36.91
N PRO A 384 -35.07 -6.08 36.38
CA PRO A 384 -35.87 -6.45 35.20
C PRO A 384 -35.05 -6.72 33.96
N ASP A 385 -33.91 -6.02 33.81
CA ASP A 385 -33.05 -6.16 32.64
C ASP A 385 -31.86 -7.07 32.92
N TYR A 386 -32.02 -8.01 33.86
CA TYR A 386 -30.90 -8.85 34.28
C TYR A 386 -30.39 -9.73 33.15
N PHE A 387 -31.28 -10.17 32.26
CA PHE A 387 -30.90 -11.05 31.17
C PHE A 387 -30.56 -10.30 29.89
N SER A 388 -30.57 -8.97 29.91
CA SER A 388 -30.24 -8.17 28.74
C SER A 388 -28.76 -7.76 28.71
N THR A 389 -28.03 -8.00 29.78
CA THR A 389 -26.66 -7.54 29.93
C THR A 389 -25.79 -8.69 30.40
N LEU A 390 -24.49 -8.43 30.50
CA LEU A 390 -23.58 -9.30 31.23
C LEU A 390 -23.45 -8.78 32.65
N PRO A 391 -23.75 -9.58 33.67
CA PRO A 391 -23.50 -9.11 35.04
C PRO A 391 -22.05 -8.69 35.25
N THR A 392 -21.10 -9.40 34.63
CA THR A 392 -19.69 -9.06 34.71
C THR A 392 -19.32 -7.85 33.85
N ASN A 393 -20.20 -7.42 32.96
CA ASN A 393 -19.94 -6.28 32.09
C ASN A 393 -21.27 -5.65 31.68
N PRO A 394 -21.94 -4.95 32.59
CA PRO A 394 -23.32 -4.50 32.33
C PRO A 394 -23.46 -3.50 31.20
N GLY A 395 -22.37 -2.93 30.71
CA GLY A 395 -22.46 -2.06 29.54
C GLY A 395 -22.63 -2.79 28.23
N HIS A 396 -22.48 -4.11 28.24
CA HIS A 396 -22.56 -4.92 27.03
C HIS A 396 -23.98 -5.50 26.92
N GLN A 397 -24.72 -5.07 25.90
CA GLN A 397 -26.03 -5.63 25.62
C GLN A 397 -25.87 -6.94 24.88
N VAL A 398 -26.60 -7.97 25.31
CA VAL A 398 -26.37 -9.33 24.83
C VAL A 398 -27.22 -9.60 23.61
N ASP A 399 -26.68 -10.42 22.71
CA ASP A 399 -27.37 -10.96 21.55
C ASP A 399 -27.26 -12.48 21.63
N PHE A 400 -28.41 -13.17 21.70
CA PHE A 400 -28.40 -14.60 21.95
C PHE A 400 -27.61 -15.36 20.89
N VAL A 401 -27.74 -14.95 19.63
CA VAL A 401 -27.14 -15.72 18.55
C VAL A 401 -25.63 -15.52 18.51
N ASP A 402 -25.16 -14.29 18.70
CA ASP A 402 -23.74 -14.01 18.58
C ASP A 402 -22.99 -14.36 19.86
N ASP A 403 -23.56 -14.03 21.02
CA ASP A 403 -22.84 -14.14 22.28
C ASP A 403 -22.91 -15.52 22.93
N PHE A 404 -23.89 -16.35 22.56
CA PHE A 404 -24.08 -17.61 23.27
C PHE A 404 -24.26 -18.81 22.34
N TRP A 405 -25.10 -18.67 21.31
CA TRP A 405 -25.36 -19.81 20.44
C TRP A 405 -24.12 -20.15 19.61
N ALA A 406 -23.45 -19.14 19.06
CA ALA A 406 -22.28 -19.40 18.23
C ALA A 406 -21.19 -20.08 19.03
N LEU A 407 -21.00 -19.66 20.29
CA LEU A 407 -20.04 -20.33 21.16
C LEU A 407 -20.35 -21.82 21.27
N HIS A 408 -21.63 -22.17 21.40
CA HIS A 408 -22.00 -23.58 21.47
C HIS A 408 -21.71 -24.30 20.16
N TRP A 409 -22.06 -23.68 19.03
CA TRP A 409 -21.86 -24.33 17.74
C TRP A 409 -20.38 -24.61 17.49
N LEU A 410 -19.49 -23.76 17.99
CA LEU A 410 -18.06 -24.03 17.85
C LEU A 410 -17.67 -25.30 18.60
N ALA A 411 -18.11 -25.41 19.85
CA ALA A 411 -17.83 -26.63 20.62
C ALA A 411 -18.44 -27.85 19.94
N TYR A 412 -19.67 -27.73 19.44
CA TYR A 412 -20.34 -28.85 18.80
C TYR A 412 -19.67 -29.22 17.47
N SER A 413 -19.23 -28.23 16.70
CA SER A 413 -18.69 -28.50 15.37
C SER A 413 -17.34 -29.19 15.44
N SER A 414 -16.51 -28.76 16.39
CA SER A 414 -15.20 -29.42 16.57
C SER A 414 -15.33 -30.89 16.94
N ARG A 415 -16.37 -31.25 17.71
CA ARG A 415 -16.54 -32.65 18.07
C ARG A 415 -17.05 -33.48 16.89
N ILE A 416 -17.86 -32.88 16.03
CA ILE A 416 -18.39 -33.59 14.87
C ILE A 416 -17.25 -34.01 13.94
N ARG A 417 -16.45 -33.04 13.51
CA ARG A 417 -15.37 -33.33 12.58
C ARG A 417 -14.26 -34.15 13.22
N LEU A 418 -14.12 -34.11 14.55
CA LEU A 418 -13.18 -34.99 15.22
C LEU A 418 -13.46 -36.45 14.91
N HIS A 419 -14.73 -36.81 14.75
CA HIS A 419 -15.11 -38.17 14.39
C HIS A 419 -15.61 -38.31 12.97
N HIS A 420 -15.97 -37.21 12.31
CA HIS A 420 -16.37 -37.21 10.90
C HIS A 420 -15.55 -36.13 10.20
N PRO A 421 -14.31 -36.45 9.83
CA PRO A 421 -13.41 -35.40 9.29
C PRO A 421 -13.95 -34.69 8.07
N GLU A 422 -14.72 -35.37 7.22
CA GLU A 422 -15.28 -34.76 6.01
C GLU A 422 -16.73 -34.34 6.20
N SER A 423 -17.17 -34.14 7.43
CA SER A 423 -18.56 -33.79 7.68
C SER A 423 -18.89 -32.41 7.14
N ILE A 424 -20.07 -32.29 6.53
CA ILE A 424 -20.61 -30.99 6.16
C ILE A 424 -21.32 -30.40 7.38
N HIS A 425 -20.96 -29.18 7.75
CA HIS A 425 -21.54 -28.53 8.90
C HIS A 425 -22.86 -27.88 8.49
N PHE A 426 -23.96 -28.58 8.74
CA PHE A 426 -25.30 -28.02 8.51
C PHE A 426 -25.63 -27.12 9.69
N ILE A 427 -25.69 -25.82 9.44
CA ILE A 427 -25.82 -24.82 10.49
C ILE A 427 -27.29 -24.40 10.57
N GLN A 428 -27.95 -24.78 11.66
CA GLN A 428 -29.34 -24.41 11.90
C GLN A 428 -29.36 -23.33 12.97
N ALA A 429 -29.48 -22.08 12.53
CA ALA A 429 -29.67 -20.98 13.46
C ALA A 429 -30.99 -21.14 14.18
N PRO A 430 -31.18 -20.45 15.31
CA PRO A 430 -32.47 -20.48 16.00
C PRO A 430 -33.62 -20.05 15.08
N VAL A 431 -34.83 -20.41 15.49
CA VAL A 431 -36.02 -20.17 14.69
C VAL A 431 -36.22 -18.67 14.52
N LEU A 432 -36.51 -18.25 13.28
CA LEU A 432 -36.79 -16.84 12.96
C LEU A 432 -35.61 -15.94 13.31
N ARG A 433 -34.40 -16.44 13.06
CA ARG A 433 -33.20 -15.70 13.38
C ARG A 433 -32.18 -15.88 12.26
N GLN A 434 -31.53 -14.79 11.86
CA GLN A 434 -30.41 -14.89 10.95
C GLN A 434 -29.26 -15.64 11.64
N PRO A 435 -28.47 -16.39 10.87
CA PRO A 435 -27.28 -17.02 11.44
C PRO A 435 -26.23 -15.98 11.75
N PRO A 436 -25.30 -16.28 12.65
CA PRO A 436 -24.22 -15.32 12.96
C PRO A 436 -23.08 -15.46 11.96
N LYS A 437 -22.15 -14.53 12.06
CA LYS A 437 -20.90 -14.61 11.32
C LYS A 437 -20.00 -15.64 12.00
N LEU A 438 -19.76 -16.76 11.33
CA LEU A 438 -18.95 -17.84 11.88
C LEU A 438 -17.59 -17.88 11.22
N PRO A 439 -16.52 -18.17 11.97
CA PRO A 439 -15.19 -18.23 11.37
C PRO A 439 -15.04 -19.44 10.47
N GLU A 440 -14.34 -19.25 9.35
CA GLU A 440 -14.02 -20.41 8.51
C GLU A 440 -12.83 -21.19 9.04
N SER A 441 -12.23 -20.76 10.15
CA SER A 441 -11.39 -21.65 10.94
C SER A 441 -12.13 -22.93 11.25
N PHE A 442 -13.44 -22.84 11.48
CA PHE A 442 -14.29 -23.98 11.80
C PHE A 442 -14.99 -24.54 10.56
N LEU A 443 -15.47 -23.68 9.67
CA LEU A 443 -16.25 -24.16 8.53
C LEU A 443 -15.36 -24.88 7.52
N LYS A 444 -14.28 -24.23 7.10
CA LYS A 444 -13.27 -24.85 6.24
C LYS A 444 -13.87 -25.29 4.90
N GLY A 445 -14.70 -24.43 4.31
CA GLY A 445 -15.22 -24.68 2.98
C GLY A 445 -16.13 -25.87 2.85
N ARG A 446 -16.78 -26.29 3.93
CA ARG A 446 -17.69 -27.44 3.87
C ARG A 446 -18.82 -27.18 4.86
N ALA A 447 -19.94 -26.67 4.35
CA ALA A 447 -21.06 -26.31 5.21
C ALA A 447 -22.29 -26.10 4.35
N CYS A 448 -23.45 -26.04 5.01
CA CYS A 448 -24.70 -25.74 4.32
C CYS A 448 -25.64 -25.08 5.32
N SER A 449 -26.25 -23.97 4.91
CA SER A 449 -27.23 -23.31 5.76
C SER A 449 -28.47 -24.19 5.87
N SER A 450 -28.90 -24.46 7.11
CA SER A 450 -29.96 -25.43 7.40
C SER A 450 -31.13 -24.80 8.15
N PRO A 451 -31.74 -23.75 7.61
CA PRO A 451 -32.86 -23.12 8.31
C PRO A 451 -34.14 -23.92 8.12
N HIS A 452 -35.13 -23.60 8.94
CA HIS A 452 -36.47 -24.18 8.82
C HIS A 452 -37.44 -23.10 8.37
N PHE A 453 -38.36 -23.47 7.49
CA PHE A 453 -39.40 -22.54 7.05
C PHE A 453 -40.75 -23.25 7.04
N TYR A 454 -41.72 -22.64 7.70
CA TYR A 454 -43.09 -23.15 7.70
C TYR A 454 -44.04 -22.02 7.37
N ASP A 455 -45.04 -22.31 6.54
CA ASP A 455 -46.18 -21.42 6.41
C ASP A 455 -46.85 -21.31 7.78
N GLY A 456 -46.45 -20.29 8.55
CA GLY A 456 -46.85 -20.23 9.94
C GLY A 456 -48.36 -20.22 10.13
N LEU A 457 -49.07 -19.48 9.27
CA LEU A 457 -50.51 -19.38 9.39
C LEU A 457 -51.17 -20.75 9.20
N THR A 458 -50.85 -21.42 8.09
CA THR A 458 -51.42 -22.75 7.84
C THR A 458 -51.10 -23.71 8.96
N LEU A 459 -49.89 -23.65 9.50
CA LEU A 459 -49.49 -24.55 10.57
C LEU A 459 -50.28 -24.27 11.84
N MET A 460 -50.37 -22.99 12.23
CA MET A 460 -50.96 -22.66 13.52
C MET A 460 -52.48 -22.80 13.50
N THR A 461 -53.12 -22.44 12.40
CA THR A 461 -54.58 -22.48 12.32
C THR A 461 -55.12 -23.76 11.70
N LYS A 462 -54.25 -24.62 11.18
CA LYS A 462 -54.67 -25.90 10.57
C LYS A 462 -55.72 -25.68 9.49
N HIS A 463 -55.55 -24.60 8.73
N HIS A 463 -55.53 -24.62 8.71
CA HIS A 463 -56.44 -24.28 7.63
CA HIS A 463 -56.46 -24.27 7.63
C HIS A 463 -55.60 -23.76 6.48
C HIS A 463 -55.67 -23.65 6.49
N TRP A 464 -56.13 -23.91 5.27
CA TRP A 464 -55.54 -23.28 4.08
C TRP A 464 -56.38 -22.04 3.78
N ASN A 465 -56.03 -20.96 4.47
CA ASN A 465 -56.83 -19.75 4.40
C ASN A 465 -56.71 -19.09 3.03
N TRP A 466 -57.80 -18.44 2.62
CA TRP A 466 -57.78 -17.63 1.41
C TRP A 466 -56.89 -16.40 1.57
N PHE A 467 -56.38 -16.15 2.77
CA PHE A 467 -55.49 -15.04 3.07
C PHE A 467 -54.19 -15.57 3.65
N ASN A 468 -53.20 -14.68 3.73
CA ASN A 468 -51.93 -14.97 4.38
C ASN A 468 -51.19 -13.66 4.55
N ALA A 469 -50.08 -13.71 5.30
CA ALA A 469 -49.33 -12.50 5.60
C ALA A 469 -47.84 -12.77 5.43
N ASP A 470 -47.11 -11.73 5.05
CA ASP A 470 -45.65 -11.77 4.95
C ASP A 470 -45.09 -11.64 6.36
N ALA A 471 -44.98 -12.77 7.04
CA ALA A 471 -44.48 -12.76 8.42
C ALA A 471 -43.03 -12.31 8.48
N ILE A 472 -42.19 -12.83 7.57
CA ILE A 472 -40.78 -12.45 7.57
C ILE A 472 -40.61 -10.97 7.29
N GLY A 473 -41.37 -10.45 6.30
CA GLY A 473 -41.27 -9.04 5.99
C GLY A 473 -41.66 -8.16 7.16
N VAL A 474 -42.62 -8.60 7.96
CA VAL A 474 -43.00 -7.86 9.17
C VAL A 474 -41.86 -7.87 10.17
N ILE A 475 -41.25 -9.04 10.38
CA ILE A 475 -40.14 -9.16 11.32
C ILE A 475 -38.99 -8.27 10.90
N ARG A 476 -38.71 -8.19 9.59
CA ARG A 476 -37.57 -7.45 9.08
C ARG A 476 -37.90 -5.99 8.77
N LYS A 477 -39.01 -5.47 9.29
CA LYS A 477 -39.33 -4.04 9.20
C LYS A 477 -39.40 -3.56 7.75
N LYS A 478 -40.15 -4.30 6.93
CA LYS A 478 -40.31 -3.96 5.53
C LYS A 478 -41.55 -3.12 5.26
N TYR A 479 -42.46 -2.99 6.23
CA TYR A 479 -43.75 -2.37 6.00
C TYR A 479 -44.01 -1.27 7.01
N TRP A 480 -44.58 -0.16 6.54
CA TRP A 480 -45.03 0.90 7.45
C TRP A 480 -46.30 0.50 8.17
N SER A 481 -47.16 -0.26 7.50
CA SER A 481 -48.37 -0.81 8.08
C SER A 481 -48.32 -2.32 7.97
N ILE A 482 -48.82 -3.02 8.98
CA ILE A 482 -48.78 -4.47 8.89
C ILE A 482 -49.79 -5.00 7.87
N VAL A 483 -50.83 -4.22 7.53
CA VAL A 483 -51.79 -4.70 6.54
C VAL A 483 -51.12 -4.83 5.18
N GLN A 484 -50.04 -4.09 4.94
CA GLN A 484 -49.30 -4.23 3.69
C GLN A 484 -48.75 -5.64 3.51
N ALA A 485 -48.52 -6.36 4.61
CA ALA A 485 -47.97 -7.71 4.56
C ALA A 485 -49.01 -8.77 4.18
N VAL A 486 -50.29 -8.42 4.14
CA VAL A 486 -51.34 -9.39 3.90
C VAL A 486 -51.51 -9.60 2.41
N ARG A 487 -51.69 -10.86 2.00
CA ARG A 487 -51.98 -11.23 0.63
C ARG A 487 -53.22 -12.12 0.61
N ILE A 488 -54.03 -11.98 -0.44
CA ILE A 488 -55.23 -12.79 -0.61
C ILE A 488 -55.21 -13.41 -2.00
N GLY A 489 -55.71 -14.63 -2.10
CA GLY A 489 -55.69 -15.35 -3.36
C GLY A 489 -54.43 -16.19 -3.52
N GLU A 490 -54.59 -17.33 -4.20
CA GLU A 490 -53.50 -18.30 -4.33
C GLU A 490 -52.27 -17.66 -4.97
N GLY A 491 -52.46 -16.97 -6.10
CA GLY A 491 -51.39 -16.31 -6.80
C GLY A 491 -50.54 -15.43 -5.90
N PRO A 492 -51.16 -14.41 -5.31
CA PRO A 492 -50.39 -13.52 -4.41
C PRO A 492 -49.82 -14.25 -3.20
N ILE A 493 -50.53 -15.22 -2.65
CA ILE A 493 -50.02 -15.94 -1.49
C ILE A 493 -48.83 -16.81 -1.88
N ARG A 494 -48.91 -17.48 -3.04
CA ARG A 494 -47.80 -18.31 -3.50
C ARG A 494 -46.57 -17.46 -3.80
N LYS A 495 -46.74 -16.37 -4.54
CA LYS A 495 -45.61 -15.50 -4.86
C LYS A 495 -45.02 -14.88 -3.60
N MET A 496 -45.85 -14.60 -2.59
CA MET A 496 -45.35 -14.03 -1.35
C MET A 496 -44.47 -15.01 -0.60
N ILE A 497 -44.95 -16.25 -0.43
CA ILE A 497 -44.18 -17.23 0.33
C ILE A 497 -42.90 -17.60 -0.38
N GLN A 498 -42.94 -17.67 -1.72
CA GLN A 498 -41.71 -17.89 -2.47
C GLN A 498 -40.73 -16.74 -2.27
N GLY A 499 -41.24 -15.54 -2.01
CA GLY A 499 -40.37 -14.43 -1.68
C GLY A 499 -39.81 -14.52 -0.28
N GLU A 500 -40.54 -15.15 0.65
CA GLU A 500 -39.99 -15.38 1.98
C GLU A 500 -38.86 -16.40 1.95
N LEU A 501 -39.01 -17.46 1.15
CA LEU A 501 -37.93 -18.43 1.00
C LEU A 501 -36.69 -17.77 0.42
N ALA A 502 -36.86 -16.80 -0.48
CA ALA A 502 -35.73 -16.12 -1.08
C ALA A 502 -34.93 -15.34 -0.04
N VAL A 503 -35.58 -14.86 1.02
CA VAL A 503 -34.86 -14.12 2.05
C VAL A 503 -34.03 -15.07 2.90
N LEU A 504 -34.49 -16.31 3.08
CA LEU A 504 -33.65 -17.31 3.75
C LEU A 504 -32.38 -17.58 2.95
N LYS A 505 -32.50 -17.59 1.62
CA LYS A 505 -31.34 -17.84 0.77
C LYS A 505 -30.37 -16.66 0.80
N GLN A 506 -30.87 -15.43 0.92
CA GLN A 506 -29.99 -14.27 1.01
C GLN A 506 -29.27 -14.20 2.36
N ASP A 507 -29.76 -14.90 3.39
CA ASP A 507 -29.04 -14.93 4.65
C ASP A 507 -27.74 -15.71 4.53
N THR A 508 -27.69 -16.69 3.62
CA THR A 508 -26.47 -17.46 3.43
C THR A 508 -25.42 -16.64 2.69
N ILE A 509 -25.83 -16.01 1.57
CA ILE A 509 -24.91 -15.23 0.75
C ILE A 509 -24.31 -14.07 1.52
N ASP A 510 -25.09 -13.47 2.42
CA ASP A 510 -24.69 -12.22 3.08
C ASP A 510 -23.91 -12.45 4.37
N ILE A 511 -24.15 -13.57 5.05
CA ILE A 511 -23.57 -13.77 6.37
C ILE A 511 -22.50 -14.85 6.33
N LEU A 512 -22.88 -16.09 6.00
CA LEU A 512 -21.94 -17.20 6.05
C LEU A 512 -20.94 -17.12 4.90
N GLY A 513 -21.42 -17.10 3.68
CA GLY A 513 -20.56 -17.09 2.51
C GLY A 513 -21.21 -17.85 1.38
N ASN A 514 -20.38 -18.26 0.42
CA ASN A 514 -20.87 -18.99 -0.75
C ASN A 514 -21.01 -20.47 -0.38
N TYR A 515 -22.11 -20.77 0.31
CA TYR A 515 -22.44 -22.12 0.75
C TYR A 515 -23.87 -22.43 0.36
N PRO A 516 -24.21 -23.70 0.20
CA PRO A 516 -25.59 -24.06 -0.17
C PRO A 516 -26.56 -23.75 0.96
N THR A 517 -27.84 -23.79 0.61
CA THR A 517 -28.93 -23.61 1.55
C THR A 517 -29.87 -24.80 1.45
N LEU A 518 -30.25 -25.36 2.59
CA LEU A 518 -31.13 -26.52 2.63
C LEU A 518 -32.17 -26.29 3.71
N VAL A 519 -33.45 -26.20 3.30
CA VAL A 519 -34.53 -26.07 4.26
C VAL A 519 -34.70 -27.39 4.99
N GLY A 520 -34.19 -27.44 6.23
CA GLY A 520 -34.22 -28.70 6.98
C GLY A 520 -35.61 -29.17 7.32
N GLU A 521 -36.55 -28.24 7.47
CA GLU A 521 -37.94 -28.60 7.78
C GLU A 521 -38.89 -27.71 6.98
N ILE A 522 -39.91 -28.34 6.41
CA ILE A 522 -40.98 -27.63 5.73
C ILE A 522 -42.14 -28.61 5.59
N GLY A 523 -43.37 -28.10 5.71
CA GLY A 523 -44.52 -28.97 5.60
C GLY A 523 -45.79 -28.26 5.99
N ILE A 524 -46.87 -29.04 5.99
CA ILE A 524 -48.22 -28.52 6.25
C ILE A 524 -49.00 -29.53 7.07
N PRO A 525 -49.91 -29.05 7.91
CA PRO A 525 -50.71 -29.97 8.72
C PRO A 525 -51.77 -30.67 7.88
N TYR A 526 -51.93 -31.97 8.13
CA TYR A 526 -52.90 -32.77 7.39
C TYR A 526 -54.23 -32.90 8.10
N ASP A 527 -54.27 -32.70 9.42
CA ASP A 527 -55.52 -32.76 10.18
C ASP A 527 -56.25 -31.42 10.13
N MET A 528 -56.49 -30.96 8.90
CA MET A 528 -57.12 -29.66 8.70
C MET A 528 -58.63 -29.77 8.84
N ASP A 529 -59.25 -28.64 9.16
CA ASP A 529 -60.71 -28.51 9.17
C ASP A 529 -61.36 -29.58 10.05
N ASP A 530 -60.86 -29.68 11.29
CA ASP A 530 -61.37 -30.65 12.27
C ASP A 530 -61.30 -32.07 11.73
N LYS A 531 -60.22 -32.39 11.02
CA LYS A 531 -60.01 -33.73 10.45
C LYS A 531 -61.14 -34.10 9.49
N LYS A 532 -61.58 -33.12 8.70
CA LYS A 532 -62.66 -33.37 7.74
C LYS A 532 -62.27 -34.43 6.72
N ALA A 533 -61.02 -34.37 6.25
CA ALA A 533 -60.56 -35.34 5.26
C ALA A 533 -60.53 -36.76 5.81
N TYR A 534 -60.59 -36.92 7.13
CA TYR A 534 -60.67 -38.23 7.75
C TYR A 534 -62.10 -38.68 7.99
N GLY A 535 -63.08 -37.92 7.51
CA GLY A 535 -64.47 -38.26 7.72
C GLY A 535 -64.92 -38.13 9.17
N TYR A 536 -64.26 -37.28 9.95
CA TYR A 536 -64.61 -37.12 11.36
C TYR A 536 -65.75 -36.16 11.58
N VAL A 537 -66.03 -35.28 10.62
CA VAL A 537 -67.04 -34.24 10.78
C VAL A 537 -68.06 -34.35 9.65
N ASP A 538 -69.21 -33.70 9.87
CA ASP A 538 -70.25 -33.55 8.86
C ASP A 538 -70.72 -34.91 8.34
N GLY A 539 -70.87 -35.88 9.25
CA GLY A 539 -71.32 -37.20 8.86
C GLY A 539 -70.39 -37.94 7.93
N GLY A 540 -69.11 -37.59 7.92
CA GLY A 540 -68.14 -38.23 7.06
C GLY A 540 -67.98 -37.61 5.69
N ARG A 541 -68.66 -36.51 5.41
CA ARG A 541 -68.57 -35.88 4.10
C ARG A 541 -67.21 -35.22 3.93
N GLY A 542 -66.60 -35.44 2.77
CA GLY A 542 -65.28 -34.91 2.49
C GLY A 542 -64.13 -35.83 2.84
N GLU A 543 -64.42 -37.03 3.33
CA GLU A 543 -63.36 -37.99 3.63
C GLU A 543 -62.59 -38.32 2.36
N GLY A 544 -61.26 -38.32 2.47
CA GLY A 544 -60.40 -38.55 1.32
C GLY A 544 -60.25 -37.37 0.40
N ASP A 545 -60.86 -36.22 0.71
CA ASP A 545 -60.72 -35.02 -0.10
C ASP A 545 -59.62 -34.17 0.51
N TYR A 546 -58.41 -34.27 -0.04
CA TYR A 546 -57.25 -33.53 0.44
C TYR A 546 -56.92 -32.33 -0.45
N SER A 547 -57.95 -31.66 -0.98
CA SER A 547 -57.68 -30.50 -1.85
C SER A 547 -57.08 -29.34 -1.07
N SER A 548 -57.58 -29.10 0.14
CA SER A 548 -57.06 -28.01 0.96
C SER A 548 -55.60 -28.26 1.32
N GLN A 549 -55.29 -29.49 1.75
CA GLN A 549 -53.90 -29.83 2.07
C GLN A 549 -53.01 -29.74 0.84
N GLN A 550 -53.53 -30.15 -0.31
CA GLN A 550 -52.70 -30.19 -1.52
C GLN A 550 -52.25 -28.81 -1.95
N LYS A 551 -53.15 -27.81 -1.89
CA LYS A 551 -52.74 -26.46 -2.26
C LYS A 551 -51.78 -25.87 -1.23
N ALA A 552 -51.94 -26.22 0.04
CA ALA A 552 -51.01 -25.74 1.06
C ALA A 552 -49.61 -26.29 0.81
N MET A 553 -49.49 -27.59 0.53
CA MET A 553 -48.19 -28.17 0.25
C MET A 553 -47.66 -27.69 -1.10
N ASP A 554 -48.53 -27.60 -2.10
CA ASP A 554 -48.10 -27.07 -3.39
C ASP A 554 -47.54 -25.67 -3.26
N CYS A 555 -48.09 -24.87 -2.33
CA CYS A 555 -47.57 -23.53 -2.10
C CYS A 555 -46.16 -23.57 -1.51
N SER A 556 -45.99 -24.34 -0.43
CA SER A 556 -44.68 -24.39 0.23
C SER A 556 -43.64 -25.02 -0.68
N MET A 557 -44.02 -26.03 -1.46
CA MET A 557 -43.07 -26.67 -2.37
C MET A 557 -42.73 -25.75 -3.54
N ASN A 558 -43.73 -25.07 -4.10
CA ASN A 558 -43.46 -24.09 -5.14
C ASN A 558 -42.59 -22.95 -4.62
N ALA A 559 -42.68 -22.66 -3.32
CA ALA A 559 -41.85 -21.61 -2.74
C ALA A 559 -40.38 -21.99 -2.76
N CYS A 560 -40.06 -23.29 -2.77
CA CYS A 560 -38.70 -23.74 -2.95
C CYS A 560 -38.33 -23.92 -4.41
N ASP A 561 -39.30 -23.86 -5.31
CA ASP A 561 -39.02 -23.81 -6.74
C ASP A 561 -38.75 -22.36 -7.14
N GLY A 562 -39.13 -21.98 -8.36
CA GLY A 562 -38.90 -20.63 -8.83
C GLY A 562 -37.42 -20.33 -8.98
N PRO A 563 -37.02 -19.09 -8.71
CA PRO A 563 -35.59 -18.75 -8.78
C PRO A 563 -34.80 -19.30 -7.60
N ASN A 564 -35.46 -19.86 -6.60
CA ASN A 564 -34.75 -20.39 -5.44
C ASN A 564 -34.05 -21.70 -5.78
N CYS A 565 -34.80 -22.69 -6.25
CA CYS A 565 -34.28 -24.02 -6.54
C CYS A 565 -33.51 -24.58 -5.34
N LEU A 566 -34.23 -24.67 -4.22
CA LEU A 566 -33.63 -24.97 -2.94
C LEU A 566 -33.59 -26.47 -2.66
N ASN A 567 -32.67 -26.84 -1.79
CA ASN A 567 -32.69 -28.16 -1.17
C ASN A 567 -33.55 -28.12 0.08
N TYR A 568 -34.22 -29.24 0.35
CA TYR A 568 -35.10 -29.27 1.52
C TYR A 568 -35.43 -30.70 1.89
N ALA A 569 -35.74 -30.89 3.18
CA ALA A 569 -36.27 -32.14 3.71
C ALA A 569 -37.64 -31.85 4.28
N ILE A 570 -38.68 -32.39 3.64
CA ILE A 570 -40.04 -32.19 4.13
C ILE A 570 -40.20 -32.82 5.51
N TRP A 571 -40.98 -32.17 6.36
CA TRP A 571 -41.33 -32.72 7.66
C TRP A 571 -42.81 -33.08 7.65
N ASN A 572 -43.12 -34.37 7.81
CA ASN A 572 -42.12 -35.44 7.84
C ASN A 572 -42.72 -36.69 7.23
N TYR A 573 -42.12 -37.85 7.54
CA TYR A 573 -42.63 -39.15 7.14
C TYR A 573 -42.72 -40.01 8.39
N VAL A 574 -43.93 -40.15 8.93
CA VAL A 574 -44.14 -40.93 10.15
C VAL A 574 -44.77 -42.26 9.78
N PRO A 575 -44.00 -43.36 9.75
CA PRO A 575 -44.57 -44.65 9.33
C PRO A 575 -45.79 -45.09 10.13
N ASP A 576 -45.88 -44.72 11.41
CA ASP A 576 -47.03 -45.13 12.21
C ASP A 576 -47.96 -43.95 12.48
N ASN A 577 -48.35 -43.25 11.42
CA ASN A 577 -49.30 -42.14 11.55
C ASN A 577 -50.72 -42.68 11.49
N VAL A 578 -51.56 -42.22 12.41
CA VAL A 578 -52.96 -42.61 12.47
C VAL A 578 -53.81 -41.36 12.56
N HIS A 579 -55.06 -41.45 12.07
CA HIS A 579 -55.92 -40.28 12.01
C HIS A 579 -56.30 -39.77 13.40
N GLU A 580 -56.49 -40.69 14.35
CA GLU A 580 -56.96 -40.28 15.67
C GLU A 580 -55.92 -39.43 16.40
N TRP A 581 -54.64 -39.77 16.25
CA TRP A 581 -53.58 -39.11 17.00
C TRP A 581 -52.52 -38.46 16.12
N GLY A 582 -52.68 -38.47 14.81
CA GLY A 582 -51.73 -37.80 13.95
C GLY A 582 -50.38 -38.50 13.99
N ASP A 583 -49.32 -37.71 14.14
CA ASP A 583 -47.96 -38.24 14.25
C ASP A 583 -47.64 -38.73 15.67
N ASN A 584 -48.65 -38.89 16.51
CA ASN A 584 -48.48 -39.36 17.89
C ASN A 584 -47.57 -38.44 18.70
N TRP A 585 -47.63 -37.13 18.43
CA TRP A 585 -46.80 -36.17 19.13
C TRP A 585 -47.53 -34.83 19.20
N ASN A 586 -48.02 -34.48 20.39
CA ASN A 586 -48.61 -33.17 20.66
C ASN A 586 -49.72 -32.80 19.68
N GLY A 587 -50.38 -33.81 19.11
CA GLY A 587 -51.48 -33.54 18.20
C GLY A 587 -51.10 -33.01 16.83
N GLU A 588 -49.82 -33.03 16.48
CA GLU A 588 -49.41 -32.65 15.13
C GLU A 588 -49.67 -33.79 14.17
N ASP A 589 -49.93 -33.43 12.91
CA ASP A 589 -50.21 -34.40 11.85
C ASP A 589 -49.60 -33.84 10.55
N LEU A 590 -48.28 -34.00 10.41
CA LEU A 590 -47.55 -33.46 9.28
C LEU A 590 -46.92 -34.53 8.40
N SER A 591 -47.36 -35.79 8.56
CA SER A 591 -46.75 -36.90 7.82
C SER A 591 -47.43 -37.08 6.48
N LEU A 592 -46.63 -37.36 5.45
CA LEU A 592 -47.13 -37.56 4.10
C LEU A 592 -47.88 -38.87 3.93
N TRP A 593 -47.76 -39.80 4.88
CA TRP A 593 -48.23 -41.16 4.69
C TRP A 593 -48.82 -41.70 5.98
N SER A 594 -49.90 -42.45 5.87
CA SER A 594 -50.54 -43.05 7.03
C SER A 594 -51.25 -44.34 6.62
N VAL A 595 -51.24 -45.33 7.52
CA VAL A 595 -51.94 -46.58 7.25
C VAL A 595 -53.43 -46.34 7.10
N ASP A 596 -53.99 -45.39 7.86
CA ASP A 596 -55.42 -45.11 7.79
C ASP A 596 -55.84 -44.56 6.43
N ASP A 597 -54.89 -44.15 5.60
CA ASP A 597 -55.18 -43.67 4.25
C ASP A 597 -54.87 -44.72 3.18
N LYS A 598 -54.88 -45.99 3.56
CA LYS A 598 -54.69 -47.08 2.61
C LYS A 598 -56.05 -47.56 2.08
N GLU A 599 -56.01 -48.18 0.91
CA GLU A 599 -57.21 -48.71 0.25
C GLU A 599 -58.29 -47.64 0.08
N PRO A 640 -39.46 -55.67 -3.73
CA PRO A 640 -39.13 -54.25 -3.83
C PRO A 640 -37.70 -53.94 -3.40
N SER A 641 -36.86 -53.57 -4.36
CA SER A 641 -35.44 -53.34 -4.11
C SER A 641 -35.00 -52.09 -4.87
N PRO A 642 -33.84 -51.53 -4.52
CA PRO A 642 -33.39 -50.29 -5.20
C PRO A 642 -33.45 -50.32 -6.73
N SER A 643 -32.81 -51.30 -7.37
CA SER A 643 -32.69 -51.28 -8.82
C SER A 643 -34.07 -51.46 -9.47
N VAL A 644 -34.95 -52.24 -8.84
CA VAL A 644 -36.31 -52.40 -9.36
C VAL A 644 -37.03 -51.06 -9.34
N ILE A 645 -36.80 -50.23 -8.32
CA ILE A 645 -37.45 -48.92 -8.27
C ILE A 645 -36.84 -47.99 -9.31
N ASP A 646 -35.54 -48.09 -9.55
CA ASP A 646 -34.89 -47.22 -10.53
C ASP A 646 -35.36 -47.54 -11.94
N SER A 647 -35.61 -48.81 -12.25
CA SER A 647 -36.15 -49.17 -13.55
C SER A 647 -37.57 -48.65 -13.74
N GLY A 648 -38.30 -48.44 -12.65
CA GLY A 648 -39.64 -47.90 -12.72
C GLY A 648 -40.75 -48.92 -12.86
N ASP A 649 -40.44 -50.21 -12.75
CA ASP A 649 -41.43 -51.26 -12.97
C ASP A 649 -41.90 -51.82 -11.63
N PHE A 650 -42.66 -50.99 -10.92
CA PHE A 650 -43.24 -51.34 -9.63
C PHE A 650 -44.73 -51.10 -9.67
N SER A 651 -45.42 -51.57 -8.64
CA SER A 651 -46.85 -51.32 -8.53
C SER A 651 -47.10 -49.87 -8.17
N PRO A 652 -48.08 -49.21 -8.80
CA PRO A 652 -48.45 -47.85 -8.38
C PRO A 652 -49.12 -47.80 -7.03
N THR A 653 -49.47 -48.96 -6.45
CA THR A 653 -49.94 -48.98 -5.08
C THR A 653 -48.90 -48.39 -4.14
N LEU A 654 -47.62 -48.62 -4.43
CA LEU A 654 -46.55 -48.11 -3.58
C LEU A 654 -46.56 -46.58 -3.56
N ILE A 655 -46.61 -45.94 -4.73
CA ILE A 655 -46.50 -44.48 -4.77
C ILE A 655 -47.82 -43.76 -4.52
N LEU A 656 -48.94 -44.47 -4.45
CA LEU A 656 -50.23 -43.85 -4.22
C LEU A 656 -50.87 -44.22 -2.89
N ASP A 657 -50.91 -45.50 -2.56
CA ASP A 657 -51.65 -45.95 -1.38
C ASP A 657 -51.02 -45.41 -0.11
N GLY A 658 -51.87 -44.99 0.83
CA GLY A 658 -51.43 -44.43 2.08
C GLY A 658 -50.96 -43.00 2.02
N SER A 659 -50.76 -42.45 0.83
CA SER A 659 -50.28 -41.08 0.69
C SER A 659 -51.45 -40.10 0.74
N ARG A 660 -51.12 -38.85 1.07
CA ARG A 660 -52.10 -37.78 1.16
C ARG A 660 -51.54 -36.57 0.42
N ALA A 661 -52.28 -36.10 -0.59
CA ALA A 661 -51.84 -34.99 -1.44
C ALA A 661 -50.51 -35.30 -2.12
N VAL A 662 -50.40 -36.53 -2.64
CA VAL A 662 -49.15 -36.99 -3.24
C VAL A 662 -48.76 -36.12 -4.43
N ALA A 663 -49.74 -35.55 -5.12
CA ALA A 663 -49.45 -34.66 -6.24
C ALA A 663 -48.68 -33.43 -5.80
N ALA A 664 -48.71 -33.09 -4.51
CA ALA A 664 -48.10 -31.86 -4.05
C ALA A 664 -46.62 -32.04 -3.76
N PHE A 665 -46.25 -33.10 -3.03
CA PHE A 665 -44.86 -33.24 -2.62
C PHE A 665 -44.03 -34.09 -3.58
N CYS A 666 -44.65 -34.92 -4.40
CA CYS A 666 -43.90 -35.69 -5.41
C CYS A 666 -43.86 -34.87 -6.68
N ARG A 667 -42.79 -34.10 -6.85
CA ARG A 667 -42.69 -33.13 -7.93
C ARG A 667 -41.50 -33.45 -8.84
N PRO A 668 -41.55 -33.03 -10.11
CA PRO A 668 -40.38 -33.15 -10.96
C PRO A 668 -39.35 -32.09 -10.64
N TYR A 669 -38.09 -32.51 -10.57
CA TYR A 669 -37.00 -31.60 -10.23
C TYR A 669 -35.70 -32.17 -10.78
N PRO A 670 -34.70 -31.32 -11.03
CA PRO A 670 -33.42 -31.81 -11.56
C PRO A 670 -32.56 -32.38 -10.44
N VAL A 671 -32.20 -33.67 -10.57
CA VAL A 671 -31.32 -34.29 -9.59
C VAL A 671 -29.90 -33.73 -9.74
N ALA A 672 -29.39 -33.74 -10.96
CA ALA A 672 -28.08 -33.18 -11.26
C ALA A 672 -28.20 -32.31 -12.52
N THR A 673 -27.45 -31.22 -12.54
CA THR A 673 -27.53 -30.23 -13.61
C THR A 673 -26.13 -29.86 -14.07
N VAL A 674 -25.86 -30.02 -15.37
CA VAL A 674 -24.64 -29.48 -15.95
C VAL A 674 -24.80 -27.97 -16.02
N GLY A 675 -24.07 -27.26 -15.16
CA GLY A 675 -24.23 -25.82 -15.05
C GLY A 675 -24.81 -25.41 -13.72
N ILE A 676 -25.67 -24.41 -13.71
CA ILE A 676 -26.28 -23.93 -12.47
C ILE A 676 -27.78 -23.76 -12.67
N PRO A 677 -28.60 -24.30 -11.78
CA PRO A 677 -30.06 -24.13 -11.92
C PRO A 677 -30.46 -22.66 -11.79
N GLU A 678 -31.22 -22.17 -12.77
CA GLU A 678 -31.65 -20.79 -12.82
C GLU A 678 -33.08 -20.60 -12.34
N ARG A 679 -34.01 -21.44 -12.78
CA ARG A 679 -35.40 -21.32 -12.38
C ARG A 679 -36.11 -22.66 -12.60
N ILE A 680 -37.01 -23.00 -11.67
CA ILE A 680 -37.84 -24.19 -11.75
C ILE A 680 -39.29 -23.79 -11.60
N ASP A 681 -40.16 -24.35 -12.45
CA ASP A 681 -41.58 -24.06 -12.40
C ASP A 681 -42.38 -25.32 -12.69
N PHE A 682 -43.33 -25.64 -11.82
CA PHE A 682 -44.16 -26.83 -11.97
C PHE A 682 -45.61 -26.47 -11.67
N ASP A 683 -46.53 -26.99 -12.48
CA ASP A 683 -47.95 -26.72 -12.34
C ASP A 683 -48.69 -28.06 -12.28
N ILE A 684 -49.37 -28.30 -11.16
CA ILE A 684 -50.02 -29.59 -10.97
C ILE A 684 -51.16 -29.78 -11.97
N THR A 685 -51.92 -28.72 -12.23
CA THR A 685 -53.16 -28.85 -13.00
C THR A 685 -52.88 -29.28 -14.44
N SER A 686 -51.85 -28.74 -15.07
CA SER A 686 -51.52 -29.05 -16.45
C SER A 686 -50.28 -29.92 -16.58
N THR A 687 -49.63 -30.28 -15.47
CA THR A 687 -48.39 -31.05 -15.42
C THR A 687 -47.24 -30.39 -16.19
N LYS A 688 -47.39 -29.14 -16.60
CA LYS A 688 -46.33 -28.45 -17.33
C LYS A 688 -45.16 -28.14 -16.40
N PHE A 689 -43.95 -28.47 -16.83
CA PHE A 689 -42.75 -28.33 -16.01
C PHE A 689 -41.65 -27.68 -16.85
N LYS A 690 -41.36 -26.41 -16.58
CA LYS A 690 -40.29 -25.69 -17.25
C LYS A 690 -39.09 -25.57 -16.32
N TYR A 691 -37.90 -25.78 -16.87
CA TYR A 691 -36.66 -25.73 -16.11
C TYR A 691 -35.62 -24.99 -16.92
N ALA A 692 -34.98 -23.99 -16.30
CA ALA A 692 -33.98 -23.16 -16.95
C ALA A 692 -32.65 -23.27 -16.22
N VAL A 693 -31.58 -23.49 -16.97
CA VAL A 693 -30.25 -23.64 -16.40
C VAL A 693 -29.35 -22.54 -16.96
N ARG A 694 -28.23 -22.32 -16.27
CA ARG A 694 -27.20 -21.39 -16.69
C ARG A 694 -25.94 -22.21 -16.96
N VAL A 695 -25.53 -22.27 -18.22
CA VAL A 695 -24.39 -23.07 -18.66
C VAL A 695 -23.26 -22.14 -19.09
N ARG A 696 -22.03 -22.50 -18.74
CA ARG A 696 -20.86 -21.69 -19.02
C ARG A 696 -19.88 -22.46 -19.90
N ALA A 697 -18.76 -21.81 -20.20
CA ALA A 697 -17.74 -22.43 -21.04
C ALA A 697 -16.90 -23.45 -20.29
N ASP A 698 -16.63 -23.21 -19.01
CA ASP A 698 -15.81 -24.12 -18.22
C ASP A 698 -16.61 -25.24 -17.56
N ASP A 699 -17.91 -25.34 -17.83
CA ASP A 699 -18.68 -26.47 -17.33
C ASP A 699 -18.34 -27.72 -18.12
N ILE A 700 -18.23 -28.85 -17.42
CA ILE A 700 -17.91 -30.12 -18.07
C ILE A 700 -19.18 -30.73 -18.61
N ALA A 701 -19.17 -31.10 -19.89
CA ALA A 701 -20.37 -31.66 -20.54
C ALA A 701 -19.92 -32.62 -21.63
N ASN A 702 -20.04 -33.91 -21.35
CA ASN A 702 -19.87 -34.95 -22.36
C ASN A 702 -21.09 -35.87 -22.28
N GLU A 703 -20.96 -37.11 -22.74
CA GLU A 703 -22.10 -38.01 -22.70
C GLU A 703 -22.23 -38.75 -21.37
N GLN A 704 -21.15 -38.90 -20.62
CA GLN A 704 -21.26 -39.46 -19.28
C GLN A 704 -21.49 -38.39 -18.22
N VAL A 705 -21.42 -37.11 -18.58
CA VAL A 705 -21.74 -36.01 -17.68
C VAL A 705 -22.93 -35.29 -18.28
N TYR A 706 -24.11 -35.51 -17.72
CA TYR A 706 -25.34 -35.01 -18.31
C TYR A 706 -26.24 -34.46 -17.21
N THR A 707 -27.19 -33.63 -17.62
CA THR A 707 -28.22 -33.12 -16.72
C THR A 707 -29.27 -34.20 -16.50
N GLU A 708 -29.53 -34.52 -15.23
CA GLU A 708 -30.50 -35.53 -14.86
C GLU A 708 -31.71 -34.87 -14.24
N ILE A 709 -32.90 -35.18 -14.77
CA ILE A 709 -34.16 -34.64 -14.27
C ILE A 709 -35.05 -35.82 -13.92
N TYR A 710 -35.70 -35.75 -12.76
CA TYR A 710 -36.62 -36.77 -12.30
C TYR A 710 -38.05 -36.36 -12.69
N LEU A 711 -38.73 -37.23 -13.44
CA LEU A 711 -40.12 -37.01 -13.80
C LEU A 711 -40.97 -38.08 -13.12
N PRO A 712 -41.79 -37.71 -12.13
CA PRO A 712 -42.50 -38.74 -11.36
C PRO A 712 -43.63 -39.39 -12.15
N PHE A 713 -43.91 -40.64 -11.79
CA PHE A 713 -45.09 -41.33 -12.32
C PHE A 713 -46.38 -40.76 -11.76
N VAL A 714 -46.33 -40.07 -10.62
CA VAL A 714 -47.52 -39.51 -10.00
C VAL A 714 -48.21 -38.53 -10.94
N HIS A 715 -47.44 -37.82 -11.78
CA HIS A 715 -47.99 -36.87 -12.72
C HIS A 715 -47.83 -37.28 -14.18
N TYR A 716 -46.78 -38.03 -14.51
CA TYR A 716 -46.41 -38.24 -15.91
C TYR A 716 -46.57 -39.68 -16.39
N ALA A 717 -47.12 -40.57 -15.56
CA ALA A 717 -47.35 -41.93 -16.02
C ALA A 717 -48.51 -41.96 -17.03
N ALA A 718 -48.50 -43.00 -17.88
CA ALA A 718 -49.60 -43.19 -18.81
C ALA A 718 -50.91 -43.42 -18.06
N SER A 719 -50.86 -44.19 -16.99
CA SER A 719 -52.01 -44.40 -16.12
C SER A 719 -51.52 -45.01 -14.81
N LEU A 720 -52.26 -44.74 -13.74
CA LEU A 720 -51.93 -45.25 -12.41
C LEU A 720 -52.97 -46.23 -11.89
N ASN A 721 -53.82 -46.76 -12.77
CA ASN A 721 -54.84 -47.71 -12.35
C ASN A 721 -54.22 -49.04 -11.99
N ALA A 722 -54.55 -49.56 -10.81
CA ALA A 722 -54.02 -50.85 -10.39
C ALA A 722 -54.49 -51.97 -11.31
N SER A 723 -55.70 -51.83 -11.88
CA SER A 723 -56.16 -52.78 -12.89
C SER A 723 -55.18 -52.84 -14.05
N TYR A 724 -54.96 -51.70 -14.71
CA TYR A 724 -53.99 -51.63 -15.80
C TYR A 724 -52.59 -51.99 -15.32
N SER A 725 -52.31 -51.79 -14.04
CA SER A 725 -50.95 -51.96 -13.52
C SER A 725 -50.55 -53.43 -13.44
N SER A 726 -51.49 -54.31 -13.12
CA SER A 726 -51.16 -55.73 -13.00
C SER A 726 -50.70 -56.30 -14.34
N PHE A 727 -51.28 -55.81 -15.44
CA PHE A 727 -50.99 -56.37 -16.75
C PHE A 727 -49.89 -55.61 -17.49
N ALA A 728 -49.79 -54.29 -17.31
CA ALA A 728 -48.80 -53.48 -17.98
C ALA A 728 -48.05 -52.63 -16.96
N GLN A 729 -46.84 -52.23 -17.31
CA GLN A 729 -45.98 -51.48 -16.40
C GLN A 729 -46.19 -49.99 -16.54
N LEU A 730 -45.66 -49.24 -15.58
CA LEU A 730 -45.74 -47.79 -15.60
C LEU A 730 -44.69 -47.21 -16.54
N SER A 731 -45.05 -46.11 -17.21
CA SER A 731 -44.17 -45.48 -18.17
C SER A 731 -44.61 -44.04 -18.39
N LEU A 732 -43.66 -43.21 -18.82
CA LEU A 732 -43.90 -41.78 -18.99
C LEU A 732 -44.54 -41.50 -20.34
N ASP A 733 -45.76 -40.97 -20.33
CA ASP A 733 -46.44 -40.53 -21.55
C ASP A 733 -46.34 -39.01 -21.59
N VAL A 734 -45.20 -38.51 -22.07
CA VAL A 734 -44.83 -37.11 -21.94
C VAL A 734 -44.51 -36.52 -23.30
N THR A 735 -44.44 -35.19 -23.34
CA THR A 735 -43.98 -34.44 -24.50
C THR A 735 -42.88 -33.50 -24.01
N ILE A 736 -41.69 -33.64 -24.59
CA ILE A 736 -40.51 -32.87 -24.16
C ILE A 736 -40.14 -31.90 -25.27
N VAL A 737 -39.87 -30.65 -24.89
CA VAL A 737 -39.35 -29.63 -25.80
C VAL A 737 -38.12 -29.05 -25.13
N ALA A 738 -36.95 -29.28 -25.71
CA ALA A 738 -35.68 -28.78 -25.18
C ALA A 738 -35.12 -27.73 -26.13
N SER A 739 -34.70 -26.60 -25.56
CA SER A 739 -34.10 -25.55 -26.37
C SER A 739 -32.73 -25.95 -26.93
N HIS A 740 -32.12 -26.99 -26.36
CA HIS A 740 -30.80 -27.43 -26.79
C HIS A 740 -30.68 -28.93 -26.61
N GLY A 741 -29.90 -29.56 -27.48
CA GLY A 741 -29.35 -30.87 -27.21
C GLY A 741 -30.33 -32.04 -27.35
N ARG A 742 -29.96 -33.12 -26.68
CA ARG A 742 -30.58 -34.42 -26.83
C ARG A 742 -31.20 -34.85 -25.50
N VAL A 743 -32.27 -35.65 -25.59
CA VAL A 743 -32.97 -36.15 -24.41
C VAL A 743 -33.10 -37.66 -24.52
N GLU A 744 -33.49 -38.29 -23.41
CA GLU A 744 -33.67 -39.72 -23.30
C GLU A 744 -34.34 -40.02 -21.97
N ILE A 745 -35.30 -40.94 -21.97
CA ILE A 745 -36.07 -41.28 -20.79
C ILE A 745 -35.99 -42.77 -20.53
N GLN A 746 -35.68 -43.14 -19.28
CA GLN A 746 -35.81 -44.50 -18.80
C GLN A 746 -36.60 -44.48 -17.49
N GLY A 747 -37.62 -45.33 -17.40
CA GLY A 747 -38.45 -45.39 -16.22
C GLY A 747 -38.96 -44.05 -15.75
N GLN A 748 -38.38 -43.52 -14.68
CA GLN A 748 -38.69 -42.19 -14.17
C GLN A 748 -37.52 -41.22 -14.34
N THR A 749 -36.50 -41.61 -15.08
CA THR A 749 -35.28 -40.82 -15.23
C THR A 749 -35.25 -40.15 -16.59
N LEU A 750 -35.01 -38.85 -16.59
CA LEU A 750 -34.82 -38.08 -17.83
C LEU A 750 -33.37 -37.59 -17.88
N ARG A 751 -32.73 -37.82 -19.03
CA ARG A 751 -31.36 -37.40 -19.26
C ARG A 751 -31.32 -36.35 -20.36
N TRP A 752 -30.49 -35.33 -20.17
CA TRP A 752 -30.46 -34.17 -21.06
C TRP A 752 -29.00 -33.82 -21.36
N TRP A 753 -28.55 -34.17 -22.56
CA TRP A 753 -27.22 -33.79 -23.02
C TRP A 753 -27.32 -32.51 -23.83
N TYR A 754 -26.38 -31.58 -23.57
CA TYR A 754 -26.31 -30.35 -24.34
C TYR A 754 -24.86 -29.89 -24.36
N PRO A 755 -24.41 -29.27 -25.45
CA PRO A 755 -23.05 -28.74 -25.49
C PRO A 755 -22.94 -27.39 -24.79
N VAL A 756 -21.83 -27.21 -24.08
CA VAL A 756 -21.58 -25.96 -23.36
C VAL A 756 -21.39 -24.83 -24.38
N PRO A 757 -21.78 -23.60 -24.06
CA PRO A 757 -21.53 -22.49 -24.99
C PRO A 757 -20.05 -22.28 -25.18
N GLY A 758 -19.68 -21.88 -26.39
CA GLY A 758 -18.27 -21.67 -26.69
C GLY A 758 -17.67 -20.51 -25.93
N THR A 759 -18.49 -19.52 -25.58
CA THR A 759 -18.02 -18.32 -24.91
C THR A 759 -19.06 -17.86 -23.90
N GLY A 760 -18.58 -17.28 -22.81
CA GLY A 760 -19.48 -16.66 -21.84
C GLY A 760 -20.40 -17.66 -21.18
N GLU A 761 -21.69 -17.32 -21.13
CA GLU A 761 -22.70 -18.17 -20.52
C GLU A 761 -24.04 -17.92 -21.21
N GLU A 762 -24.89 -18.94 -21.20
CA GLU A 762 -26.21 -18.87 -21.82
C GLU A 762 -27.21 -19.61 -20.94
N VAL A 763 -28.47 -19.60 -21.36
CA VAL A 763 -29.56 -20.23 -20.63
C VAL A 763 -30.24 -21.24 -21.54
N TYR A 764 -30.20 -22.51 -21.14
CA TYR A 764 -30.94 -23.56 -21.81
C TYR A 764 -32.21 -23.86 -21.05
N THR A 765 -33.29 -24.12 -21.78
CA THR A 765 -34.57 -24.46 -21.18
C THR A 765 -34.99 -25.87 -21.62
N ILE A 766 -35.88 -26.45 -20.82
CA ILE A 766 -36.49 -27.74 -21.14
C ILE A 766 -37.86 -27.77 -20.50
N GLU A 767 -38.83 -28.32 -21.22
CA GLU A 767 -40.23 -28.28 -20.78
C GLU A 767 -40.87 -29.64 -20.97
N VAL A 768 -41.42 -30.17 -19.88
CA VAL A 768 -42.04 -31.50 -19.86
C VAL A 768 -43.52 -31.34 -19.56
N GLN A 769 -44.33 -32.17 -20.22
CA GLN A 769 -45.77 -32.18 -19.98
C GLN A 769 -46.31 -33.55 -20.33
N ARG A 770 -47.25 -34.04 -19.53
CA ARG A 770 -47.93 -35.28 -19.85
C ARG A 770 -48.82 -35.10 -21.06
N ASN A 771 -48.88 -36.11 -21.92
CA ASN A 771 -49.69 -36.05 -23.13
C ASN A 771 -51.16 -36.10 -22.75
N GLY A 772 -51.85 -34.97 -22.93
CA GLY A 772 -53.28 -34.89 -22.66
C GLY A 772 -53.67 -34.31 -21.33
N GLY A 773 -52.75 -33.69 -20.60
CA GLY A 773 -53.07 -33.06 -19.34
C GLY A 773 -52.88 -33.97 -18.15
N ALA A 774 -53.54 -33.60 -17.06
CA ALA A 774 -53.35 -34.29 -15.79
C ALA A 774 -54.02 -35.66 -15.79
N LEU A 775 -53.45 -36.57 -15.01
CA LEU A 775 -54.01 -37.91 -14.84
C LEU A 775 -55.30 -37.81 -14.02
N ARG A 776 -56.43 -38.07 -14.66
CA ARG A 776 -57.72 -38.01 -13.97
C ARG A 776 -58.21 -39.40 -13.61
N PRO B 5 -11.59 -14.03 48.92
CA PRO B 5 -11.45 -12.94 47.96
C PRO B 5 -12.77 -12.21 47.70
N PRO B 6 -12.71 -10.96 47.26
CA PRO B 6 -13.93 -10.18 47.04
C PRO B 6 -14.75 -10.71 45.88
N GLU B 7 -16.07 -10.56 46.00
CA GLU B 7 -16.97 -10.96 44.92
C GLU B 7 -16.94 -9.98 43.75
N VAL B 8 -16.46 -8.76 43.97
CA VAL B 8 -16.40 -7.74 42.92
C VAL B 8 -14.95 -7.52 42.52
N SER B 9 -14.76 -7.10 41.28
CA SER B 9 -13.43 -6.79 40.78
C SER B 9 -12.85 -5.58 41.49
N PRO B 10 -11.53 -5.55 41.69
CA PRO B 10 -10.89 -4.33 42.18
C PRO B 10 -10.70 -3.27 41.09
N VAL B 11 -10.80 -3.65 39.82
CA VAL B 11 -10.63 -2.71 38.73
C VAL B 11 -11.97 -2.12 38.31
N THR B 12 -12.98 -2.96 38.09
CA THR B 12 -14.27 -2.50 37.58
C THR B 12 -15.33 -2.37 38.65
N GLY B 13 -15.17 -3.06 39.79
CA GLY B 13 -16.23 -3.13 40.77
C GLY B 13 -17.37 -4.06 40.39
N ASN B 14 -17.35 -4.62 39.19
CA ASN B 14 -18.38 -5.53 38.74
C ASN B 14 -18.18 -6.91 39.37
N PRO B 15 -19.23 -7.74 39.40
CA PRO B 15 -19.02 -9.14 39.81
C PRO B 15 -18.09 -9.84 38.83
N VAL B 16 -17.36 -10.83 39.36
CA VAL B 16 -16.32 -11.49 38.61
C VAL B 16 -16.82 -12.82 38.08
N SER B 17 -16.14 -13.33 37.06
CA SER B 17 -16.49 -14.60 36.47
C SER B 17 -16.27 -15.74 37.47
N PRO B 18 -16.99 -16.86 37.32
CA PRO B 18 -16.67 -18.04 38.13
C PRO B 18 -15.32 -18.66 37.80
N HIS B 19 -14.70 -18.27 36.68
CA HIS B 19 -13.34 -18.66 36.34
C HIS B 19 -12.34 -17.53 36.58
N TYR B 20 -12.76 -16.47 37.26
CA TYR B 20 -11.90 -15.34 37.57
C TYR B 20 -10.70 -15.78 38.40
N ILE B 21 -9.53 -15.24 38.07
CA ILE B 21 -8.30 -15.46 38.83
C ILE B 21 -7.92 -14.14 39.48
N HIS B 22 -7.92 -14.12 40.81
CA HIS B 22 -7.59 -12.90 41.53
C HIS B 22 -6.09 -12.65 41.53
N SER B 23 -5.71 -11.40 41.29
CA SER B 23 -4.34 -10.95 41.36
C SER B 23 -4.22 -9.81 42.36
N SER B 24 -4.86 -9.96 43.51
CA SER B 24 -4.86 -8.94 44.56
C SER B 24 -3.91 -9.27 45.70
N THR B 25 -3.45 -10.50 45.79
CA THR B 25 -2.61 -10.96 46.89
C THR B 25 -1.23 -11.34 46.36
N LEU B 26 -0.40 -11.91 47.24
CA LEU B 26 0.91 -12.39 46.84
C LEU B 26 0.85 -13.58 45.91
N HIS B 27 -0.32 -14.23 45.78
CA HIS B 27 -0.48 -15.38 44.90
C HIS B 27 -1.75 -15.25 44.08
N PHE B 28 -1.78 -15.95 42.95
CA PHE B 28 -3.01 -16.10 42.20
C PHE B 28 -3.96 -17.01 42.95
N GLN B 29 -5.15 -16.50 43.26
CA GLN B 29 -6.17 -17.32 43.91
C GLN B 29 -7.50 -17.15 43.17
N ASP B 30 -8.29 -18.22 43.18
CA ASP B 30 -9.54 -18.26 42.45
C ASP B 30 -10.67 -17.68 43.31
N VAL B 31 -11.91 -17.85 42.85
CA VAL B 31 -13.05 -17.37 43.61
C VAL B 31 -13.21 -18.14 44.91
N ASN B 32 -12.74 -19.39 44.94
CA ASN B 32 -12.79 -20.20 46.16
C ASN B 32 -11.64 -19.93 47.11
N GLY B 33 -10.66 -19.11 46.71
CA GLY B 33 -9.55 -18.76 47.57
C GLY B 33 -8.31 -19.62 47.41
N ARG B 34 -8.39 -20.71 46.64
CA ARG B 34 -7.25 -21.60 46.48
C ARG B 34 -6.11 -20.88 45.75
N SER B 35 -4.91 -20.95 46.33
CA SER B 35 -3.73 -20.36 45.70
C SER B 35 -3.26 -21.25 44.55
N LEU B 36 -3.22 -20.69 43.35
CA LEU B 36 -2.87 -21.45 42.16
C LEU B 36 -1.44 -21.13 41.71
N VAL B 37 -0.80 -22.13 41.12
CA VAL B 37 0.55 -22.00 40.57
C VAL B 37 0.45 -22.20 39.07
N LEU B 38 0.80 -21.17 38.30
CA LEU B 38 0.73 -21.22 36.85
C LEU B 38 2.10 -21.58 36.30
N ARG B 39 2.18 -22.71 35.60
CA ARG B 39 3.44 -23.14 35.01
C ARG B 39 3.18 -23.64 33.59
N GLY B 40 4.02 -23.20 32.66
CA GLY B 40 3.86 -23.61 31.28
C GLY B 40 5.03 -23.26 30.39
N VAL B 41 4.74 -22.99 29.12
CA VAL B 41 5.74 -22.75 28.11
C VAL B 41 5.51 -21.38 27.49
N ASN B 42 6.52 -20.90 26.79
CA ASN B 42 6.37 -19.75 25.91
C ASN B 42 6.00 -20.27 24.53
N LEU B 43 4.85 -19.84 24.03
CA LEU B 43 4.34 -20.30 22.74
C LEU B 43 4.10 -19.08 21.84
N SER B 44 5.02 -18.80 20.92
CA SER B 44 6.30 -19.51 20.75
C SER B 44 7.24 -18.65 19.93
N GLY B 45 8.53 -19.02 19.92
CA GLY B 45 9.49 -18.37 19.04
C GLY B 45 9.21 -18.59 17.56
N SER B 46 8.34 -19.56 17.22
CA SER B 46 7.94 -19.76 15.84
C SER B 46 7.36 -18.48 15.25
N ALA B 47 6.57 -17.75 16.03
CA ALA B 47 5.88 -16.56 15.57
C ALA B 47 6.80 -15.35 15.41
N LYS B 48 8.08 -15.47 15.74
CA LYS B 48 8.96 -14.31 15.69
C LYS B 48 9.33 -13.91 14.27
N HIS B 49 9.22 -14.82 13.31
CA HIS B 49 9.58 -14.57 11.93
C HIS B 49 8.49 -15.15 11.03
N PRO B 50 8.35 -14.61 9.80
CA PRO B 50 7.30 -15.12 8.90
C PRO B 50 7.57 -16.52 8.39
N ASN B 51 6.60 -17.08 7.66
CA ASN B 51 6.77 -18.39 7.07
C ASN B 51 7.90 -18.37 6.05
N ASN B 52 8.77 -19.37 6.12
CA ASN B 52 9.86 -19.58 5.17
C ASN B 52 10.85 -18.40 5.12
N GLN B 53 10.95 -17.63 6.20
CA GLN B 53 11.97 -16.59 6.32
C GLN B 53 12.65 -16.71 7.68
N PRO B 54 13.41 -17.78 7.91
CA PRO B 54 14.14 -17.92 9.17
C PRO B 54 15.30 -16.95 9.23
N SER B 55 15.96 -16.93 10.40
CA SER B 55 16.97 -15.92 10.68
C SER B 55 18.17 -16.04 9.76
N HIS B 56 18.50 -17.26 9.31
CA HIS B 56 19.74 -17.51 8.60
C HIS B 56 19.63 -17.33 7.09
N ILE B 57 18.44 -17.06 6.57
CA ILE B 57 18.22 -16.95 5.13
C ILE B 57 18.08 -15.47 4.77
N ARG B 58 18.71 -15.09 3.64
CA ARG B 58 18.66 -13.71 3.18
C ARG B 58 17.80 -13.50 1.94
N GLU B 59 17.60 -14.53 1.12
CA GLU B 59 16.79 -14.38 -0.08
C GLU B 59 15.33 -14.18 0.31
N GLY B 60 14.76 -13.05 -0.11
CA GLY B 60 13.40 -12.71 0.25
C GLY B 60 13.26 -11.99 1.58
N PHE B 61 14.33 -11.88 2.36
CA PHE B 61 14.24 -11.23 3.66
C PHE B 61 13.85 -9.76 3.51
N TRP B 62 14.65 -9.01 2.76
CA TRP B 62 14.38 -7.58 2.60
C TRP B 62 13.24 -7.33 1.63
N GLU B 63 13.00 -8.23 0.68
CA GLU B 63 12.03 -7.97 -0.39
C GLU B 63 10.60 -7.95 0.15
N THR B 64 10.20 -8.99 0.88
CA THR B 64 8.81 -9.08 1.33
C THR B 64 8.46 -7.96 2.29
N ALA B 65 9.40 -7.54 3.13
CA ALA B 65 9.13 -6.47 4.08
C ALA B 65 8.91 -5.15 3.35
N GLU B 66 9.66 -4.89 2.27
CA GLU B 66 9.48 -3.64 1.53
C GLU B 66 8.11 -3.58 0.88
N ALA B 67 7.60 -4.72 0.41
CA ALA B 67 6.28 -4.78 -0.20
C ALA B 67 5.15 -4.80 0.82
N GLY B 68 5.46 -4.64 2.11
CA GLY B 68 4.45 -4.63 3.14
C GLY B 68 3.92 -5.99 3.55
N LYS B 69 4.54 -7.07 3.11
CA LYS B 69 4.01 -8.41 3.36
C LYS B 69 4.50 -8.94 4.71
N GLY B 70 3.82 -9.98 5.18
CA GLY B 70 4.15 -10.58 6.46
C GLY B 70 3.34 -11.83 6.77
N ASP B 71 3.73 -12.95 6.16
CA ASP B 71 3.01 -14.22 6.28
C ASP B 71 3.41 -14.90 7.58
N PHE B 72 2.63 -14.64 8.65
CA PHE B 72 2.85 -15.26 9.95
C PHE B 72 1.82 -16.35 10.25
N ILE B 73 0.93 -16.66 9.30
CA ILE B 73 -0.14 -17.61 9.56
C ILE B 73 0.45 -19.00 9.86
N ASN B 74 -0.27 -19.76 10.68
CA ASN B 74 0.12 -21.11 11.10
C ASN B 74 1.41 -21.09 11.91
N LYS B 75 1.66 -19.97 12.58
CA LYS B 75 2.73 -19.83 13.57
C LYS B 75 2.10 -19.10 14.76
N PRO B 76 2.14 -19.68 15.97
CA PRO B 76 2.88 -20.86 16.43
C PRO B 76 2.37 -22.22 15.93
N LEU B 77 1.05 -22.38 15.82
CA LEU B 77 0.46 -23.69 15.55
C LEU B 77 -0.25 -23.69 14.20
N ASN B 78 -0.11 -24.78 13.47
CA ASN B 78 -0.79 -24.97 12.20
C ASN B 78 -2.19 -25.51 12.45
N LEU B 79 -3.19 -24.87 11.86
CA LEU B 79 -4.59 -25.20 12.07
C LEU B 79 -5.15 -26.16 11.03
N ASP B 80 -4.30 -26.69 10.14
CA ASP B 80 -4.77 -27.44 8.99
C ASP B 80 -4.36 -28.91 8.98
N ASP B 81 -3.17 -29.23 9.45
CA ASP B 81 -2.68 -30.61 9.43
C ASP B 81 -2.95 -31.36 10.73
N GLY B 82 -3.70 -30.77 11.65
CA GLY B 82 -4.01 -31.44 12.90
C GLY B 82 -2.87 -31.51 13.89
N SER B 83 -1.75 -30.84 13.61
CA SER B 83 -0.60 -30.88 14.52
C SER B 83 -0.85 -30.06 15.77
N ALA B 84 -1.73 -29.06 15.70
CA ALA B 84 -1.93 -28.16 16.82
C ALA B 84 -2.52 -28.89 18.02
N ASP B 85 -3.42 -29.85 17.78
CA ASP B 85 -4.09 -30.51 18.90
C ASP B 85 -3.15 -31.42 19.66
N LEU B 86 -2.17 -32.03 18.99
CA LEU B 86 -1.22 -32.87 19.70
C LEU B 86 -0.11 -32.05 20.36
N HIS B 87 0.27 -30.91 19.76
CA HIS B 87 1.21 -30.02 20.44
C HIS B 87 0.62 -29.51 21.75
N LEU B 88 -0.67 -29.18 21.75
CA LEU B 88 -1.33 -28.74 22.98
C LEU B 88 -1.64 -29.90 23.91
N ALA B 89 -1.88 -31.10 23.35
CA ALA B 89 -2.02 -32.29 24.19
C ALA B 89 -0.72 -32.62 24.89
N ARG B 90 0.39 -32.58 24.16
CA ARG B 90 1.70 -32.81 24.75
C ARG B 90 1.95 -31.90 25.94
N LEU B 91 1.66 -30.60 25.77
CA LEU B 91 1.88 -29.64 26.85
C LEU B 91 0.93 -29.90 28.01
N LYS B 92 -0.36 -30.13 27.72
CA LYS B 92 -1.30 -30.44 28.77
C LYS B 92 -0.93 -31.74 29.49
N ALA B 93 -0.36 -32.70 28.77
CA ALA B 93 0.05 -33.95 29.38
C ALA B 93 1.31 -33.82 30.22
N TRP B 94 2.14 -32.81 29.95
CA TRP B 94 3.28 -32.51 30.80
C TRP B 94 2.88 -31.76 32.07
N GLY B 95 1.59 -31.56 32.31
CA GLY B 95 1.12 -30.89 33.49
C GLY B 95 1.09 -29.37 33.42
N TYR B 96 1.39 -28.79 32.27
CA TYR B 96 1.39 -27.33 32.15
C TYR B 96 -0.04 -26.81 32.07
N ASN B 97 -0.24 -25.61 32.60
CA ASN B 97 -1.54 -24.94 32.57
C ASN B 97 -1.41 -23.47 32.16
N LEU B 98 -0.27 -23.09 31.58
CA LEU B 98 -0.01 -21.70 31.24
C LEU B 98 0.66 -21.62 29.89
N LEU B 99 0.30 -20.59 29.12
CA LEU B 99 0.96 -20.28 27.86
C LEU B 99 1.24 -18.78 27.81
N ARG B 100 2.45 -18.41 27.42
CA ARG B 100 2.81 -17.02 27.15
C ARG B 100 2.79 -16.85 25.63
N TYR B 101 1.68 -16.33 25.11
CA TYR B 101 1.50 -16.27 23.66
C TYR B 101 2.37 -15.16 23.07
N VAL B 102 3.09 -15.50 22.00
CA VAL B 102 4.10 -14.62 21.41
C VAL B 102 3.57 -14.06 20.09
N PHE B 103 3.42 -12.74 20.03
CA PHE B 103 3.09 -12.04 18.79
C PHE B 103 3.95 -10.79 18.68
N THR B 104 4.16 -10.34 17.45
CA THR B 104 5.05 -9.23 17.18
C THR B 104 4.30 -8.04 16.60
N TRP B 105 4.85 -6.85 16.85
CA TRP B 105 4.34 -5.63 16.22
C TRP B 105 4.34 -5.76 14.70
N GLU B 106 5.37 -6.42 14.14
CA GLU B 106 5.46 -6.55 12.69
C GLU B 106 4.31 -7.39 12.13
N SER B 107 3.97 -8.49 12.79
CA SER B 107 2.91 -9.36 12.30
C SER B 107 1.55 -8.68 12.30
N LEU B 108 1.41 -7.57 13.01
CA LEU B 108 0.14 -6.87 13.08
C LEU B 108 0.04 -5.68 12.15
N GLU B 109 1.16 -5.02 11.84
CA GLU B 109 1.15 -3.73 11.15
C GLU B 109 2.25 -3.68 10.09
N HIS B 110 2.39 -4.76 9.31
CA HIS B 110 3.45 -4.81 8.32
C HIS B 110 3.10 -4.12 7.00
N ALA B 111 1.81 -3.99 6.68
CA ALA B 111 1.44 -3.32 5.44
C ALA B 111 1.77 -1.84 5.47
N GLY B 112 1.71 -1.22 6.64
CA GLY B 112 1.98 0.19 6.77
C GLY B 112 1.37 0.74 8.03
N PRO B 113 1.59 2.03 8.31
CA PRO B 113 1.02 2.64 9.52
C PRO B 113 -0.50 2.54 9.53
N LYS B 114 -1.02 1.94 10.60
CA LYS B 114 -2.46 1.75 10.80
C LYS B 114 -3.10 0.91 9.69
N GLU B 115 -2.31 0.04 9.05
CA GLU B 115 -2.83 -0.93 8.08
C GLU B 115 -2.65 -2.31 8.70
N TYR B 116 -3.59 -2.67 9.57
CA TYR B 116 -3.43 -3.85 10.41
C TYR B 116 -3.80 -5.14 9.69
N ASP B 117 -3.08 -6.21 10.02
CA ASP B 117 -3.31 -7.54 9.46
C ASP B 117 -4.37 -8.22 10.31
N TYR B 118 -5.64 -8.03 9.95
CA TYR B 118 -6.73 -8.62 10.70
C TYR B 118 -6.85 -10.11 10.47
N ALA B 119 -6.45 -10.58 9.28
CA ALA B 119 -6.48 -12.02 9.02
C ALA B 119 -5.61 -12.78 10.01
N TYR B 120 -4.46 -12.21 10.38
CA TYR B 120 -3.61 -12.84 11.39
C TYR B 120 -4.26 -12.76 12.77
N MET B 121 -4.87 -11.61 13.11
CA MET B 121 -5.58 -11.50 14.38
C MET B 121 -6.68 -12.55 14.50
N ASP B 122 -7.38 -12.82 13.40
CA ASP B 122 -8.39 -13.87 13.42
C ASP B 122 -7.74 -15.25 13.61
N TYR B 123 -6.56 -15.45 13.03
CA TYR B 123 -5.80 -16.66 13.31
C TYR B 123 -5.42 -16.74 14.78
N ILE B 124 -4.87 -15.64 15.32
CA ILE B 124 -4.52 -15.60 16.74
C ILE B 124 -5.72 -15.96 17.60
N ILE B 125 -6.88 -15.37 17.28
CA ILE B 125 -8.10 -15.71 17.99
C ILE B 125 -8.43 -17.19 17.85
N ALA B 126 -8.19 -17.75 16.65
CA ALA B 126 -8.48 -19.15 16.43
C ALA B 126 -7.55 -20.05 17.25
N VAL B 127 -6.27 -19.68 17.35
CA VAL B 127 -5.35 -20.50 18.15
C VAL B 127 -5.75 -20.46 19.62
N LEU B 128 -5.99 -19.26 20.15
CA LEU B 128 -6.35 -19.14 21.57
C LEU B 128 -7.62 -19.92 21.89
N ARG B 129 -8.54 -20.03 20.92
CA ARG B 129 -9.71 -20.87 21.12
C ARG B 129 -9.33 -22.32 21.39
N LYS B 130 -8.35 -22.84 20.63
CA LYS B 130 -7.82 -24.17 20.92
C LYS B 130 -7.14 -24.20 22.28
N CYS B 131 -6.51 -23.08 22.68
CA CYS B 131 -5.90 -23.03 24.00
C CYS B 131 -6.95 -23.14 25.10
N LYS B 132 -8.06 -22.40 24.95
CA LYS B 132 -9.13 -22.45 25.94
C LYS B 132 -9.77 -23.84 25.98
N GLU B 133 -9.92 -24.48 24.82
CA GLU B 133 -10.52 -25.81 24.80
C GLU B 133 -9.64 -26.83 25.50
N TRP B 134 -8.33 -26.60 25.53
CA TRP B 134 -7.40 -27.49 26.23
C TRP B 134 -7.13 -27.05 27.66
N GLY B 135 -7.83 -26.02 28.15
CA GLY B 135 -7.75 -25.65 29.54
C GLY B 135 -6.54 -24.83 29.92
N PHE B 136 -6.01 -24.05 29.00
CA PHE B 136 -4.80 -23.26 29.23
C PHE B 136 -5.18 -21.83 29.63
N ARG B 137 -4.48 -21.31 30.64
CA ARG B 137 -4.49 -19.87 30.89
C ARG B 137 -3.42 -19.23 30.01
N VAL B 138 -3.69 -18.00 29.59
CA VAL B 138 -2.85 -17.33 28.60
C VAL B 138 -2.68 -15.88 29.02
N PHE B 139 -1.47 -15.36 28.89
CA PHE B 139 -1.25 -13.91 28.92
C PHE B 139 -0.39 -13.53 27.74
N MET B 140 -0.80 -12.49 27.03
CA MET B 140 -0.19 -12.12 25.76
C MET B 140 1.15 -11.46 25.98
N ASP B 141 2.07 -11.72 25.05
CA ASP B 141 3.38 -11.10 25.08
C ASP B 141 3.61 -10.33 23.78
N PRO B 142 3.60 -9.01 23.79
CA PRO B 142 4.04 -8.25 22.61
C PRO B 142 5.55 -8.33 22.47
N HIS B 143 6.02 -9.28 21.67
CA HIS B 143 7.42 -9.68 21.69
C HIS B 143 8.26 -8.83 20.73
N GLN B 144 9.46 -8.50 21.18
CA GLN B 144 10.47 -7.90 20.32
C GLN B 144 11.84 -8.39 20.77
N ASP B 145 12.81 -8.28 19.86
CA ASP B 145 14.20 -8.57 20.17
C ASP B 145 15.06 -7.61 19.37
N VAL B 146 15.94 -6.89 20.07
CA VAL B 146 16.71 -5.77 19.53
C VAL B 146 15.91 -5.03 18.48
N TRP B 147 14.71 -4.57 18.87
CA TRP B 147 13.78 -3.74 18.12
C TRP B 147 13.03 -4.46 17.00
N SER B 148 13.73 -5.12 16.09
CA SER B 148 13.05 -5.72 14.94
C SER B 148 13.93 -6.81 14.33
N ARG B 149 13.30 -7.59 13.45
CA ARG B 149 14.06 -8.55 12.65
C ARG B 149 15.11 -7.86 11.81
N PHE B 150 14.86 -6.62 11.40
CA PHE B 150 15.75 -5.86 10.54
C PHE B 150 16.81 -5.11 11.34
N THR B 151 16.73 -5.15 12.67
CA THR B 151 17.81 -4.71 13.53
C THR B 151 18.48 -5.86 14.27
N GLY B 152 18.21 -7.11 13.86
CA GLY B 152 18.91 -8.26 14.36
C GLY B 152 18.09 -9.25 15.16
N GLY B 153 16.80 -9.00 15.37
CA GLY B 153 16.01 -9.89 16.21
C GLY B 153 14.59 -10.12 15.77
N SER B 154 13.65 -9.46 16.44
CA SER B 154 12.23 -9.55 16.09
C SER B 154 11.53 -8.31 16.65
N GLY B 155 10.29 -8.10 16.22
CA GLY B 155 9.51 -7.02 16.76
C GLY B 155 8.89 -6.10 15.73
N ALA B 156 9.50 -4.93 15.53
CA ALA B 156 8.87 -3.86 14.78
C ALA B 156 8.85 -4.15 13.29
N PRO B 157 7.85 -3.62 12.57
CA PRO B 157 7.84 -3.74 11.12
C PRO B 157 8.88 -2.83 10.49
N LEU B 158 9.21 -3.14 9.23
CA LEU B 158 10.36 -2.50 8.58
C LEU B 158 10.22 -0.99 8.53
N TRP B 159 9.01 -0.48 8.30
CA TRP B 159 8.83 0.96 8.15
C TRP B 159 9.16 1.73 9.42
N THR B 160 9.27 1.06 10.58
CA THR B 160 9.74 1.75 11.77
C THR B 160 11.18 2.23 11.59
N LEU B 161 11.98 1.51 10.80
CA LEU B 161 13.34 1.95 10.54
C LEU B 161 13.35 3.20 9.68
N TYR B 162 12.56 3.20 8.60
CA TYR B 162 12.48 4.37 7.73
C TYR B 162 11.90 5.57 8.46
N ALA B 163 11.05 5.33 9.46
CA ALA B 163 10.44 6.43 10.20
C ALA B 163 11.47 7.25 10.96
N CYS B 164 12.63 6.68 11.27
CA CYS B 164 13.69 7.36 12.01
C CYS B 164 14.88 7.74 11.12
N GLY B 165 14.69 7.81 9.81
CA GLY B 165 15.75 8.23 8.91
C GLY B 165 16.93 7.29 8.89
N ILE B 166 16.69 5.99 8.96
CA ILE B 166 17.74 4.98 8.92
C ILE B 166 17.58 4.18 7.65
N ASP B 167 18.66 4.07 6.87
CA ASP B 167 18.66 3.21 5.70
C ASP B 167 18.95 1.78 6.13
N PRO B 168 18.02 0.85 5.94
CA PRO B 168 18.26 -0.53 6.42
C PRO B 168 19.38 -1.23 5.70
N TYR B 169 19.64 -0.91 4.43
CA TYR B 169 20.65 -1.62 3.66
C TYR B 169 22.06 -1.16 3.99
N HIS B 170 22.22 -0.11 4.80
CA HIS B 170 23.52 0.38 5.23
C HIS B 170 23.81 0.03 6.69
N LEU B 171 23.16 -1.01 7.23
CA LEU B 171 23.38 -1.39 8.62
C LEU B 171 24.66 -2.19 8.77
N THR B 172 24.82 -3.25 7.97
CA THR B 172 25.95 -4.16 8.12
C THR B 172 27.28 -3.43 7.93
N ALA B 173 27.38 -2.63 6.86
CA ALA B 173 28.62 -1.91 6.59
C ALA B 173 28.96 -0.94 7.71
N THR B 174 27.96 -0.21 8.20
CA THR B 174 28.19 0.71 9.31
C THR B 174 28.47 -0.01 10.62
N ALA B 175 28.15 -1.30 10.70
CA ALA B 175 28.11 -2.04 11.96
C ALA B 175 27.13 -1.42 12.95
N ALA B 176 26.13 -0.70 12.43
CA ALA B 176 25.05 -0.20 13.28
C ALA B 176 24.17 -1.33 13.79
N ALA B 177 24.20 -2.49 13.15
CA ALA B 177 23.52 -3.68 13.64
C ALA B 177 24.10 -4.89 12.94
N TYR B 178 24.22 -5.99 13.68
CA TYR B 178 24.69 -7.26 13.14
C TYR B 178 23.48 -8.15 12.88
N LEU B 179 23.27 -8.49 11.61
CA LEU B 179 22.15 -9.34 11.21
C LEU B 179 22.64 -10.74 10.91
N HIS B 180 21.82 -11.73 11.28
CA HIS B 180 22.21 -13.13 11.09
C HIS B 180 22.43 -13.44 9.63
N CYS B 181 21.43 -13.13 8.78
CA CYS B 181 21.51 -13.45 7.36
C CYS B 181 22.61 -12.69 6.64
N GLU B 182 23.20 -11.68 7.26
CA GLU B 182 24.25 -10.90 6.62
C GLU B 182 25.54 -10.94 7.43
N TRP B 183 25.93 -12.13 7.87
CA TRP B 183 27.15 -12.31 8.64
C TRP B 183 28.11 -13.21 7.89
N PRO B 184 29.40 -12.82 7.76
CA PRO B 184 29.99 -11.60 8.30
C PRO B 184 29.73 -10.38 7.42
N SER B 185 29.41 -10.62 6.16
CA SER B 185 29.10 -9.57 5.20
C SER B 185 27.84 -9.95 4.44
N ALA B 186 27.20 -8.94 3.86
CA ALA B 186 26.11 -9.23 2.93
C ALA B 186 26.62 -9.78 1.61
N GLU B 187 27.91 -9.60 1.32
CA GLU B 187 28.48 -10.07 0.07
C GLU B 187 28.63 -11.58 0.05
N SER B 188 29.26 -12.15 1.09
CA SER B 188 29.46 -13.59 1.21
C SER B 188 29.05 -14.02 2.61
N PRO B 189 27.75 -14.14 2.88
CA PRO B 189 27.30 -14.54 4.21
C PRO B 189 27.38 -16.04 4.41
N LYS B 190 27.82 -16.44 5.60
CA LYS B 190 27.80 -17.82 6.04
C LYS B 190 27.19 -17.83 7.44
N PRO B 191 25.86 -17.87 7.54
CA PRO B 191 25.20 -17.63 8.84
C PRO B 191 25.40 -18.72 9.87
N GLN B 192 25.87 -19.91 9.51
CA GLN B 192 26.12 -20.91 10.55
C GLN B 192 27.41 -20.63 11.32
N ASP B 193 28.25 -19.71 10.85
CA ASP B 193 29.38 -19.20 11.60
C ASP B 193 29.00 -18.03 12.51
N PHE B 194 27.71 -17.75 12.66
CA PHE B 194 27.24 -16.71 13.56
C PHE B 194 27.69 -17.00 14.98
N PRO B 195 28.39 -16.07 15.64
CA PRO B 195 28.84 -16.32 17.01
C PRO B 195 27.67 -16.56 17.94
N ALA B 196 27.96 -17.20 19.07
CA ALA B 196 26.93 -17.59 20.02
C ALA B 196 26.39 -16.36 20.74
N MET B 197 25.07 -16.17 20.67
CA MET B 197 24.37 -15.11 21.39
C MET B 197 24.93 -13.72 21.08
N ILE B 198 25.55 -13.56 19.91
CA ILE B 198 26.08 -12.27 19.51
C ILE B 198 24.95 -11.29 19.22
N TRP B 199 23.78 -11.79 18.84
CA TRP B 199 22.66 -10.92 18.49
C TRP B 199 22.30 -9.98 19.63
N GLY B 200 22.46 -10.44 20.87
CA GLY B 200 22.08 -9.62 22.01
C GLY B 200 22.85 -8.31 22.09
N THR B 201 24.07 -8.28 21.55
CA THR B 201 24.86 -7.05 21.58
C THR B 201 24.33 -5.97 20.65
N ASN B 202 23.31 -6.28 19.83
CA ASN B 202 22.74 -5.26 18.95
C ASN B 202 22.13 -4.11 19.73
N TYR B 203 21.74 -4.34 20.99
CA TYR B 203 21.24 -3.24 21.82
C TYR B 203 22.29 -2.15 21.99
N THR B 204 23.57 -2.51 21.87
CA THR B 204 24.67 -1.59 22.14
C THR B 204 25.28 -0.99 20.88
N HIS B 205 24.75 -1.31 19.70
CA HIS B 205 25.21 -0.69 18.46
C HIS B 205 24.27 0.45 18.07
N LEU B 206 24.71 1.22 17.07
CA LEU B 206 24.12 2.53 16.81
C LEU B 206 22.62 2.44 16.52
N ALA B 207 22.21 1.45 15.72
CA ALA B 207 20.81 1.38 15.29
C ALA B 207 19.86 1.27 16.48
N ASN B 208 20.02 0.23 17.29
CA ASN B 208 19.19 0.11 18.49
C ASN B 208 19.43 1.26 19.45
N GLN B 209 20.68 1.76 19.53
CA GLN B 209 20.97 2.88 20.39
C GLN B 209 20.14 4.09 20.01
N THR B 210 20.02 4.36 18.70
CA THR B 210 19.26 5.51 18.24
C THR B 210 17.75 5.25 18.33
N ILE B 211 17.30 4.09 17.84
CA ILE B 211 15.86 3.84 17.75
C ILE B 211 15.23 3.78 19.13
N TRP B 212 15.89 3.10 20.09
CA TRP B 212 15.32 3.01 21.43
C TRP B 212 15.34 4.36 22.14
N THR B 213 16.34 5.20 21.87
CA THR B 213 16.32 6.55 22.40
C THR B 213 15.14 7.33 21.85
N PHE B 214 14.85 7.15 20.56
CA PHE B 214 13.65 7.75 19.98
C PHE B 214 12.39 7.23 20.68
N PHE B 215 12.30 5.92 20.87
CA PHE B 215 11.05 5.31 21.31
C PHE B 215 10.64 5.78 22.71
N PHE B 216 11.61 5.90 23.62
CA PHE B 216 11.29 6.23 25.01
C PHE B 216 11.55 7.69 25.36
N ALA B 217 12.51 8.34 24.71
CA ALA B 217 12.90 9.70 25.09
C ALA B 217 13.11 10.60 23.88
N GLY B 218 12.35 10.38 22.81
CA GLY B 218 12.51 11.21 21.62
C GLY B 218 12.21 12.67 21.89
N LYS B 219 11.19 12.94 22.71
CA LYS B 219 10.85 14.31 23.04
C LYS B 219 11.92 15.01 23.86
N THR B 220 12.76 14.26 24.57
CA THR B 220 13.76 14.83 25.47
C THR B 220 15.11 15.05 24.79
N TYR B 221 15.57 14.08 23.98
CA TYR B 221 16.90 14.13 23.41
C TYR B 221 16.94 14.28 21.90
N ALA B 222 15.78 14.20 21.23
CA ALA B 222 15.72 14.42 19.78
C ALA B 222 14.48 15.26 19.45
N PRO B 223 14.38 16.47 19.98
CA PRO B 223 13.17 17.27 19.76
C PRO B 223 13.00 17.74 18.33
N LYS B 224 14.08 17.84 17.56
CA LYS B 224 14.01 18.28 16.17
C LYS B 224 13.51 17.19 15.23
N CYS B 225 13.18 16.01 15.73
CA CYS B 225 12.75 14.90 14.89
C CYS B 225 11.23 14.79 14.94
N ILE B 226 10.57 15.63 14.17
CA ILE B 226 9.12 15.69 14.11
C ILE B 226 8.64 14.88 12.92
N ILE B 227 7.60 14.08 13.12
CA ILE B 227 7.02 13.26 12.05
C ILE B 227 5.51 13.24 12.24
N ASP B 228 4.77 13.62 11.19
CA ASP B 228 3.32 13.77 11.24
C ASP B 228 2.89 14.68 12.39
N GLY B 229 3.59 15.80 12.51
CA GLY B 229 3.23 16.82 13.48
C GLY B 229 3.56 16.50 14.92
N LYS B 230 4.03 15.29 15.22
CA LYS B 230 4.41 14.93 16.58
C LYS B 230 5.85 14.41 16.59
N ASN B 231 6.43 14.37 17.78
CA ASN B 231 7.79 13.86 17.94
C ASN B 231 7.85 12.38 17.61
N ILE B 232 9.03 11.94 17.17
CA ILE B 232 9.22 10.54 16.79
C ILE B 232 8.88 9.61 17.94
N GLN B 233 9.08 10.07 19.18
CA GLN B 233 8.70 9.27 20.33
C GLN B 233 7.22 8.92 20.29
N ASP B 234 6.37 9.94 20.24
CA ASP B 234 4.92 9.70 20.21
C ASP B 234 4.52 8.91 18.98
N PHE B 235 5.15 9.19 17.83
CA PHE B 235 4.86 8.44 16.61
C PHE B 235 5.09 6.96 16.81
N LEU B 236 6.26 6.60 17.34
CA LEU B 236 6.59 5.18 17.49
C LEU B 236 5.77 4.55 18.61
N GLN B 237 5.59 5.25 19.73
CA GLN B 237 4.85 4.68 20.85
C GLN B 237 3.38 4.50 20.50
N ASP B 238 2.76 5.52 19.89
CA ASP B 238 1.33 5.44 19.58
C ASP B 238 1.04 4.28 18.64
N HIS B 239 1.83 4.16 17.57
CA HIS B 239 1.58 3.10 16.59
C HIS B 239 1.73 1.72 17.21
N PHE B 240 2.69 1.56 18.13
CA PHE B 240 2.86 0.27 18.78
C PHE B 240 1.73 -0.03 19.74
N ILE B 241 1.34 0.97 20.55
CA ILE B 241 0.25 0.75 21.50
C ILE B 241 -1.06 0.52 20.78
N ASP B 242 -1.34 1.30 19.73
CA ASP B 242 -2.55 1.09 18.94
C ASP B 242 -2.56 -0.29 18.28
N ALA B 243 -1.38 -0.79 17.89
CA ALA B 243 -1.32 -2.11 17.27
C ALA B 243 -1.62 -3.21 18.29
N VAL B 244 -1.06 -3.12 19.49
CA VAL B 244 -1.42 -4.07 20.54
C VAL B 244 -2.88 -3.87 20.93
N GLY B 245 -3.34 -2.62 20.99
CA GLY B 245 -4.73 -2.37 21.33
C GLY B 245 -5.72 -2.88 20.30
N GLU B 246 -5.34 -2.84 19.02
CA GLU B 246 -6.24 -3.34 17.98
C GLU B 246 -6.48 -4.83 18.13
N LEU B 247 -5.42 -5.60 18.40
CA LEU B 247 -5.59 -7.03 18.67
C LEU B 247 -6.45 -7.24 19.92
N ALA B 248 -6.17 -6.49 20.98
CA ALA B 248 -6.99 -6.59 22.19
C ALA B 248 -8.44 -6.22 21.89
N LYS B 249 -8.66 -5.15 21.12
CA LYS B 249 -10.02 -4.80 20.71
C LYS B 249 -10.62 -5.90 19.83
N ARG B 250 -9.78 -6.52 18.99
CA ARG B 250 -10.28 -7.58 18.11
C ARG B 250 -10.71 -8.81 18.89
N ILE B 251 -10.07 -9.09 20.03
CA ILE B 251 -10.48 -10.24 20.81
C ILE B 251 -11.70 -9.89 21.66
N ALA B 252 -11.76 -8.67 22.20
CA ALA B 252 -12.88 -8.29 23.05
C ALA B 252 -14.19 -8.24 22.27
N GLU B 253 -14.15 -7.90 20.98
CA GLU B 253 -15.38 -7.75 20.22
C GLU B 253 -15.76 -9.00 19.44
N GLU B 254 -14.78 -9.79 18.99
CA GLU B 254 -15.08 -10.97 18.18
C GLU B 254 -15.07 -12.26 18.98
N ALA B 255 -14.37 -12.32 20.09
CA ALA B 255 -14.24 -13.55 20.86
C ALA B 255 -14.02 -13.24 22.33
N GLY B 256 -14.86 -12.35 22.87
CA GLY B 256 -14.72 -11.92 24.25
C GLY B 256 -14.80 -13.05 25.26
N ASP B 257 -15.29 -14.22 24.86
CA ASP B 257 -15.31 -15.36 25.76
C ASP B 257 -13.90 -15.81 26.15
N LEU B 258 -12.89 -15.43 25.36
CA LEU B 258 -11.51 -15.77 25.69
C LEU B 258 -11.03 -15.00 26.91
N LEU B 259 -11.48 -13.75 27.05
CA LEU B 259 -10.96 -12.87 28.09
C LEU B 259 -11.28 -13.43 29.48
N ASP B 260 -10.30 -13.33 30.37
CA ASP B 260 -10.42 -13.70 31.78
C ASP B 260 -10.59 -15.20 31.99
N GLU B 261 -11.39 -15.86 31.16
CA GLU B 261 -11.48 -17.31 31.25
C GLU B 261 -10.21 -17.99 30.73
N CYS B 262 -9.56 -17.39 29.72
CA CYS B 262 -8.35 -17.97 29.17
C CYS B 262 -7.25 -16.92 29.04
N VAL B 263 -7.56 -15.79 28.40
CA VAL B 263 -6.63 -14.67 28.30
C VAL B 263 -6.78 -13.86 29.59
N ILE B 264 -5.91 -14.13 30.57
CA ILE B 264 -6.05 -13.54 31.89
C ILE B 264 -5.42 -12.16 31.99
N GLY B 265 -4.51 -11.80 31.09
CA GLY B 265 -3.90 -10.49 31.15
C GLY B 265 -2.95 -10.30 29.99
N TRP B 266 -2.31 -9.14 29.97
CA TRP B 266 -1.35 -8.79 28.93
C TRP B 266 -0.01 -8.44 29.56
N ASP B 267 1.06 -8.72 28.84
CA ASP B 267 2.41 -8.41 29.29
C ASP B 267 2.88 -7.10 28.68
N SER B 268 3.85 -6.47 29.36
CA SER B 268 4.50 -5.28 28.83
C SER B 268 5.35 -5.63 27.61
N ILE B 269 5.85 -4.60 26.95
CA ILE B 269 6.71 -4.82 25.79
C ILE B 269 7.93 -5.61 26.21
N ASN B 270 8.26 -6.64 25.43
CA ASN B 270 9.25 -7.62 25.86
C ASN B 270 10.65 -7.02 25.85
N GLU B 271 11.33 -7.13 27.00
CA GLU B 271 12.74 -6.81 27.18
C GLU B 271 13.12 -5.49 26.48
N PRO B 272 12.56 -4.37 26.90
CA PRO B 272 12.76 -3.12 26.16
C PRO B 272 14.20 -2.64 26.21
N GLY B 273 14.66 -2.08 25.09
CA GLY B 273 16.01 -1.55 25.02
C GLY B 273 16.08 -0.14 25.59
N GLU B 274 17.17 0.13 26.30
CA GLU B 274 17.36 1.44 26.91
C GLU B 274 18.03 2.44 25.98
N GLY B 275 18.53 1.99 24.84
CA GLY B 275 19.15 2.92 23.90
C GLY B 275 20.38 3.57 24.51
N LEU B 276 20.46 4.89 24.38
CA LEU B 276 21.54 5.67 24.98
C LEU B 276 21.09 6.39 26.24
N ILE B 277 19.85 6.18 26.69
CA ILE B 277 19.36 6.89 27.87
C ILE B 277 20.20 6.52 29.08
N GLY B 278 20.50 7.51 29.91
CA GLY B 278 21.28 7.27 31.11
C GLY B 278 22.76 7.05 30.89
N CYS B 279 23.24 7.21 29.66
CA CYS B 279 24.66 7.05 29.40
C CYS B 279 25.43 8.22 30.00
N LYS B 280 26.33 7.92 30.94
CA LYS B 280 27.08 8.97 31.62
C LYS B 280 28.23 9.52 30.77
N ASP B 281 28.75 8.70 29.85
CA ASP B 281 29.87 9.10 29.02
C ASP B 281 29.75 8.39 27.69
N LEU B 282 29.58 9.15 26.60
CA LEU B 282 29.41 8.57 25.28
C LEU B 282 30.72 8.10 24.66
N ALA B 283 31.85 8.30 25.33
CA ALA B 283 33.15 7.92 24.78
C ALA B 283 33.64 6.57 25.29
N VAL B 284 33.05 6.03 26.34
CA VAL B 284 33.47 4.75 26.90
C VAL B 284 32.28 3.81 27.01
N ILE B 285 32.59 2.53 27.14
CA ILE B 285 31.62 1.49 27.47
C ILE B 285 31.70 1.25 28.97
N PRO B 286 30.64 1.54 29.74
CA PRO B 286 30.75 1.43 31.20
C PRO B 286 30.94 0.00 31.64
N ALA B 287 31.70 -0.16 32.73
CA ALA B 287 31.96 -1.49 33.28
C ALA B 287 30.68 -2.16 33.77
N GLU B 288 29.65 -1.38 34.09
CA GLU B 288 28.39 -1.94 34.57
C GLU B 288 27.54 -2.52 33.45
N GLN B 289 27.94 -2.37 32.19
CA GLN B 289 27.30 -3.06 31.08
C GLN B 289 27.95 -4.43 30.93
N GLN B 290 27.22 -5.48 31.27
CA GLN B 290 27.88 -6.76 31.42
C GLN B 290 27.79 -7.67 30.20
N LEU B 291 27.04 -7.29 29.17
CA LEU B 291 27.02 -8.05 27.92
C LEU B 291 27.90 -7.35 26.89
N LYS B 292 28.98 -8.00 26.50
CA LYS B 292 29.86 -7.52 25.45
C LYS B 292 30.47 -8.73 24.75
N LYS B 293 30.52 -8.67 23.42
CA LYS B 293 31.10 -9.76 22.64
C LYS B 293 31.33 -9.28 21.23
N GLY B 294 32.47 -9.64 20.66
CA GLY B 294 32.83 -9.24 19.33
C GLY B 294 33.13 -7.75 19.24
N PRO B 295 33.19 -7.22 18.01
CA PRO B 295 33.45 -5.79 17.84
C PRO B 295 32.46 -4.92 18.58
N SER B 296 32.92 -4.20 19.60
CA SER B 296 32.07 -3.45 20.51
C SER B 296 32.43 -1.97 20.42
N PRO B 297 31.91 -1.26 19.43
CA PRO B 297 32.21 0.17 19.31
C PRO B 297 31.48 0.97 20.38
N THR B 298 32.15 1.98 20.91
CA THR B 298 31.55 2.87 21.89
C THR B 298 30.47 3.72 21.22
N PRO B 299 29.59 4.35 22.02
CA PRO B 299 28.55 5.20 21.40
C PRO B 299 29.08 6.20 20.38
N ILE B 300 30.11 6.97 20.74
CA ILE B 300 30.64 7.94 19.79
C ILE B 300 31.37 7.24 18.65
N GLU B 301 32.01 6.11 18.92
CA GLU B 301 32.65 5.35 17.85
C GLU B 301 31.61 4.78 16.89
N GLY B 302 30.50 4.27 17.43
CA GLY B 302 29.41 3.84 16.58
C GLY B 302 28.82 4.99 15.79
N MET B 303 28.73 6.17 16.40
CA MET B 303 28.26 7.35 15.67
C MET B 303 29.22 7.72 14.55
N ARG B 304 30.53 7.70 14.82
CA ARG B 304 31.50 7.94 13.77
C ARG B 304 31.41 6.86 12.69
N LEU B 305 31.30 5.60 13.11
CA LEU B 305 31.04 4.52 12.16
C LEU B 305 29.76 4.75 11.37
N GLY B 306 28.77 5.37 12.00
CA GLY B 306 27.52 5.69 11.31
C GLY B 306 27.66 6.76 10.25
N MET B 307 28.72 7.58 10.31
CA MET B 307 28.99 8.60 9.30
C MET B 307 30.01 8.15 8.26
N GLY B 308 30.37 6.86 8.25
CA GLY B 308 31.25 6.32 7.23
C GLY B 308 32.71 6.25 7.60
N GLU B 309 33.12 6.83 8.72
CA GLU B 309 34.52 6.84 9.09
C GLU B 309 34.98 5.48 9.60
N ALA B 310 36.25 5.18 9.34
CA ALA B 310 36.86 4.00 9.94
C ALA B 310 37.08 4.23 11.43
N GLN B 311 36.94 3.15 12.20
CA GLN B 311 37.18 3.21 13.63
C GLN B 311 37.86 1.93 14.09
N ASP B 312 38.91 2.07 14.90
CA ASP B 312 39.53 0.94 15.57
C ASP B 312 38.78 0.72 16.89
N VAL B 313 38.04 -0.37 16.96
CA VAL B 313 37.14 -0.62 18.07
C VAL B 313 37.66 -1.80 18.90
N GLN B 314 37.12 -1.93 20.09
CA GLN B 314 37.53 -2.98 21.02
C GLN B 314 36.64 -4.21 20.81
N ALA B 315 37.27 -5.36 20.63
CA ALA B 315 36.57 -6.64 20.55
C ALA B 315 36.62 -7.32 21.90
N TRP B 316 35.53 -7.99 22.26
CA TRP B 316 35.39 -8.63 23.56
C TRP B 316 35.13 -10.12 23.39
N ASN B 317 35.74 -10.92 24.26
CA ASN B 317 35.48 -12.35 24.35
C ASN B 317 34.72 -12.64 25.64
N PHE B 318 33.88 -13.66 25.61
CA PHE B 318 33.09 -14.04 26.78
C PHE B 318 33.74 -15.26 27.43
N GLY B 319 34.62 -15.01 28.40
CA GLY B 319 35.33 -16.05 29.08
C GLY B 319 34.55 -16.68 30.22
N PRO B 320 35.27 -17.32 31.15
CA PRO B 320 34.57 -18.05 32.23
C PRO B 320 33.84 -17.13 33.19
N MET B 321 34.37 -15.95 33.47
CA MET B 321 33.72 -15.04 34.39
C MET B 321 33.31 -13.75 33.68
N GLY B 322 32.62 -13.91 32.55
CA GLY B 322 32.09 -12.77 31.84
C GLY B 322 32.99 -12.28 30.74
N PRO B 323 32.62 -11.15 30.13
CA PRO B 323 33.42 -10.62 29.02
C PRO B 323 34.73 -10.01 29.49
N TYR B 324 35.72 -10.08 28.61
CA TYR B 324 37.00 -9.44 28.82
C TYR B 324 37.50 -8.91 27.48
N ARG B 325 38.47 -8.01 27.53
CA ARG B 325 38.97 -7.37 26.32
C ARG B 325 39.89 -8.32 25.57
N GLY B 326 39.63 -8.47 24.27
CA GLY B 326 40.49 -9.26 23.41
C GLY B 326 41.36 -8.39 22.55
N SER B 327 41.33 -8.60 21.24
CA SER B 327 42.09 -7.77 20.31
C SER B 327 41.26 -6.56 19.89
N ARG B 328 41.90 -5.66 19.14
CA ARG B 328 41.23 -4.50 18.56
C ARG B 328 41.03 -4.74 17.07
N GLN B 329 39.78 -4.56 16.61
CA GLN B 329 39.44 -4.69 15.22
C GLN B 329 39.17 -3.32 14.62
N THR B 330 39.38 -3.21 13.31
CA THR B 330 39.13 -1.98 12.56
C THR B 330 37.89 -2.18 11.69
N ILE B 331 36.86 -1.38 11.92
CA ILE B 331 35.66 -1.38 11.11
C ILE B 331 35.75 -0.20 10.15
N ASP B 332 35.72 -0.49 8.85
CA ASP B 332 35.84 0.54 7.83
C ASP B 332 34.61 0.52 6.94
N PRO B 333 33.61 1.36 7.21
CA PRO B 333 32.42 1.40 6.34
C PRO B 333 32.71 1.91 4.94
N LYS B 334 33.84 2.58 4.73
CA LYS B 334 34.23 3.09 3.41
C LYS B 334 33.21 4.10 2.89
N GLY B 335 32.94 5.13 3.70
CA GLY B 335 32.05 6.21 3.33
C GLY B 335 30.58 5.91 3.44
N VAL B 336 30.18 4.63 3.46
CA VAL B 336 28.78 4.28 3.61
C VAL B 336 28.23 4.87 4.90
N LYS B 337 27.05 5.48 4.82
CA LYS B 337 26.43 6.11 5.98
C LYS B 337 25.12 5.42 6.31
N LEU B 338 24.83 5.30 7.61
CA LEU B 338 23.61 4.67 8.06
C LEU B 338 22.39 5.51 7.73
N TRP B 339 22.53 6.83 7.81
CA TRP B 339 21.36 7.71 7.78
C TRP B 339 20.77 7.81 6.39
N LEU B 340 19.43 7.85 6.34
CA LEU B 340 18.70 7.84 5.09
C LEU B 340 18.93 9.13 4.32
N SER B 341 19.18 9.01 3.02
CA SER B 341 19.26 10.18 2.17
C SER B 341 17.91 10.88 2.11
N LYS B 342 17.93 12.17 1.76
CA LYS B 342 16.68 12.84 1.46
C LYS B 342 16.11 12.38 0.13
N GLU B 343 16.96 11.85 -0.76
CA GLU B 343 16.50 11.28 -2.02
C GLU B 343 15.88 9.90 -1.84
N ASP B 344 16.20 9.19 -0.77
CA ASP B 344 15.58 7.90 -0.51
C ASP B 344 14.43 7.99 0.48
N ASP B 345 14.27 9.13 1.17
CA ASP B 345 13.07 9.33 1.97
C ASP B 345 11.86 9.52 1.05
N VAL B 346 12.04 10.24 -0.05
CA VAL B 346 10.95 10.37 -1.02
C VAL B 346 10.69 9.04 -1.72
N LYS B 347 11.72 8.25 -1.96
CA LYS B 347 11.60 7.02 -2.73
C LYS B 347 11.28 5.81 -1.86
N ARG B 348 11.88 5.71 -0.67
CA ARG B 348 11.70 4.56 0.18
C ARG B 348 11.24 4.88 1.59
N GLY B 349 11.26 6.15 2.00
CA GLY B 349 10.83 6.53 3.34
C GLY B 349 9.45 7.14 3.39
N SER B 350 9.39 8.42 3.78
CA SER B 350 8.11 9.08 4.01
C SER B 350 7.24 9.08 2.76
N GLY B 351 7.83 9.38 1.60
CA GLY B 351 7.09 9.38 0.36
C GLY B 351 6.54 8.03 -0.06
N LYS B 352 7.00 6.95 0.57
CA LYS B 352 6.52 5.61 0.27
C LYS B 352 5.48 5.11 1.26
N TRP B 353 5.67 5.37 2.55
CA TRP B 353 4.79 4.83 3.58
C TRP B 353 3.68 5.78 4.02
N GLY B 354 3.90 7.09 3.92
CA GLY B 354 2.81 8.03 4.10
C GLY B 354 2.85 8.86 5.37
N TRP B 355 4.00 9.45 5.69
CA TRP B 355 4.09 10.40 6.77
C TRP B 355 4.89 11.61 6.31
N THR B 356 4.77 12.69 7.08
CA THR B 356 5.41 13.96 6.75
C THR B 356 6.48 14.26 7.78
N ARG B 357 7.74 14.33 7.34
CA ARG B 357 8.85 14.54 8.24
C ARG B 357 9.03 16.03 8.54
N GLY B 358 9.43 16.33 9.77
CA GLY B 358 9.63 17.71 10.17
C GLY B 358 10.76 18.38 9.43
N LYS B 359 10.67 19.71 9.38
CA LYS B 359 11.65 20.50 8.62
C LYS B 359 13.05 20.36 9.21
N GLU B 360 13.16 20.36 10.54
CA GLU B 360 14.45 20.33 11.20
C GLU B 360 15.04 18.93 11.33
N TRP B 361 14.33 17.90 10.87
CA TRP B 361 14.85 16.54 10.93
C TRP B 361 15.85 16.36 9.79
N ALA B 362 17.11 16.70 10.08
CA ALA B 362 18.16 16.58 9.09
C ALA B 362 18.40 15.12 8.73
N LEU B 363 18.35 14.82 7.43
CA LEU B 363 18.56 13.48 6.92
C LEU B 363 19.96 13.36 6.31
N GLY B 364 20.39 12.12 6.13
CA GLY B 364 21.70 11.86 5.58
C GLY B 364 22.87 12.20 6.46
N THR B 365 22.63 12.81 7.63
CA THR B 365 23.67 13.14 8.58
C THR B 365 23.33 12.50 9.92
N CYS B 366 24.32 12.46 10.81
CA CYS B 366 24.08 11.93 12.14
C CYS B 366 23.08 12.80 12.87
N ILE B 367 22.00 12.18 13.35
CA ILE B 367 20.95 12.93 14.01
C ILE B 367 21.43 13.40 15.39
N TRP B 368 22.38 12.68 15.99
CA TRP B 368 22.89 13.10 17.29
C TRP B 368 23.89 14.24 17.14
N ALA B 369 24.68 14.23 16.07
CA ALA B 369 25.49 15.41 15.76
C ALA B 369 24.62 16.62 15.48
N HIS B 370 23.46 16.39 14.85
CA HIS B 370 22.53 17.48 14.57
C HIS B 370 21.95 18.08 15.85
N HIS B 371 22.06 17.40 16.98
CA HIS B 371 21.60 17.91 18.26
C HIS B 371 22.73 18.34 19.18
N GLY B 372 23.94 18.49 18.64
CA GLY B 372 25.06 18.99 19.42
C GLY B 372 25.78 17.97 20.26
N VAL B 373 25.54 16.68 20.05
CA VAL B 373 26.28 15.66 20.78
C VAL B 373 27.75 15.70 20.41
N TRP B 374 28.03 15.78 19.11
CA TRP B 374 29.40 15.84 18.61
C TRP B 374 29.37 16.58 17.28
N GLU B 375 30.54 17.05 16.87
CA GLU B 375 30.66 17.84 15.66
C GLU B 375 31.20 16.98 14.53
N ILE B 376 30.58 17.06 13.36
CA ILE B 376 30.97 16.22 12.23
C ILE B 376 32.35 16.60 11.73
N ALA B 377 32.60 17.90 11.56
CA ALA B 377 33.83 18.34 10.91
C ALA B 377 35.07 18.04 11.75
N THR B 378 34.96 18.11 13.07
CA THR B 378 36.09 17.81 13.94
C THR B 378 36.03 16.40 14.54
N SER B 379 34.92 15.69 14.39
CA SER B 379 34.74 14.35 14.95
C SER B 379 34.93 14.33 16.47
N THR B 380 34.64 15.45 17.13
CA THR B 380 34.88 15.61 18.55
C THR B 380 33.57 15.58 19.32
N LEU B 381 33.58 14.85 20.43
CA LEU B 381 32.40 14.73 21.30
C LEU B 381 32.20 16.03 22.07
N LEU B 382 31.08 16.71 21.82
CA LEU B 382 30.85 18.01 22.42
C LEU B 382 30.20 17.91 23.80
N ARG B 383 29.13 17.14 23.92
CA ARG B 383 28.47 16.93 25.22
C ARG B 383 28.40 15.44 25.50
N PRO B 384 29.46 14.89 26.11
CA PRO B 384 29.50 13.45 26.38
C PRO B 384 28.43 12.97 27.35
N ASP B 385 27.88 13.87 28.16
CA ASP B 385 26.85 13.55 29.15
C ASP B 385 25.49 14.07 28.70
N TYR B 386 25.23 14.01 27.40
CA TYR B 386 23.97 14.53 26.85
C TYR B 386 22.77 13.74 27.37
N PHE B 387 22.83 12.42 27.24
CA PHE B 387 21.76 11.55 27.71
C PHE B 387 21.80 11.28 29.21
N SER B 388 22.82 11.79 29.90
CA SER B 388 22.90 11.63 31.34
C SER B 388 21.87 12.49 32.06
N THR B 389 21.48 13.60 31.44
CA THR B 389 20.71 14.64 32.10
C THR B 389 19.35 14.80 31.39
N LEU B 390 18.61 15.81 31.84
CA LEU B 390 17.58 16.42 31.01
C LEU B 390 18.19 17.65 30.37
N PRO B 391 18.16 17.79 29.04
CA PRO B 391 18.75 18.98 28.42
C PRO B 391 18.17 20.28 28.96
N THR B 392 16.91 20.29 29.38
CA THR B 392 16.32 21.50 29.93
C THR B 392 16.66 21.68 31.41
N ASN B 393 16.73 20.59 32.17
CA ASN B 393 17.11 20.64 33.58
C ASN B 393 18.27 19.69 33.81
N PRO B 394 19.50 20.15 33.55
CA PRO B 394 20.66 19.25 33.67
C PRO B 394 20.99 18.83 35.08
N GLY B 395 20.46 19.52 36.10
CA GLY B 395 20.73 19.12 37.47
C GLY B 395 20.12 17.78 37.83
N HIS B 396 18.99 17.44 37.21
CA HIS B 396 18.32 16.17 37.47
C HIS B 396 18.93 15.07 36.61
N GLN B 397 19.35 13.98 37.26
CA GLN B 397 19.87 12.82 36.54
C GLN B 397 18.73 11.85 36.25
N VAL B 398 18.85 11.16 35.11
CA VAL B 398 17.76 10.35 34.59
C VAL B 398 17.94 8.90 35.05
N ASP B 399 16.86 8.31 35.54
CA ASP B 399 16.73 6.87 35.72
C ASP B 399 15.79 6.38 34.63
N PHE B 400 16.33 5.59 33.70
CA PHE B 400 15.57 5.19 32.52
C PHE B 400 14.22 4.59 32.89
N VAL B 401 14.20 3.72 33.89
CA VAL B 401 12.96 3.03 34.25
C VAL B 401 11.99 3.98 34.95
N ASP B 402 12.51 4.88 35.78
CA ASP B 402 11.64 5.80 36.51
C ASP B 402 11.16 6.95 35.63
N ASP B 403 11.97 7.39 34.66
CA ASP B 403 11.68 8.61 33.91
C ASP B 403 11.11 8.37 32.52
N PHE B 404 11.28 7.19 31.93
CA PHE B 404 10.83 7.01 30.56
C PHE B 404 10.02 5.74 30.37
N TRP B 405 10.52 4.61 30.89
CA TRP B 405 9.78 3.36 30.74
C TRP B 405 8.42 3.43 31.43
N ALA B 406 8.42 3.86 32.70
CA ALA B 406 7.16 3.95 33.45
C ALA B 406 6.14 4.80 32.72
N LEU B 407 6.59 5.89 32.10
CA LEU B 407 5.67 6.74 31.35
C LEU B 407 5.07 5.99 30.17
N HIS B 408 5.88 5.18 29.49
CA HIS B 408 5.34 4.35 28.41
C HIS B 408 4.37 3.31 28.94
N TRP B 409 4.69 2.72 30.10
CA TRP B 409 3.81 1.70 30.67
C TRP B 409 2.44 2.28 31.00
N LEU B 410 2.40 3.51 31.50
CA LEU B 410 1.13 4.15 31.83
C LEU B 410 0.24 4.24 30.61
N ALA B 411 0.77 4.76 29.49
CA ALA B 411 -0.03 4.87 28.28
C ALA B 411 -0.43 3.51 27.75
N TYR B 412 0.45 2.52 27.88
CA TYR B 412 0.14 1.17 27.40
C TYR B 412 -0.87 0.48 28.31
N SER B 413 -0.68 0.60 29.63
CA SER B 413 -1.58 -0.05 30.59
C SER B 413 -3.02 0.41 30.40
N SER B 414 -3.21 1.68 30.04
CA SER B 414 -4.56 2.20 29.87
C SER B 414 -5.23 1.66 28.62
N ARG B 415 -4.45 1.45 27.54
CA ARG B 415 -5.02 0.89 26.33
C ARG B 415 -5.46 -0.55 26.54
N ILE B 416 -4.69 -1.32 27.30
CA ILE B 416 -5.04 -2.71 27.54
C ILE B 416 -6.32 -2.80 28.37
N ARG B 417 -6.45 -1.95 29.39
CA ARG B 417 -7.63 -1.98 30.24
C ARG B 417 -8.87 -1.49 29.49
N LEU B 418 -8.69 -0.60 28.52
CA LEU B 418 -9.83 -0.08 27.77
C LEU B 418 -10.56 -1.20 27.05
N HIS B 419 -9.84 -1.97 26.24
CA HIS B 419 -10.44 -3.07 25.51
C HIS B 419 -10.55 -4.35 26.31
N HIS B 420 -9.76 -4.49 27.38
CA HIS B 420 -9.80 -5.66 28.26
C HIS B 420 -9.97 -5.16 29.68
N PRO B 421 -11.20 -4.87 30.11
CA PRO B 421 -11.41 -4.25 31.43
C PRO B 421 -10.84 -5.05 32.60
N GLU B 422 -11.01 -6.38 32.62
CA GLU B 422 -10.55 -7.19 33.74
C GLU B 422 -9.13 -7.72 33.55
N SER B 423 -8.29 -7.02 32.80
CA SER B 423 -6.99 -7.54 32.44
C SER B 423 -5.98 -7.39 33.58
N ILE B 424 -5.26 -8.48 33.87
CA ILE B 424 -4.09 -8.38 34.73
C ILE B 424 -2.96 -7.71 33.97
N HIS B 425 -2.29 -6.76 34.60
CA HIS B 425 -1.10 -6.14 34.04
C HIS B 425 0.11 -6.97 34.45
N PHE B 426 0.67 -7.73 33.50
CA PHE B 426 1.91 -8.45 33.75
C PHE B 426 3.05 -7.48 33.50
N ILE B 427 3.66 -7.01 34.58
CA ILE B 427 4.64 -5.92 34.53
C ILE B 427 6.02 -6.53 34.32
N GLN B 428 6.67 -6.16 33.22
CA GLN B 428 8.00 -6.65 32.89
C GLN B 428 8.96 -5.46 32.85
N ALA B 429 9.73 -5.29 33.92
CA ALA B 429 10.79 -4.31 33.94
C ALA B 429 11.86 -4.69 32.92
N PRO B 430 12.68 -3.72 32.48
CA PRO B 430 13.79 -4.07 31.59
C PRO B 430 14.72 -5.09 32.22
N VAL B 431 15.55 -5.70 31.37
CA VAL B 431 16.38 -6.81 31.81
C VAL B 431 17.34 -6.34 32.90
N LEU B 432 17.48 -7.17 33.94
CA LEU B 432 18.38 -6.90 35.06
C LEU B 432 18.06 -5.59 35.76
N ARG B 433 16.79 -5.16 35.68
CA ARG B 433 16.35 -3.92 36.28
C ARG B 433 15.26 -4.21 37.30
N GLN B 434 15.13 -3.31 38.27
CA GLN B 434 13.99 -3.37 39.17
C GLN B 434 12.80 -2.64 38.55
N PRO B 435 11.58 -3.11 38.82
CA PRO B 435 10.41 -2.37 38.39
C PRO B 435 10.30 -1.05 39.15
N PRO B 436 9.66 -0.05 38.57
CA PRO B 436 9.44 1.21 39.30
C PRO B 436 8.13 1.14 40.07
N LYS B 437 8.03 2.02 41.06
CA LYS B 437 6.78 2.15 41.81
C LYS B 437 5.71 2.70 40.88
N LEU B 438 4.65 1.91 40.66
CA LEU B 438 3.58 2.32 39.78
C LEU B 438 2.33 2.67 40.58
N PRO B 439 1.55 3.65 40.12
CA PRO B 439 0.39 4.09 40.91
C PRO B 439 -0.71 3.05 40.97
N GLU B 440 -1.34 2.94 42.14
CA GLU B 440 -2.46 2.02 42.30
C GLU B 440 -3.67 2.43 41.48
N SER B 441 -3.72 3.68 41.02
CA SER B 441 -4.80 4.09 40.13
C SER B 441 -4.69 3.37 38.78
N PHE B 442 -3.48 3.04 38.34
CA PHE B 442 -3.29 2.30 37.10
C PHE B 442 -3.19 0.80 37.34
N LEU B 443 -2.70 0.39 38.51
CA LEU B 443 -2.68 -1.03 38.83
C LEU B 443 -4.09 -1.53 39.17
N LYS B 444 -4.72 -0.92 40.17
CA LYS B 444 -6.07 -1.26 40.59
C LYS B 444 -6.15 -2.71 41.09
N GLY B 445 -5.13 -3.13 41.82
CA GLY B 445 -5.17 -4.43 42.49
C GLY B 445 -5.32 -5.62 41.57
N ARG B 446 -4.86 -5.51 40.32
CA ARG B 446 -4.93 -6.61 39.36
C ARG B 446 -3.65 -6.57 38.53
N ALA B 447 -2.53 -6.95 39.16
CA ALA B 447 -1.22 -6.87 38.51
C ALA B 447 -0.39 -8.07 38.93
N CYS B 448 0.68 -8.29 38.18
CA CYS B 448 1.61 -9.37 38.45
C CYS B 448 2.96 -9.00 37.86
N SER B 449 4.01 -9.08 38.67
CA SER B 449 5.35 -8.82 38.15
C SER B 449 5.79 -10.00 37.30
N SER B 450 6.30 -9.72 36.10
CA SER B 450 6.66 -10.74 35.13
C SER B 450 8.10 -10.53 34.68
N PRO B 451 9.07 -10.70 35.57
CA PRO B 451 10.46 -10.55 35.17
C PRO B 451 10.96 -11.79 34.44
N HIS B 452 12.10 -11.66 33.80
CA HIS B 452 12.79 -12.77 33.16
C HIS B 452 14.05 -13.09 33.94
N PHE B 453 14.33 -14.38 34.10
CA PHE B 453 15.57 -14.82 34.70
C PHE B 453 16.15 -15.96 33.88
N TYR B 454 17.46 -15.90 33.66
CA TYR B 454 18.19 -16.93 32.93
C TYR B 454 19.45 -17.30 33.68
N ASP B 455 19.89 -18.53 33.50
CA ASP B 455 21.25 -18.89 33.85
C ASP B 455 22.16 -18.27 32.79
N GLY B 456 22.56 -17.01 33.01
CA GLY B 456 23.28 -16.28 31.98
C GLY B 456 24.57 -16.98 31.55
N LEU B 457 25.31 -17.53 32.52
CA LEU B 457 26.56 -18.22 32.19
C LEU B 457 26.28 -19.41 31.28
N THR B 458 25.28 -20.22 31.63
CA THR B 458 24.93 -21.36 30.79
C THR B 458 24.42 -20.90 29.43
N LEU B 459 23.65 -19.82 29.40
CA LEU B 459 23.12 -19.31 28.14
C LEU B 459 24.23 -18.79 27.23
N MET B 460 25.16 -18.01 27.78
CA MET B 460 26.13 -17.31 26.95
C MET B 460 27.17 -18.25 26.36
N THR B 461 27.63 -19.21 27.15
CA THR B 461 28.67 -20.14 26.70
C THR B 461 28.11 -21.45 26.19
N LYS B 462 26.82 -21.70 26.37
CA LYS B 462 26.17 -22.91 25.88
C LYS B 462 26.85 -24.17 26.41
N HIS B 463 27.19 -24.15 27.70
N HIS B 463 27.23 -24.12 27.69
CA HIS B 463 27.79 -25.29 28.37
CA HIS B 463 27.79 -25.26 28.41
C HIS B 463 27.32 -25.31 29.83
C HIS B 463 27.12 -25.34 29.76
N TRP B 464 27.22 -26.52 30.39
CA TRP B 464 26.82 -26.69 31.77
C TRP B 464 28.11 -26.77 32.59
N ASN B 465 28.63 -25.61 32.96
CA ASN B 465 29.93 -25.55 33.62
C ASN B 465 29.85 -26.05 35.05
N TRP B 466 30.98 -26.60 35.53
CA TRP B 466 31.10 -27.01 36.93
C TRP B 466 31.22 -25.83 37.87
N PHE B 467 31.22 -24.61 37.34
CA PHE B 467 31.21 -23.39 38.13
C PHE B 467 30.05 -22.52 37.66
N ASN B 468 29.76 -21.49 38.46
CA ASN B 468 28.79 -20.47 38.09
C ASN B 468 29.00 -19.28 39.01
N ALA B 469 28.32 -18.18 38.70
CA ALA B 469 28.50 -16.94 39.44
C ALA B 469 27.17 -16.31 39.79
N ASP B 470 27.11 -15.70 40.98
CA ASP B 470 25.94 -14.97 41.45
C ASP B 470 25.85 -13.65 40.70
N ALA B 471 25.27 -13.72 39.49
CA ALA B 471 25.23 -12.55 38.62
C ALA B 471 24.40 -11.42 39.20
N ILE B 472 23.32 -11.77 39.90
CA ILE B 472 22.48 -10.73 40.50
C ILE B 472 23.19 -10.10 41.70
N GLY B 473 23.91 -10.92 42.48
CA GLY B 473 24.68 -10.37 43.58
C GLY B 473 25.75 -9.40 43.12
N VAL B 474 26.35 -9.66 41.95
CA VAL B 474 27.40 -8.78 41.45
C VAL B 474 26.81 -7.43 41.03
N ILE B 475 25.72 -7.46 40.27
CA ILE B 475 25.14 -6.22 39.76
C ILE B 475 24.60 -5.36 40.90
N ARG B 476 24.20 -5.98 42.01
CA ARG B 476 23.82 -5.23 43.20
C ARG B 476 25.01 -4.98 44.11
N LYS B 477 26.22 -5.37 43.70
CA LYS B 477 27.45 -5.07 44.42
C LYS B 477 27.39 -5.61 45.86
N LYS B 478 27.37 -6.94 45.93
CA LYS B 478 27.50 -7.65 47.19
C LYS B 478 28.91 -8.16 47.44
N TYR B 479 29.77 -8.14 46.42
CA TYR B 479 31.11 -8.68 46.50
C TYR B 479 32.14 -7.63 46.11
N TRP B 480 33.31 -7.70 46.76
CA TRP B 480 34.48 -6.98 46.27
C TRP B 480 34.78 -7.35 44.82
N SER B 481 35.10 -8.62 44.60
CA SER B 481 35.55 -9.14 43.32
C SER B 481 34.49 -10.05 42.72
N ILE B 482 34.58 -10.27 41.41
CA ILE B 482 33.65 -11.18 40.75
C ILE B 482 33.93 -12.62 41.16
N VAL B 483 35.17 -12.94 41.50
CA VAL B 483 35.52 -14.32 41.85
C VAL B 483 34.85 -14.76 43.15
N GLN B 484 34.46 -13.82 44.01
CA GLN B 484 33.71 -14.19 45.21
C GLN B 484 32.32 -14.69 44.89
N ALA B 485 31.78 -14.34 43.73
CA ALA B 485 30.46 -14.79 43.31
C ALA B 485 30.48 -16.20 42.73
N VAL B 486 31.64 -16.82 42.59
CA VAL B 486 31.75 -18.13 41.97
C VAL B 486 31.25 -19.19 42.93
N ARG B 487 30.60 -20.22 42.39
CA ARG B 487 30.22 -21.41 43.14
C ARG B 487 30.68 -22.62 42.34
N ILE B 488 31.13 -23.66 43.05
CA ILE B 488 31.56 -24.91 42.44
C ILE B 488 30.69 -26.03 42.96
N GLY B 489 30.35 -26.96 42.09
CA GLY B 489 29.55 -28.09 42.51
C GLY B 489 28.08 -27.89 42.21
N GLU B 490 27.39 -29.00 41.95
CA GLU B 490 25.97 -28.93 41.60
C GLU B 490 25.16 -28.31 42.74
N GLY B 491 25.36 -28.80 43.96
CA GLY B 491 24.67 -28.29 45.12
C GLY B 491 24.79 -26.80 45.29
N PRO B 492 26.02 -26.30 45.48
CA PRO B 492 26.21 -24.85 45.65
C PRO B 492 25.70 -24.03 44.47
N ILE B 493 25.82 -24.54 43.25
CA ILE B 493 25.28 -23.81 42.10
C ILE B 493 23.76 -23.80 42.16
N ARG B 494 23.15 -24.96 42.42
CA ARG B 494 21.70 -25.04 42.50
C ARG B 494 21.15 -24.14 43.61
N LYS B 495 21.81 -24.13 44.77
CA LYS B 495 21.34 -23.29 45.87
C LYS B 495 21.55 -21.81 45.55
N MET B 496 22.61 -21.47 44.83
CA MET B 496 22.88 -20.07 44.53
C MET B 496 21.87 -19.50 43.54
N ILE B 497 21.52 -20.28 42.51
CA ILE B 497 20.55 -19.80 41.53
C ILE B 497 19.16 -19.71 42.15
N GLN B 498 18.84 -20.62 43.07
CA GLN B 498 17.56 -20.54 43.78
C GLN B 498 17.46 -19.25 44.59
N GLY B 499 18.57 -18.83 45.21
CA GLY B 499 18.59 -17.56 45.90
C GLY B 499 18.48 -16.38 44.95
N GLU B 500 18.96 -16.54 43.71
CA GLU B 500 18.86 -15.46 42.74
C GLU B 500 17.41 -15.17 42.37
N LEU B 501 16.57 -16.19 42.33
CA LEU B 501 15.17 -15.98 42.00
C LEU B 501 14.37 -15.44 43.19
N ALA B 502 14.85 -15.63 44.41
CA ALA B 502 14.20 -15.01 45.56
C ALA B 502 14.39 -13.50 45.55
N VAL B 503 15.50 -13.02 44.99
CA VAL B 503 15.70 -11.59 44.82
C VAL B 503 14.63 -11.00 43.92
N LEU B 504 14.19 -11.77 42.92
CA LEU B 504 13.13 -11.28 42.03
C LEU B 504 11.77 -11.32 42.72
N LYS B 505 11.52 -12.36 43.52
CA LYS B 505 10.29 -12.38 44.31
C LYS B 505 10.28 -11.27 45.34
N GLN B 506 11.45 -10.93 45.89
CA GLN B 506 11.52 -9.83 46.84
C GLN B 506 11.27 -8.50 46.15
N ASP B 507 11.69 -8.35 44.89
CA ASP B 507 11.47 -7.09 44.18
C ASP B 507 9.98 -6.73 44.12
N THR B 508 9.10 -7.74 44.00
CA THR B 508 7.68 -7.47 43.83
C THR B 508 7.07 -6.83 45.08
N ILE B 509 7.27 -7.45 46.24
CA ILE B 509 6.65 -6.98 47.47
C ILE B 509 7.26 -5.67 47.95
N ASP B 510 8.49 -5.36 47.53
CA ASP B 510 9.16 -4.14 47.98
C ASP B 510 8.87 -2.93 47.11
N ILE B 511 8.38 -3.14 45.89
CA ILE B 511 8.15 -2.05 44.93
C ILE B 511 6.70 -2.01 44.46
N LEU B 512 6.18 -3.14 43.98
CA LEU B 512 4.82 -3.17 43.46
C LEU B 512 3.79 -3.40 44.57
N GLY B 513 4.13 -4.18 45.58
CA GLY B 513 3.18 -4.51 46.62
C GLY B 513 2.91 -6.00 46.70
N ASN B 514 1.80 -6.39 47.34
CA ASN B 514 1.47 -7.79 47.52
C ASN B 514 0.80 -8.30 46.24
N TYR B 515 1.63 -8.53 45.22
CA TYR B 515 1.20 -9.05 43.94
C TYR B 515 1.96 -10.33 43.61
N PRO B 516 1.39 -11.21 42.79
CA PRO B 516 2.11 -12.43 42.41
C PRO B 516 3.32 -12.11 41.54
N THR B 517 4.21 -13.09 41.44
CA THR B 517 5.39 -12.97 40.60
C THR B 517 5.45 -14.18 39.67
N LEU B 518 5.66 -13.92 38.38
CA LEU B 518 5.68 -14.95 37.35
C LEU B 518 6.93 -14.77 36.51
N VAL B 519 7.71 -15.85 36.36
CA VAL B 519 8.93 -15.81 35.55
C VAL B 519 8.52 -16.01 34.10
N GLY B 520 8.37 -14.90 33.38
CA GLY B 520 7.87 -14.98 32.01
C GLY B 520 8.81 -15.71 31.07
N GLU B 521 10.11 -15.68 31.34
CA GLU B 521 11.09 -16.35 30.49
C GLU B 521 12.15 -17.01 31.37
N ILE B 522 12.35 -18.31 31.18
CA ILE B 522 13.42 -19.05 31.82
C ILE B 522 13.66 -20.29 30.98
N GLY B 523 14.92 -20.70 30.89
CA GLY B 523 15.26 -21.86 30.07
C GLY B 523 16.75 -22.01 29.91
N ILE B 524 17.11 -23.02 29.11
CA ILE B 524 18.51 -23.39 28.93
C ILE B 524 18.76 -23.73 27.47
N PRO B 525 19.99 -23.53 27.00
CA PRO B 525 20.32 -23.90 25.61
C PRO B 525 20.52 -25.39 25.45
N TYR B 526 19.96 -25.94 24.39
CA TYR B 526 20.08 -27.36 24.09
C TYR B 526 21.22 -27.68 23.14
N ASP B 527 21.77 -26.69 22.44
CA ASP B 527 22.89 -26.91 21.53
C ASP B 527 24.23 -26.78 22.26
N MET B 528 24.35 -27.49 23.38
CA MET B 528 25.56 -27.45 24.17
C MET B 528 26.69 -28.23 23.52
N ASP B 529 27.91 -27.74 23.70
CA ASP B 529 29.13 -28.48 23.34
C ASP B 529 29.15 -28.80 21.84
N ASP B 530 28.96 -27.77 21.02
CA ASP B 530 28.99 -27.90 19.56
C ASP B 530 27.99 -28.96 19.08
N LYS B 531 26.82 -28.98 19.71
CA LYS B 531 25.73 -29.88 19.35
C LYS B 531 26.16 -31.34 19.48
N LYS B 532 26.82 -31.66 20.61
CA LYS B 532 27.29 -33.02 20.81
C LYS B 532 26.12 -34.00 20.92
N ALA B 533 25.07 -33.62 21.65
CA ALA B 533 23.91 -34.47 21.80
C ALA B 533 23.16 -34.70 20.49
N TYR B 534 23.44 -33.91 19.46
CA TYR B 534 22.85 -34.13 18.15
C TYR B 534 23.73 -35.01 17.27
N GLY B 535 24.89 -35.43 17.77
CA GLY B 535 25.81 -36.25 17.00
C GLY B 535 26.70 -35.51 16.04
N TYR B 536 26.77 -34.17 16.13
CA TYR B 536 27.49 -33.39 15.14
C TYR B 536 29.01 -33.45 15.31
N VAL B 537 29.51 -33.82 16.48
CA VAL B 537 30.94 -33.81 16.74
C VAL B 537 31.35 -35.15 17.35
N ASP B 538 32.67 -35.35 17.43
CA ASP B 538 33.27 -36.55 18.02
C ASP B 538 32.77 -37.81 17.33
N GLY B 539 32.59 -37.74 16.01
CA GLY B 539 32.14 -38.88 15.24
C GLY B 539 30.79 -39.41 15.66
N GLY B 540 29.91 -38.54 16.15
CA GLY B 540 28.59 -38.95 16.59
C GLY B 540 28.53 -39.51 18.00
N ARG B 541 29.65 -39.53 18.72
CA ARG B 541 29.66 -40.04 20.08
C ARG B 541 28.94 -39.06 21.01
N GLY B 542 28.06 -39.59 21.85
CA GLY B 542 27.29 -38.78 22.77
C GLY B 542 25.95 -38.34 22.25
N GLU B 543 25.53 -38.79 21.07
CA GLU B 543 24.23 -38.42 20.53
C GLU B 543 23.13 -39.03 21.39
N GLY B 544 22.18 -38.19 21.82
CA GLY B 544 21.11 -38.63 22.68
C GLY B 544 21.36 -38.46 24.15
N ASP B 545 22.59 -38.11 24.54
CA ASP B 545 22.93 -37.83 25.93
C ASP B 545 22.60 -36.37 26.21
N TYR B 546 21.51 -36.13 26.94
CA TYR B 546 21.09 -34.79 27.32
C TYR B 546 21.34 -34.52 28.79
N SER B 547 22.30 -35.24 29.38
CA SER B 547 22.53 -35.12 30.82
C SER B 547 23.00 -33.72 31.19
N SER B 548 23.90 -33.14 30.40
CA SER B 548 24.32 -31.77 30.66
C SER B 548 23.15 -30.80 30.54
N GLN B 549 22.31 -30.99 29.52
CA GLN B 549 21.09 -30.18 29.42
C GLN B 549 20.15 -30.44 30.58
N GLN B 550 19.98 -31.72 30.95
CA GLN B 550 19.05 -32.05 32.03
C GLN B 550 19.49 -31.43 33.35
N LYS B 551 20.80 -31.47 33.65
CA LYS B 551 21.30 -30.88 34.88
C LYS B 551 21.07 -29.37 34.90
N ALA B 552 21.26 -28.71 33.75
CA ALA B 552 21.05 -27.26 33.69
C ALA B 552 19.57 -26.92 33.84
N MET B 553 18.71 -27.61 33.08
CA MET B 553 17.28 -27.32 33.16
C MET B 553 16.73 -27.63 34.54
N ASP B 554 17.18 -28.73 35.14
CA ASP B 554 16.67 -29.12 36.45
C ASP B 554 17.07 -28.12 37.53
N CYS B 555 18.21 -27.45 37.37
CA CYS B 555 18.66 -26.50 38.38
C CYS B 555 17.91 -25.18 38.29
N SER B 556 17.62 -24.72 37.08
CA SER B 556 16.79 -23.53 36.93
C SER B 556 15.34 -23.81 37.33
N MET B 557 14.83 -25.00 36.99
CA MET B 557 13.47 -25.35 37.38
C MET B 557 13.34 -25.47 38.89
N ASN B 558 14.31 -26.14 39.54
CA ASN B 558 14.34 -26.19 40.99
C ASN B 558 14.51 -24.80 41.60
N ALA B 559 15.08 -23.86 40.85
CA ALA B 559 15.36 -22.52 41.38
C ALA B 559 14.10 -21.72 41.63
N CYS B 560 12.97 -22.09 41.02
CA CYS B 560 11.67 -21.50 41.35
C CYS B 560 10.90 -22.34 42.35
N ASP B 561 11.42 -23.51 42.73
CA ASP B 561 10.83 -24.30 43.80
C ASP B 561 11.30 -23.78 45.16
N GLY B 562 11.63 -24.68 46.07
CA GLY B 562 12.07 -24.29 47.39
C GLY B 562 11.05 -23.39 48.08
N PRO B 563 11.54 -22.33 48.73
CA PRO B 563 10.63 -21.32 49.28
C PRO B 563 10.13 -20.30 48.26
N ASN B 564 10.48 -20.46 46.99
CA ASN B 564 9.99 -19.53 45.97
C ASN B 564 8.58 -19.90 45.51
N CYS B 565 8.38 -21.16 45.10
CA CYS B 565 7.09 -21.62 44.58
C CYS B 565 6.56 -20.68 43.50
N LEU B 566 7.43 -20.35 42.55
CA LEU B 566 7.12 -19.31 41.59
C LEU B 566 6.31 -19.85 40.42
N ASN B 567 5.54 -18.97 39.78
CA ASN B 567 4.95 -19.24 38.49
C ASN B 567 5.95 -18.90 37.40
N TYR B 568 5.97 -19.73 36.35
CA TYR B 568 6.92 -19.47 35.28
C TYR B 568 6.40 -20.02 33.96
N ALA B 569 6.90 -19.43 32.87
CA ALA B 569 6.65 -19.89 31.52
C ALA B 569 8.00 -20.20 30.89
N ILE B 570 8.27 -21.49 30.66
CA ILE B 570 9.57 -21.92 30.15
C ILE B 570 9.73 -21.46 28.71
N TRP B 571 10.87 -20.85 28.42
CA TRP B 571 11.20 -20.42 27.05
C TRP B 571 12.14 -21.46 26.44
N ASN B 572 11.67 -22.18 25.42
CA ASN B 572 10.29 -22.09 24.91
C ASN B 572 9.89 -23.42 24.28
N TYR B 573 8.87 -23.39 23.43
CA TYR B 573 8.36 -24.58 22.73
C TYR B 573 8.24 -24.24 21.26
N VAL B 574 9.03 -24.90 20.42
CA VAL B 574 9.07 -24.58 18.99
C VAL B 574 8.78 -25.82 18.15
N PRO B 575 7.63 -25.90 17.49
CA PRO B 575 7.32 -27.11 16.70
C PRO B 575 8.27 -27.35 15.53
N ASP B 576 8.70 -26.29 14.85
CA ASP B 576 9.61 -26.43 13.72
C ASP B 576 11.08 -26.36 14.12
N ASN B 577 11.41 -26.82 15.33
CA ASN B 577 12.79 -26.85 15.79
C ASN B 577 13.56 -27.95 15.06
N VAL B 578 14.78 -27.61 14.63
CA VAL B 578 15.64 -28.57 13.94
C VAL B 578 17.06 -28.45 14.49
N HIS B 579 17.79 -29.57 14.49
CA HIS B 579 19.12 -29.59 15.08
C HIS B 579 20.07 -28.66 14.35
N GLU B 580 19.97 -28.58 13.02
CA GLU B 580 20.92 -27.79 12.25
C GLU B 580 20.81 -26.31 12.56
N TRP B 581 19.61 -25.81 12.87
CA TRP B 581 19.40 -24.38 13.09
C TRP B 581 18.69 -24.05 14.39
N GLY B 582 18.34 -25.05 15.20
CA GLY B 582 17.69 -24.75 16.47
C GLY B 582 16.31 -24.16 16.26
N ASP B 583 16.03 -23.08 16.98
CA ASP B 583 14.75 -22.37 16.91
C ASP B 583 14.65 -21.47 15.68
N ASN B 584 15.54 -21.65 14.69
CA ASN B 584 15.55 -20.83 13.47
C ASN B 584 15.62 -19.35 13.79
N TRP B 585 16.39 -19.00 14.83
CA TRP B 585 16.48 -17.60 15.25
C TRP B 585 17.82 -17.37 15.93
N ASN B 586 18.77 -16.77 15.19
CA ASN B 586 20.06 -16.32 15.73
C ASN B 586 20.82 -17.44 16.42
N GLY B 587 20.68 -18.67 15.93
CA GLY B 587 21.43 -19.79 16.45
C GLY B 587 20.92 -20.36 17.76
N GLU B 588 19.87 -19.78 18.34
CA GLU B 588 19.35 -20.30 19.59
C GLU B 588 18.65 -21.65 19.39
N ASP B 589 18.58 -22.42 20.49
CA ASP B 589 17.97 -23.75 20.51
C ASP B 589 17.53 -24.00 21.95
N LEU B 590 16.42 -23.38 22.33
CA LEU B 590 15.89 -23.51 23.68
C LEU B 590 14.57 -24.28 23.74
N SER B 591 14.09 -24.80 22.61
CA SER B 591 12.81 -25.49 22.61
C SER B 591 12.90 -26.83 23.31
N LEU B 592 11.89 -27.14 24.13
CA LEU B 592 11.87 -28.41 24.85
C LEU B 592 11.63 -29.59 23.92
N TRP B 593 11.31 -29.35 22.65
CA TRP B 593 10.82 -30.39 21.76
C TRP B 593 11.29 -30.10 20.34
N SER B 594 11.70 -31.14 19.64
CA SER B 594 12.12 -31.01 18.25
C SER B 594 11.85 -32.32 17.53
N VAL B 595 11.46 -32.22 16.25
CA VAL B 595 11.15 -33.41 15.47
C VAL B 595 12.43 -34.21 15.20
N ASP B 596 13.59 -33.54 15.19
CA ASP B 596 14.85 -34.24 14.99
C ASP B 596 15.23 -35.10 16.18
N ASP B 597 14.52 -34.99 17.30
CA ASP B 597 14.72 -35.85 18.45
C ASP B 597 13.69 -36.95 18.54
N LYS B 598 12.92 -37.15 17.48
CA LYS B 598 11.89 -38.19 17.47
C LYS B 598 12.48 -39.48 16.92
N GLU B 599 12.04 -40.61 17.49
CA GLU B 599 12.46 -41.93 17.03
C GLU B 599 11.75 -42.24 15.71
N GLN B 600 12.29 -41.68 14.63
CA GLN B 600 11.68 -41.81 13.31
C GLN B 600 12.67 -41.49 12.20
N PRO B 640 -6.76 -37.59 20.05
CA PRO B 640 -6.61 -37.05 21.41
C PRO B 640 -7.63 -35.97 21.74
N SER B 641 -7.88 -35.76 23.03
CA SER B 641 -8.86 -34.80 23.50
C SER B 641 -8.48 -34.38 24.92
N PRO B 642 -8.95 -33.23 25.38
CA PRO B 642 -8.61 -32.79 26.74
C PRO B 642 -8.93 -33.83 27.82
N SER B 643 -10.11 -34.45 27.77
CA SER B 643 -10.51 -35.35 28.85
C SER B 643 -9.75 -36.68 28.80
N VAL B 644 -9.35 -37.14 27.62
CA VAL B 644 -8.54 -38.35 27.56
C VAL B 644 -7.13 -38.08 28.06
N ILE B 645 -6.69 -36.82 28.04
CA ILE B 645 -5.45 -36.46 28.71
C ILE B 645 -5.68 -36.34 30.22
N ASP B 646 -6.84 -35.82 30.62
CA ASP B 646 -7.23 -35.89 32.02
C ASP B 646 -7.37 -37.33 32.49
N SER B 647 -7.78 -38.22 31.59
CA SER B 647 -7.89 -39.63 31.93
C SER B 647 -6.53 -40.25 32.24
N GLY B 648 -5.51 -39.85 31.48
CA GLY B 648 -4.24 -40.54 31.49
C GLY B 648 -4.16 -41.69 30.50
N ASP B 649 -5.25 -41.99 29.78
CA ASP B 649 -5.25 -43.09 28.82
C ASP B 649 -4.78 -42.61 27.45
N PHE B 650 -3.54 -42.12 27.44
CA PHE B 650 -2.85 -41.73 26.22
C PHE B 650 -1.53 -42.48 26.14
N SER B 651 -1.00 -42.55 24.93
CA SER B 651 0.24 -43.26 24.70
C SER B 651 1.41 -42.55 25.40
N PRO B 652 2.42 -43.31 25.84
CA PRO B 652 3.63 -42.66 26.38
C PRO B 652 4.46 -41.99 25.30
N THR B 653 4.26 -42.35 24.04
CA THR B 653 4.95 -41.69 22.93
C THR B 653 4.66 -40.20 22.88
N LEU B 654 3.46 -39.79 23.28
CA LEU B 654 3.11 -38.38 23.29
C LEU B 654 4.06 -37.59 24.18
N ILE B 655 4.28 -38.05 25.41
CA ILE B 655 5.06 -37.29 26.38
C ILE B 655 6.55 -37.58 26.32
N LEU B 656 6.97 -38.61 25.59
CA LEU B 656 8.38 -39.00 25.55
C LEU B 656 9.05 -38.67 24.23
N ASP B 657 8.44 -39.04 23.11
CA ASP B 657 9.08 -38.81 21.82
C ASP B 657 9.22 -37.31 21.57
N GLY B 658 10.28 -36.96 20.83
CA GLY B 658 10.60 -35.57 20.56
C GLY B 658 11.11 -34.78 21.74
N SER B 659 11.16 -35.37 22.94
CA SER B 659 11.56 -34.63 24.12
C SER B 659 13.08 -34.42 24.14
N ARG B 660 13.50 -33.49 24.97
CA ARG B 660 14.92 -33.28 25.25
C ARG B 660 15.02 -32.91 26.73
N ALA B 661 15.56 -33.84 27.53
CA ALA B 661 15.64 -33.68 28.98
C ALA B 661 14.25 -33.46 29.59
N VAL B 662 13.32 -34.33 29.21
CA VAL B 662 11.94 -34.20 29.69
C VAL B 662 11.89 -34.37 31.21
N ALA B 663 12.78 -35.20 31.77
CA ALA B 663 12.78 -35.44 33.20
C ALA B 663 13.06 -34.19 34.02
N ALA B 664 13.52 -33.11 33.39
CA ALA B 664 13.87 -31.90 34.13
C ALA B 664 12.79 -30.82 34.06
N PHE B 665 12.10 -30.66 32.92
CA PHE B 665 11.13 -29.57 32.81
C PHE B 665 9.70 -30.00 33.10
N CYS B 666 9.42 -31.29 33.22
CA CYS B 666 8.09 -31.79 33.58
C CYS B 666 8.15 -32.30 35.01
N ARG B 667 7.64 -31.51 35.94
CA ARG B 667 7.81 -31.75 37.36
C ARG B 667 6.46 -31.73 38.06
N PRO B 668 6.35 -32.37 39.23
CA PRO B 668 5.14 -32.23 40.03
C PRO B 668 5.07 -30.85 40.68
N TYR B 669 3.87 -30.27 40.71
CA TYR B 669 3.66 -28.98 41.34
C TYR B 669 2.20 -28.84 41.69
N PRO B 670 1.87 -28.17 42.79
CA PRO B 670 0.46 -28.00 43.19
C PRO B 670 -0.29 -27.01 42.31
N VAL B 671 -1.19 -27.51 41.46
CA VAL B 671 -1.94 -26.65 40.57
C VAL B 671 -2.87 -25.73 41.36
N ALA B 672 -3.55 -26.27 42.36
CA ALA B 672 -4.40 -25.48 43.24
C ALA B 672 -4.24 -25.98 44.66
N THR B 673 -4.28 -25.07 45.62
CA THR B 673 -3.87 -25.39 46.98
C THR B 673 -4.68 -24.60 47.99
N VAL B 674 -5.27 -25.31 48.95
CA VAL B 674 -6.02 -24.70 50.03
C VAL B 674 -5.01 -24.14 51.03
N GLY B 675 -4.72 -22.85 50.93
CA GLY B 675 -3.75 -22.20 51.79
C GLY B 675 -2.62 -21.56 50.98
N ILE B 676 -1.43 -21.55 51.58
CA ILE B 676 -0.27 -20.88 51.02
C ILE B 676 0.79 -21.95 50.75
N PRO B 677 1.34 -22.04 49.55
CA PRO B 677 2.49 -22.93 49.32
C PRO B 677 3.69 -22.45 50.13
N GLU B 678 4.21 -23.33 50.97
CA GLU B 678 5.33 -23.02 51.84
C GLU B 678 6.67 -23.42 51.24
N ARG B 679 6.77 -24.64 50.71
CA ARG B 679 8.01 -25.10 50.11
C ARG B 679 7.72 -26.23 49.15
N ILE B 680 8.52 -26.32 48.10
CA ILE B 680 8.45 -27.40 47.12
C ILE B 680 9.84 -27.98 46.93
N ASP B 681 9.94 -29.31 46.95
CA ASP B 681 11.21 -30.00 46.76
C ASP B 681 10.98 -31.19 45.85
N PHE B 682 11.77 -31.29 44.79
CA PHE B 682 11.66 -32.40 43.85
C PHE B 682 13.06 -32.84 43.44
N ASP B 683 13.24 -34.15 43.29
CA ASP B 683 14.53 -34.74 42.97
C ASP B 683 14.34 -35.79 41.89
N ILE B 684 15.02 -35.63 40.76
CA ILE B 684 14.81 -36.52 39.62
C ILE B 684 15.25 -37.94 39.96
N THR B 685 16.45 -38.09 40.51
CA THR B 685 17.02 -39.43 40.69
C THR B 685 16.24 -40.26 41.68
N SER B 686 15.73 -39.63 42.75
CA SER B 686 14.95 -40.33 43.75
C SER B 686 13.45 -40.23 43.51
N THR B 687 13.02 -39.39 42.58
CA THR B 687 11.59 -39.13 42.31
C THR B 687 10.83 -38.70 43.57
N LYS B 688 11.52 -38.28 44.63
CA LYS B 688 10.83 -37.90 45.85
C LYS B 688 10.37 -36.45 45.79
N PHE B 689 9.10 -36.23 46.09
CA PHE B 689 8.48 -34.91 46.01
C PHE B 689 7.87 -34.60 47.37
N LYS B 690 8.30 -33.51 47.99
CA LYS B 690 7.75 -33.07 49.26
C LYS B 690 7.24 -31.65 49.12
N TYR B 691 5.97 -31.44 49.46
CA TYR B 691 5.32 -30.16 49.34
C TYR B 691 4.80 -29.72 50.70
N ALA B 692 5.09 -28.47 51.06
CA ALA B 692 4.66 -27.91 52.33
C ALA B 692 3.60 -26.83 52.08
N VAL B 693 2.46 -26.97 52.74
CA VAL B 693 1.35 -26.04 52.66
C VAL B 693 1.20 -25.34 53.99
N ARG B 694 0.84 -24.06 53.96
CA ARG B 694 0.50 -23.33 55.18
C ARG B 694 -0.96 -22.93 55.10
N VAL B 695 -1.79 -23.52 55.97
CA VAL B 695 -3.23 -23.32 56.00
C VAL B 695 -3.56 -22.32 57.10
N ARG B 696 -4.52 -21.45 56.83
CA ARG B 696 -4.93 -20.42 57.78
C ARG B 696 -6.31 -20.73 58.36
N ALA B 697 -6.75 -19.90 59.31
CA ALA B 697 -8.03 -20.14 59.95
C ALA B 697 -9.20 -19.77 59.05
N ASP B 698 -8.99 -18.88 58.09
CA ASP B 698 -10.07 -18.39 57.23
C ASP B 698 -10.16 -19.12 55.90
N ASP B 699 -9.25 -20.03 55.61
CA ASP B 699 -9.23 -20.66 54.29
C ASP B 699 -10.39 -21.64 54.14
N ILE B 700 -10.80 -21.85 52.88
CA ILE B 700 -12.02 -22.55 52.55
C ILE B 700 -11.68 -23.96 52.08
N ALA B 701 -12.15 -24.97 52.80
CA ALA B 701 -11.91 -26.37 52.46
C ALA B 701 -13.19 -27.18 52.61
N ASN B 702 -13.54 -27.93 51.57
CA ASN B 702 -14.66 -28.86 51.61
C ASN B 702 -14.42 -30.04 50.68
N GLU B 703 -15.49 -30.63 50.15
CA GLU B 703 -15.38 -31.86 49.37
C GLU B 703 -15.24 -31.62 47.87
N GLN B 704 -15.63 -30.45 47.37
CA GLN B 704 -15.33 -30.04 46.01
C GLN B 704 -14.27 -28.95 45.96
N VAL B 705 -13.77 -28.52 47.12
CA VAL B 705 -12.73 -27.51 47.23
C VAL B 705 -11.55 -28.15 47.96
N TYR B 706 -10.47 -28.42 47.23
CA TYR B 706 -9.37 -29.21 47.75
C TYR B 706 -8.07 -28.77 47.07
N THR B 707 -6.95 -29.25 47.61
CA THR B 707 -5.65 -29.00 47.03
C THR B 707 -5.37 -30.03 45.94
N GLU B 708 -5.06 -29.55 44.73
CA GLU B 708 -4.85 -30.41 43.58
C GLU B 708 -3.40 -30.35 43.13
N ILE B 709 -2.77 -31.51 43.04
CA ILE B 709 -1.36 -31.66 42.69
C ILE B 709 -1.24 -32.52 41.44
N TYR B 710 -0.38 -32.11 40.52
CA TYR B 710 -0.10 -32.88 39.32
C TYR B 710 1.13 -33.76 39.56
N LEU B 711 0.98 -35.07 39.36
CA LEU B 711 2.10 -35.99 39.47
C LEU B 711 2.44 -36.51 38.09
N PRO B 712 3.59 -36.14 37.52
CA PRO B 712 3.87 -36.49 36.12
C PRO B 712 4.06 -37.98 35.92
N PHE B 713 3.48 -38.49 34.83
CA PHE B 713 3.77 -39.86 34.41
C PHE B 713 5.22 -40.02 33.99
N VAL B 714 5.91 -38.91 33.67
CA VAL B 714 7.31 -38.99 33.26
C VAL B 714 8.16 -39.59 34.39
N HIS B 715 7.81 -39.27 35.64
CA HIS B 715 8.58 -39.73 36.79
C HIS B 715 7.87 -40.76 37.64
N TYR B 716 6.55 -40.87 37.55
CA TYR B 716 5.79 -41.70 38.48
C TYR B 716 4.96 -42.80 37.84
N ALA B 717 4.86 -42.84 36.51
CA ALA B 717 4.11 -43.91 35.87
C ALA B 717 4.77 -45.25 36.16
N ALA B 718 3.93 -46.27 36.40
CA ALA B 718 4.45 -47.61 36.70
C ALA B 718 5.40 -48.09 35.60
N SER B 719 5.03 -47.87 34.35
CA SER B 719 5.90 -48.20 33.22
C SER B 719 5.62 -47.20 32.11
N LEU B 720 6.68 -46.91 31.33
CA LEU B 720 6.59 -46.01 30.20
C LEU B 720 6.94 -46.71 28.90
N ASN B 721 6.65 -48.01 28.82
CA ASN B 721 6.93 -48.82 27.65
C ASN B 721 5.62 -49.21 26.98
N ALA B 722 5.45 -48.78 25.74
CA ALA B 722 4.25 -49.09 24.95
C ALA B 722 2.97 -48.72 25.68
N LEU B 730 -1.53 -46.25 31.31
CA LEU B 730 -0.58 -45.62 32.20
C LEU B 730 -1.20 -45.39 33.58
N SER B 731 -0.51 -45.83 34.62
CA SER B 731 -0.99 -45.73 35.98
C SER B 731 0.09 -45.12 36.86
N LEU B 732 -0.31 -44.66 38.05
CA LEU B 732 0.62 -44.11 39.03
C LEU B 732 1.04 -45.21 40.01
N ASP B 733 2.35 -45.40 40.14
CA ASP B 733 2.92 -46.38 41.06
C ASP B 733 3.69 -45.64 42.16
N VAL B 734 2.95 -44.98 43.04
CA VAL B 734 3.53 -44.08 44.01
C VAL B 734 3.13 -44.50 45.42
N THR B 735 3.93 -44.06 46.38
CA THR B 735 3.61 -44.14 47.80
C THR B 735 3.49 -42.73 48.33
N ILE B 736 2.33 -42.39 48.89
CA ILE B 736 2.03 -41.06 49.36
C ILE B 736 1.90 -41.09 50.88
N VAL B 737 2.49 -40.11 51.54
CA VAL B 737 2.37 -39.93 52.97
C VAL B 737 1.97 -38.49 53.23
N ALA B 738 0.86 -38.29 53.92
CA ALA B 738 0.30 -36.97 54.16
C ALA B 738 0.29 -36.67 55.65
N SER B 739 0.73 -35.48 56.02
CA SER B 739 0.71 -35.07 57.42
C SER B 739 -0.73 -34.98 57.93
N HIS B 740 -1.60 -34.33 57.16
CA HIS B 740 -3.00 -34.18 57.54
C HIS B 740 -3.89 -34.62 56.39
N GLY B 741 -5.12 -35.03 56.75
CA GLY B 741 -6.17 -35.20 55.77
C GLY B 741 -6.16 -36.53 55.04
N ARG B 742 -6.82 -36.54 53.88
CA ARG B 742 -7.05 -37.71 53.07
C ARG B 742 -6.82 -37.36 51.61
N VAL B 743 -6.29 -38.30 50.83
CA VAL B 743 -5.96 -38.05 49.43
C VAL B 743 -6.46 -39.18 48.54
N GLU B 744 -6.70 -38.83 47.28
CA GLU B 744 -7.02 -39.77 46.21
C GLU B 744 -6.27 -39.33 44.95
N ILE B 745 -5.89 -40.31 44.13
CA ILE B 745 -5.20 -40.05 42.87
C ILE B 745 -6.00 -40.63 41.72
N GLN B 746 -6.02 -39.92 40.61
CA GLN B 746 -6.63 -40.42 39.37
C GLN B 746 -5.89 -39.80 38.20
N GLY B 747 -5.45 -40.64 37.27
CA GLY B 747 -4.70 -40.15 36.12
C GLY B 747 -3.36 -39.60 36.58
N GLN B 748 -3.12 -38.33 36.28
CA GLN B 748 -1.91 -37.63 36.71
C GLN B 748 -2.19 -36.61 37.80
N THR B 749 -3.33 -36.73 38.48
CA THR B 749 -3.80 -35.69 39.40
C THR B 749 -4.02 -36.29 40.79
N LEU B 750 -3.44 -35.64 41.79
CA LEU B 750 -3.59 -36.03 43.19
C LEU B 750 -4.45 -35.00 43.88
N ARG B 751 -5.54 -35.44 44.48
CA ARG B 751 -6.46 -34.57 45.21
C ARG B 751 -6.25 -34.78 46.70
N TRP B 752 -6.14 -33.68 47.44
CA TRP B 752 -5.77 -33.72 48.85
C TRP B 752 -6.76 -32.88 49.64
N TRP B 753 -7.56 -33.54 50.48
CA TRP B 753 -8.48 -32.87 51.38
C TRP B 753 -7.88 -32.81 52.78
N TYR B 754 -8.05 -31.68 53.45
CA TYR B 754 -7.54 -31.51 54.80
C TYR B 754 -8.26 -30.36 55.47
N PRO B 755 -8.47 -30.42 56.78
CA PRO B 755 -9.17 -29.35 57.48
C PRO B 755 -8.24 -28.23 57.93
N VAL B 756 -8.78 -27.02 57.93
CA VAL B 756 -8.06 -25.84 58.40
C VAL B 756 -8.02 -25.88 59.92
N PRO B 757 -7.07 -25.19 60.57
CA PRO B 757 -7.07 -25.15 62.03
C PRO B 757 -8.15 -24.23 62.57
N GLY B 758 -8.60 -24.54 63.78
CA GLY B 758 -9.50 -23.63 64.47
C GLY B 758 -8.82 -22.39 65.01
N THR B 759 -7.49 -22.34 64.96
CA THR B 759 -6.74 -21.21 65.50
C THR B 759 -5.49 -21.00 64.67
N GLY B 760 -5.23 -19.74 64.30
CA GLY B 760 -3.96 -19.36 63.69
C GLY B 760 -3.66 -20.14 62.42
N GLU B 761 -2.38 -20.48 62.25
CA GLU B 761 -1.91 -21.21 61.10
C GLU B 761 -1.09 -22.41 61.54
N GLU B 762 -1.01 -23.41 60.67
CA GLU B 762 -0.06 -24.49 60.80
C GLU B 762 0.32 -24.98 59.41
N VAL B 763 1.43 -25.71 59.33
CA VAL B 763 2.01 -26.12 58.07
C VAL B 763 1.75 -27.60 57.86
N TYR B 764 1.03 -27.93 56.79
CA TYR B 764 0.79 -29.31 56.40
C TYR B 764 1.79 -29.70 55.31
N THR B 765 2.18 -30.97 55.32
CA THR B 765 3.14 -31.48 54.35
C THR B 765 2.60 -32.74 53.71
N ILE B 766 3.18 -33.08 52.56
CA ILE B 766 2.83 -34.30 51.83
C ILE B 766 4.05 -34.72 51.03
N GLU B 767 4.28 -36.03 50.97
CA GLU B 767 5.47 -36.58 50.31
C GLU B 767 5.06 -37.71 49.38
N VAL B 768 5.43 -37.59 48.11
CA VAL B 768 5.12 -38.58 47.09
C VAL B 768 6.43 -39.12 46.53
N GLN B 769 6.62 -40.43 46.67
CA GLN B 769 7.76 -41.11 46.08
C GLN B 769 7.26 -42.28 45.24
N ARG B 770 7.81 -42.41 44.04
CA ARG B 770 7.41 -43.51 43.18
C ARG B 770 7.94 -44.83 43.73
N ASN B 771 7.09 -45.85 43.74
CA ASN B 771 7.49 -47.17 44.20
C ASN B 771 8.57 -47.75 43.29
N GLY B 772 9.69 -48.14 43.88
CA GLY B 772 10.80 -48.67 43.14
C GLY B 772 11.86 -47.66 42.75
N GLY B 773 11.71 -46.40 43.15
CA GLY B 773 12.70 -45.40 42.82
C GLY B 773 12.49 -44.81 41.43
N ALA B 774 13.59 -44.43 40.79
CA ALA B 774 13.52 -43.79 39.49
C ALA B 774 13.10 -44.79 38.42
N LEU B 775 12.63 -44.24 37.29
CA LEU B 775 12.25 -45.04 36.14
C LEU B 775 13.47 -45.37 35.29
N ARG B 776 13.26 -45.69 34.02
CA ARG B 776 14.36 -45.87 33.08
C ARG B 776 14.05 -45.31 31.69
N ARG B 777 12.86 -44.77 31.46
CA ARG B 777 12.47 -44.06 30.24
C ARG B 777 12.99 -44.68 28.94
N PRO C 5 4.18 49.52 -14.29
CA PRO C 5 4.75 48.31 -13.67
C PRO C 5 5.92 48.62 -12.75
N PRO C 6 5.77 48.30 -11.46
CA PRO C 6 6.83 48.61 -10.49
C PRO C 6 8.09 47.78 -10.73
N GLU C 7 9.20 48.30 -10.21
CA GLU C 7 10.47 47.59 -10.30
C GLU C 7 10.47 46.34 -9.44
N VAL C 8 9.68 46.32 -8.37
CA VAL C 8 9.70 45.24 -7.40
C VAL C 8 8.32 44.61 -7.31
N SER C 9 8.28 43.41 -6.72
CA SER C 9 7.09 42.59 -6.60
C SER C 9 6.16 43.12 -5.52
N PRO C 10 4.84 43.03 -5.72
CA PRO C 10 3.91 43.48 -4.68
C PRO C 10 3.71 42.48 -3.56
N VAL C 11 4.09 41.22 -3.75
CA VAL C 11 3.88 40.20 -2.74
C VAL C 11 5.13 39.96 -1.89
N THR C 12 6.32 39.98 -2.50
CA THR C 12 7.56 39.78 -1.78
C THR C 12 8.39 41.03 -1.59
N GLY C 13 8.32 41.98 -2.51
CA GLY C 13 9.16 43.15 -2.46
C GLY C 13 10.50 43.01 -3.15
N ASN C 14 10.79 41.86 -3.71
CA ASN C 14 12.03 41.65 -4.44
C ASN C 14 11.93 42.18 -5.86
N PRO C 15 13.06 42.47 -6.50
CA PRO C 15 13.03 42.76 -7.94
C PRO C 15 12.52 41.56 -8.73
N VAL C 16 11.97 41.84 -9.91
CA VAL C 16 11.26 40.83 -10.69
C VAL C 16 12.10 40.42 -11.89
N SER C 17 11.86 39.19 -12.36
CA SER C 17 12.54 38.66 -13.54
C SER C 17 12.18 39.50 -14.76
N PRO C 18 13.02 39.47 -15.80
CA PRO C 18 12.66 40.16 -17.05
C PRO C 18 11.38 39.64 -17.68
N HIS C 19 11.05 38.37 -17.48
CA HIS C 19 9.84 37.78 -18.04
C HIS C 19 8.65 37.86 -17.10
N TYR C 20 8.74 38.68 -16.05
CA TYR C 20 7.65 38.84 -15.10
C TYR C 20 6.41 39.40 -15.78
N ILE C 21 5.28 38.74 -15.59
CA ILE C 21 3.99 39.23 -16.03
C ILE C 21 3.30 39.85 -14.82
N HIS C 22 3.11 41.16 -14.85
CA HIS C 22 2.47 41.86 -13.74
C HIS C 22 0.97 41.62 -13.77
N SER C 23 0.40 41.31 -12.61
CA SER C 23 -1.03 41.20 -12.41
C SER C 23 -1.50 42.27 -11.43
N SER C 24 -0.98 43.49 -11.58
CA SER C 24 -1.30 44.59 -10.69
C SER C 24 -2.49 45.40 -11.16
N THR C 25 -2.74 45.41 -12.47
CA THR C 25 -3.72 46.26 -13.12
C THR C 25 -4.91 45.44 -13.61
N LEU C 26 -5.78 46.10 -14.38
CA LEU C 26 -6.89 45.40 -15.03
C LEU C 26 -6.43 44.57 -16.22
N HIS C 27 -5.16 44.62 -16.59
CA HIS C 27 -4.62 43.84 -17.68
C HIS C 27 -3.26 43.27 -17.28
N PHE C 28 -2.91 42.15 -17.91
CA PHE C 28 -1.57 41.61 -17.75
C PHE C 28 -0.55 42.57 -18.37
N GLN C 29 0.60 42.71 -17.71
CA GLN C 29 1.63 43.65 -18.15
C GLN C 29 3.01 43.02 -18.05
N ASP C 30 3.82 43.20 -19.08
CA ASP C 30 5.22 42.86 -18.96
C ASP C 30 5.98 44.01 -18.30
N VAL C 31 7.25 43.77 -17.98
CA VAL C 31 8.04 44.77 -17.26
C VAL C 31 8.27 46.04 -18.05
N ASN C 32 7.93 46.05 -19.34
CA ASN C 32 8.01 47.25 -20.15
C ASN C 32 6.71 48.04 -20.19
N GLY C 33 5.64 47.51 -19.61
CA GLY C 33 4.38 48.22 -19.53
C GLY C 33 3.35 47.86 -20.57
N ARG C 34 3.63 46.88 -21.43
CA ARG C 34 2.70 46.51 -22.49
C ARG C 34 1.56 45.66 -21.94
N SER C 35 0.33 46.00 -22.34
CA SER C 35 -0.83 45.21 -21.96
C SER C 35 -0.82 43.89 -22.73
N LEU C 36 -0.80 42.78 -22.00
CA LEU C 36 -0.70 41.45 -22.60
C LEU C 36 -2.07 40.80 -22.69
N VAL C 37 -2.20 39.88 -23.64
CA VAL C 37 -3.43 39.11 -23.82
C VAL C 37 -3.05 37.64 -23.98
N LEU C 38 -3.46 36.82 -23.03
CA LEU C 38 -3.14 35.40 -23.02
C LEU C 38 -4.31 34.62 -23.62
N ARG C 39 -4.05 33.84 -24.66
CA ARG C 39 -5.09 33.03 -25.29
C ARG C 39 -4.50 31.69 -25.69
N GLY C 40 -5.13 30.62 -25.25
CA GLY C 40 -4.65 29.28 -25.53
C GLY C 40 -5.73 28.26 -25.25
N VAL C 41 -5.30 27.04 -24.90
CA VAL C 41 -6.21 25.92 -24.73
C VAL C 41 -5.96 25.25 -23.38
N ASN C 42 -6.94 24.44 -22.98
CA ASN C 42 -6.79 23.57 -21.81
C ASN C 42 -6.09 22.29 -22.23
N LEU C 43 -5.08 21.89 -21.46
CA LEU C 43 -4.23 20.76 -21.83
C LEU C 43 -4.00 19.88 -20.61
N SER C 44 -4.77 18.79 -20.50
CA SER C 44 -5.88 18.44 -21.39
C SER C 44 -6.82 17.48 -20.67
N GLY C 45 -8.04 17.36 -21.19
CA GLY C 45 -9.01 16.45 -20.61
C GLY C 45 -8.56 15.01 -20.55
N SER C 46 -7.60 14.62 -21.40
CA SER C 46 -7.11 13.25 -21.38
C SER C 46 -6.38 12.92 -20.09
N ALA C 47 -5.91 13.95 -19.35
CA ALA C 47 -5.25 13.75 -18.07
C ALA C 47 -6.22 13.43 -16.95
N LYS C 48 -7.52 13.31 -17.23
CA LYS C 48 -8.52 13.03 -16.19
C LYS C 48 -8.55 11.57 -15.78
N HIS C 49 -8.12 10.66 -16.65
CA HIS C 49 -8.21 9.23 -16.41
C HIS C 49 -6.88 8.57 -16.78
N PRO C 50 -6.60 7.39 -16.21
CA PRO C 50 -5.35 6.71 -16.53
C PRO C 50 -5.32 6.14 -17.94
N ASN C 51 -4.23 5.47 -18.30
CA ASN C 51 -4.10 4.90 -19.63
C ASN C 51 -5.00 3.69 -19.77
N ASN C 52 -5.67 3.59 -20.93
CA ASN C 52 -6.56 2.48 -21.25
C ASN C 52 -7.66 2.30 -20.22
N GLN C 53 -8.11 3.40 -19.62
CA GLN C 53 -9.27 3.38 -18.71
C GLN C 53 -10.15 4.59 -18.99
N PRO C 54 -10.74 4.66 -20.19
CA PRO C 54 -11.66 5.76 -20.48
C PRO C 54 -12.97 5.60 -19.72
N SER C 55 -13.79 6.64 -19.78
CA SER C 55 -14.98 6.70 -18.93
C SER C 55 -15.97 5.59 -19.23
N HIS C 56 -15.96 5.06 -20.46
CA HIS C 56 -16.97 4.09 -20.89
C HIS C 56 -16.51 2.64 -20.73
N ILE C 57 -15.33 2.40 -20.16
CA ILE C 57 -14.80 1.05 -20.00
C ILE C 57 -14.80 0.71 -18.51
N ARG C 58 -15.44 -0.40 -18.16
CA ARG C 58 -15.47 -0.85 -16.77
C ARG C 58 -14.40 -1.88 -16.45
N GLU C 59 -13.98 -2.67 -17.44
CA GLU C 59 -12.97 -3.69 -17.21
C GLU C 59 -11.69 -3.06 -16.69
N GLY C 60 -11.35 -3.35 -15.44
CA GLY C 60 -10.20 -2.77 -14.79
C GLY C 60 -10.47 -1.47 -14.06
N PHE C 61 -11.60 -0.82 -14.33
CA PHE C 61 -11.87 0.49 -13.73
C PHE C 61 -11.68 0.47 -12.22
N TRP C 62 -12.37 -0.44 -11.53
CA TRP C 62 -12.27 -0.50 -10.08
C TRP C 62 -10.99 -1.17 -9.62
N GLU C 63 -10.54 -2.19 -10.34
CA GLU C 63 -9.46 -3.04 -9.85
C GLU C 63 -8.14 -2.27 -9.75
N THR C 64 -7.84 -1.42 -10.73
CA THR C 64 -6.59 -0.65 -10.68
C THR C 64 -6.59 0.32 -9.50
N ALA C 65 -7.68 1.07 -9.33
CA ALA C 65 -7.71 2.10 -8.29
C ALA C 65 -7.72 1.48 -6.91
N GLU C 66 -8.32 0.30 -6.74
CA GLU C 66 -8.30 -0.36 -5.45
C GLU C 66 -6.89 -0.79 -5.06
N ALA C 67 -6.06 -1.12 -6.04
CA ALA C 67 -4.67 -1.48 -5.79
C ALA C 67 -3.78 -0.27 -5.50
N GLY C 68 -4.35 0.94 -5.51
CA GLY C 68 -3.56 2.14 -5.33
C GLY C 68 -2.83 2.60 -6.57
N LYS C 69 -3.12 2.00 -7.73
CA LYS C 69 -2.43 2.33 -8.96
C LYS C 69 -2.98 3.62 -9.57
N GLY C 70 -2.16 4.25 -10.40
CA GLY C 70 -2.56 5.46 -11.10
C GLY C 70 -1.63 5.80 -12.24
N ASP C 71 -1.75 5.07 -13.36
CA ASP C 71 -0.85 5.21 -14.50
C ASP C 71 -1.33 6.36 -15.39
N PHE C 72 -0.91 7.57 -15.05
CA PHE C 72 -1.22 8.75 -15.83
C PHE C 72 -0.06 9.21 -16.72
N ILE C 73 0.99 8.41 -16.83
CA ILE C 73 2.16 8.80 -17.61
C ILE C 73 1.77 8.96 -19.07
N ASN C 74 2.40 9.94 -19.73
CA ASN C 74 2.20 10.25 -21.15
C ASN C 74 0.81 10.81 -21.44
N LYS C 75 0.11 11.28 -20.39
CA LYS C 75 -1.12 12.04 -20.54
C LYS C 75 -0.92 13.40 -19.87
N PRO C 76 -1.17 14.51 -20.57
CA PRO C 76 -1.79 14.64 -21.90
C PRO C 76 -0.88 14.38 -23.10
N LEU C 77 0.41 14.66 -23.01
CA LEU C 77 1.33 14.53 -24.13
C LEU C 77 2.31 13.39 -23.91
N ASN C 78 2.62 12.68 -25.00
CA ASN C 78 3.46 11.49 -24.97
C ASN C 78 4.90 11.89 -25.26
N LEU C 79 5.74 11.85 -24.22
CA LEU C 79 7.13 12.27 -24.34
C LEU C 79 8.03 11.20 -24.96
N ASP C 80 7.55 9.98 -25.14
CA ASP C 80 8.41 8.89 -25.58
C ASP C 80 8.41 8.69 -27.10
N ASP C 81 7.35 9.09 -27.79
CA ASP C 81 7.24 8.84 -29.23
C ASP C 81 7.42 10.09 -30.08
N GLY C 82 7.81 11.21 -29.49
CA GLY C 82 7.97 12.44 -30.25
C GLY C 82 6.69 13.11 -30.67
N SER C 83 5.55 12.63 -30.18
CA SER C 83 4.25 13.25 -30.49
C SER C 83 4.08 14.61 -29.85
N ALA C 84 4.81 14.89 -28.76
CA ALA C 84 4.53 16.07 -27.95
C ALA C 84 4.95 17.35 -28.67
N ASP C 85 6.10 17.33 -29.35
CA ASP C 85 6.56 18.51 -30.07
C ASP C 85 5.64 18.85 -31.23
N LEU C 86 4.95 17.86 -31.80
CA LEU C 86 4.01 18.12 -32.88
C LEU C 86 2.77 18.85 -32.36
N HIS C 87 2.19 18.34 -31.28
CA HIS C 87 1.00 18.98 -30.71
C HIS C 87 1.30 20.40 -30.25
N LEU C 88 2.47 20.60 -29.64
CA LEU C 88 2.84 21.94 -29.17
C LEU C 88 3.12 22.88 -30.34
N ALA C 89 3.72 22.36 -31.41
CA ALA C 89 3.94 23.20 -32.59
C ALA C 89 2.61 23.64 -33.20
N ARG C 90 1.62 22.75 -33.20
CA ARG C 90 0.31 23.09 -33.74
C ARG C 90 -0.32 24.23 -32.95
N LEU C 91 -0.26 24.15 -31.61
CA LEU C 91 -0.82 25.21 -30.78
C LEU C 91 -0.02 26.50 -30.91
N LYS C 92 1.30 26.39 -31.02
CA LYS C 92 2.13 27.58 -31.19
C LYS C 92 1.85 28.26 -32.53
N ALA C 93 1.64 27.48 -33.59
CA ALA C 93 1.38 28.04 -34.89
C ALA C 93 -0.03 28.60 -35.00
N TRP C 94 -0.98 28.06 -34.22
CA TRP C 94 -2.30 28.65 -34.11
C TRP C 94 -2.30 29.97 -33.38
N GLY C 95 -1.16 30.43 -32.89
CA GLY C 95 -1.05 31.71 -32.22
C GLY C 95 -1.25 31.69 -30.72
N TYR C 96 -1.28 30.52 -30.11
CA TYR C 96 -1.55 30.41 -28.68
C TYR C 96 -0.29 30.60 -27.86
N ASN C 97 -0.41 31.39 -26.78
CA ASN C 97 0.69 31.62 -25.85
C ASN C 97 0.33 31.21 -24.42
N LEU C 98 -0.75 30.47 -24.23
CA LEU C 98 -1.24 30.10 -22.91
C LEU C 98 -1.66 28.65 -22.91
N LEU C 99 -1.36 27.95 -21.82
CA LEU C 99 -1.86 26.60 -21.60
C LEU C 99 -2.31 26.48 -20.15
N ARG C 100 -3.52 25.96 -19.94
CA ARG C 100 -4.04 25.69 -18.61
C ARG C 100 -3.79 24.20 -18.34
N TYR C 101 -2.65 23.91 -17.73
CA TYR C 101 -2.25 22.51 -17.53
C TYR C 101 -3.20 21.83 -16.57
N VAL C 102 -3.68 20.65 -16.96
CA VAL C 102 -4.71 19.92 -16.23
C VAL C 102 -4.07 18.74 -15.51
N PHE C 103 -4.30 18.67 -14.20
CA PHE C 103 -3.85 17.56 -13.38
C PHE C 103 -4.86 17.39 -12.25
N THR C 104 -5.06 16.14 -11.82
CA THR C 104 -6.05 15.83 -10.80
C THR C 104 -5.39 15.35 -9.51
N TRP C 105 -6.13 15.50 -8.42
CA TRP C 105 -5.72 14.98 -7.13
C TRP C 105 -5.41 13.49 -7.20
N GLU C 106 -6.21 12.73 -7.96
CA GLU C 106 -5.99 11.29 -8.07
C GLU C 106 -4.60 10.96 -8.56
N SER C 107 -4.15 11.64 -9.64
CA SER C 107 -2.86 11.34 -10.24
C SER C 107 -1.69 11.62 -9.30
N LEU C 108 -1.92 12.37 -8.22
CA LEU C 108 -0.86 12.71 -7.28
C LEU C 108 -0.86 11.84 -6.02
N GLU C 109 -2.01 11.27 -5.64
CA GLU C 109 -2.14 10.61 -4.35
C GLU C 109 -2.96 9.32 -4.49
N HIS C 110 -2.78 8.60 -5.58
CA HIS C 110 -3.60 7.41 -5.81
C HIS C 110 -3.18 6.24 -4.94
N ALA C 111 -1.92 6.18 -4.53
CA ALA C 111 -1.45 5.06 -3.71
C ALA C 111 -2.10 5.08 -2.34
N GLY C 112 -2.29 6.26 -1.77
CA GLY C 112 -2.88 6.40 -0.46
C GLY C 112 -2.57 7.73 0.16
N PRO C 113 -3.09 7.97 1.37
CA PRO C 113 -2.85 9.26 2.03
C PRO C 113 -1.36 9.53 2.22
N LYS C 114 -0.94 10.70 1.72
CA LYS C 114 0.46 11.15 1.79
C LYS C 114 1.42 10.17 1.13
N GLU C 115 0.95 9.37 0.18
CA GLU C 115 1.79 8.45 -0.58
C GLU C 115 1.76 8.92 -2.04
N TYR C 116 2.59 9.91 -2.34
CA TYR C 116 2.48 10.62 -3.61
C TYR C 116 3.19 9.87 -4.73
N ASP C 117 2.84 10.24 -5.96
CA ASP C 117 3.43 9.67 -7.18
C ASP C 117 4.41 10.71 -7.72
N TYR C 118 5.65 10.64 -7.24
CA TYR C 118 6.66 11.59 -7.68
C TYR C 118 7.11 11.33 -9.11
N ALA C 119 6.95 10.10 -9.61
CA ALA C 119 7.25 9.82 -11.00
C ALA C 119 6.37 10.63 -11.93
N TYR C 120 5.09 10.81 -11.57
CA TYR C 120 4.19 11.61 -12.40
C TYR C 120 4.46 13.10 -12.21
N MET C 121 4.84 13.53 -11.01
CA MET C 121 5.20 14.93 -10.79
C MET C 121 6.41 15.32 -11.61
N ASP C 122 7.38 14.42 -11.75
CA ASP C 122 8.51 14.68 -12.64
C ASP C 122 8.08 14.69 -14.10
N TYR C 123 7.10 13.85 -14.46
CA TYR C 123 6.57 13.89 -15.82
C TYR C 123 5.93 15.23 -16.11
N ILE C 124 5.10 15.73 -15.20
CA ILE C 124 4.52 17.06 -15.34
C ILE C 124 5.63 18.09 -15.55
N ILE C 125 6.65 18.04 -14.71
CA ILE C 125 7.80 18.93 -14.85
C ILE C 125 8.43 18.78 -16.23
N ALA C 126 8.58 17.53 -16.68
CA ALA C 126 9.13 17.29 -18.02
C ALA C 126 8.25 17.90 -19.09
N VAL C 127 6.92 17.79 -18.95
CA VAL C 127 6.01 18.39 -19.92
C VAL C 127 6.08 19.91 -19.84
N LEU C 128 6.11 20.45 -18.62
CA LEU C 128 6.20 21.90 -18.46
C LEU C 128 7.46 22.47 -19.09
N ARG C 129 8.55 21.69 -19.11
CA ARG C 129 9.79 22.19 -19.68
C ARG C 129 9.67 22.38 -21.19
N LYS C 130 8.88 21.53 -21.86
CA LYS C 130 8.60 21.76 -23.27
C LYS C 130 7.63 22.91 -23.47
N CYS C 131 6.75 23.15 -22.49
CA CYS C 131 5.89 24.33 -22.53
C CYS C 131 6.73 25.60 -22.59
N LYS C 132 7.75 25.69 -21.74
CA LYS C 132 8.64 26.84 -21.77
C LYS C 132 9.51 26.84 -23.02
N GLU C 133 10.00 25.67 -23.42
CA GLU C 133 10.79 25.55 -24.63
C GLU C 133 10.02 26.07 -25.84
N TRP C 134 8.71 25.86 -25.86
CA TRP C 134 7.85 26.32 -26.95
C TRP C 134 7.25 27.70 -26.70
N GLY C 135 7.59 28.35 -25.59
CA GLY C 135 7.20 29.72 -25.36
C GLY C 135 5.83 29.92 -24.76
N PHE C 136 5.23 28.88 -24.18
CA PHE C 136 3.90 28.99 -23.61
C PHE C 136 3.97 29.55 -22.20
N ARG C 137 2.94 30.29 -21.82
CA ARG C 137 2.71 30.68 -20.44
C ARG C 137 1.70 29.72 -19.84
N VAL C 138 2.00 29.20 -18.65
CA VAL C 138 1.21 28.15 -18.02
C VAL C 138 0.71 28.62 -16.67
N PHE C 139 -0.51 28.22 -16.33
CA PHE C 139 -0.95 28.25 -14.94
C PHE C 139 -1.65 26.91 -14.66
N MET C 140 -1.42 26.39 -13.46
CA MET C 140 -1.77 25.01 -13.14
C MET C 140 -3.21 24.90 -12.69
N ASP C 141 -3.88 23.85 -13.15
CA ASP C 141 -5.28 23.61 -12.83
C ASP C 141 -5.43 22.31 -12.05
N PRO C 142 -5.59 22.37 -10.73
CA PRO C 142 -5.99 21.17 -9.98
C PRO C 142 -7.41 20.79 -10.34
N HIS C 143 -7.55 19.92 -11.34
CA HIS C 143 -8.84 19.65 -11.96
C HIS C 143 -9.63 18.61 -11.18
N GLN C 144 -10.96 18.70 -11.31
CA GLN C 144 -11.86 17.69 -10.78
C GLN C 144 -13.23 17.89 -11.42
N ASP C 145 -14.00 16.81 -11.48
CA ASP C 145 -15.37 16.86 -11.96
C ASP C 145 -16.21 15.93 -11.09
N VAL C 146 -17.33 16.46 -10.58
CA VAL C 146 -18.21 15.79 -9.61
C VAL C 146 -17.40 14.92 -8.66
N TRP C 147 -16.34 15.52 -8.09
CA TRP C 147 -15.46 14.99 -7.05
C TRP C 147 -14.40 14.01 -7.58
N SER C 148 -14.82 12.98 -8.31
CA SER C 148 -13.87 11.95 -8.71
C SER C 148 -14.43 11.18 -9.90
N ARG C 149 -13.56 10.37 -10.51
CA ARG C 149 -14.03 9.42 -11.53
C ARG C 149 -15.05 8.46 -10.95
N PHE C 150 -14.89 8.10 -9.68
CA PHE C 150 -15.72 7.09 -9.04
C PHE C 150 -17.10 7.61 -8.65
N THR C 151 -17.29 8.93 -8.67
CA THR C 151 -18.61 9.52 -8.50
C THR C 151 -19.12 10.15 -9.79
N GLY C 152 -18.49 9.82 -10.93
CA GLY C 152 -19.01 10.18 -12.23
C GLY C 152 -18.18 11.15 -13.04
N GLY C 153 -16.99 11.52 -12.59
CA GLY C 153 -16.22 12.52 -13.31
C GLY C 153 -14.72 12.32 -13.28
N SER C 154 -14.04 13.12 -12.46
CA SER C 154 -12.60 13.06 -12.30
C SER C 154 -12.22 13.84 -11.05
N GLY C 155 -10.99 13.64 -10.59
CA GLY C 155 -10.48 14.43 -9.49
C GLY C 155 -9.86 13.64 -8.35
N ALA C 156 -10.66 13.30 -7.35
CA ALA C 156 -10.15 12.77 -6.09
C ALA C 156 -9.82 11.28 -6.21
N PRO C 157 -8.85 10.79 -5.43
CA PRO C 157 -8.50 9.37 -5.48
C PRO C 157 -9.56 8.51 -4.80
N LEU C 158 -9.50 7.22 -5.12
CA LEU C 158 -10.55 6.29 -4.68
C LEU C 158 -10.71 6.28 -3.17
N TRP C 159 -9.60 6.26 -2.43
CA TRP C 159 -9.69 6.08 -0.98
C TRP C 159 -10.49 7.20 -0.31
N THR C 160 -10.65 8.34 -0.97
CA THR C 160 -11.44 9.42 -0.39
C THR C 160 -12.89 9.02 -0.19
N LEU C 161 -13.40 8.12 -1.02
CA LEU C 161 -14.77 7.63 -0.83
C LEU C 161 -14.89 6.84 0.47
N TYR C 162 -13.98 5.89 0.70
CA TYR C 162 -13.96 5.17 1.97
C TYR C 162 -13.66 6.10 3.12
N ALA C 163 -12.92 7.19 2.87
CA ALA C 163 -12.66 8.18 3.92
C ALA C 163 -13.96 8.78 4.43
N CYS C 164 -14.95 8.96 3.54
CA CYS C 164 -16.26 9.47 3.93
C CYS C 164 -17.26 8.36 4.22
N GLY C 165 -16.81 7.12 4.33
CA GLY C 165 -17.68 6.02 4.69
C GLY C 165 -18.68 5.63 3.63
N ILE C 166 -18.27 5.64 2.36
CA ILE C 166 -19.17 5.35 1.25
C ILE C 166 -18.67 4.11 0.53
N ASP C 167 -19.52 3.10 0.42
CA ASP C 167 -19.20 1.92 -0.36
C ASP C 167 -19.31 2.24 -1.84
N PRO C 168 -18.22 2.19 -2.60
CA PRO C 168 -18.28 2.60 -4.01
C PRO C 168 -19.19 1.72 -4.86
N TYR C 169 -19.20 0.41 -4.61
CA TYR C 169 -19.95 -0.50 -5.47
C TYR C 169 -21.46 -0.44 -5.25
N HIS C 170 -21.94 0.41 -4.33
CA HIS C 170 -23.36 0.64 -4.13
C HIS C 170 -23.79 2.01 -4.65
N LEU C 171 -22.97 2.65 -5.47
CA LEU C 171 -23.31 3.98 -5.98
C LEU C 171 -24.39 3.90 -7.06
N THR C 172 -24.28 2.91 -7.95
CA THR C 172 -25.24 2.80 -9.05
C THR C 172 -26.60 2.29 -8.54
N ALA C 173 -26.59 1.31 -7.64
CA ALA C 173 -27.84 0.74 -7.16
C ALA C 173 -28.68 1.77 -6.42
N THR C 174 -28.03 2.66 -5.68
CA THR C 174 -28.72 3.67 -4.89
C THR C 174 -29.03 4.94 -5.67
N ALA C 175 -28.63 5.02 -6.93
CA ALA C 175 -28.71 6.25 -7.72
C ALA C 175 -28.06 7.42 -6.99
N ALA C 176 -27.00 7.14 -6.23
CA ALA C 176 -26.24 8.20 -5.58
C ALA C 176 -25.22 8.82 -6.52
N ALA C 177 -24.84 8.12 -7.59
CA ALA C 177 -23.96 8.66 -8.60
C ALA C 177 -24.15 7.86 -9.88
N TYR C 178 -24.31 8.56 -11.00
CA TYR C 178 -24.45 7.91 -12.30
C TYR C 178 -23.07 7.83 -12.96
N LEU C 179 -22.58 6.61 -13.15
CA LEU C 179 -21.27 6.38 -13.75
C LEU C 179 -21.42 5.93 -15.20
N HIS C 180 -20.56 6.48 -16.06
CA HIS C 180 -20.64 6.16 -17.49
C HIS C 180 -20.42 4.68 -17.74
N CYS C 181 -19.47 4.06 -17.01
CA CYS C 181 -19.21 2.64 -17.23
C CYS C 181 -20.27 1.73 -16.64
N GLU C 182 -21.20 2.27 -15.86
CA GLU C 182 -22.26 1.49 -15.23
C GLU C 182 -23.63 2.05 -15.58
N TRP C 183 -23.83 2.41 -16.86
CA TRP C 183 -25.10 2.93 -17.34
C TRP C 183 -25.72 1.96 -18.33
N PRO C 184 -26.99 1.58 -18.17
CA PRO C 184 -27.86 2.02 -17.06
C PRO C 184 -27.65 1.21 -15.79
N SER C 185 -27.12 0.00 -15.94
CA SER C 185 -26.85 -0.88 -14.83
C SER C 185 -25.42 -1.42 -14.94
N ALA C 186 -24.82 -1.71 -13.78
CA ALA C 186 -23.50 -2.32 -13.79
C ALA C 186 -23.56 -3.76 -14.28
N GLU C 187 -24.69 -4.44 -14.04
CA GLU C 187 -24.84 -5.82 -14.47
C GLU C 187 -24.82 -5.97 -15.99
N SER C 188 -25.37 -5.00 -16.70
CA SER C 188 -25.40 -5.04 -18.17
C SER C 188 -25.40 -3.60 -18.66
N PRO C 189 -24.23 -3.05 -18.98
CA PRO C 189 -24.15 -1.63 -19.31
C PRO C 189 -24.11 -1.35 -20.80
N LYS C 190 -24.82 -0.31 -21.24
CA LYS C 190 -24.78 0.19 -22.60
C LYS C 190 -24.28 1.63 -22.54
N PRO C 191 -22.96 1.84 -22.57
CA PRO C 191 -22.43 3.20 -22.36
C PRO C 191 -22.72 4.16 -23.50
N GLN C 192 -23.10 3.67 -24.69
CA GLN C 192 -23.37 4.58 -25.79
C GLN C 192 -24.68 5.32 -25.62
N ASP C 193 -25.61 4.78 -24.83
CA ASP C 193 -26.88 5.45 -24.55
C ASP C 193 -26.78 6.40 -23.37
N PHE C 194 -25.57 6.64 -22.86
CA PHE C 194 -25.34 7.60 -21.80
C PHE C 194 -25.87 8.97 -22.24
N PRO C 195 -26.88 9.52 -21.57
CA PRO C 195 -27.50 10.76 -22.04
C PRO C 195 -26.50 11.91 -22.07
N ALA C 196 -26.86 12.93 -22.84
CA ALA C 196 -25.98 14.07 -23.07
C ALA C 196 -25.84 14.89 -21.79
N MET C 197 -24.62 14.98 -21.27
CA MET C 197 -24.27 15.85 -20.14
C MET C 197 -25.08 15.53 -18.89
N ILE C 198 -25.51 14.27 -18.74
CA ILE C 198 -26.18 13.87 -17.51
C ILE C 198 -25.18 13.72 -16.36
N TRP C 199 -23.89 13.64 -16.67
CA TRP C 199 -22.88 13.49 -15.61
C TRP C 199 -22.88 14.69 -14.68
N GLY C 200 -23.13 15.89 -15.23
CA GLY C 200 -23.12 17.08 -14.40
C GLY C 200 -24.17 17.07 -13.33
N THR C 201 -25.29 16.38 -13.56
CA THR C 201 -26.33 16.27 -12.55
C THR C 201 -25.89 15.48 -11.32
N ASN C 202 -24.70 14.86 -11.37
CA ASN C 202 -24.18 14.16 -10.20
C ASN C 202 -24.01 15.09 -9.01
N TYR C 203 -23.82 16.39 -9.23
CA TYR C 203 -23.66 17.33 -8.12
C TYR C 203 -24.87 17.39 -7.22
N THR C 204 -26.05 17.03 -7.73
CA THR C 204 -27.29 17.09 -6.95
C THR C 204 -27.79 15.70 -6.56
N HIS C 205 -26.97 14.66 -6.74
CA HIS C 205 -27.27 13.33 -6.24
C HIS C 205 -26.53 13.10 -4.93
N LEU C 206 -26.90 12.02 -4.24
CA LEU C 206 -26.54 11.85 -2.83
C LEU C 206 -25.02 11.84 -2.62
N ALA C 207 -24.29 11.12 -3.48
CA ALA C 207 -22.85 10.92 -3.23
C ALA C 207 -22.10 12.24 -3.25
N ASN C 208 -22.25 13.01 -4.33
CA ASN C 208 -21.61 14.33 -4.37
C ASN C 208 -22.20 15.26 -3.32
N GLN C 209 -23.51 15.15 -3.07
CA GLN C 209 -24.12 15.96 -2.01
C GLN C 209 -23.49 15.68 -0.67
N THR C 210 -23.24 14.41 -0.36
CA THR C 210 -22.67 14.06 0.93
C THR C 210 -21.20 14.46 1.02
N ILE C 211 -20.41 14.15 -0.01
CA ILE C 211 -18.97 14.35 0.05
C ILE C 211 -18.64 15.85 0.04
N TRP C 212 -19.26 16.61 -0.85
CA TRP C 212 -18.95 18.04 -0.96
C TRP C 212 -19.34 18.79 0.31
N THR C 213 -20.38 18.33 1.01
CA THR C 213 -20.71 18.93 2.30
C THR C 213 -19.60 18.68 3.32
N PHE C 214 -19.06 17.46 3.34
CA PHE C 214 -17.92 17.17 4.19
C PHE C 214 -16.75 18.10 3.88
N PHE C 215 -16.49 18.32 2.58
CA PHE C 215 -15.25 18.99 2.18
C PHE C 215 -15.21 20.44 2.66
N PHE C 216 -16.29 21.18 2.48
CA PHE C 216 -16.28 22.61 2.77
C PHE C 216 -16.84 22.97 4.13
N ALA C 217 -17.78 22.17 4.66
CA ALA C 217 -18.43 22.52 5.91
C ALA C 217 -18.68 21.28 6.77
N GLY C 218 -17.76 20.31 6.72
CA GLY C 218 -17.93 19.12 7.54
C GLY C 218 -17.96 19.43 9.03
N LYS C 219 -17.12 20.38 9.46
CA LYS C 219 -17.11 20.76 10.88
C LYS C 219 -18.44 21.37 11.31
N THR C 220 -19.14 22.04 10.39
CA THR C 220 -20.38 22.72 10.74
C THR C 220 -21.58 21.79 10.68
N TYR C 221 -21.62 20.89 9.70
CA TYR C 221 -22.79 20.04 9.48
C TYR C 221 -22.56 18.56 9.78
N ALA C 222 -21.32 18.14 10.06
CA ALA C 222 -21.03 16.75 10.43
C ALA C 222 -19.98 16.73 11.54
N PRO C 223 -20.30 17.29 12.70
CA PRO C 223 -19.29 17.35 13.78
C PRO C 223 -18.91 15.99 14.35
N LYS C 224 -19.63 14.92 14.00
CA LYS C 224 -19.34 13.60 14.54
C LYS C 224 -18.38 12.80 13.70
N CYS C 225 -18.26 13.10 12.40
CA CYS C 225 -17.46 12.30 11.46
C CYS C 225 -15.98 12.63 11.65
N ILE C 226 -15.40 12.06 12.69
CA ILE C 226 -14.00 12.30 13.04
C ILE C 226 -13.14 11.22 12.40
N ILE C 227 -12.02 11.63 11.80
CA ILE C 227 -11.11 10.70 11.16
C ILE C 227 -9.68 11.18 11.42
N ASP C 228 -8.84 10.28 11.94
CA ASP C 228 -7.47 10.62 12.32
C ASP C 228 -7.44 11.82 13.27
N GLY C 229 -8.39 11.83 14.21
CA GLY C 229 -8.48 12.90 15.18
C GLY C 229 -9.00 14.22 14.66
N LYS C 230 -9.23 14.34 13.36
CA LYS C 230 -9.73 15.56 12.76
C LYS C 230 -11.10 15.30 12.12
N ASN C 231 -11.87 16.36 11.97
CA ASN C 231 -13.11 16.26 11.23
C ASN C 231 -12.83 15.98 9.77
N ILE C 232 -13.79 15.33 9.11
CA ILE C 232 -13.63 14.95 7.71
C ILE C 232 -13.30 16.17 6.84
N GLN C 233 -13.75 17.35 7.25
CA GLN C 233 -13.48 18.57 6.49
C GLN C 233 -11.98 18.84 6.40
N ASP C 234 -11.31 18.91 7.55
CA ASP C 234 -9.87 19.17 7.55
C ASP C 234 -9.10 18.00 6.94
N PHE C 235 -9.51 16.77 7.24
CA PHE C 235 -8.87 15.61 6.66
C PHE C 235 -8.88 15.68 5.13
N LEU C 236 -10.02 16.05 4.54
CA LEU C 236 -10.12 16.11 3.09
C LEU C 236 -9.43 17.33 2.53
N GLN C 237 -9.62 18.50 3.14
CA GLN C 237 -9.03 19.72 2.62
C GLN C 237 -7.51 19.69 2.75
N ASP C 238 -7.00 19.28 3.91
CA ASP C 238 -5.55 19.24 4.10
C ASP C 238 -4.89 18.28 3.12
N HIS C 239 -5.48 17.10 2.93
CA HIS C 239 -4.89 16.12 2.01
C HIS C 239 -4.92 16.63 0.58
N PHE C 240 -6.00 17.32 0.19
CA PHE C 240 -6.07 17.89 -1.16
C PHE C 240 -5.05 19.02 -1.32
N ILE C 241 -4.99 19.92 -0.35
CA ILE C 241 -4.03 21.03 -0.43
C ILE C 241 -2.61 20.51 -0.39
N ASP C 242 -2.33 19.53 0.47
CA ASP C 242 -0.97 19.01 0.59
C ASP C 242 -0.50 18.35 -0.70
N ALA C 243 -1.40 17.71 -1.45
CA ALA C 243 -1.00 17.10 -2.71
C ALA C 243 -0.73 18.15 -3.77
N VAL C 244 -1.48 19.25 -3.76
CA VAL C 244 -1.17 20.34 -4.69
C VAL C 244 0.08 21.08 -4.23
N GLY C 245 0.25 21.20 -2.91
CA GLY C 245 1.46 21.82 -2.39
C GLY C 245 2.71 21.02 -2.70
N GLU C 246 2.61 19.69 -2.71
CA GLU C 246 3.76 18.86 -3.05
C GLU C 246 4.18 19.06 -4.48
N LEU C 247 3.22 19.12 -5.41
CA LEU C 247 3.54 19.35 -6.81
C LEU C 247 4.22 20.71 -7.00
N ALA C 248 3.74 21.73 -6.29
CA ALA C 248 4.40 23.03 -6.34
C ALA C 248 5.79 22.97 -5.72
N LYS C 249 5.93 22.24 -4.61
CA LYS C 249 7.24 22.08 -4.00
C LYS C 249 8.21 21.36 -4.93
N ARG C 250 7.74 20.30 -5.58
CA ARG C 250 8.59 19.57 -6.52
C ARG C 250 9.06 20.48 -7.65
N ILE C 251 8.17 21.34 -8.17
CA ILE C 251 8.56 22.25 -9.23
C ILE C 251 9.55 23.29 -8.71
N ALA C 252 9.28 23.86 -7.53
CA ALA C 252 10.16 24.90 -7.01
C ALA C 252 11.54 24.37 -6.64
N GLU C 253 11.67 23.08 -6.35
CA GLU C 253 12.94 22.52 -5.89
C GLU C 253 13.73 21.82 -6.98
N GLU C 254 13.08 21.07 -7.88
CA GLU C 254 13.83 20.38 -8.92
C GLU C 254 13.70 21.02 -10.30
N ALA C 255 12.86 22.04 -10.46
CA ALA C 255 12.73 22.73 -11.73
C ALA C 255 12.35 24.19 -11.52
N GLY C 256 13.07 24.86 -10.61
CA GLY C 256 12.76 26.24 -10.25
C GLY C 256 12.75 27.21 -11.43
N ASP C 257 13.44 26.90 -12.52
CA ASP C 257 13.44 27.76 -13.70
C ASP C 257 12.06 27.83 -14.36
N LEU C 258 11.14 26.94 -14.01
CA LEU C 258 9.80 26.98 -14.60
C LEU C 258 8.97 28.12 -14.04
N LEU C 259 9.22 28.52 -12.80
CA LEU C 259 8.31 29.43 -12.11
C LEU C 259 8.42 30.86 -12.67
N ASP C 260 7.26 31.48 -12.89
CA ASP C 260 7.11 32.86 -13.34
C ASP C 260 7.49 33.06 -14.81
N GLU C 261 8.60 32.47 -15.24
CA GLU C 261 8.94 32.53 -16.66
C GLU C 261 7.98 31.71 -17.49
N CYS C 262 7.45 30.62 -16.94
CA CYS C 262 6.56 29.75 -17.68
C CYS C 262 5.28 29.50 -16.88
N VAL C 263 5.38 28.80 -15.75
CA VAL C 263 4.22 28.60 -14.88
C VAL C 263 4.04 29.87 -14.06
N ILE C 264 3.07 30.71 -14.45
CA ILE C 264 2.91 32.02 -13.83
C ILE C 264 2.00 32.02 -12.61
N GLY C 265 1.23 30.97 -12.39
CA GLY C 265 0.34 30.95 -11.25
C GLY C 265 -0.40 29.63 -11.17
N TRP C 266 -1.21 29.52 -10.12
CA TRP C 266 -2.00 28.31 -9.88
C TRP C 266 -3.48 28.67 -9.84
N ASP C 267 -4.31 27.78 -10.37
CA ASP C 267 -5.75 28.00 -10.37
C ASP C 267 -6.35 27.46 -9.08
N SER C 268 -7.52 27.99 -8.74
CA SER C 268 -8.29 27.46 -7.63
C SER C 268 -8.77 26.04 -7.95
N ILE C 269 -9.27 25.35 -6.92
CA ILE C 269 -9.83 24.02 -7.14
C ILE C 269 -10.94 24.11 -8.17
N ASN C 270 -10.87 23.25 -9.20
CA ASN C 270 -11.70 23.42 -10.38
C ASN C 270 -13.15 23.11 -10.07
N GLU C 271 -14.02 24.11 -10.29
CA GLU C 271 -15.47 24.03 -10.17
C GLU C 271 -15.90 23.24 -8.94
N PRO C 272 -15.69 23.76 -7.74
CA PRO C 272 -16.01 22.99 -6.53
C PRO C 272 -17.52 22.81 -6.39
N GLY C 273 -17.93 21.58 -6.06
CA GLY C 273 -19.32 21.34 -5.77
C GLY C 273 -19.72 21.93 -4.42
N GLU C 274 -20.98 22.39 -4.34
CA GLU C 274 -21.48 23.01 -3.14
C GLU C 274 -22.17 22.01 -2.21
N GLY C 275 -22.46 20.80 -2.68
CA GLY C 275 -23.09 19.80 -1.82
C GLY C 275 -24.50 20.21 -1.44
N LEU C 276 -24.82 20.06 -0.15
CA LEU C 276 -26.10 20.49 0.40
C LEU C 276 -25.99 21.83 1.11
N ILE C 277 -24.81 22.44 1.15
CA ILE C 277 -24.61 23.68 1.89
C ILE C 277 -25.50 24.77 1.31
N GLY C 278 -26.31 25.38 2.17
CA GLY C 278 -27.17 26.47 1.77
C GLY C 278 -28.52 26.07 1.23
N CYS C 279 -28.83 24.78 1.19
CA CYS C 279 -30.12 24.32 0.69
C CYS C 279 -31.21 24.68 1.70
N LYS C 280 -32.21 25.46 1.26
CA LYS C 280 -33.22 25.95 2.18
C LYS C 280 -34.28 24.92 2.51
N ASP C 281 -34.50 23.93 1.63
CA ASP C 281 -35.55 22.94 1.87
C ASP C 281 -35.15 21.63 1.21
N LEU C 282 -34.86 20.63 2.04
CA LEU C 282 -34.39 19.32 1.57
C LEU C 282 -35.48 18.49 0.92
N ALA C 283 -36.75 18.88 1.06
CA ALA C 283 -37.86 18.14 0.49
C ALA C 283 -38.14 18.53 -0.96
N VAL C 284 -37.56 19.63 -1.44
CA VAL C 284 -37.81 20.11 -2.80
C VAL C 284 -36.49 20.36 -3.49
N ILE C 285 -36.51 20.21 -4.81
CA ILE C 285 -35.44 20.71 -5.67
C ILE C 285 -35.84 22.11 -6.13
N PRO C 286 -35.05 23.14 -5.84
CA PRO C 286 -35.49 24.51 -6.13
C PRO C 286 -35.49 24.79 -7.63
N ALA C 287 -36.36 25.72 -8.02
CA ALA C 287 -36.48 26.08 -9.43
C ALA C 287 -35.25 26.81 -9.95
N GLU C 288 -34.42 27.37 -9.06
CA GLU C 288 -33.21 28.04 -9.51
C GLU C 288 -31.98 27.14 -9.49
N GLN C 289 -32.10 25.91 -8.98
CA GLN C 289 -31.16 24.88 -9.40
C GLN C 289 -31.35 24.68 -10.89
N GLN C 290 -30.40 25.17 -11.69
CA GLN C 290 -30.63 25.30 -13.11
C GLN C 290 -30.38 24.02 -13.90
N LEU C 291 -29.58 23.10 -13.39
CA LEU C 291 -29.25 21.88 -14.10
C LEU C 291 -30.03 20.71 -13.51
N LYS C 292 -30.96 20.16 -14.27
CA LYS C 292 -31.62 18.91 -13.95
C LYS C 292 -31.78 18.11 -15.23
N LYS C 293 -31.55 16.80 -15.15
CA LYS C 293 -31.80 15.92 -16.29
C LYS C 293 -31.85 14.49 -15.79
N GLY C 294 -32.76 13.70 -16.35
CA GLY C 294 -32.95 12.33 -15.96
C GLY C 294 -33.55 12.22 -14.57
N PRO C 295 -33.46 11.04 -13.97
CA PRO C 295 -34.02 10.84 -12.62
C PRO C 295 -33.36 11.79 -11.62
N SER C 296 -34.17 12.67 -11.04
CA SER C 296 -33.70 13.78 -10.21
C SER C 296 -34.34 13.69 -8.84
N PRO C 297 -33.80 12.86 -7.95
CA PRO C 297 -34.35 12.76 -6.60
C PRO C 297 -34.09 14.03 -5.79
N THR C 298 -35.05 14.36 -4.94
CA THR C 298 -34.83 15.41 -3.95
C THR C 298 -33.69 14.99 -3.02
N PRO C 299 -33.13 15.93 -2.26
CA PRO C 299 -32.16 15.53 -1.24
C PRO C 299 -32.67 14.44 -0.32
N ILE C 300 -33.89 14.59 0.22
CA ILE C 300 -34.42 13.61 1.15
C ILE C 300 -34.72 12.29 0.45
N GLU C 301 -35.21 12.34 -0.80
CA GLU C 301 -35.41 11.11 -1.57
C GLU C 301 -34.09 10.42 -1.84
N GLY C 302 -33.05 11.20 -2.17
CA GLY C 302 -31.73 10.62 -2.37
C GLY C 302 -31.22 9.93 -1.12
N MET C 303 -31.46 10.54 0.05
CA MET C 303 -31.04 9.91 1.30
C MET C 303 -31.82 8.63 1.56
N ARG C 304 -33.12 8.64 1.29
CA ARG C 304 -33.91 7.43 1.49
C ARG C 304 -33.45 6.32 0.54
N LEU C 305 -33.12 6.68 -0.71
CA LEU C 305 -32.55 5.70 -1.62
C LEU C 305 -31.24 5.14 -1.08
N GLY C 306 -30.45 5.98 -0.40
CA GLY C 306 -29.21 5.52 0.19
C GLY C 306 -29.39 4.48 1.27
N MET C 307 -30.59 4.38 1.85
CA MET C 307 -30.92 3.36 2.82
C MET C 307 -31.65 2.18 2.20
N GLY C 308 -31.60 2.04 0.88
CA GLY C 308 -32.26 0.95 0.19
C GLY C 308 -33.74 1.16 -0.10
N GLU C 309 -34.36 2.16 0.53
CA GLU C 309 -35.78 2.40 0.31
C GLU C 309 -36.05 2.81 -1.12
N ALA C 310 -37.11 2.24 -1.71
CA ALA C 310 -37.54 2.62 -3.05
C ALA C 310 -38.24 3.97 -2.96
N GLN C 311 -37.61 4.99 -3.53
CA GLN C 311 -38.13 6.35 -3.58
C GLN C 311 -38.13 6.82 -5.02
N ASP C 312 -39.14 7.60 -5.41
CA ASP C 312 -39.35 7.73 -6.85
C ASP C 312 -39.62 9.14 -7.29
N VAL C 313 -39.01 9.45 -8.42
CA VAL C 313 -38.52 10.78 -8.71
C VAL C 313 -39.24 11.33 -9.92
N GLN C 314 -39.05 12.62 -10.12
CA GLN C 314 -39.48 13.27 -11.35
C GLN C 314 -38.29 13.37 -12.28
N ALA C 315 -38.38 12.72 -13.43
CA ALA C 315 -37.32 12.75 -14.43
C ALA C 315 -37.47 14.00 -15.28
N TRP C 316 -36.39 14.74 -15.44
CA TRP C 316 -36.44 16.02 -16.15
C TRP C 316 -35.88 15.88 -17.56
N ASN C 317 -36.56 16.54 -18.50
CA ASN C 317 -36.07 16.67 -19.86
C ASN C 317 -35.46 18.05 -20.04
N PHE C 318 -34.52 18.16 -20.97
CA PHE C 318 -33.90 19.45 -21.29
C PHE C 318 -34.52 19.96 -22.58
N GLY C 319 -35.48 20.88 -22.45
CA GLY C 319 -36.17 21.44 -23.59
C GLY C 319 -35.43 22.64 -24.16
N PRO C 320 -36.07 23.33 -25.11
CA PRO C 320 -35.40 24.48 -25.73
C PRO C 320 -35.18 25.64 -24.78
N MET C 321 -36.03 25.80 -23.75
CA MET C 321 -35.91 26.91 -22.82
C MET C 321 -35.44 26.46 -21.44
N GLY C 322 -34.72 25.35 -21.36
CA GLY C 322 -34.21 24.87 -20.11
C GLY C 322 -34.79 23.52 -19.73
N PRO C 323 -34.56 23.09 -18.49
CA PRO C 323 -35.11 21.81 -18.03
C PRO C 323 -36.59 21.91 -17.76
N TYR C 324 -37.25 20.75 -17.80
CA TYR C 324 -38.69 20.71 -17.53
C TYR C 324 -39.09 19.31 -17.10
N ARG C 325 -40.16 19.23 -16.32
CA ARG C 325 -40.61 17.97 -15.77
C ARG C 325 -41.12 17.04 -16.87
N GLY C 326 -40.84 15.75 -16.74
CA GLY C 326 -41.30 14.78 -17.70
C GLY C 326 -41.89 13.54 -17.05
N SER C 327 -41.30 12.38 -17.34
CA SER C 327 -41.75 11.13 -16.78
C SER C 327 -41.52 11.08 -15.26
N ARG C 328 -42.11 10.07 -14.62
CA ARG C 328 -41.72 9.67 -13.28
C ARG C 328 -41.14 8.27 -13.36
N GLN C 329 -39.93 8.10 -12.84
CA GLN C 329 -39.20 6.84 -12.92
C GLN C 329 -39.05 6.24 -11.53
N THR C 330 -38.47 5.05 -11.45
CA THR C 330 -38.35 4.33 -10.17
C THR C 330 -36.95 3.74 -9.98
N ILE C 331 -36.20 4.39 -9.10
CA ILE C 331 -35.02 3.82 -8.48
C ILE C 331 -35.49 2.90 -7.36
N ASP C 332 -35.22 1.60 -7.50
CA ASP C 332 -35.50 0.62 -6.46
C ASP C 332 -34.17 0.00 -6.04
N PRO C 333 -33.52 0.55 -5.01
CA PRO C 333 -32.25 -0.05 -4.54
C PRO C 333 -32.41 -1.45 -4.01
N LYS C 334 -33.62 -1.85 -3.59
CA LYS C 334 -33.90 -3.18 -3.06
C LYS C 334 -33.01 -3.49 -1.86
N GLY C 335 -33.06 -2.62 -0.87
CA GLY C 335 -32.30 -2.80 0.36
C GLY C 335 -30.82 -2.50 0.26
N VAL C 336 -30.26 -2.36 -0.94
CA VAL C 336 -28.85 -2.01 -1.09
C VAL C 336 -28.63 -0.61 -0.53
N LYS C 337 -27.59 -0.45 0.29
CA LYS C 337 -27.33 0.81 0.97
C LYS C 337 -25.99 1.38 0.53
N LEU C 338 -25.91 2.71 0.54
CA LEU C 338 -24.72 3.40 0.04
C LEU C 338 -23.55 3.30 1.01
N TRP C 339 -23.83 3.14 2.30
CA TRP C 339 -22.83 3.37 3.33
C TRP C 339 -22.04 2.10 3.63
N LEU C 340 -20.78 2.30 4.02
CA LEU C 340 -19.91 1.20 4.41
C LEU C 340 -20.41 0.55 5.69
N SER C 341 -20.46 -0.77 5.71
CA SER C 341 -20.61 -1.48 6.97
C SER C 341 -19.27 -1.47 7.71
N LYS C 342 -19.34 -1.66 9.04
CA LYS C 342 -18.11 -1.65 9.82
C LYS C 342 -17.17 -2.78 9.38
N GLU C 343 -17.73 -3.95 9.05
CA GLU C 343 -16.89 -5.03 8.53
C GLU C 343 -16.25 -4.65 7.20
N ASP C 344 -16.92 -3.83 6.40
CA ASP C 344 -16.32 -3.35 5.16
C ASP C 344 -15.29 -2.25 5.44
N ASP C 345 -15.51 -1.45 6.49
CA ASP C 345 -14.54 -0.40 6.82
C ASP C 345 -13.24 -0.97 7.32
N VAL C 346 -13.28 -2.12 7.99
CA VAL C 346 -12.04 -2.77 8.41
C VAL C 346 -11.38 -3.47 7.21
N LYS C 347 -12.19 -4.00 6.29
CA LYS C 347 -11.65 -4.74 5.16
C LYS C 347 -11.20 -3.83 4.03
N ARG C 348 -11.97 -2.77 3.74
CA ARG C 348 -11.70 -1.92 2.59
C ARG C 348 -11.56 -0.44 2.91
N GLY C 349 -11.80 -0.03 4.16
CA GLY C 349 -11.77 1.39 4.49
C GLY C 349 -10.65 1.78 5.42
N SER C 350 -10.98 2.04 6.68
CA SER C 350 -9.97 2.49 7.64
C SER C 350 -8.87 1.45 7.83
N GLY C 351 -9.25 0.18 7.97
CA GLY C 351 -8.27 -0.86 8.18
C GLY C 351 -7.42 -1.18 6.97
N LYS C 352 -7.79 -0.68 5.79
CA LYS C 352 -7.04 -0.94 4.56
C LYS C 352 -6.16 0.24 4.16
N TRP C 353 -6.65 1.48 4.31
CA TRP C 353 -5.92 2.65 3.86
C TRP C 353 -5.08 3.30 4.96
N GLY C 354 -5.42 3.09 6.23
CA GLY C 354 -4.58 3.55 7.31
C GLY C 354 -5.04 4.82 8.00
N TRP C 355 -6.28 4.82 8.49
CA TRP C 355 -6.77 5.89 9.35
C TRP C 355 -7.71 5.29 10.38
N THR C 356 -8.10 6.11 11.36
CA THR C 356 -8.95 5.68 12.46
C THR C 356 -10.19 6.55 12.50
N ARG C 357 -11.36 5.92 12.43
CA ARG C 357 -12.63 6.61 12.44
C ARG C 357 -13.12 6.83 13.87
N GLY C 358 -13.78 7.97 14.10
CA GLY C 358 -14.28 8.28 15.43
C GLY C 358 -15.38 7.35 15.88
N LYS C 359 -15.65 7.38 17.19
CA LYS C 359 -16.69 6.53 17.75
C LYS C 359 -18.09 6.99 17.36
N GLU C 360 -18.28 8.29 17.17
CA GLU C 360 -19.58 8.85 16.83
C GLU C 360 -19.88 8.82 15.34
N TRP C 361 -18.91 8.44 14.51
CA TRP C 361 -19.16 8.28 13.08
C TRP C 361 -19.81 6.92 12.89
N ALA C 362 -21.13 6.90 12.69
CA ALA C 362 -21.84 5.67 12.46
C ALA C 362 -21.66 5.22 11.02
N LEU C 363 -21.69 3.90 10.81
CA LEU C 363 -21.48 3.32 9.50
C LEU C 363 -22.62 2.34 9.20
N GLY C 364 -22.82 2.07 7.91
CA GLY C 364 -23.93 1.26 7.47
C GLY C 364 -25.28 1.95 7.55
N THR C 365 -25.33 3.21 7.99
CA THR C 365 -26.55 3.98 8.10
C THR C 365 -26.34 5.33 7.42
N CYS C 366 -27.45 6.03 7.19
CA CYS C 366 -27.35 7.39 6.64
C CYS C 366 -26.69 8.30 7.68
N ILE C 367 -25.59 8.94 7.28
CA ILE C 367 -24.86 9.78 8.23
C ILE C 367 -25.62 11.05 8.52
N TRP C 368 -26.44 11.52 7.56
CA TRP C 368 -27.21 12.74 7.81
C TRP C 368 -28.36 12.49 8.77
N ALA C 369 -28.99 11.31 8.67
CA ALA C 369 -29.96 10.91 9.68
C ALA C 369 -29.31 10.79 11.05
N HIS C 370 -28.06 10.33 11.09
CA HIS C 370 -27.34 10.23 12.35
C HIS C 370 -27.11 11.61 12.99
N HIS C 371 -27.21 12.68 12.21
CA HIS C 371 -27.10 14.04 12.73
C HIS C 371 -28.46 14.69 12.96
N GLY C 372 -29.54 13.92 12.90
CA GLY C 372 -30.86 14.43 13.21
C GLY C 372 -31.59 15.10 12.06
N VAL C 373 -31.17 14.87 10.81
CA VAL C 373 -31.84 15.51 9.69
C VAL C 373 -33.14 14.79 9.35
N TRP C 374 -33.14 13.45 9.40
CA TRP C 374 -34.36 12.67 9.22
C TRP C 374 -34.28 11.42 10.09
N GLU C 375 -35.43 10.78 10.26
CA GLU C 375 -35.58 9.61 11.12
C GLU C 375 -35.77 8.38 10.25
N ILE C 376 -34.80 7.46 10.28
CA ILE C 376 -34.85 6.30 9.41
C ILE C 376 -36.02 5.39 9.76
N ALA C 377 -36.39 5.31 11.04
CA ALA C 377 -37.51 4.46 11.44
C ALA C 377 -38.82 4.93 10.82
N THR C 378 -39.09 6.24 10.90
CA THR C 378 -40.29 6.81 10.31
C THR C 378 -40.10 7.26 8.87
N SER C 379 -38.85 7.36 8.40
CA SER C 379 -38.52 7.81 7.04
C SER C 379 -39.04 9.21 6.76
N THR C 380 -39.10 10.06 7.79
CA THR C 380 -39.64 11.40 7.66
C THR C 380 -38.56 12.44 7.91
N LEU C 381 -38.67 13.55 7.19
CA LEU C 381 -37.72 14.66 7.31
C LEU C 381 -37.98 15.43 8.59
N LEU C 382 -36.93 15.59 9.41
CA LEU C 382 -37.03 16.25 10.70
C LEU C 382 -36.58 17.71 10.66
N ARG C 383 -35.40 17.97 10.11
CA ARG C 383 -34.87 19.33 9.99
C ARG C 383 -34.70 19.64 8.50
N PRO C 384 -35.78 20.08 7.83
CA PRO C 384 -35.68 20.37 6.39
C PRO C 384 -34.82 21.58 6.07
N ASP C 385 -34.59 22.47 7.04
CA ASP C 385 -33.73 23.63 6.88
C ASP C 385 -32.37 23.43 7.54
N TYR C 386 -31.91 22.19 7.66
CA TYR C 386 -30.71 21.91 8.44
C TYR C 386 -29.50 22.62 7.86
N PHE C 387 -29.32 22.55 6.55
CA PHE C 387 -28.19 23.17 5.89
C PHE C 387 -28.43 24.65 5.57
N SER C 388 -29.64 25.15 5.86
CA SER C 388 -29.93 26.56 5.60
C SER C 388 -29.03 27.49 6.40
N THR C 389 -28.68 27.09 7.62
CA THR C 389 -28.00 27.98 8.55
C THR C 389 -27.13 27.15 9.48
N LEU C 390 -26.38 27.83 10.34
CA LEU C 390 -25.50 27.15 11.28
C LEU C 390 -26.32 26.45 12.37
N PRO C 391 -26.09 25.16 12.62
CA PRO C 391 -26.82 24.50 13.70
C PRO C 391 -26.64 25.17 15.05
N THR C 392 -25.51 25.86 15.26
CA THR C 392 -25.26 26.55 16.52
C THR C 392 -25.81 27.97 16.55
N ASN C 393 -25.92 28.62 15.38
CA ASN C 393 -26.50 29.96 15.27
C ASN C 393 -27.55 29.91 14.18
N PRO C 394 -28.75 29.43 14.49
CA PRO C 394 -29.77 29.23 13.44
C PRO C 394 -30.29 30.52 12.81
N GLY C 395 -29.94 31.68 13.34
CA GLY C 395 -30.35 32.93 12.72
C GLY C 395 -29.53 33.27 11.50
N HIS C 396 -28.20 33.12 11.62
CA HIS C 396 -27.26 33.38 10.54
C HIS C 396 -27.46 32.42 9.38
N GLN C 397 -27.98 32.90 8.26
CA GLN C 397 -28.04 32.10 7.04
C GLN C 397 -26.68 32.07 6.36
N VAL C 398 -26.27 30.90 5.90
CA VAL C 398 -24.95 30.71 5.35
C VAL C 398 -24.93 31.07 3.88
N ASP C 399 -23.80 31.63 3.44
CA ASP C 399 -23.48 31.83 2.03
C ASP C 399 -22.30 30.93 1.73
N PHE C 400 -22.51 29.92 0.87
CA PHE C 400 -21.49 28.90 0.66
C PHE C 400 -20.17 29.51 0.23
N VAL C 401 -20.20 30.52 -0.64
CA VAL C 401 -18.97 31.10 -1.16
C VAL C 401 -18.25 31.90 -0.08
N ASP C 402 -18.95 32.84 0.55
CA ASP C 402 -18.32 33.69 1.55
C ASP C 402 -17.95 32.91 2.81
N ASP C 403 -18.81 31.98 3.23
CA ASP C 403 -18.67 31.38 4.55
C ASP C 403 -17.90 30.06 4.54
N PHE C 404 -17.68 29.45 3.39
CA PHE C 404 -17.00 28.16 3.37
C PHE C 404 -15.96 28.08 2.26
N TRP C 405 -16.35 28.40 1.02
CA TRP C 405 -15.38 28.36 -0.07
C TRP C 405 -14.25 29.34 0.18
N ALA C 406 -14.57 30.56 0.60
CA ALA C 406 -13.54 31.54 0.94
C ALA C 406 -12.56 30.98 1.96
N LEU C 407 -13.08 30.24 2.95
CA LEU C 407 -12.22 29.65 3.97
C LEU C 407 -11.25 28.66 3.35
N HIS C 408 -11.72 27.81 2.43
CA HIS C 408 -10.85 26.86 1.77
C HIS C 408 -9.82 27.56 0.89
N TRP C 409 -10.23 28.64 0.22
CA TRP C 409 -9.30 29.35 -0.65
C TRP C 409 -8.16 29.96 0.14
N LEU C 410 -8.45 30.53 1.31
CA LEU C 410 -7.41 31.13 2.13
C LEU C 410 -6.33 30.12 2.49
N ALA C 411 -6.74 28.88 2.79
CA ALA C 411 -5.76 27.85 3.10
C ALA C 411 -5.02 27.38 1.86
N TYR C 412 -5.69 27.35 0.71
CA TYR C 412 -5.06 26.88 -0.52
C TYR C 412 -4.10 27.92 -1.09
N SER C 413 -4.49 29.19 -1.05
CA SER C 413 -3.64 30.23 -1.64
C SER C 413 -2.33 30.36 -0.89
N SER C 414 -2.36 30.30 0.44
CA SER C 414 -1.14 30.47 1.22
C SER C 414 -0.15 29.33 0.96
N ARG C 415 -0.66 28.11 0.77
CA ARG C 415 0.22 26.99 0.43
C ARG C 415 0.86 27.20 -0.94
N ILE C 416 0.09 27.71 -1.90
CA ILE C 416 0.65 27.99 -3.22
C ILE C 416 1.74 29.04 -3.11
N ARG C 417 1.52 30.08 -2.31
CA ARG C 417 2.53 31.10 -2.10
C ARG C 417 3.73 30.57 -1.33
N LEU C 418 3.55 29.52 -0.53
CA LEU C 418 4.65 29.00 0.28
C LEU C 418 5.77 28.43 -0.57
N HIS C 419 5.42 27.73 -1.66
CA HIS C 419 6.43 27.16 -2.54
C HIS C 419 6.61 27.94 -3.83
N HIS C 420 5.61 28.72 -4.23
CA HIS C 420 5.70 29.59 -5.41
C HIS C 420 5.46 31.01 -4.93
N PRO C 421 6.48 31.68 -4.40
CA PRO C 421 6.27 33.01 -3.79
C PRO C 421 5.66 34.02 -4.75
N GLU C 422 6.08 34.04 -6.01
CA GLU C 422 5.59 35.01 -6.99
C GLU C 422 4.37 34.50 -7.74
N SER C 423 3.66 33.51 -7.21
CA SER C 423 2.54 32.91 -7.91
C SER C 423 1.39 33.90 -8.08
N ILE C 424 0.80 33.91 -9.27
CA ILE C 424 -0.46 34.61 -9.51
C ILE C 424 -1.60 33.75 -9.00
N HIS C 425 -2.46 34.33 -8.17
CA HIS C 425 -3.62 33.62 -7.64
C HIS C 425 -4.74 33.66 -8.68
N PHE C 426 -4.85 32.62 -9.48
CA PHE C 426 -5.96 32.49 -10.42
C PHE C 426 -7.20 32.04 -9.66
N ILE C 427 -8.16 32.95 -9.50
CA ILE C 427 -9.30 32.77 -8.61
C ILE C 427 -10.49 32.30 -9.44
N GLN C 428 -10.89 31.04 -9.25
CA GLN C 428 -12.06 30.47 -9.93
C GLN C 428 -13.16 30.23 -8.91
N ALA C 429 -14.19 31.06 -8.94
CA ALA C 429 -15.33 30.88 -8.06
C ALA C 429 -16.19 29.71 -8.52
N PRO C 430 -17.06 29.20 -7.65
CA PRO C 430 -18.01 28.17 -8.09
C PRO C 430 -18.83 28.64 -9.29
N VAL C 431 -19.29 27.67 -10.07
CA VAL C 431 -19.93 27.98 -11.35
C VAL C 431 -21.19 28.80 -11.12
N LEU C 432 -21.34 29.87 -11.92
CA LEU C 432 -22.51 30.74 -11.85
C LEU C 432 -22.68 31.38 -10.47
N ARG C 433 -21.58 31.50 -9.74
CA ARG C 433 -21.57 32.20 -8.46
C ARG C 433 -20.56 33.33 -8.54
N GLN C 434 -20.90 34.46 -7.91
CA GLN C 434 -19.99 35.58 -7.85
C GLN C 434 -18.87 35.28 -6.86
N PRO C 435 -17.66 35.77 -7.12
CA PRO C 435 -16.55 35.53 -6.18
C PRO C 435 -16.74 36.36 -4.92
N PRO C 436 -16.07 35.99 -3.83
CA PRO C 436 -16.11 36.80 -2.61
C PRO C 436 -15.03 37.87 -2.61
N LYS C 437 -15.22 38.87 -1.76
CA LYS C 437 -14.26 39.97 -1.60
C LYS C 437 -13.11 39.47 -0.74
N LEU C 438 -12.06 38.97 -1.41
CA LEU C 438 -10.91 38.40 -0.72
C LEU C 438 -9.98 39.50 -0.20
N PRO C 439 -9.30 39.25 0.92
CA PRO C 439 -8.44 40.30 1.48
C PRO C 439 -7.16 40.49 0.68
N GLU C 440 -6.65 41.71 0.73
CA GLU C 440 -5.44 42.05 -0.02
C GLU C 440 -4.18 41.42 0.59
N SER C 441 -4.22 41.03 1.86
CA SER C 441 -3.06 40.39 2.46
C SER C 441 -2.80 39.01 1.89
N PHE C 442 -3.82 38.37 1.31
CA PHE C 442 -3.63 37.10 0.62
C PHE C 442 -3.39 37.27 -0.87
N LEU C 443 -4.02 38.28 -1.48
CA LEU C 443 -3.77 38.55 -2.90
C LEU C 443 -2.45 39.28 -3.09
N LYS C 444 -2.20 40.32 -2.31
CA LYS C 444 -0.96 41.09 -2.36
C LYS C 444 -0.68 41.58 -3.77
N GLY C 445 -1.72 42.08 -4.44
CA GLY C 445 -1.57 42.68 -5.76
C GLY C 445 -1.08 41.74 -6.83
N ARG C 446 -1.41 40.44 -6.74
CA ARG C 446 -0.97 39.48 -7.76
C ARG C 446 -2.05 38.40 -7.85
N ALA C 447 -3.11 38.71 -8.60
CA ALA C 447 -4.26 37.81 -8.69
C ALA C 447 -4.94 38.00 -10.03
N CYS C 448 -5.71 36.99 -10.43
CA CYS C 448 -6.44 37.00 -11.69
C CYS C 448 -7.72 36.21 -11.52
N SER C 449 -8.84 36.78 -11.97
CA SER C 449 -10.12 36.09 -11.88
C SER C 449 -10.20 35.01 -12.94
N SER C 450 -10.67 33.83 -12.54
CA SER C 450 -10.69 32.68 -13.45
C SER C 450 -12.09 32.13 -13.69
N PRO C 451 -13.06 32.93 -14.11
CA PRO C 451 -14.40 32.40 -14.32
C PRO C 451 -14.44 31.49 -15.53
N HIS C 452 -15.38 30.55 -15.51
CA HIS C 452 -15.67 29.72 -16.67
C HIS C 452 -16.98 30.17 -17.30
N PHE C 453 -17.00 30.19 -18.63
CA PHE C 453 -18.20 30.57 -19.36
C PHE C 453 -18.42 29.60 -20.50
N TYR C 454 -19.65 29.15 -20.66
CA TYR C 454 -20.03 28.26 -21.74
C TYR C 454 -21.37 28.71 -22.33
N ASP C 455 -21.51 28.56 -23.64
CA ASP C 455 -22.83 28.61 -24.25
C ASP C 455 -23.62 27.43 -23.71
N GLY C 456 -24.32 27.63 -22.59
CA GLY C 456 -24.93 26.51 -21.89
C GLY C 456 -26.00 25.80 -22.71
N LEU C 457 -26.74 26.57 -23.52
CA LEU C 457 -27.75 25.97 -24.39
C LEU C 457 -27.07 25.08 -25.43
N THR C 458 -26.07 25.61 -26.13
CA THR C 458 -25.33 24.81 -27.11
C THR C 458 -24.69 23.60 -26.45
N LEU C 459 -24.12 23.79 -25.24
CA LEU C 459 -23.41 22.71 -24.58
C LEU C 459 -24.36 21.60 -24.15
N MET C 460 -25.52 21.95 -23.60
CA MET C 460 -26.44 20.93 -23.09
C MET C 460 -27.18 20.23 -24.21
N THR C 461 -27.62 20.98 -25.22
CA THR C 461 -28.45 20.39 -26.28
C THR C 461 -27.64 19.79 -27.40
N LYS C 462 -26.35 20.14 -27.51
CA LYS C 462 -25.51 19.67 -28.61
C LYS C 462 -26.14 20.01 -29.96
N HIS C 463 -26.58 21.27 -30.07
N HIS C 463 -26.54 21.27 -30.10
CA HIS C 463 -27.11 21.84 -31.30
CA HIS C 463 -27.08 21.79 -31.35
C HIS C 463 -26.73 23.31 -31.32
C HIS C 463 -26.89 23.31 -31.36
N TRP C 464 -26.51 23.86 -32.51
CA TRP C 464 -26.34 25.30 -32.66
C TRP C 464 -27.70 25.87 -33.03
N ASN C 465 -28.50 26.16 -32.02
CA ASN C 465 -29.86 26.64 -32.24
C ASN C 465 -29.85 28.02 -32.86
N TRP C 466 -30.90 28.31 -33.63
CA TRP C 466 -31.16 29.65 -34.13
C TRP C 466 -31.71 30.57 -33.05
N PHE C 467 -31.89 30.07 -31.84
CA PHE C 467 -32.31 30.85 -30.70
C PHE C 467 -31.32 30.62 -29.56
N ASN C 468 -31.34 31.54 -28.60
CA ASN C 468 -30.56 31.39 -27.38
C ASN C 468 -31.18 32.28 -26.32
N ALA C 469 -30.67 32.19 -25.10
CA ALA C 469 -31.21 32.95 -23.98
C ALA C 469 -30.10 33.59 -23.17
N ASP C 470 -30.45 34.69 -22.50
CA ASP C 470 -29.54 35.37 -21.58
C ASP C 470 -29.62 34.67 -20.23
N ALA C 471 -28.84 33.59 -20.10
CA ALA C 471 -28.88 32.77 -18.89
C ALA C 471 -28.41 33.57 -17.67
N ILE C 472 -27.37 34.37 -17.83
CA ILE C 472 -26.86 35.15 -16.69
C ILE C 472 -27.87 36.21 -16.28
N GLY C 473 -28.45 36.92 -17.26
CA GLY C 473 -29.52 37.85 -16.93
C GLY C 473 -30.65 37.19 -16.18
N VAL C 474 -31.04 35.98 -16.60
CA VAL C 474 -32.08 35.25 -15.87
C VAL C 474 -31.66 35.03 -14.43
N ILE C 475 -30.40 34.64 -14.22
CA ILE C 475 -29.92 34.36 -12.86
C ILE C 475 -29.86 35.63 -12.04
N ARG C 476 -29.44 36.74 -12.64
CA ARG C 476 -29.38 38.02 -11.94
C ARG C 476 -30.75 38.66 -11.78
N LYS C 477 -31.83 37.93 -12.05
CA LYS C 477 -33.19 38.47 -11.98
C LYS C 477 -33.33 39.69 -12.88
N LYS C 478 -32.58 39.69 -13.99
CA LYS C 478 -32.58 40.82 -14.92
C LYS C 478 -33.95 41.03 -15.56
N TYR C 479 -34.68 39.95 -15.83
CA TYR C 479 -35.78 39.96 -16.77
C TYR C 479 -37.12 39.89 -16.05
N TRP C 480 -38.04 40.76 -16.46
CA TRP C 480 -39.45 40.64 -16.09
C TRP C 480 -39.97 39.24 -16.42
N SER C 481 -39.81 38.82 -17.67
CA SER C 481 -40.24 37.51 -18.12
C SER C 481 -39.03 36.70 -18.60
N ILE C 482 -39.19 35.38 -18.58
CA ILE C 482 -38.11 34.53 -19.08
C ILE C 482 -38.03 34.60 -20.60
N VAL C 483 -39.15 34.91 -21.26
CA VAL C 483 -39.15 34.91 -22.73
C VAL C 483 -38.46 36.13 -23.32
N GLN C 484 -38.28 37.21 -22.54
CA GLN C 484 -37.47 38.31 -23.05
C GLN C 484 -35.98 38.02 -22.98
N ALA C 485 -35.57 36.97 -22.25
CA ALA C 485 -34.19 36.52 -22.29
C ALA C 485 -33.83 35.89 -23.62
N VAL C 486 -34.81 35.46 -24.40
CA VAL C 486 -34.54 34.77 -25.66
C VAL C 486 -33.98 35.75 -26.68
N ARG C 487 -33.13 35.24 -27.57
CA ARG C 487 -32.62 35.99 -28.71
C ARG C 487 -32.70 35.11 -29.95
N ILE C 488 -33.01 35.73 -31.09
CA ILE C 488 -33.15 35.03 -32.36
C ILE C 488 -32.10 35.57 -33.32
N GLY C 489 -31.53 34.68 -34.14
CA GLY C 489 -30.59 35.10 -35.16
C GLY C 489 -29.17 35.27 -34.64
N GLU C 490 -28.20 35.10 -35.54
CA GLU C 490 -26.80 35.10 -35.12
C GLU C 490 -26.40 36.44 -34.53
N GLY C 491 -26.77 37.53 -35.19
CA GLY C 491 -26.47 38.87 -34.73
C GLY C 491 -26.88 39.12 -33.30
N PRO C 492 -28.18 39.09 -33.02
CA PRO C 492 -28.64 39.32 -31.64
C PRO C 492 -28.11 38.29 -30.66
N ILE C 493 -27.83 37.06 -31.11
CA ILE C 493 -27.28 36.05 -30.21
C ILE C 493 -25.82 36.37 -29.89
N ARG C 494 -25.01 36.61 -30.93
CA ARG C 494 -23.62 36.97 -30.72
C ARG C 494 -23.48 38.19 -29.82
N LYS C 495 -24.33 39.20 -30.04
CA LYS C 495 -24.27 40.40 -29.20
C LYS C 495 -24.63 40.07 -27.75
N MET C 496 -25.58 39.16 -27.55
CA MET C 496 -26.04 38.84 -26.19
C MET C 496 -24.98 38.09 -25.41
N ILE C 497 -24.39 37.05 -26.01
CA ILE C 497 -23.38 36.27 -25.31
C ILE C 497 -22.13 37.10 -25.08
N GLN C 498 -21.77 37.96 -26.03
CA GLN C 498 -20.69 38.92 -25.79
C GLN C 498 -21.02 39.81 -24.60
N GLY C 499 -22.28 40.25 -24.51
CA GLY C 499 -22.71 41.00 -23.34
C GLY C 499 -22.71 40.20 -22.06
N GLU C 500 -22.81 38.87 -22.16
CA GLU C 500 -22.73 38.04 -20.97
C GLU C 500 -21.30 38.01 -20.42
N LEU C 501 -20.31 37.95 -21.31
CA LEU C 501 -18.92 37.97 -20.88
C LEU C 501 -18.58 39.26 -20.14
N ALA C 502 -19.16 40.38 -20.58
CA ALA C 502 -18.85 41.66 -19.97
C ALA C 502 -19.32 41.72 -18.51
N VAL C 503 -20.40 41.01 -18.19
CA VAL C 503 -20.86 41.01 -16.80
C VAL C 503 -19.88 40.28 -15.90
N LEU C 504 -19.30 39.18 -16.38
CA LEU C 504 -18.31 38.47 -15.58
C LEU C 504 -16.99 39.24 -15.53
N LYS C 505 -16.64 39.96 -16.60
CA LYS C 505 -15.49 40.85 -16.54
C LYS C 505 -15.72 41.97 -15.54
N GLN C 506 -16.96 42.45 -15.42
CA GLN C 506 -17.28 43.48 -14.45
C GLN C 506 -17.30 42.94 -13.03
N ASP C 507 -17.50 41.62 -12.86
CA ASP C 507 -17.48 41.04 -11.53
C ASP C 507 -16.10 41.15 -10.88
N THR C 508 -15.04 41.18 -11.68
CA THR C 508 -13.70 41.22 -11.12
C THR C 508 -13.42 42.54 -10.43
N ILE C 509 -13.67 43.66 -11.11
CA ILE C 509 -13.35 44.95 -10.52
C ILE C 509 -14.33 45.32 -9.43
N ASP C 510 -15.56 44.81 -9.50
CA ASP C 510 -16.56 45.10 -8.48
C ASP C 510 -16.31 44.33 -7.19
N ILE C 511 -15.59 43.21 -7.26
CA ILE C 511 -15.40 42.35 -6.11
C ILE C 511 -13.91 42.14 -5.83
N LEU C 512 -13.17 41.63 -6.80
CA LEU C 512 -11.77 41.34 -6.53
C LEU C 512 -10.92 42.62 -6.47
N GLY C 513 -11.05 43.47 -7.48
CA GLY C 513 -10.32 44.71 -7.54
C GLY C 513 -9.78 44.96 -8.93
N ASN C 514 -8.82 45.88 -9.03
CA ASN C 514 -8.20 46.22 -10.30
C ASN C 514 -7.24 45.10 -10.71
N TYR C 515 -7.83 43.99 -11.12
CA TYR C 515 -7.12 42.78 -11.49
C TYR C 515 -7.59 42.33 -12.87
N PRO C 516 -6.79 41.53 -13.57
CA PRO C 516 -7.19 41.04 -14.89
C PRO C 516 -8.26 39.96 -14.75
N THR C 517 -8.82 39.59 -15.91
CA THR C 517 -9.79 38.51 -15.99
C THR C 517 -9.34 37.54 -17.07
N LEU C 518 -9.51 36.24 -16.80
CA LEU C 518 -9.14 35.19 -17.73
C LEU C 518 -10.20 34.11 -17.68
N VAL C 519 -10.82 33.82 -18.82
CA VAL C 519 -11.86 32.79 -18.90
C VAL C 519 -11.15 31.44 -18.94
N GLY C 520 -11.07 30.77 -17.79
CA GLY C 520 -10.30 29.54 -17.70
C GLY C 520 -10.82 28.43 -18.58
N GLU C 521 -12.13 28.42 -18.85
CA GLU C 521 -12.73 27.40 -19.70
C GLU C 521 -13.80 28.05 -20.58
N ILE C 522 -13.78 27.69 -21.86
CA ILE C 522 -14.82 28.09 -22.81
C ILE C 522 -14.69 27.20 -24.04
N GLY C 523 -15.82 26.75 -24.56
CA GLY C 523 -15.79 25.85 -25.69
C GLY C 523 -17.18 25.50 -26.16
N ILE C 524 -17.21 24.63 -27.18
CA ILE C 524 -18.47 24.19 -27.78
C ILE C 524 -18.37 22.70 -28.04
N PRO C 525 -19.52 22.01 -28.01
CA PRO C 525 -19.51 20.58 -28.33
C PRO C 525 -19.32 20.35 -29.83
N TYR C 526 -18.53 19.33 -30.15
CA TYR C 526 -18.33 18.95 -31.54
C TYR C 526 -19.18 17.77 -31.97
N ASP C 527 -19.73 17.01 -31.03
CA ASP C 527 -20.63 15.90 -31.33
C ASP C 527 -22.07 16.37 -31.42
N MET C 528 -22.31 17.45 -32.14
CA MET C 528 -23.66 17.97 -32.32
C MET C 528 -24.32 17.32 -33.53
N ASP C 529 -25.66 17.34 -33.54
CA ASP C 529 -26.48 16.79 -34.61
C ASP C 529 -26.26 15.28 -34.77
N ASP C 530 -26.24 14.58 -33.65
CA ASP C 530 -26.08 13.13 -33.62
C ASP C 530 -24.82 12.68 -34.38
N LYS C 531 -23.77 13.50 -34.29
CA LYS C 531 -22.51 13.26 -35.00
C LYS C 531 -22.73 13.24 -36.50
N LYS C 532 -23.42 14.27 -37.00
CA LYS C 532 -23.63 14.38 -38.45
C LYS C 532 -22.32 14.63 -39.17
N ALA C 533 -21.51 15.55 -38.65
CA ALA C 533 -20.23 15.88 -39.27
C ALA C 533 -19.27 14.70 -39.29
N TYR C 534 -19.48 13.71 -38.42
CA TYR C 534 -18.67 12.49 -38.44
C TYR C 534 -19.20 11.47 -39.43
N GLY C 535 -20.33 11.75 -40.09
CA GLY C 535 -20.91 10.82 -41.04
C GLY C 535 -21.70 9.70 -40.42
N TYR C 536 -22.16 9.86 -39.18
CA TYR C 536 -22.82 8.80 -38.44
C TYR C 536 -24.32 8.68 -38.74
N VAL C 537 -24.92 9.70 -39.33
CA VAL C 537 -26.36 9.74 -39.56
C VAL C 537 -26.65 10.08 -41.01
N ASP C 538 -27.91 9.94 -41.39
CA ASP C 538 -28.41 10.35 -42.71
C ASP C 538 -27.62 9.69 -43.84
N GLY C 539 -27.10 8.50 -43.60
CA GLY C 539 -26.28 7.82 -44.59
C GLY C 539 -24.98 8.55 -44.88
N GLY C 540 -24.32 9.06 -43.84
CA GLY C 540 -23.06 9.75 -44.02
C GLY C 540 -23.16 11.12 -44.64
N ARG C 541 -24.34 11.57 -44.96
CA ARG C 541 -24.50 12.86 -45.52
C ARG C 541 -24.18 13.94 -44.52
N GLY C 542 -23.33 14.85 -44.93
CA GLY C 542 -22.90 15.92 -44.08
C GLY C 542 -21.59 15.74 -43.37
N GLU C 543 -20.89 14.66 -43.68
CA GLU C 543 -19.63 14.39 -43.08
C GLU C 543 -18.60 15.40 -43.47
N GLY C 544 -17.87 15.88 -42.48
CA GLY C 544 -16.85 16.87 -42.68
C GLY C 544 -17.33 18.30 -42.71
N ASP C 545 -18.61 18.51 -42.53
CA ASP C 545 -19.17 19.84 -42.56
C ASP C 545 -19.30 20.22 -41.14
N TYR C 546 -18.63 21.28 -40.73
CA TYR C 546 -18.66 21.73 -39.38
C TYR C 546 -19.03 23.17 -39.45
N SER C 547 -20.23 23.46 -39.89
CA SER C 547 -20.69 24.82 -40.00
C SER C 547 -21.31 25.26 -38.72
N SER C 548 -22.17 24.45 -38.16
CA SER C 548 -22.77 24.74 -36.86
C SER C 548 -21.70 24.73 -35.77
N GLN C 549 -20.72 23.83 -35.87
CA GLN C 549 -19.59 23.89 -34.96
C GLN C 549 -18.79 25.17 -35.15
N GLN C 550 -18.57 25.58 -36.40
CA GLN C 550 -17.80 26.80 -36.65
C GLN C 550 -18.56 28.03 -36.21
N LYS C 551 -19.89 28.05 -36.40
CA LYS C 551 -20.68 29.21 -35.98
C LYS C 551 -20.75 29.31 -34.46
N ALA C 552 -20.97 28.18 -33.78
CA ALA C 552 -21.04 28.21 -32.32
C ALA C 552 -19.70 28.61 -31.71
N MET C 553 -18.59 28.06 -32.23
CA MET C 553 -17.29 28.41 -31.69
C MET C 553 -16.96 29.88 -31.95
N ASP C 554 -17.24 30.36 -33.17
CA ASP C 554 -17.01 31.77 -33.48
C ASP C 554 -17.87 32.67 -32.61
N CYS C 555 -19.07 32.23 -32.25
CA CYS C 555 -19.96 33.05 -31.43
C CYS C 555 -19.35 33.34 -30.06
N SER C 556 -18.88 32.30 -29.38
CA SER C 556 -18.31 32.48 -28.05
C SER C 556 -16.89 33.03 -28.11
N MET C 557 -16.14 32.74 -29.17
CA MET C 557 -14.82 33.34 -29.31
C MET C 557 -14.92 34.83 -29.59
N ASN C 558 -15.87 35.23 -30.43
CA ASN C 558 -16.12 36.65 -30.63
C ASN C 558 -16.61 37.32 -29.34
N ALA C 559 -17.29 36.55 -28.49
CA ALA C 559 -17.72 37.08 -27.20
C ALA C 559 -16.54 37.51 -26.33
N CYS C 560 -15.34 36.97 -26.59
CA CYS C 560 -14.13 37.43 -25.91
C CYS C 560 -13.45 38.57 -26.65
N ASP C 561 -13.93 38.94 -27.83
CA ASP C 561 -13.41 40.12 -28.52
C ASP C 561 -14.21 41.34 -28.10
N GLY C 562 -14.55 42.21 -29.07
CA GLY C 562 -15.33 43.39 -28.80
C GLY C 562 -14.70 44.27 -27.75
N PRO C 563 -15.51 44.87 -26.88
CA PRO C 563 -14.98 45.65 -25.76
C PRO C 563 -14.39 44.80 -24.64
N ASN C 564 -14.47 43.48 -24.73
CA ASN C 564 -14.02 42.63 -23.63
C ASN C 564 -12.50 42.45 -23.66
N CYS C 565 -11.95 42.03 -24.80
CA CYS C 565 -10.52 41.78 -24.96
C CYS C 565 -10.02 40.84 -23.85
N LEU C 566 -10.72 39.73 -23.68
CA LEU C 566 -10.47 38.86 -22.54
C LEU C 566 -9.36 37.86 -22.84
N ASN C 567 -8.59 37.55 -21.80
CA ASN C 567 -7.72 36.38 -21.83
C ASN C 567 -8.56 35.14 -21.61
N TYR C 568 -8.20 34.03 -22.27
CA TYR C 568 -9.00 32.82 -22.13
C TYR C 568 -8.20 31.60 -22.53
N ALA C 569 -8.70 30.44 -22.10
CA ALA C 569 -8.16 29.14 -22.48
C ALA C 569 -9.32 28.27 -22.97
N ILE C 570 -9.25 27.87 -24.24
CA ILE C 570 -10.32 27.08 -24.84
C ILE C 570 -10.28 25.66 -24.30
N TRP C 571 -11.45 25.12 -23.99
CA TRP C 571 -11.58 23.73 -23.59
C TRP C 571 -12.12 22.92 -24.78
N ASN C 572 -11.33 21.97 -25.27
CA ASN C 572 -9.94 21.73 -24.86
C ASN C 572 -9.18 21.14 -26.05
N TYR C 573 -7.98 20.61 -25.81
CA TYR C 573 -7.16 20.01 -26.87
C TYR C 573 -6.84 18.58 -26.46
N VAL C 574 -7.57 17.62 -27.01
CA VAL C 574 -7.48 16.22 -26.61
C VAL C 574 -6.77 15.41 -27.69
N PRO C 575 -5.50 15.03 -27.49
CA PRO C 575 -4.79 14.29 -28.55
C PRO C 575 -5.41 12.94 -28.88
N ASP C 576 -5.90 12.19 -27.88
CA ASP C 576 -6.54 10.90 -28.13
C ASP C 576 -8.05 11.03 -28.32
N ASN C 577 -8.51 12.12 -28.93
CA ASN C 577 -9.92 12.29 -29.25
C ASN C 577 -10.26 11.50 -30.51
N VAL C 578 -11.37 10.77 -30.47
CA VAL C 578 -11.86 10.02 -31.62
C VAL C 578 -13.37 10.24 -31.72
N HIS C 579 -13.90 10.01 -32.92
CA HIS C 579 -15.30 10.35 -33.20
C HIS C 579 -16.26 9.51 -32.36
N GLU C 580 -15.92 8.23 -32.15
CA GLU C 580 -16.86 7.33 -31.49
C GLU C 580 -17.08 7.73 -30.03
N TRP C 581 -16.03 8.20 -29.34
CA TRP C 581 -16.11 8.44 -27.91
C TRP C 581 -15.75 9.87 -27.53
N GLY C 582 -15.58 10.76 -28.49
CA GLY C 582 -15.25 12.14 -28.18
C GLY C 582 -13.95 12.24 -27.40
N ASP C 583 -13.99 13.00 -26.30
CA ASP C 583 -12.85 13.15 -25.42
C ASP C 583 -12.63 11.96 -24.51
N ASN C 584 -13.34 10.85 -24.74
CA ASN C 584 -13.28 9.66 -23.90
C ASN C 584 -13.61 10.00 -22.45
N TRP C 585 -14.63 10.81 -22.23
CA TRP C 585 -15.01 11.20 -20.88
C TRP C 585 -16.47 11.64 -20.87
N ASN C 586 -17.35 10.77 -20.34
CA ASN C 586 -18.77 11.09 -20.14
C ASN C 586 -19.45 11.59 -21.41
N GLY C 587 -18.97 11.12 -22.57
CA GLY C 587 -19.59 11.47 -23.83
C GLY C 587 -19.30 12.87 -24.34
N GLU C 588 -18.44 13.62 -23.67
CA GLU C 588 -18.12 14.95 -24.13
C GLU C 588 -17.19 14.91 -25.35
N ASP C 589 -17.25 15.98 -26.15
CA ASP C 589 -16.46 16.07 -27.38
C ASP C 589 -16.24 17.56 -27.68
N LEU C 590 -15.25 18.14 -27.00
CA LEU C 590 -14.93 19.56 -27.17
C LEU C 590 -13.51 19.78 -27.67
N SER C 591 -12.88 18.75 -28.22
CA SER C 591 -11.50 18.88 -28.67
C SER C 591 -11.42 19.64 -29.98
N LEU C 592 -10.42 20.52 -30.07
CA LEU C 592 -10.16 21.24 -31.31
C LEU C 592 -9.57 20.34 -32.38
N TRP C 593 -9.06 19.18 -31.99
CA TRP C 593 -8.29 18.30 -32.87
C TRP C 593 -8.62 16.86 -32.55
N SER C 594 -8.57 16.01 -33.58
CA SER C 594 -8.74 14.58 -33.38
C SER C 594 -8.22 13.86 -34.62
N VAL C 595 -7.62 12.69 -34.39
CA VAL C 595 -7.01 11.93 -35.49
C VAL C 595 -8.03 11.55 -36.53
N ASP C 596 -9.31 11.41 -36.14
CA ASP C 596 -10.34 11.00 -37.07
C ASP C 596 -10.70 12.09 -38.08
N ASP C 597 -10.13 13.29 -37.95
CA ASP C 597 -10.32 14.36 -38.92
C ASP C 597 -9.09 14.56 -39.79
N LYS C 598 -8.13 13.65 -39.73
CA LYS C 598 -6.97 13.71 -40.62
C LYS C 598 -7.32 13.02 -41.94
N GLU C 599 -6.33 12.81 -42.79
CA GLU C 599 -6.54 12.12 -44.06
C GLU C 599 -6.22 10.63 -43.94
N LEU C 638 12.30 15.72 -41.60
CA LEU C 638 11.38 16.80 -41.30
C LEU C 638 11.22 16.96 -39.79
N ARG C 639 11.65 18.12 -39.26
CA ARG C 639 11.69 18.35 -37.83
C ARG C 639 11.00 19.69 -37.52
N PRO C 640 10.01 19.70 -36.63
CA PRO C 640 9.38 20.96 -36.24
C PRO C 640 10.02 21.59 -35.01
N SER C 641 10.55 22.80 -35.16
CA SER C 641 11.23 23.51 -34.09
C SER C 641 10.52 24.83 -33.80
N PRO C 642 10.66 25.38 -32.59
CA PRO C 642 10.06 26.69 -32.30
C PRO C 642 10.47 27.79 -33.28
N SER C 643 11.74 27.85 -33.66
CA SER C 643 12.18 28.94 -34.52
C SER C 643 11.61 28.82 -35.93
N VAL C 644 11.35 27.61 -36.41
CA VAL C 644 10.76 27.47 -37.74
C VAL C 644 9.27 27.74 -37.70
N ILE C 645 8.61 27.52 -36.56
CA ILE C 645 7.23 27.94 -36.41
C ILE C 645 7.15 29.45 -36.33
N ASP C 646 8.10 30.07 -35.61
CA ASP C 646 8.16 31.52 -35.55
C ASP C 646 8.40 32.13 -36.93
N SER C 647 9.22 31.48 -37.75
CA SER C 647 9.52 31.98 -39.08
C SER C 647 8.38 31.76 -40.05
N GLY C 648 7.44 30.87 -39.74
CA GLY C 648 6.40 30.51 -40.68
C GLY C 648 6.79 29.46 -41.68
N ASP C 649 7.99 28.89 -41.56
CA ASP C 649 8.48 27.91 -42.52
C ASP C 649 8.04 26.50 -42.09
N PHE C 650 6.72 26.28 -42.15
CA PHE C 650 6.15 24.98 -41.87
C PHE C 650 5.05 24.72 -42.88
N SER C 651 4.60 23.48 -42.94
CA SER C 651 3.59 23.17 -43.94
C SER C 651 2.18 23.35 -43.37
N PRO C 652 1.22 23.76 -44.22
CA PRO C 652 -0.16 23.89 -43.74
C PRO C 652 -0.75 22.60 -43.22
N THR C 653 -0.11 21.46 -43.48
CA THR C 653 -0.55 20.19 -42.91
C THR C 653 -0.62 20.27 -41.39
N LEU C 654 0.25 21.07 -40.77
CA LEU C 654 0.28 21.13 -39.31
C LEU C 654 -0.95 21.82 -38.75
N ILE C 655 -1.37 22.93 -39.36
CA ILE C 655 -2.40 23.78 -38.78
C ILE C 655 -3.79 23.47 -39.31
N LEU C 656 -3.94 22.47 -40.18
CA LEU C 656 -5.26 22.16 -40.74
C LEU C 656 -5.64 20.71 -40.55
N ASP C 657 -4.74 19.78 -40.89
CA ASP C 657 -5.05 18.36 -40.87
C ASP C 657 -5.34 17.91 -39.44
N GLY C 658 -6.52 17.34 -39.23
CA GLY C 658 -6.96 16.91 -37.92
C GLY C 658 -7.76 17.92 -37.14
N SER C 659 -7.82 19.17 -37.60
CA SER C 659 -8.57 20.19 -36.90
C SER C 659 -10.04 20.15 -37.30
N ARG C 660 -10.87 20.79 -36.48
CA ARG C 660 -12.30 20.93 -36.76
C ARG C 660 -12.69 22.38 -36.49
N ALA C 661 -13.22 23.05 -37.52
CA ALA C 661 -13.63 24.45 -37.42
C ALA C 661 -12.44 25.34 -37.02
N VAL C 662 -11.29 25.10 -37.65
CA VAL C 662 -10.09 25.87 -37.34
C VAL C 662 -10.29 27.35 -37.62
N ALA C 663 -11.21 27.69 -38.53
CA ALA C 663 -11.45 29.09 -38.85
C ALA C 663 -11.99 29.87 -37.67
N ALA C 664 -12.55 29.20 -36.67
CA ALA C 664 -13.20 29.88 -35.55
C ALA C 664 -12.31 30.03 -34.33
N PHE C 665 -11.46 29.04 -34.02
CA PHE C 665 -10.67 29.13 -32.79
C PHE C 665 -9.27 29.69 -32.98
N CYS C 666 -8.74 29.72 -34.21
CA CYS C 666 -7.45 30.32 -34.50
C CYS C 666 -7.70 31.68 -35.14
N ARG C 667 -7.55 32.75 -34.37
CA ARG C 667 -7.97 34.08 -34.74
C ARG C 667 -6.84 35.08 -34.53
N PRO C 668 -6.87 36.19 -35.25
CA PRO C 668 -5.90 37.27 -34.96
C PRO C 668 -6.26 38.01 -33.69
N TYR C 669 -5.25 38.28 -32.88
CA TYR C 669 -5.43 39.00 -31.63
C TYR C 669 -4.13 39.68 -31.26
N PRO C 670 -4.18 40.77 -30.49
CA PRO C 670 -2.95 41.46 -30.08
C PRO C 670 -2.29 40.72 -28.92
N VAL C 671 -1.07 40.24 -29.15
CA VAL C 671 -0.32 39.55 -28.09
C VAL C 671 0.15 40.54 -27.05
N ALA C 672 0.93 41.54 -27.46
CA ALA C 672 1.37 42.61 -26.59
C ALA C 672 1.02 43.94 -27.22
N THR C 673 0.78 44.95 -26.38
CA THR C 673 0.19 46.20 -26.84
C THR C 673 0.79 47.37 -26.08
N VAL C 674 1.29 48.36 -26.81
CA VAL C 674 1.69 49.63 -26.20
C VAL C 674 0.45 50.48 -26.00
N GLY C 675 -0.14 50.40 -24.81
CA GLY C 675 -1.39 51.07 -24.53
C GLY C 675 -2.41 50.15 -23.90
N ILE C 676 -3.68 50.35 -24.19
CA ILE C 676 -4.75 49.53 -23.61
C ILE C 676 -5.64 49.00 -24.74
N PRO C 677 -5.88 47.69 -24.79
CA PRO C 677 -6.83 47.16 -25.78
C PRO C 677 -8.22 47.73 -25.55
N GLU C 678 -8.71 48.46 -26.56
CA GLU C 678 -10.01 49.10 -26.51
C GLU C 678 -11.11 48.29 -27.16
N ARG C 679 -10.84 47.71 -28.33
CA ARG C 679 -11.83 46.89 -28.99
C ARG C 679 -11.14 45.99 -30.01
N ILE C 680 -11.60 44.75 -30.09
CA ILE C 680 -11.14 43.78 -31.09
C ILE C 680 -12.34 43.30 -31.88
N ASP C 681 -12.21 43.30 -33.20
CA ASP C 681 -13.25 42.79 -34.10
C ASP C 681 -12.61 41.90 -35.14
N PHE C 682 -13.18 40.70 -35.31
CA PHE C 682 -12.73 39.78 -36.33
C PHE C 682 -13.93 39.14 -37.01
N ASP C 683 -13.94 39.15 -38.33
CA ASP C 683 -15.01 38.57 -39.12
C ASP C 683 -14.42 37.47 -40.00
N ILE C 684 -14.90 36.24 -39.80
CA ILE C 684 -14.35 35.10 -40.53
C ILE C 684 -14.59 35.25 -42.03
N THR C 685 -15.79 35.74 -42.40
CA THR C 685 -16.18 35.75 -43.81
C THR C 685 -15.30 36.67 -44.63
N SER C 686 -15.18 37.93 -44.23
CA SER C 686 -14.37 38.91 -44.95
C SER C 686 -12.91 38.89 -44.55
N THR C 687 -12.55 38.14 -43.51
CA THR C 687 -11.22 38.14 -42.89
C THR C 687 -10.82 39.50 -42.34
N LYS C 688 -11.74 40.46 -42.28
CA LYS C 688 -11.38 41.79 -41.79
C LYS C 688 -11.13 41.77 -40.29
N PHE C 689 -10.11 42.51 -39.86
CA PHE C 689 -9.66 42.55 -38.48
C PHE C 689 -9.43 44.01 -38.10
N LYS C 690 -10.15 44.49 -37.08
CA LYS C 690 -10.01 45.86 -36.60
C LYS C 690 -9.69 45.84 -35.12
N TYR C 691 -8.54 46.41 -34.76
CA TYR C 691 -8.10 46.50 -33.36
C TYR C 691 -7.88 47.97 -33.03
N ALA C 692 -8.60 48.46 -32.01
CA ALA C 692 -8.47 49.82 -31.52
C ALA C 692 -7.77 49.79 -30.16
N VAL C 693 -6.76 50.64 -30.01
CA VAL C 693 -5.96 50.70 -28.79
C VAL C 693 -5.96 52.13 -28.26
N ARG C 694 -6.10 52.26 -26.94
CA ARG C 694 -5.99 53.56 -26.28
C ARG C 694 -4.55 53.76 -25.85
N VAL C 695 -3.86 54.71 -26.48
CA VAL C 695 -2.48 55.02 -26.17
C VAL C 695 -2.45 56.31 -25.34
N ARG C 696 -1.65 56.31 -24.29
CA ARG C 696 -1.54 57.43 -23.37
C ARG C 696 -0.16 58.06 -23.49
N ALA C 697 -0.07 59.34 -23.07
CA ALA C 697 1.20 60.03 -23.10
C ALA C 697 2.22 59.41 -22.15
N ASP C 698 1.75 58.65 -21.15
CA ASP C 698 2.64 57.99 -20.21
C ASP C 698 3.25 56.72 -20.78
N ASP C 699 2.69 56.16 -21.85
CA ASP C 699 3.08 54.84 -22.31
C ASP C 699 4.50 54.86 -22.88
N ILE C 700 5.11 53.67 -22.89
CA ILE C 700 6.51 53.49 -23.30
C ILE C 700 6.51 52.86 -24.68
N ALA C 701 7.01 53.60 -25.67
CA ALA C 701 7.08 53.11 -27.04
C ALA C 701 8.43 53.50 -27.63
N ASN C 702 9.18 52.52 -28.12
CA ASN C 702 10.47 52.78 -28.72
C ASN C 702 10.77 51.65 -29.71
N GLU C 703 12.06 51.44 -29.99
CA GLU C 703 12.44 50.49 -31.03
C GLU C 703 12.19 49.05 -30.63
N GLN C 704 12.26 48.75 -29.33
CA GLN C 704 12.09 47.39 -28.87
C GLN C 704 10.75 47.12 -28.20
N VAL C 705 10.02 48.16 -27.80
CA VAL C 705 8.75 48.01 -27.12
C VAL C 705 7.67 48.52 -28.08
N TYR C 706 6.98 47.58 -28.73
CA TYR C 706 6.00 47.87 -29.76
C TYR C 706 4.78 46.99 -29.55
N THR C 707 3.75 47.21 -30.36
CA THR C 707 2.55 46.38 -30.32
C THR C 707 2.69 45.24 -31.31
N GLU C 708 2.50 44.01 -30.82
CA GLU C 708 2.65 42.80 -31.62
C GLU C 708 1.30 42.10 -31.75
N ILE C 709 1.00 41.65 -32.98
CA ILE C 709 -0.29 41.05 -33.30
C ILE C 709 -0.05 39.75 -34.06
N TYR C 710 -0.78 38.70 -33.68
CA TYR C 710 -0.72 37.42 -34.39
C TYR C 710 -1.68 37.45 -35.57
N LEU C 711 -1.17 37.13 -36.75
CA LEU C 711 -1.98 37.07 -37.97
C LEU C 711 -1.97 35.63 -38.48
N PRO C 712 -3.03 34.86 -38.24
CA PRO C 712 -2.99 33.43 -38.57
C PRO C 712 -2.92 33.17 -40.07
N PHE C 713 -2.09 32.20 -40.44
CA PHE C 713 -2.09 31.70 -41.81
C PHE C 713 -3.43 31.06 -42.18
N VAL C 714 -4.22 30.68 -41.18
CA VAL C 714 -5.53 30.07 -41.42
C VAL C 714 -6.44 31.03 -42.18
N HIS C 715 -6.27 32.34 -41.97
CA HIS C 715 -7.14 33.34 -42.59
C HIS C 715 -6.43 34.23 -43.59
N TYR C 716 -5.11 34.42 -43.46
CA TYR C 716 -4.42 35.47 -44.19
C TYR C 716 -3.30 34.96 -45.09
N ALA C 717 -3.13 33.65 -45.21
CA ALA C 717 -2.08 33.13 -46.07
C ALA C 717 -2.36 33.46 -47.53
N ALA C 718 -1.29 33.53 -48.33
CA ALA C 718 -1.48 33.66 -49.77
C ALA C 718 -2.11 32.40 -50.34
N SER C 719 -1.70 31.23 -49.84
CA SER C 719 -2.29 29.96 -50.23
C SER C 719 -1.96 28.94 -49.16
N LEU C 720 -2.92 28.04 -48.89
CA LEU C 720 -2.72 26.96 -47.92
C LEU C 720 -2.57 25.61 -48.60
N ASN C 721 -2.32 25.58 -49.91
CA ASN C 721 -2.12 24.33 -50.61
C ASN C 721 -0.69 23.85 -50.44
N ALA C 722 -0.53 22.55 -50.20
CA ALA C 722 0.79 21.95 -49.98
C ALA C 722 1.55 21.79 -51.28
N ALA C 728 9.76 30.97 -47.16
CA ALA C 728 8.84 30.39 -46.20
C ALA C 728 7.73 29.63 -46.92
N GLN C 729 7.30 30.17 -48.06
CA GLN C 729 6.26 29.61 -48.92
C GLN C 729 4.87 29.74 -48.28
N LEU C 730 4.80 29.66 -46.95
CA LEU C 730 3.65 30.15 -46.21
C LEU C 730 3.93 31.60 -45.84
N SER C 731 3.08 32.51 -46.30
CA SER C 731 3.33 33.93 -46.12
C SER C 731 2.01 34.69 -46.08
N LEU C 732 2.05 35.86 -45.44
CA LEU C 732 0.85 36.69 -45.34
C LEU C 732 0.64 37.45 -46.65
N ASP C 733 -0.60 37.45 -47.12
CA ASP C 733 -1.02 38.21 -48.30
C ASP C 733 -2.18 39.09 -47.83
N VAL C 734 -1.85 40.25 -47.27
CA VAL C 734 -2.82 41.10 -46.60
C VAL C 734 -2.59 42.56 -46.98
N THR C 735 -3.55 43.39 -46.61
CA THR C 735 -3.48 44.84 -46.73
C THR C 735 -3.72 45.42 -45.35
N ILE C 736 -2.75 46.19 -44.85
CA ILE C 736 -2.81 46.74 -43.50
C ILE C 736 -3.03 48.24 -43.59
N VAL C 737 -4.01 48.75 -42.85
CA VAL C 737 -4.29 50.18 -42.78
C VAL C 737 -4.15 50.59 -41.32
N ALA C 738 -3.07 51.31 -41.01
CA ALA C 738 -2.79 51.76 -39.66
C ALA C 738 -3.01 53.27 -39.56
N SER C 739 -3.85 53.69 -38.62
CA SER C 739 -4.13 55.11 -38.46
C SER C 739 -2.86 55.89 -38.12
N HIS C 740 -1.97 55.29 -37.32
CA HIS C 740 -0.74 55.96 -36.92
C HIS C 740 0.42 54.98 -37.00
N GLY C 741 1.59 55.50 -37.39
CA GLY C 741 2.83 54.79 -37.16
C GLY C 741 3.32 53.86 -38.24
N ARG C 742 4.10 52.87 -37.83
CA ARG C 742 4.89 52.01 -38.70
C ARG C 742 4.49 50.57 -38.48
N VAL C 743 4.45 49.77 -39.56
CA VAL C 743 4.13 48.35 -39.45
C VAL C 743 5.17 47.53 -40.20
N GLU C 744 5.25 46.26 -39.81
CA GLU C 744 6.20 45.30 -40.36
C GLU C 744 5.63 43.91 -40.10
N ILE C 745 5.68 43.05 -41.10
CA ILE C 745 5.15 41.69 -40.99
C ILE C 745 6.30 40.71 -41.22
N GLN C 746 6.30 39.63 -40.42
CA GLN C 746 7.29 38.57 -40.55
C GLN C 746 6.63 37.27 -40.10
N GLY C 747 6.49 36.33 -41.02
CA GLY C 747 5.78 35.10 -40.70
C GLY C 747 4.33 35.39 -40.39
N GLN C 748 3.88 34.94 -39.21
CA GLN C 748 2.54 35.23 -38.71
C GLN C 748 2.55 36.34 -37.68
N THR C 749 3.57 37.20 -37.70
CA THR C 749 3.74 38.23 -36.69
C THR C 749 3.74 39.60 -37.35
N LEU C 750 2.93 40.51 -36.82
CA LEU C 750 2.86 41.88 -37.28
C LEU C 750 3.27 42.80 -36.15
N ARG C 751 4.21 43.70 -36.43
CA ARG C 751 4.72 44.65 -35.45
C ARG C 751 4.23 46.04 -35.79
N TRP C 752 3.63 46.71 -34.81
CA TRP C 752 3.01 48.02 -35.02
C TRP C 752 3.72 49.04 -34.13
N TRP C 753 4.52 49.89 -34.75
CA TRP C 753 5.20 50.98 -34.06
C TRP C 753 4.36 52.25 -34.20
N TYR C 754 4.24 52.99 -33.09
CA TYR C 754 3.57 54.29 -33.15
C TYR C 754 4.12 55.17 -32.05
N PRO C 755 4.18 56.48 -32.27
CA PRO C 755 4.52 57.40 -31.18
C PRO C 755 3.35 57.57 -30.22
N VAL C 756 3.68 57.96 -28.99
CA VAL C 756 2.65 58.22 -28.00
C VAL C 756 2.21 59.67 -28.15
N PRO C 757 0.98 60.01 -27.76
CA PRO C 757 0.55 61.41 -27.84
C PRO C 757 1.39 62.30 -26.93
N GLY C 758 1.53 63.56 -27.32
CA GLY C 758 2.26 64.51 -26.50
C GLY C 758 1.54 64.81 -25.20
N THR C 759 0.21 64.91 -25.25
CA THR C 759 -0.61 65.18 -24.08
C THR C 759 -1.89 64.36 -24.15
N GLY C 760 -2.35 63.89 -22.99
CA GLY C 760 -3.61 63.17 -22.95
C GLY C 760 -3.49 61.76 -23.50
N GLU C 761 -4.61 61.26 -24.02
CA GLU C 761 -4.70 59.91 -24.55
C GLU C 761 -5.52 59.92 -25.83
N GLU C 762 -5.08 59.15 -26.81
CA GLU C 762 -5.78 59.04 -28.09
C GLU C 762 -6.05 57.57 -28.39
N VAL C 763 -6.89 57.34 -29.39
CA VAL C 763 -7.26 55.99 -29.82
C VAL C 763 -6.65 55.76 -31.19
N TYR C 764 -5.69 54.83 -31.27
CA TYR C 764 -5.13 54.38 -32.53
C TYR C 764 -5.80 53.08 -32.93
N THR C 765 -6.01 52.90 -34.23
CA THR C 765 -6.61 51.67 -34.74
C THR C 765 -5.80 51.14 -35.90
N ILE C 766 -5.98 49.84 -36.17
CA ILE C 766 -5.26 49.14 -37.21
C ILE C 766 -6.23 48.15 -37.85
N GLU C 767 -6.11 47.95 -39.16
CA GLU C 767 -7.03 47.10 -39.90
C GLU C 767 -6.25 46.14 -40.78
N VAL C 768 -6.73 44.90 -40.85
CA VAL C 768 -6.08 43.83 -41.60
C VAL C 768 -7.15 43.01 -42.32
N GLN C 769 -6.89 42.64 -43.57
CA GLN C 769 -7.71 41.67 -44.27
C GLN C 769 -6.90 41.07 -45.40
N ARG C 770 -7.21 39.82 -45.74
CA ARG C 770 -6.46 39.10 -46.76
C ARG C 770 -6.81 39.61 -48.15
N ASN C 771 -5.77 39.76 -48.98
CA ASN C 771 -5.96 40.22 -50.36
C ASN C 771 -6.68 39.13 -51.16
N GLY C 772 -7.81 39.50 -51.76
CA GLY C 772 -8.60 38.56 -52.53
C GLY C 772 -9.66 37.82 -51.74
N GLY C 773 -10.10 38.37 -50.61
CA GLY C 773 -11.12 37.71 -49.82
C GLY C 773 -10.57 36.57 -48.99
N ALA C 774 -11.46 35.67 -48.61
CA ALA C 774 -11.12 34.54 -47.76
C ALA C 774 -10.59 33.38 -48.59
N LEU C 775 -9.77 32.54 -47.96
CA LEU C 775 -9.28 31.33 -48.59
C LEU C 775 -10.40 30.30 -48.68
N ARG C 776 -10.37 29.50 -49.74
CA ARG C 776 -11.39 28.48 -49.96
C ARG C 776 -10.77 27.10 -50.05
N PRO D 6 18.44 -2.91 -25.53
CA PRO D 6 17.13 -2.78 -26.18
C PRO D 6 17.20 -2.80 -27.69
N GLU D 7 16.31 -3.56 -28.34
CA GLU D 7 16.31 -3.61 -29.79
C GLU D 7 15.93 -2.28 -30.42
N VAL D 8 15.20 -1.43 -29.69
CA VAL D 8 14.89 -0.09 -30.13
C VAL D 8 15.68 0.90 -29.28
N SER D 9 15.70 2.15 -29.73
CA SER D 9 16.43 3.19 -29.02
C SER D 9 15.59 3.75 -27.87
N PRO D 10 16.23 4.14 -26.77
CA PRO D 10 15.48 4.72 -25.65
C PRO D 10 15.07 6.18 -25.85
N VAL D 11 15.61 6.87 -26.84
CA VAL D 11 15.26 8.27 -27.08
C VAL D 11 14.23 8.42 -28.19
N THR D 12 14.39 7.69 -29.29
CA THR D 12 13.45 7.76 -30.41
C THR D 12 12.41 6.63 -30.38
N GLY D 13 12.79 5.45 -29.90
CA GLY D 13 11.93 4.29 -30.01
C GLY D 13 11.98 3.61 -31.35
N ASN D 14 12.92 3.97 -32.21
CA ASN D 14 13.09 3.43 -33.54
C ASN D 14 14.10 2.28 -33.54
N PRO D 15 14.03 1.39 -34.53
CA PRO D 15 15.03 0.31 -34.61
C PRO D 15 16.43 0.88 -34.86
N VAL D 16 17.41 0.32 -34.15
CA VAL D 16 18.76 0.85 -34.17
C VAL D 16 19.60 0.10 -35.21
N SER D 17 20.63 0.79 -35.71
CA SER D 17 21.55 0.23 -36.69
C SER D 17 22.43 -0.83 -36.03
N PRO D 18 23.06 -1.70 -36.83
CA PRO D 18 24.02 -2.66 -36.25
C PRO D 18 25.27 -2.02 -35.68
N HIS D 19 25.61 -0.79 -36.07
CA HIS D 19 26.76 -0.08 -35.51
C HIS D 19 26.38 0.88 -34.40
N TYR D 20 25.10 0.86 -34.00
CA TYR D 20 24.63 1.68 -32.90
C TYR D 20 25.33 1.29 -31.60
N ILE D 21 25.65 2.28 -30.78
CA ILE D 21 26.32 2.07 -29.50
C ILE D 21 25.36 2.48 -28.40
N HIS D 22 25.00 1.53 -27.54
CA HIS D 22 24.14 1.81 -26.41
C HIS D 22 24.91 2.55 -25.32
N SER D 23 24.21 3.46 -24.64
CA SER D 23 24.78 4.20 -23.52
C SER D 23 23.73 4.37 -22.43
N SER D 24 23.10 3.25 -22.05
CA SER D 24 22.16 3.22 -20.94
C SER D 24 22.64 2.32 -19.81
N THR D 25 23.82 1.74 -19.93
CA THR D 25 24.50 0.95 -18.92
C THR D 25 25.65 1.76 -18.37
N LEU D 26 26.22 1.33 -17.23
CA LEU D 26 27.50 1.88 -16.77
C LEU D 26 28.59 1.77 -17.83
N HIS D 27 28.39 1.01 -18.89
CA HIS D 27 29.36 0.82 -19.95
C HIS D 27 28.69 0.99 -21.31
N PHE D 28 29.52 1.28 -22.32
CA PHE D 28 29.04 1.28 -23.69
C PHE D 28 28.75 -0.13 -24.16
N GLN D 29 27.77 -0.26 -25.06
CA GLN D 29 27.40 -1.57 -25.59
C GLN D 29 27.04 -1.44 -27.07
N ASP D 30 27.26 -2.52 -27.81
CA ASP D 30 26.80 -2.64 -29.17
C ASP D 30 25.55 -3.51 -29.21
N VAL D 31 25.10 -3.85 -30.42
CA VAL D 31 23.83 -4.56 -30.57
C VAL D 31 23.93 -5.99 -30.03
N ASN D 32 25.12 -6.58 -30.07
CA ASN D 32 25.30 -7.96 -29.60
C ASN D 32 25.41 -8.07 -28.09
N GLY D 33 25.41 -6.96 -27.35
CA GLY D 33 25.49 -6.98 -25.91
C GLY D 33 26.89 -6.86 -25.35
N ARG D 34 27.90 -6.80 -26.21
CA ARG D 34 29.27 -6.65 -25.73
C ARG D 34 29.50 -5.27 -25.16
N SER D 35 30.24 -5.23 -24.05
CA SER D 35 30.66 -3.99 -23.42
C SER D 35 31.90 -3.45 -24.12
N LEU D 36 31.85 -2.18 -24.52
CA LEU D 36 32.94 -1.57 -25.28
C LEU D 36 33.70 -0.56 -24.44
N VAL D 37 35.01 -0.47 -24.70
CA VAL D 37 35.90 0.52 -24.11
C VAL D 37 36.44 1.38 -25.23
N LEU D 38 36.20 2.69 -25.14
CA LEU D 38 36.58 3.62 -26.20
C LEU D 38 37.82 4.39 -25.75
N ARG D 39 38.93 4.17 -26.45
CA ARG D 39 40.20 4.82 -26.16
C ARG D 39 40.68 5.58 -27.38
N GLY D 40 41.15 6.80 -27.17
CA GLY D 40 41.61 7.61 -28.28
C GLY D 40 42.33 8.87 -27.88
N VAL D 41 42.23 9.90 -28.72
CA VAL D 41 42.92 11.16 -28.51
C VAL D 41 41.96 12.31 -28.80
N ASN D 42 42.39 13.52 -28.43
CA ASN D 42 41.67 14.73 -28.78
C ASN D 42 42.25 15.27 -30.09
N LEU D 43 41.40 15.49 -31.08
CA LEU D 43 41.83 15.96 -32.39
C LEU D 43 41.08 17.24 -32.73
N SER D 44 41.76 18.39 -32.65
CA SER D 44 43.13 18.51 -32.16
C SER D 44 43.34 19.93 -31.65
N GLY D 45 44.42 20.15 -30.92
CA GLY D 45 44.71 21.50 -30.44
C GLY D 45 44.92 22.50 -31.56
N SER D 46 45.44 22.05 -32.70
CA SER D 46 45.68 22.96 -33.82
C SER D 46 44.38 23.60 -34.32
N ALA D 47 43.23 23.01 -34.01
CA ALA D 47 41.94 23.58 -34.41
C ALA D 47 41.54 24.79 -33.56
N LYS D 48 42.39 25.21 -32.61
CA LYS D 48 42.02 26.32 -31.73
C LYS D 48 42.30 27.68 -32.34
N HIS D 49 43.22 27.77 -33.29
CA HIS D 49 43.62 29.05 -33.87
C HIS D 49 43.59 28.97 -35.39
N PRO D 50 43.42 30.10 -36.06
CA PRO D 50 43.41 30.09 -37.54
C PRO D 50 44.76 29.70 -38.10
N ASN D 51 44.78 29.54 -39.42
CA ASN D 51 46.02 29.14 -40.11
C ASN D 51 47.04 30.28 -40.05
N ASN D 52 48.30 29.90 -39.81
CA ASN D 52 49.41 30.85 -39.72
C ASN D 52 49.13 31.94 -38.69
N GLN D 53 48.49 31.54 -37.59
CA GLN D 53 48.18 32.48 -36.51
C GLN D 53 48.25 31.78 -35.15
N PRO D 54 49.43 31.31 -34.73
CA PRO D 54 49.53 30.64 -33.43
C PRO D 54 49.41 31.62 -32.27
N SER D 55 49.50 31.10 -31.04
CA SER D 55 49.23 31.91 -29.85
C SER D 55 50.32 32.92 -29.56
N HIS D 56 51.53 32.71 -30.09
CA HIS D 56 52.68 33.55 -29.76
C HIS D 56 52.94 34.64 -30.79
N ILE D 57 52.09 34.77 -31.80
CA ILE D 57 52.25 35.78 -32.85
C ILE D 57 51.17 36.83 -32.68
N ARG D 58 51.58 38.07 -32.40
CA ARG D 58 50.65 39.19 -32.34
C ARG D 58 50.40 39.82 -33.69
N GLU D 59 51.30 39.61 -34.66
CA GLU D 59 51.11 40.13 -36.00
C GLU D 59 49.90 39.48 -36.65
N GLY D 60 48.96 40.29 -37.12
CA GLY D 60 47.75 39.79 -37.73
C GLY D 60 46.77 39.14 -36.79
N PHE D 61 47.05 39.17 -35.48
CA PHE D 61 46.16 38.53 -34.51
C PHE D 61 44.86 39.31 -34.37
N TRP D 62 44.95 40.62 -34.13
CA TRP D 62 43.75 41.44 -34.00
C TRP D 62 43.19 41.82 -35.36
N GLU D 63 44.06 42.19 -36.30
CA GLU D 63 43.59 42.78 -37.57
C GLU D 63 42.76 41.79 -38.37
N THR D 64 43.14 40.51 -38.37
CA THR D 64 42.37 39.52 -39.11
C THR D 64 41.03 39.26 -38.44
N ALA D 65 41.00 39.24 -37.11
CA ALA D 65 39.74 39.04 -36.41
C ALA D 65 38.84 40.26 -36.51
N GLU D 66 39.42 41.46 -36.54
CA GLU D 66 38.62 42.67 -36.66
C GLU D 66 37.95 42.77 -38.02
N ALA D 67 38.58 42.21 -39.06
CA ALA D 67 38.02 42.23 -40.41
C ALA D 67 36.99 41.13 -40.64
N GLY D 68 36.70 40.31 -39.64
CA GLY D 68 35.72 39.25 -39.77
C GLY D 68 36.23 37.96 -40.36
N LYS D 69 37.54 37.82 -40.52
CA LYS D 69 38.13 36.63 -41.13
C LYS D 69 38.40 35.56 -40.08
N GLY D 70 38.43 34.31 -40.52
CA GLY D 70 38.70 33.20 -39.63
C GLY D 70 39.04 31.91 -40.36
N ASP D 71 40.24 31.86 -40.94
CA ASP D 71 40.64 30.73 -41.79
C ASP D 71 41.17 29.61 -40.92
N PHE D 72 40.28 28.69 -40.55
CA PHE D 72 40.65 27.47 -39.84
C PHE D 72 40.73 26.26 -40.78
N ILE D 73 40.66 26.50 -42.09
CA ILE D 73 40.59 25.41 -43.06
C ILE D 73 41.83 24.54 -42.99
N ASN D 74 41.65 23.23 -43.16
CA ASN D 74 42.71 22.24 -43.11
C ASN D 74 43.34 22.15 -41.73
N LYS D 75 42.56 22.49 -40.70
CA LYS D 75 42.88 22.20 -39.32
C LYS D 75 41.68 21.46 -38.75
N PRO D 76 41.87 20.29 -38.10
CA PRO D 76 43.12 19.68 -37.66
C PRO D 76 43.96 19.02 -38.75
N LEU D 77 43.35 18.53 -39.82
CA LEU D 77 44.04 17.72 -40.81
C LEU D 77 43.98 18.35 -42.20
N ASN D 78 44.97 18.02 -43.02
CA ASN D 78 45.15 18.60 -44.34
C ASN D 78 44.70 17.58 -45.39
N LEU D 79 43.50 17.77 -45.93
CA LEU D 79 42.95 16.83 -46.90
C LEU D 79 43.45 17.07 -48.32
N ASP D 80 44.32 18.06 -48.54
CA ASP D 80 44.81 18.37 -49.88
C ASP D 80 46.09 17.63 -50.22
N ASP D 81 47.04 17.56 -49.28
CA ASP D 81 48.35 16.99 -49.54
C ASP D 81 48.51 15.56 -49.00
N GLY D 82 47.40 14.86 -48.78
CA GLY D 82 47.49 13.48 -48.35
C GLY D 82 48.09 13.27 -46.98
N SER D 83 48.10 14.29 -46.14
CA SER D 83 48.65 14.17 -44.79
C SER D 83 47.66 13.59 -43.80
N ALA D 84 46.35 13.71 -44.08
CA ALA D 84 45.35 13.32 -43.10
C ALA D 84 45.32 11.81 -42.90
N ASP D 85 45.46 11.04 -43.98
CA ASP D 85 45.34 9.59 -43.88
C ASP D 85 46.49 8.99 -43.09
N LEU D 86 47.69 9.56 -43.21
CA LEU D 86 48.83 9.01 -42.49
C LEU D 86 48.67 9.17 -40.98
N HIS D 87 48.16 10.33 -40.54
CA HIS D 87 47.92 10.54 -39.11
C HIS D 87 46.85 9.60 -38.59
N LEU D 88 45.72 9.49 -39.30
CA LEU D 88 44.67 8.58 -38.89
C LEU D 88 45.12 7.13 -38.93
N ALA D 89 46.01 6.78 -39.87
CA ALA D 89 46.56 5.43 -39.90
C ALA D 89 47.45 5.17 -38.70
N ARG D 90 48.09 6.23 -38.16
CA ARG D 90 48.98 6.05 -37.02
C ARG D 90 48.19 5.81 -35.74
N LEU D 91 47.11 6.56 -35.54
CA LEU D 91 46.32 6.41 -34.31
C LEU D 91 45.57 5.09 -34.29
N LYS D 92 45.00 4.68 -35.44
CA LYS D 92 44.33 3.39 -35.49
C LYS D 92 45.31 2.23 -35.31
N ALA D 93 46.55 2.39 -35.81
CA ALA D 93 47.56 1.39 -35.54
C ALA D 93 47.93 1.36 -34.06
N TRP D 94 47.75 2.48 -33.36
CA TRP D 94 47.95 2.52 -31.92
C TRP D 94 46.78 1.92 -31.15
N GLY D 95 45.75 1.44 -31.84
CA GLY D 95 44.60 0.83 -31.20
C GLY D 95 43.49 1.78 -30.83
N TYR D 96 43.58 3.04 -31.23
CA TYR D 96 42.60 4.04 -30.83
C TYR D 96 41.35 3.94 -31.71
N ASN D 97 40.18 3.98 -31.07
CA ASN D 97 38.91 3.95 -31.77
C ASN D 97 38.01 5.12 -31.39
N LEU D 98 38.52 6.08 -30.64
CA LEU D 98 37.76 7.25 -30.21
C LEU D 98 38.48 8.52 -30.64
N LEU D 99 37.69 9.56 -30.93
CA LEU D 99 38.22 10.86 -31.30
C LEU D 99 37.31 11.94 -30.73
N ARG D 100 37.87 12.82 -29.91
CA ARG D 100 37.15 14.00 -29.42
C ARG D 100 37.46 15.14 -30.38
N TYR D 101 36.58 15.34 -31.36
CA TYR D 101 36.86 16.32 -32.40
C TYR D 101 36.68 17.73 -31.86
N VAL D 102 37.67 18.58 -32.12
CA VAL D 102 37.75 19.91 -31.55
C VAL D 102 37.34 20.93 -32.61
N PHE D 103 36.44 21.83 -32.24
CA PHE D 103 36.08 22.95 -33.09
C PHE D 103 35.68 24.11 -32.19
N THR D 104 35.86 25.33 -32.70
CA THR D 104 35.59 26.52 -31.91
C THR D 104 34.36 27.26 -32.44
N TRP D 105 33.69 27.96 -31.51
CA TRP D 105 32.60 28.85 -31.88
C TRP D 105 33.09 29.97 -32.79
N GLU D 106 34.35 30.37 -32.62
CA GLU D 106 34.94 31.38 -33.49
C GLU D 106 34.99 30.89 -34.93
N SER D 107 35.31 29.61 -35.13
CA SER D 107 35.48 29.06 -36.47
C SER D 107 34.21 29.17 -37.29
N LEU D 108 33.06 28.91 -36.68
CA LEU D 108 31.81 28.85 -37.41
C LEU D 108 31.10 30.20 -37.51
N GLU D 109 31.52 31.21 -36.74
CA GLU D 109 30.79 32.47 -36.75
C GLU D 109 31.75 33.65 -36.58
N HIS D 110 32.93 33.58 -37.24
CA HIS D 110 33.88 34.67 -37.15
C HIS D 110 33.46 35.90 -37.95
N ALA D 111 32.61 35.72 -38.96
CA ALA D 111 32.24 36.84 -39.82
C ALA D 111 31.33 37.84 -39.09
N GLY D 112 30.54 37.36 -38.13
CA GLY D 112 29.66 38.23 -37.38
C GLY D 112 28.46 37.45 -36.85
N PRO D 113 27.61 38.13 -36.07
CA PRO D 113 26.44 37.45 -35.51
C PRO D 113 25.54 36.87 -36.59
N LYS D 114 25.33 35.55 -36.51
CA LYS D 114 24.53 34.80 -37.48
C LYS D 114 25.07 34.93 -38.90
N GLU D 115 26.40 35.05 -39.02
CA GLU D 115 27.13 34.98 -40.27
C GLU D 115 28.02 33.74 -40.17
N TYR D 116 27.47 32.59 -40.56
CA TYR D 116 28.11 31.31 -40.33
C TYR D 116 29.01 30.91 -41.49
N ASP D 117 30.16 30.32 -41.16
CA ASP D 117 31.12 29.86 -42.15
C ASP D 117 30.75 28.44 -42.54
N TYR D 118 29.90 28.32 -43.57
CA TYR D 118 29.50 27.00 -44.05
C TYR D 118 30.63 26.30 -44.79
N ALA D 119 31.60 27.04 -45.33
CA ALA D 119 32.73 26.41 -46.00
C ALA D 119 33.58 25.62 -45.01
N TYR D 120 33.73 26.13 -43.79
CA TYR D 120 34.48 25.41 -42.77
C TYR D 120 33.69 24.23 -42.23
N MET D 121 32.37 24.38 -42.11
CA MET D 121 31.54 23.27 -41.66
C MET D 121 31.64 22.09 -42.61
N ASP D 122 31.57 22.38 -43.92
CA ASP D 122 31.70 21.31 -44.92
C ASP D 122 33.10 20.73 -44.95
N TYR D 123 34.11 21.46 -44.48
CA TYR D 123 35.42 20.85 -44.31
C TYR D 123 35.41 19.88 -43.13
N ILE D 124 34.80 20.28 -42.01
CA ILE D 124 34.65 19.37 -40.87
C ILE D 124 33.96 18.08 -41.32
N ILE D 125 32.91 18.22 -42.14
CA ILE D 125 32.22 17.04 -42.66
C ILE D 125 33.18 16.17 -43.47
N ALA D 126 34.09 16.80 -44.23
CA ALA D 126 35.02 16.03 -45.05
C ALA D 126 36.01 15.27 -44.19
N VAL D 127 36.48 15.87 -43.10
CA VAL D 127 37.39 15.16 -42.20
C VAL D 127 36.65 14.07 -41.45
N LEU D 128 35.44 14.37 -40.98
CA LEU D 128 34.65 13.36 -40.27
C LEU D 128 34.31 12.18 -41.16
N ARG D 129 34.09 12.43 -42.46
CA ARG D 129 33.88 11.32 -43.38
C ARG D 129 35.16 10.51 -43.56
N LYS D 130 36.32 11.18 -43.58
CA LYS D 130 37.58 10.46 -43.54
C LYS D 130 37.81 9.84 -42.17
N CYS D 131 37.32 10.47 -41.11
CA CYS D 131 37.35 9.84 -39.80
C CYS D 131 36.46 8.60 -39.76
N LYS D 132 35.30 8.68 -40.42
CA LYS D 132 34.38 7.53 -40.45
C LYS D 132 34.98 6.37 -41.24
N GLU D 133 35.69 6.67 -42.34
CA GLU D 133 36.33 5.62 -43.12
C GLU D 133 37.28 4.80 -42.27
N TRP D 134 38.07 5.45 -41.41
CA TRP D 134 39.03 4.77 -40.55
C TRP D 134 38.39 4.18 -39.30
N GLY D 135 37.07 3.98 -39.31
CA GLY D 135 36.36 3.33 -38.22
C GLY D 135 36.60 3.97 -36.86
N PHE D 136 36.43 5.29 -36.79
CA PHE D 136 36.63 6.03 -35.54
C PHE D 136 35.28 6.46 -34.98
N ARG D 137 35.18 6.45 -33.65
CA ARG D 137 34.04 6.98 -32.95
C ARG D 137 34.34 8.41 -32.51
N VAL D 138 33.45 9.33 -32.84
CA VAL D 138 33.69 10.76 -32.64
C VAL D 138 32.57 11.34 -31.80
N PHE D 139 32.93 12.11 -30.78
CA PHE D 139 31.99 13.00 -30.11
C PHE D 139 32.54 14.41 -30.15
N MET D 140 31.71 15.35 -30.57
CA MET D 140 32.16 16.70 -30.91
C MET D 140 32.40 17.53 -29.67
N ASP D 141 33.49 18.32 -29.71
CA ASP D 141 33.91 19.14 -28.58
C ASP D 141 33.74 20.61 -28.94
N PRO D 142 32.67 21.27 -28.47
CA PRO D 142 32.61 22.73 -28.62
C PRO D 142 33.64 23.38 -27.71
N HIS D 143 34.87 23.49 -28.21
CA HIS D 143 36.01 23.78 -27.36
C HIS D 143 36.21 25.27 -27.15
N GLN D 144 36.46 25.65 -25.91
CA GLN D 144 36.86 27.00 -25.55
C GLN D 144 37.85 26.93 -24.41
N ASP D 145 38.60 28.01 -24.24
CA ASP D 145 39.52 28.16 -23.12
C ASP D 145 39.55 29.64 -22.76
N VAL D 146 39.25 29.95 -21.50
CA VAL D 146 39.04 31.31 -20.99
C VAL D 146 38.34 32.18 -22.03
N TRP D 147 37.17 31.72 -22.49
CA TRP D 147 36.26 32.41 -23.41
C TRP D 147 36.75 32.44 -24.86
N SER D 148 37.87 33.11 -25.13
CA SER D 148 38.32 33.30 -26.50
C SER D 148 39.83 33.43 -26.55
N ARG D 149 40.37 33.34 -27.76
CA ARG D 149 41.79 33.61 -27.99
C ARG D 149 42.15 35.02 -27.55
N PHE D 150 41.20 35.95 -27.67
CA PHE D 150 41.45 37.35 -27.39
C PHE D 150 41.37 37.67 -25.91
N THR D 151 40.94 36.73 -25.08
CA THR D 151 41.05 36.85 -23.63
C THR D 151 42.09 35.91 -23.05
N GLY D 152 42.84 35.18 -23.88
CA GLY D 152 43.95 34.37 -23.42
C GLY D 152 43.88 32.89 -23.79
N GLY D 153 42.86 32.42 -24.51
CA GLY D 153 42.78 31.00 -24.78
C GLY D 153 42.23 30.63 -26.14
N SER D 154 40.95 30.27 -26.19
CA SER D 154 40.30 29.80 -27.41
C SER D 154 38.80 29.92 -27.22
N GLY D 155 38.05 29.86 -28.33
CA GLY D 155 36.62 29.72 -28.20
C GLY D 155 35.71 30.69 -28.94
N ALA D 156 35.38 31.81 -28.29
CA ALA D 156 34.38 32.73 -28.81
C ALA D 156 34.98 33.65 -29.87
N PRO D 157 34.16 34.15 -30.78
CA PRO D 157 34.64 35.15 -31.74
C PRO D 157 34.87 36.50 -31.08
N LEU D 158 35.67 37.33 -31.76
CA LEU D 158 36.10 38.60 -31.16
C LEU D 158 34.94 39.56 -30.95
N TRP D 159 33.90 39.50 -31.79
CA TRP D 159 32.77 40.40 -31.60
C TRP D 159 32.01 40.13 -30.31
N THR D 160 32.24 38.99 -29.65
CA THR D 160 31.67 38.80 -28.32
C THR D 160 32.28 39.74 -27.30
N LEU D 161 33.58 40.07 -27.48
CA LEU D 161 34.21 41.07 -26.63
C LEU D 161 33.53 42.42 -26.76
N TYR D 162 33.27 42.84 -28.01
CA TYR D 162 32.57 44.09 -28.25
C TYR D 162 31.12 44.02 -27.80
N ALA D 163 30.51 42.84 -27.84
CA ALA D 163 29.13 42.69 -27.41
C ALA D 163 28.97 42.98 -25.92
N CYS D 164 29.98 42.66 -25.13
CA CYS D 164 29.94 42.90 -23.69
C CYS D 164 30.42 44.28 -23.30
N GLY D 165 30.79 45.13 -24.26
CA GLY D 165 31.28 46.46 -23.95
C GLY D 165 32.69 46.48 -23.40
N ILE D 166 33.58 45.70 -23.99
CA ILE D 166 34.96 45.59 -23.54
C ILE D 166 35.87 46.00 -24.69
N ASP D 167 36.80 46.92 -24.40
CA ASP D 167 37.81 47.31 -25.38
C ASP D 167 38.94 46.28 -25.38
N PRO D 168 39.07 45.48 -26.44
CA PRO D 168 40.10 44.43 -26.43
C PRO D 168 41.52 44.96 -26.33
N TYR D 169 41.80 46.14 -26.88
CA TYR D 169 43.14 46.70 -26.84
C TYR D 169 43.53 47.26 -25.48
N HIS D 170 42.63 47.21 -24.51
CA HIS D 170 42.93 47.64 -23.14
C HIS D 170 42.91 46.47 -22.16
N LEU D 171 43.11 45.24 -22.65
CA LEU D 171 43.08 44.07 -21.78
C LEU D 171 44.37 43.93 -20.97
N THR D 172 45.52 44.01 -21.64
CA THR D 172 46.78 43.81 -20.95
C THR D 172 47.13 45.02 -20.07
N ALA D 173 46.67 46.21 -20.44
CA ALA D 173 46.94 47.38 -19.60
C ALA D 173 46.12 47.34 -18.32
N THR D 174 44.89 46.85 -18.39
CA THR D 174 44.05 46.70 -17.21
C THR D 174 44.32 45.41 -16.46
N ALA D 175 45.19 44.55 -16.98
CA ALA D 175 45.47 43.23 -16.42
C ALA D 175 44.19 42.41 -16.26
N ALA D 176 43.19 42.66 -17.10
CA ALA D 176 41.99 41.85 -17.08
C ALA D 176 42.15 40.55 -17.84
N ALA D 177 43.20 40.40 -18.64
CA ALA D 177 43.50 39.17 -19.34
C ALA D 177 44.97 39.17 -19.71
N TYR D 178 45.60 38.00 -19.59
CA TYR D 178 47.01 37.82 -19.96
C TYR D 178 47.05 37.03 -21.27
N LEU D 179 47.43 37.72 -22.35
CA LEU D 179 47.49 37.12 -23.68
C LEU D 179 48.92 36.68 -23.98
N HIS D 180 49.05 35.50 -24.59
CA HIS D 180 50.38 34.99 -24.91
C HIS D 180 51.12 35.92 -25.86
N CYS D 181 50.40 36.58 -26.77
CA CYS D 181 51.06 37.42 -27.76
C CYS D 181 51.48 38.78 -27.21
N GLU D 182 50.94 39.19 -26.06
CA GLU D 182 51.25 40.50 -25.48
C GLU D 182 51.85 40.38 -24.08
N TRP D 183 52.55 39.28 -23.81
CA TRP D 183 53.22 39.15 -22.53
C TRP D 183 54.71 39.45 -22.68
N PRO D 184 55.31 40.22 -21.75
CA PRO D 184 54.67 40.81 -20.57
C PRO D 184 53.93 42.12 -20.87
N SER D 185 54.26 42.74 -22.00
CA SER D 185 53.56 43.94 -22.45
C SER D 185 53.33 43.83 -23.95
N ALA D 186 52.37 44.62 -24.44
CA ALA D 186 52.04 44.57 -25.87
C ALA D 186 53.11 45.27 -26.70
N GLU D 187 53.71 46.34 -26.18
CA GLU D 187 54.69 47.10 -26.96
C GLU D 187 55.93 46.27 -27.23
N SER D 188 56.41 45.54 -26.24
CA SER D 188 57.65 44.75 -26.35
C SER D 188 57.37 43.33 -25.90
N PRO D 189 56.66 42.55 -26.71
CA PRO D 189 56.26 41.20 -26.27
C PRO D 189 57.43 40.24 -26.26
N LYS D 190 57.43 39.36 -25.25
CA LYS D 190 58.38 38.25 -25.15
C LYS D 190 57.56 37.00 -24.89
N PRO D 191 57.06 36.35 -25.95
CA PRO D 191 56.30 35.11 -25.75
C PRO D 191 57.15 33.99 -25.19
N GLN D 192 58.48 34.08 -25.28
CA GLN D 192 59.35 33.05 -24.74
C GLN D 192 59.23 32.97 -23.23
N ASP D 193 59.03 34.11 -22.56
CA ASP D 193 59.02 34.20 -21.11
C ASP D 193 57.64 33.99 -20.50
N PHE D 194 56.67 33.56 -21.30
CA PHE D 194 55.31 33.32 -20.80
C PHE D 194 55.33 32.23 -19.75
N PRO D 195 54.96 32.53 -18.50
CA PRO D 195 55.08 31.52 -17.43
C PRO D 195 54.31 30.26 -17.74
N ALA D 196 54.74 29.17 -17.12
CA ALA D 196 54.15 27.86 -17.39
C ALA D 196 52.69 27.84 -16.94
N MET D 197 51.79 27.59 -17.89
CA MET D 197 50.37 27.35 -17.63
C MET D 197 49.70 28.54 -16.92
N ILE D 198 50.22 29.76 -17.11
CA ILE D 198 49.60 30.93 -16.49
C ILE D 198 48.34 31.36 -17.24
N TRP D 199 48.12 30.86 -18.45
CA TRP D 199 46.91 31.22 -19.19
C TRP D 199 45.65 30.85 -18.41
N GLY D 200 45.70 29.75 -17.64
CA GLY D 200 44.55 29.30 -16.90
C GLY D 200 44.08 30.28 -15.85
N THR D 201 44.97 31.14 -15.36
CA THR D 201 44.58 32.13 -14.36
C THR D 201 43.70 33.23 -14.93
N ASN D 202 43.46 33.24 -16.24
CA ASN D 202 42.58 34.23 -16.84
C ASN D 202 41.15 34.09 -16.31
N TYR D 203 40.73 32.86 -16.00
CA TYR D 203 39.41 32.65 -15.39
C TYR D 203 39.21 33.52 -14.17
N THR D 204 40.27 33.78 -13.40
CA THR D 204 40.18 34.58 -12.18
C THR D 204 40.46 36.06 -12.43
N HIS D 205 40.57 36.50 -13.69
CA HIS D 205 40.84 37.89 -14.01
C HIS D 205 39.60 38.56 -14.58
N LEU D 206 39.64 39.90 -14.59
CA LEU D 206 38.42 40.69 -14.73
C LEU D 206 37.66 40.38 -16.03
N ALA D 207 38.38 40.25 -17.14
CA ALA D 207 37.71 40.03 -18.42
C ALA D 207 36.91 38.74 -18.42
N ASN D 208 37.57 37.61 -18.13
CA ASN D 208 36.86 36.34 -18.08
C ASN D 208 35.86 36.31 -16.94
N GLN D 209 36.19 36.94 -15.82
CA GLN D 209 35.26 37.04 -14.70
C GLN D 209 33.96 37.72 -15.15
N THR D 210 34.07 38.79 -15.93
CA THR D 210 32.90 39.52 -16.38
C THR D 210 32.13 38.73 -17.44
N ILE D 211 32.82 38.33 -18.51
CA ILE D 211 32.15 37.76 -19.67
C ILE D 211 31.42 36.48 -19.29
N TRP D 212 32.01 35.66 -18.42
CA TRP D 212 31.34 34.43 -18.03
C TRP D 212 30.09 34.70 -17.20
N THR D 213 30.11 35.76 -16.38
CA THR D 213 28.93 36.10 -15.60
C THR D 213 27.78 36.52 -16.50
N PHE D 214 28.08 37.28 -17.56
CA PHE D 214 27.08 37.58 -18.57
C PHE D 214 26.51 36.31 -19.17
N PHE D 215 27.41 35.41 -19.61
CA PHE D 215 26.98 34.22 -20.34
C PHE D 215 26.05 33.35 -19.50
N PHE D 216 26.41 33.09 -18.24
CA PHE D 216 25.68 32.13 -17.43
C PHE D 216 24.62 32.76 -16.53
N ALA D 217 24.71 34.05 -16.24
CA ALA D 217 23.73 34.66 -15.34
C ALA D 217 23.60 36.16 -15.59
N GLY D 218 23.60 36.56 -16.86
CA GLY D 218 23.45 37.98 -17.17
C GLY D 218 22.10 38.53 -16.75
N LYS D 219 21.04 37.76 -16.98
CA LYS D 219 19.69 38.19 -16.58
C LYS D 219 19.56 38.36 -15.07
N THR D 220 20.40 37.67 -14.29
CA THR D 220 20.32 37.70 -12.84
C THR D 220 21.16 38.82 -12.22
N TYR D 221 22.41 38.98 -12.68
CA TYR D 221 23.33 39.92 -12.05
C TYR D 221 23.61 41.17 -12.88
N ALA D 222 23.21 41.20 -14.15
CA ALA D 222 23.38 42.39 -14.99
C ALA D 222 22.09 42.62 -15.77
N PRO D 223 20.99 42.92 -15.08
CA PRO D 223 19.72 43.10 -15.77
C PRO D 223 19.70 44.32 -16.68
N LYS D 224 20.51 45.34 -16.39
CA LYS D 224 20.56 46.53 -17.22
C LYS D 224 21.25 46.28 -18.56
N CYS D 225 21.96 45.18 -18.72
CA CYS D 225 22.68 44.88 -19.96
C CYS D 225 21.68 44.33 -20.98
N ILE D 226 21.18 45.21 -21.83
CA ILE D 226 20.24 44.85 -22.89
C ILE D 226 20.92 45.13 -24.23
N ILE D 227 20.90 44.14 -25.11
CA ILE D 227 21.48 44.26 -26.44
C ILE D 227 20.57 43.53 -27.42
N ASP D 228 20.16 44.23 -28.48
CA ASP D 228 19.20 43.70 -29.45
C ASP D 228 17.90 43.27 -28.76
N GLY D 229 17.45 44.07 -27.79
CA GLY D 229 16.19 43.83 -27.12
C GLY D 229 16.21 42.73 -26.08
N LYS D 230 17.28 41.95 -26.00
CA LYS D 230 17.40 40.85 -25.05
C LYS D 230 18.61 41.09 -24.16
N ASN D 231 18.62 40.40 -23.01
CA ASN D 231 19.73 40.50 -22.09
C ASN D 231 20.98 39.88 -22.69
N ILE D 232 22.14 40.34 -22.21
CA ILE D 232 23.43 39.83 -22.69
C ILE D 232 23.59 38.34 -22.41
N GLN D 233 22.86 37.80 -21.43
CA GLN D 233 22.91 36.36 -21.16
C GLN D 233 22.36 35.57 -22.33
N ASP D 234 21.12 35.86 -22.73
CA ASP D 234 20.51 35.15 -23.84
C ASP D 234 21.21 35.49 -25.15
N PHE D 235 21.66 36.74 -25.31
CA PHE D 235 22.33 37.14 -26.53
C PHE D 235 23.54 36.27 -26.81
N LEU D 236 24.42 36.12 -25.81
CA LEU D 236 25.62 35.30 -25.99
C LEU D 236 25.26 33.82 -26.07
N GLN D 237 24.41 33.34 -25.17
CA GLN D 237 24.13 31.92 -25.10
C GLN D 237 23.41 31.44 -26.36
N ASP D 238 22.36 32.15 -26.78
CA ASP D 238 21.61 31.73 -27.97
C ASP D 238 22.49 31.77 -29.21
N HIS D 239 23.36 32.78 -29.33
CA HIS D 239 24.28 32.85 -30.46
C HIS D 239 25.22 31.65 -30.50
N PHE D 240 25.68 31.20 -29.32
CA PHE D 240 26.57 30.05 -29.28
C PHE D 240 25.81 28.76 -29.55
N ILE D 241 24.63 28.60 -28.96
CA ILE D 241 23.85 27.38 -29.18
C ILE D 241 23.36 27.31 -30.62
N ASP D 242 23.05 28.47 -31.22
CA ASP D 242 22.68 28.46 -32.64
C ASP D 242 23.87 28.16 -33.53
N ALA D 243 25.08 28.56 -33.10
CA ALA D 243 26.27 28.27 -33.89
C ALA D 243 26.59 26.78 -33.87
N VAL D 244 26.58 26.15 -32.68
CA VAL D 244 26.78 24.70 -32.63
C VAL D 244 25.64 24.00 -33.34
N GLY D 245 24.43 24.58 -33.26
CA GLY D 245 23.30 23.99 -33.95
C GLY D 245 23.45 24.02 -35.46
N GLU D 246 24.04 25.11 -35.99
CA GLU D 246 24.28 25.18 -37.43
C GLU D 246 25.26 24.12 -37.88
N LEU D 247 26.29 23.83 -37.08
CA LEU D 247 27.20 22.75 -37.41
C LEU D 247 26.52 21.39 -37.29
N ALA D 248 25.79 21.19 -36.20
CA ALA D 248 25.04 19.95 -36.03
C ALA D 248 24.01 19.78 -37.14
N LYS D 249 23.37 20.87 -37.55
CA LYS D 249 22.33 20.76 -38.58
C LYS D 249 22.93 20.44 -39.95
N ARG D 250 24.03 21.11 -40.32
CA ARG D 250 24.61 20.87 -41.63
C ARG D 250 25.26 19.49 -41.71
N ILE D 251 25.74 18.96 -40.59
CA ILE D 251 26.24 17.58 -40.61
C ILE D 251 25.09 16.61 -40.83
N ALA D 252 23.94 16.86 -40.19
CA ALA D 252 22.80 15.97 -40.34
C ALA D 252 22.08 16.17 -41.67
N GLU D 253 21.96 17.43 -42.11
CA GLU D 253 21.23 17.71 -43.34
C GLU D 253 22.02 17.33 -44.59
N GLU D 254 23.34 17.55 -44.56
CA GLU D 254 24.18 17.33 -45.73
C GLU D 254 24.97 16.02 -45.69
N ALA D 255 24.98 15.30 -44.56
CA ALA D 255 25.73 14.07 -44.45
C ALA D 255 25.26 13.21 -43.29
N GLY D 256 24.05 12.65 -43.40
CA GLY D 256 23.50 11.83 -42.33
C GLY D 256 24.23 10.52 -42.12
N ASP D 257 25.04 10.09 -43.09
CA ASP D 257 25.78 8.84 -42.93
C ASP D 257 26.80 8.92 -41.81
N LEU D 258 27.18 10.12 -41.37
CA LEU D 258 28.13 10.24 -40.28
C LEU D 258 27.48 10.05 -38.90
N LEU D 259 26.17 10.21 -38.83
CA LEU D 259 25.49 10.16 -37.53
C LEU D 259 25.48 8.74 -36.98
N ASP D 260 25.69 8.63 -35.67
CA ASP D 260 25.62 7.37 -34.93
C ASP D 260 26.69 6.35 -35.32
N GLU D 261 26.87 6.06 -36.61
CA GLU D 261 27.88 5.08 -36.99
C GLU D 261 29.30 5.62 -36.83
N CYS D 262 29.47 6.95 -36.86
CA CYS D 262 30.77 7.56 -36.55
C CYS D 262 30.62 8.60 -35.45
N VAL D 263 29.97 9.72 -35.75
CA VAL D 263 29.71 10.75 -34.75
C VAL D 263 28.63 10.24 -33.79
N ILE D 264 29.05 9.79 -32.60
CA ILE D 264 28.11 9.16 -31.68
C ILE D 264 27.48 10.14 -30.69
N GLY D 265 28.08 11.30 -30.46
CA GLY D 265 27.52 12.23 -29.49
C GLY D 265 28.10 13.61 -29.62
N TRP D 266 27.65 14.49 -28.73
CA TRP D 266 28.08 15.88 -28.69
C TRP D 266 28.39 16.25 -27.25
N ASP D 267 29.63 16.64 -26.99
CA ASP D 267 30.00 17.12 -25.66
C ASP D 267 29.40 18.52 -25.44
N SER D 268 29.26 18.88 -24.16
CA SER D 268 28.79 20.22 -23.84
C SER D 268 29.96 21.20 -23.92
N ILE D 269 29.70 22.46 -23.55
CA ILE D 269 30.73 23.50 -23.65
C ILE D 269 31.93 23.10 -22.82
N ASN D 270 33.12 23.25 -23.40
CA ASN D 270 34.34 22.72 -22.82
C ASN D 270 34.84 23.60 -21.68
N GLU D 271 35.04 22.97 -20.51
CA GLU D 271 35.55 23.59 -19.28
C GLU D 271 34.93 24.97 -19.06
N PRO D 272 33.65 25.03 -18.70
CA PRO D 272 32.97 26.33 -18.59
C PRO D 272 33.45 27.11 -17.37
N GLY D 273 33.76 28.38 -17.57
CA GLY D 273 34.14 29.25 -16.48
C GLY D 273 32.92 29.75 -15.72
N GLU D 274 33.05 29.84 -14.40
CA GLU D 274 31.95 30.24 -13.53
C GLU D 274 31.84 31.74 -13.35
N GLY D 275 32.71 32.53 -13.98
CA GLY D 275 32.67 33.97 -13.81
C GLY D 275 32.78 34.38 -12.35
N LEU D 276 31.90 35.28 -11.93
CA LEU D 276 31.80 35.67 -10.54
C LEU D 276 30.68 34.95 -9.80
N ILE D 277 30.01 34.02 -10.47
CA ILE D 277 28.84 33.36 -9.87
C ILE D 277 29.29 32.55 -8.67
N GLY D 278 28.68 32.81 -7.51
CA GLY D 278 28.95 32.08 -6.29
C GLY D 278 29.94 32.74 -5.35
N CYS D 279 30.58 33.84 -5.77
CA CYS D 279 31.62 34.46 -4.96
C CYS D 279 31.01 35.05 -3.69
N LYS D 280 31.43 34.53 -2.54
CA LYS D 280 30.87 34.97 -1.26
C LYS D 280 31.32 36.39 -0.92
N ASP D 281 32.59 36.70 -1.17
CA ASP D 281 33.16 37.98 -0.78
C ASP D 281 34.06 38.46 -1.90
N LEU D 282 33.78 39.64 -2.43
CA LEU D 282 34.53 40.18 -3.56
C LEU D 282 35.87 40.78 -3.17
N ALA D 283 36.13 40.96 -1.88
CA ALA D 283 37.37 41.57 -1.42
C ALA D 283 38.47 40.55 -1.16
N VAL D 284 38.21 39.26 -1.39
CA VAL D 284 39.17 38.20 -1.10
C VAL D 284 39.11 37.16 -2.22
N ILE D 285 40.20 36.41 -2.34
CA ILE D 285 40.24 35.24 -3.20
C ILE D 285 39.89 34.02 -2.34
N PRO D 286 38.88 33.24 -2.69
CA PRO D 286 38.48 32.12 -1.82
C PRO D 286 39.60 31.11 -1.66
N ALA D 287 39.65 30.49 -0.49
CA ALA D 287 40.68 29.49 -0.21
C ALA D 287 40.51 28.26 -1.07
N GLU D 288 39.29 27.97 -1.53
CA GLU D 288 39.00 26.78 -2.31
C GLU D 288 39.31 26.97 -3.79
N GLN D 289 40.29 27.82 -4.09
CA GLN D 289 40.74 28.06 -5.46
C GLN D 289 42.05 27.30 -5.67
N GLN D 290 42.04 26.35 -6.60
CA GLN D 290 43.20 25.47 -6.74
C GLN D 290 44.31 26.09 -7.58
N LEU D 291 43.98 27.03 -8.47
CA LEU D 291 44.96 27.58 -9.40
C LEU D 291 45.13 29.08 -9.15
N LYS D 292 46.33 29.46 -8.72
CA LYS D 292 46.72 30.85 -8.54
C LYS D 292 48.18 30.97 -8.96
N LYS D 293 48.46 31.85 -9.93
CA LYS D 293 49.83 32.04 -10.37
C LYS D 293 49.99 33.43 -10.97
N GLY D 294 51.05 34.13 -10.58
CA GLY D 294 51.31 35.46 -11.06
C GLY D 294 50.52 36.49 -10.29
N PRO D 295 50.44 37.71 -10.83
CA PRO D 295 49.60 38.75 -10.20
C PRO D 295 48.14 38.31 -10.17
N SER D 296 47.61 38.14 -8.96
CA SER D 296 46.26 37.62 -8.74
C SER D 296 45.45 38.67 -7.99
N PRO D 297 44.85 39.63 -8.69
CA PRO D 297 44.03 40.64 -8.03
C PRO D 297 42.71 40.07 -7.56
N THR D 298 42.24 40.58 -6.42
CA THR D 298 40.92 40.22 -5.94
C THR D 298 39.87 40.69 -6.96
N PRO D 299 38.64 40.16 -6.88
CA PRO D 299 37.59 40.65 -7.79
C PRO D 299 37.43 42.17 -7.78
N ILE D 300 37.38 42.78 -6.60
CA ILE D 300 37.24 44.24 -6.55
C ILE D 300 38.50 44.92 -7.06
N GLU D 301 39.67 44.37 -6.73
CA GLU D 301 40.92 44.92 -7.25
C GLU D 301 40.95 44.88 -8.77
N GLY D 302 40.44 43.79 -9.35
CA GLY D 302 40.35 43.73 -10.81
C GLY D 302 39.40 44.78 -11.36
N MET D 303 38.28 45.01 -10.68
CA MET D 303 37.35 46.04 -11.11
C MET D 303 37.97 47.43 -11.00
N ARG D 304 38.69 47.69 -9.91
CA ARG D 304 39.36 48.98 -9.76
C ARG D 304 40.45 49.15 -10.82
N LEU D 305 41.15 48.07 -11.15
CA LEU D 305 42.12 48.12 -12.24
C LEU D 305 41.44 48.35 -13.58
N GLY D 306 40.21 47.87 -13.74
CA GLY D 306 39.47 48.08 -14.97
C GLY D 306 39.08 49.53 -15.21
N MET D 307 39.06 50.35 -14.15
CA MET D 307 38.80 51.78 -14.27
C MET D 307 40.08 52.60 -14.31
N GLY D 308 41.24 51.95 -14.41
CA GLY D 308 42.50 52.65 -14.52
C GLY D 308 43.24 52.89 -13.21
N GLU D 309 42.59 52.62 -12.07
CA GLU D 309 43.24 52.84 -10.79
C GLU D 309 44.33 51.80 -10.54
N ALA D 310 45.45 52.25 -10.00
CA ALA D 310 46.56 51.36 -9.69
C ALA D 310 46.27 50.56 -8.42
N GLN D 311 46.69 49.29 -8.43
CA GLN D 311 46.42 48.40 -7.32
C GLN D 311 47.67 47.58 -7.00
N ASP D 312 47.96 47.43 -5.71
CA ASP D 312 49.03 46.54 -5.25
C ASP D 312 48.42 45.17 -4.98
N VAL D 313 48.66 44.24 -5.89
CA VAL D 313 48.00 42.95 -5.85
C VAL D 313 48.95 41.90 -5.28
N GLN D 314 48.38 40.81 -4.81
CA GLN D 314 49.14 39.72 -4.22
C GLN D 314 49.48 38.72 -5.31
N ALA D 315 50.76 38.63 -5.66
CA ALA D 315 51.20 37.67 -6.66
C ALA D 315 51.45 36.31 -6.02
N TRP D 316 51.18 35.26 -6.78
CA TRP D 316 51.30 33.89 -6.30
C TRP D 316 52.35 33.12 -7.10
N ASN D 317 52.88 32.08 -6.48
CA ASN D 317 53.78 31.15 -7.13
C ASN D 317 53.30 29.73 -6.84
N PHE D 318 53.55 28.83 -7.79
CA PHE D 318 53.13 27.44 -7.66
C PHE D 318 54.26 26.63 -7.04
N GLY D 319 54.07 26.19 -5.80
CA GLY D 319 55.09 25.44 -5.10
C GLY D 319 54.85 23.95 -5.17
N PRO D 320 55.70 23.17 -4.47
CA PRO D 320 55.55 21.71 -4.52
C PRO D 320 54.22 21.22 -3.98
N MET D 321 53.58 21.99 -3.09
CA MET D 321 52.28 21.63 -2.54
C MET D 321 51.16 22.51 -3.06
N GLY D 322 51.37 23.15 -4.20
CA GLY D 322 50.35 24.00 -4.79
C GLY D 322 50.71 25.47 -4.71
N PRO D 323 49.74 26.33 -5.00
CA PRO D 323 50.02 27.78 -4.98
C PRO D 323 50.31 28.27 -3.58
N TYR D 324 51.24 29.22 -3.50
CA TYR D 324 51.52 29.96 -2.27
C TYR D 324 51.75 31.41 -2.64
N ARG D 325 51.40 32.31 -1.72
CA ARG D 325 51.59 33.73 -1.96
C ARG D 325 53.08 34.05 -2.07
N GLY D 326 53.39 35.18 -2.72
CA GLY D 326 54.77 35.53 -2.94
C GLY D 326 55.02 37.01 -3.04
N SER D 327 55.54 37.44 -4.19
CA SER D 327 55.75 38.85 -4.44
C SER D 327 54.44 39.63 -4.31
N ARG D 328 54.56 40.91 -3.99
CA ARG D 328 53.46 41.86 -4.11
C ARG D 328 53.84 42.86 -5.19
N GLN D 329 53.00 42.98 -6.21
CA GLN D 329 53.32 43.78 -7.37
C GLN D 329 52.25 44.84 -7.62
N THR D 330 52.69 45.99 -8.11
CA THR D 330 51.80 47.07 -8.49
C THR D 330 51.41 46.92 -9.95
N ILE D 331 50.11 47.01 -10.22
CA ILE D 331 49.58 47.05 -11.57
C ILE D 331 49.14 48.49 -11.82
N ASP D 332 49.83 49.18 -12.71
CA ASP D 332 49.53 50.58 -13.01
C ASP D 332 48.91 50.68 -14.40
N PRO D 333 47.58 50.73 -14.52
CA PRO D 333 46.96 50.90 -15.84
C PRO D 333 47.11 52.31 -16.39
N LYS D 334 47.66 53.25 -15.63
CA LYS D 334 47.90 54.62 -16.07
C LYS D 334 46.61 55.30 -16.54
N GLY D 335 45.52 55.00 -15.86
CA GLY D 335 44.23 55.55 -16.20
C GLY D 335 43.50 54.84 -17.31
N VAL D 336 44.18 53.97 -18.07
CA VAL D 336 43.52 53.24 -19.15
C VAL D 336 42.45 52.34 -18.56
N LYS D 337 41.25 52.39 -19.14
CA LYS D 337 40.11 51.64 -18.67
C LYS D 337 39.79 50.50 -19.64
N LEU D 338 39.28 49.40 -19.08
CA LEU D 338 38.96 48.23 -19.89
C LEU D 338 37.66 48.40 -20.65
N TRP D 339 36.75 49.21 -20.14
CA TRP D 339 35.41 49.29 -20.70
C TRP D 339 35.39 50.15 -21.96
N LEU D 340 34.54 49.75 -22.90
CA LEU D 340 34.45 50.41 -24.19
C LEU D 340 33.83 51.79 -24.06
N SER D 341 34.37 52.75 -24.80
CA SER D 341 33.72 54.04 -24.92
C SER D 341 32.36 53.88 -25.59
N LYS D 342 31.53 54.92 -25.47
CA LYS D 342 30.32 54.97 -26.30
C LYS D 342 30.64 55.45 -27.71
N GLU D 343 31.74 56.17 -27.90
CA GLU D 343 32.15 56.63 -29.22
C GLU D 343 32.79 55.50 -30.03
N ASP D 344 33.64 54.69 -29.40
CA ASP D 344 34.17 53.51 -30.07
C ASP D 344 33.17 52.37 -30.13
N ASP D 345 32.12 52.41 -29.31
CA ASP D 345 31.06 51.42 -29.44
C ASP D 345 30.35 51.57 -30.79
N VAL D 346 30.06 52.81 -31.18
CA VAL D 346 29.46 53.04 -32.49
C VAL D 346 30.48 52.87 -33.60
N LYS D 347 31.76 52.99 -33.30
CA LYS D 347 32.80 52.89 -34.32
C LYS D 347 33.30 51.46 -34.51
N ARG D 348 33.41 50.70 -33.41
CA ARG D 348 33.99 49.36 -33.47
C ARG D 348 33.09 48.27 -32.91
N GLY D 349 32.10 48.62 -32.09
CA GLY D 349 31.26 47.61 -31.46
C GLY D 349 29.88 47.48 -32.06
N SER D 350 28.91 48.15 -31.45
CA SER D 350 27.52 48.04 -31.88
C SER D 350 27.33 48.61 -33.28
N GLY D 351 27.99 49.73 -33.57
CA GLY D 351 27.87 50.32 -34.89
C GLY D 351 28.56 49.53 -35.97
N LYS D 352 29.60 48.77 -35.62
CA LYS D 352 30.37 48.03 -36.61
C LYS D 352 29.82 46.64 -36.88
N TRP D 353 29.29 45.96 -35.85
CA TRP D 353 28.82 44.60 -36.00
C TRP D 353 27.31 44.48 -36.14
N GLY D 354 26.56 45.50 -35.73
CA GLY D 354 25.15 45.56 -36.06
C GLY D 354 24.18 45.14 -34.97
N TRP D 355 24.36 45.63 -33.76
CA TRP D 355 23.39 45.42 -32.69
C TRP D 355 23.10 46.74 -32.00
N THR D 356 21.95 46.81 -31.36
CA THR D 356 21.50 47.99 -30.62
C THR D 356 21.60 47.70 -29.12
N ARG D 357 22.23 48.60 -28.39
CA ARG D 357 22.46 48.42 -26.96
C ARG D 357 21.44 49.21 -26.15
N GLY D 358 21.09 48.66 -24.99
CA GLY D 358 20.18 49.35 -24.10
C GLY D 358 20.77 50.63 -23.54
N LYS D 359 19.87 51.56 -23.17
CA LYS D 359 20.32 52.85 -22.69
C LYS D 359 20.88 52.78 -21.28
N GLU D 360 20.35 51.89 -20.43
CA GLU D 360 20.88 51.73 -19.08
C GLU D 360 22.24 51.05 -19.06
N TRP D 361 22.67 50.45 -20.18
CA TRP D 361 23.98 49.84 -20.28
C TRP D 361 25.02 50.95 -20.41
N ALA D 362 25.80 51.17 -19.35
CA ALA D 362 26.73 52.29 -19.28
C ALA D 362 28.09 51.87 -19.83
N LEU D 363 28.52 52.52 -20.90
CA LEU D 363 29.82 52.25 -21.50
C LEU D 363 30.89 53.16 -20.90
N GLY D 364 32.14 52.76 -21.07
CA GLY D 364 33.27 53.50 -20.54
C GLY D 364 33.44 53.44 -19.05
N THR D 365 32.47 52.89 -18.31
CA THR D 365 32.55 52.75 -16.86
C THR D 365 32.31 51.29 -16.50
N CYS D 366 32.60 50.96 -15.24
CA CYS D 366 32.50 49.58 -14.78
C CYS D 366 31.05 49.12 -14.80
N ILE D 367 30.82 47.95 -15.41
CA ILE D 367 29.47 47.43 -15.54
C ILE D 367 28.93 46.97 -14.20
N TRP D 368 29.80 46.54 -13.29
CA TRP D 368 29.35 46.02 -12.00
C TRP D 368 29.08 47.13 -11.01
N ALA D 369 29.94 48.15 -10.99
CA ALA D 369 29.69 49.31 -10.16
C ALA D 369 28.42 50.04 -10.59
N HIS D 370 28.11 50.00 -11.90
CA HIS D 370 26.85 50.55 -12.38
C HIS D 370 25.65 49.80 -11.81
N HIS D 371 25.84 48.57 -11.35
CA HIS D 371 24.78 47.80 -10.73
C HIS D 371 24.82 47.85 -9.21
N GLY D 372 25.68 48.70 -8.64
CA GLY D 372 25.74 48.89 -7.20
C GLY D 372 26.72 48.00 -6.47
N VAL D 373 27.61 47.30 -7.18
CA VAL D 373 28.59 46.47 -6.50
C VAL D 373 29.60 47.34 -5.75
N TRP D 374 30.17 48.33 -6.44
CA TRP D 374 31.08 49.27 -5.81
C TRP D 374 30.81 50.67 -6.33
N GLU D 375 31.39 51.66 -5.65
CA GLU D 375 31.25 53.06 -6.01
C GLU D 375 32.60 53.59 -6.49
N ILE D 376 32.59 54.32 -7.61
CA ILE D 376 33.85 54.66 -8.27
C ILE D 376 34.52 55.86 -7.59
N ALA D 377 33.73 56.86 -7.21
CA ALA D 377 34.30 58.04 -6.56
C ALA D 377 35.01 57.64 -5.28
N THR D 378 34.37 56.84 -4.45
CA THR D 378 34.93 56.38 -3.19
C THR D 378 35.81 55.14 -3.34
N SER D 379 35.79 54.49 -4.50
CA SER D 379 36.51 53.23 -4.73
C SER D 379 36.25 52.24 -3.60
N THR D 380 34.98 52.14 -3.20
CA THR D 380 34.54 51.32 -2.08
C THR D 380 33.67 50.17 -2.58
N LEU D 381 33.93 48.98 -2.07
CA LEU D 381 33.06 47.83 -2.34
C LEU D 381 31.89 47.87 -1.38
N LEU D 382 30.69 48.09 -1.92
CA LEU D 382 29.50 48.27 -1.11
C LEU D 382 28.57 47.06 -1.11
N ARG D 383 28.82 46.05 -1.96
CA ARG D 383 27.97 44.86 -2.04
C ARG D 383 28.85 43.64 -2.28
N PRO D 384 29.55 43.18 -1.23
CA PRO D 384 30.39 41.98 -1.41
C PRO D 384 29.56 40.72 -1.60
N ASP D 385 28.39 40.65 -0.97
CA ASP D 385 27.52 39.48 -1.00
C ASP D 385 26.72 39.40 -2.29
N TYR D 386 27.12 40.15 -3.32
CA TYR D 386 26.26 40.39 -4.47
C TYR D 386 26.09 39.18 -5.36
N PHE D 387 27.12 38.34 -5.52
CA PHE D 387 27.03 37.20 -6.42
C PHE D 387 26.76 35.89 -5.69
N SER D 388 26.73 35.93 -4.35
CA SER D 388 26.32 34.77 -3.57
C SER D 388 24.81 34.65 -3.47
N THR D 389 24.08 35.70 -3.79
CA THR D 389 22.65 35.79 -3.57
C THR D 389 21.89 35.59 -4.87
N LEU D 390 20.56 35.58 -4.76
CA LEU D 390 19.65 35.74 -5.87
C LEU D 390 18.88 37.03 -5.67
N PRO D 391 18.98 38.02 -6.56
CA PRO D 391 18.19 39.24 -6.37
C PRO D 391 16.69 39.00 -6.36
N THR D 392 16.22 37.98 -7.08
CA THR D 392 14.80 37.64 -7.07
C THR D 392 14.40 36.82 -5.85
N ASN D 393 15.33 36.07 -5.28
CA ASN D 393 15.08 35.26 -4.08
C ASN D 393 16.28 35.37 -3.16
N PRO D 394 16.34 36.44 -2.36
CA PRO D 394 17.55 36.68 -1.55
C PRO D 394 17.91 35.54 -0.62
N GLY D 395 16.94 34.87 -0.02
CA GLY D 395 17.23 33.78 0.89
C GLY D 395 17.82 32.55 0.22
N HIS D 396 17.77 32.48 -1.10
CA HIS D 396 18.24 31.31 -1.84
C HIS D 396 19.69 31.53 -2.25
N GLN D 397 20.62 30.90 -1.53
CA GLN D 397 22.03 31.01 -1.84
C GLN D 397 22.35 30.22 -3.11
N VAL D 398 23.26 30.74 -3.92
CA VAL D 398 23.43 30.30 -5.30
C VAL D 398 24.48 29.19 -5.38
N ASP D 399 24.14 28.12 -6.09
CA ASP D 399 25.08 27.07 -6.48
C ASP D 399 25.21 27.13 -7.99
N PHE D 400 26.41 27.47 -8.47
CA PHE D 400 26.59 27.73 -9.91
C PHE D 400 26.20 26.54 -10.77
N VAL D 401 26.52 25.33 -10.32
CA VAL D 401 26.33 24.15 -11.16
C VAL D 401 24.84 23.88 -11.37
N ASP D 402 24.07 23.90 -10.27
CA ASP D 402 22.65 23.57 -10.37
C ASP D 402 21.82 24.76 -10.85
N ASP D 403 22.16 25.97 -10.40
CA ASP D 403 21.31 27.13 -10.64
C ASP D 403 21.55 27.78 -12.00
N PHE D 404 22.69 27.54 -12.64
CA PHE D 404 22.97 28.21 -13.89
C PHE D 404 23.51 27.27 -14.96
N TRP D 405 24.50 26.45 -14.61
CA TRP D 405 25.10 25.57 -15.61
C TRP D 405 24.09 24.57 -16.15
N ALA D 406 23.34 23.93 -15.25
CA ALA D 406 22.33 22.96 -15.68
C ALA D 406 21.34 23.60 -16.66
N LEU D 407 20.95 24.84 -16.41
CA LEU D 407 20.02 25.51 -17.30
C LEU D 407 20.63 25.77 -18.67
N HIS D 408 21.94 26.06 -18.73
CA HIS D 408 22.58 26.18 -20.03
C HIS D 408 22.60 24.84 -20.76
N TRP D 409 22.96 23.77 -20.05
CA TRP D 409 23.02 22.45 -20.67
C TRP D 409 21.65 22.00 -21.14
N LEU D 410 20.58 22.37 -20.43
CA LEU D 410 19.24 22.00 -20.86
C LEU D 410 18.92 22.57 -22.23
N ALA D 411 19.19 23.87 -22.43
CA ALA D 411 18.93 24.49 -23.72
C ALA D 411 19.88 23.97 -24.80
N TYR D 412 21.14 23.71 -24.42
CA TYR D 412 22.11 23.21 -25.39
C TYR D 412 21.79 21.78 -25.81
N SER D 413 21.34 20.94 -24.87
CA SER D 413 21.09 19.54 -25.19
C SER D 413 19.88 19.38 -26.10
N SER D 414 18.84 20.20 -25.87
CA SER D 414 17.62 20.11 -26.68
C SER D 414 17.90 20.45 -28.15
N ARG D 415 18.82 21.38 -28.40
CA ARG D 415 19.17 21.73 -29.78
C ARG D 415 19.96 20.61 -30.44
N ILE D 416 20.87 19.97 -29.70
CA ILE D 416 21.64 18.87 -30.25
C ILE D 416 20.73 17.72 -30.65
N ARG D 417 19.74 17.43 -29.81
CA ARG D 417 18.83 16.32 -30.08
C ARG D 417 17.92 16.61 -31.28
N LEU D 418 17.60 17.88 -31.52
CA LEU D 418 16.71 18.21 -32.61
C LEU D 418 17.34 17.92 -33.97
N HIS D 419 18.65 18.15 -34.10
CA HIS D 419 19.36 17.85 -35.33
C HIS D 419 20.05 16.50 -35.31
N HIS D 420 20.37 15.98 -34.12
CA HIS D 420 20.93 14.63 -33.96
C HIS D 420 20.05 13.90 -32.97
N PRO D 421 18.97 13.26 -33.46
CA PRO D 421 18.02 12.62 -32.53
C PRO D 421 18.64 11.52 -31.68
N GLU D 422 19.63 10.79 -32.20
CA GLU D 422 20.25 9.70 -31.46
C GLU D 422 21.57 10.11 -30.82
N SER D 423 21.73 11.39 -30.53
CA SER D 423 22.98 11.90 -29.98
C SER D 423 23.16 11.46 -28.54
N ILE D 424 24.34 10.95 -28.22
CA ILE D 424 24.72 10.70 -26.82
C ILE D 424 25.09 12.04 -26.19
N HIS D 425 24.51 12.32 -25.03
CA HIS D 425 24.80 13.56 -24.31
C HIS D 425 26.02 13.33 -23.46
N PHE D 426 27.19 13.71 -23.98
CA PHE D 426 28.43 13.62 -23.21
C PHE D 426 28.47 14.80 -22.24
N ILE D 427 28.29 14.51 -20.96
CA ILE D 427 28.07 15.54 -19.94
C ILE D 427 29.41 15.89 -19.32
N GLN D 428 29.89 17.11 -19.58
CA GLN D 428 31.13 17.62 -19.01
C GLN D 428 30.77 18.64 -17.94
N ALA D 429 30.90 18.24 -16.67
CA ALA D 429 30.68 19.17 -15.57
C ALA D 429 31.84 20.16 -15.49
N PRO D 430 31.62 21.33 -14.87
CA PRO D 430 32.73 22.28 -14.67
C PRO D 430 33.94 21.64 -14.00
N VAL D 431 35.12 22.23 -14.22
CA VAL D 431 36.37 21.63 -13.76
C VAL D 431 36.33 21.45 -12.25
N LEU D 432 36.73 20.26 -11.78
CA LEU D 432 36.84 19.95 -10.36
C LEU D 432 35.52 20.14 -9.64
N ARG D 433 34.41 19.90 -10.34
CA ARG D 433 33.08 20.03 -9.76
C ARG D 433 32.24 18.83 -10.17
N GLN D 434 31.32 18.44 -9.30
CA GLN D 434 30.47 17.30 -9.57
C GLN D 434 29.37 17.68 -10.55
N PRO D 435 28.88 16.72 -11.32
CA PRO D 435 27.72 16.98 -12.18
C PRO D 435 26.46 17.18 -11.36
N PRO D 436 25.46 17.87 -11.89
CA PRO D 436 24.20 18.03 -11.18
C PRO D 436 23.24 16.88 -11.49
N LYS D 437 22.20 16.79 -10.66
CA LYS D 437 21.09 15.88 -10.93
C LYS D 437 20.34 16.37 -12.16
N LEU D 438 20.45 15.63 -13.27
CA LEU D 438 19.84 16.07 -14.50
C LEU D 438 18.58 15.25 -14.82
N PRO D 439 17.61 15.82 -15.53
CA PRO D 439 16.35 15.11 -15.77
C PRO D 439 16.50 14.04 -16.84
N GLU D 440 16.00 12.84 -16.54
CA GLU D 440 15.90 11.79 -17.55
C GLU D 440 15.06 12.23 -18.75
N SER D 441 14.24 13.27 -18.58
CA SER D 441 13.53 13.86 -19.70
C SER D 441 14.48 14.28 -20.81
N PHE D 442 15.68 14.72 -20.45
CA PHE D 442 16.68 15.15 -21.42
C PHE D 442 17.78 14.12 -21.64
N LEU D 443 18.12 13.34 -20.61
CA LEU D 443 19.05 12.24 -20.78
C LEU D 443 18.42 11.15 -21.65
N LYS D 444 17.26 10.64 -21.22
CA LYS D 444 16.48 9.65 -21.97
C LYS D 444 17.30 8.39 -22.26
N GLY D 445 18.22 8.05 -21.37
CA GLY D 445 18.99 6.82 -21.51
C GLY D 445 20.01 6.85 -22.63
N ARG D 446 20.55 8.03 -22.95
CA ARG D 446 21.58 8.14 -23.97
C ARG D 446 22.53 9.27 -23.55
N ALA D 447 23.36 8.98 -22.56
CA ALA D 447 24.27 9.98 -22.02
C ALA D 447 25.51 9.28 -21.50
N CYS D 448 26.55 10.06 -21.24
CA CYS D 448 27.80 9.54 -20.68
C CYS D 448 28.55 10.70 -20.06
N SER D 449 28.93 10.55 -18.79
CA SER D 449 29.69 11.58 -18.11
C SER D 449 31.05 11.76 -18.78
N SER D 450 31.40 13.01 -19.08
CA SER D 450 32.65 13.33 -19.76
C SER D 450 33.49 14.32 -18.95
N PRO D 451 33.94 13.93 -17.75
CA PRO D 451 34.78 14.83 -16.97
C PRO D 451 36.24 14.75 -17.40
N HIS D 452 36.96 15.82 -17.10
CA HIS D 452 38.40 15.89 -17.36
C HIS D 452 39.17 15.60 -16.09
N PHE D 453 40.32 14.93 -16.25
CA PHE D 453 41.22 14.68 -15.14
C PHE D 453 42.66 14.85 -15.62
N TYR D 454 43.50 15.40 -14.74
CA TYR D 454 44.91 15.57 -15.03
C TYR D 454 45.70 15.39 -13.74
N ASP D 455 46.86 14.74 -13.85
CA ASP D 455 47.84 14.83 -12.79
C ASP D 455 48.20 16.29 -12.62
N GLY D 456 47.56 16.97 -11.65
CA GLY D 456 47.73 18.41 -11.54
C GLY D 456 49.16 18.83 -11.31
N LEU D 457 49.86 18.11 -10.42
CA LEU D 457 51.25 18.46 -10.11
C LEU D 457 52.13 18.36 -11.35
N THR D 458 52.07 17.23 -12.06
CA THR D 458 52.88 17.05 -13.24
C THR D 458 52.56 18.09 -14.30
N LEU D 459 51.27 18.42 -14.46
CA LEU D 459 50.88 19.35 -15.52
C LEU D 459 51.32 20.77 -15.20
N MET D 460 51.09 21.23 -13.97
CA MET D 460 51.37 22.62 -13.64
C MET D 460 52.87 22.87 -13.51
N THR D 461 53.61 21.93 -12.95
CA THR D 461 55.03 22.14 -12.74
C THR D 461 55.88 21.72 -13.92
N LYS D 462 55.35 20.88 -14.81
CA LYS D 462 56.11 20.34 -15.94
C LYS D 462 57.35 19.59 -15.48
N HIS D 463 57.20 18.83 -14.39
N HIS D 463 57.19 18.80 -14.42
CA HIS D 463 58.22 17.93 -13.89
CA HIS D 463 58.24 17.91 -13.93
C HIS D 463 57.52 16.70 -13.33
C HIS D 463 57.57 16.71 -13.26
N TRP D 464 58.12 15.52 -13.52
CA TRP D 464 57.60 14.29 -12.92
C TRP D 464 58.22 14.14 -11.55
N ASN D 465 57.50 14.57 -10.51
CA ASN D 465 58.04 14.63 -9.16
C ASN D 465 57.99 13.27 -8.49
N TRP D 466 58.96 13.03 -7.59
CA TRP D 466 58.95 11.85 -6.74
C TRP D 466 57.90 11.92 -5.64
N PHE D 467 57.15 13.01 -5.59
CA PHE D 467 56.07 13.18 -4.63
C PHE D 467 54.80 13.60 -5.38
N ASN D 468 53.66 13.43 -4.72
CA ASN D 468 52.39 13.88 -5.26
C ASN D 468 51.42 14.05 -4.11
N ALA D 469 50.23 14.59 -4.42
CA ALA D 469 49.23 14.84 -3.41
C ALA D 469 47.87 14.42 -3.93
N ASP D 470 47.01 13.96 -3.00
CA ASP D 470 45.64 13.59 -3.31
C ASP D 470 44.81 14.88 -3.36
N ALA D 471 44.85 15.53 -4.52
CA ALA D 471 44.13 16.79 -4.69
C ALA D 471 42.62 16.58 -4.61
N ILE D 472 42.13 15.48 -5.19
CA ILE D 472 40.70 15.20 -5.12
C ILE D 472 40.27 14.97 -3.68
N GLY D 473 41.07 14.22 -2.92
CA GLY D 473 40.75 13.99 -1.52
C GLY D 473 40.82 15.26 -0.69
N VAL D 474 41.82 16.09 -0.92
CA VAL D 474 41.95 17.35 -0.19
C VAL D 474 40.73 18.23 -0.45
N ILE D 475 40.34 18.38 -1.71
CA ILE D 475 39.24 19.26 -2.08
C ILE D 475 37.94 18.79 -1.45
N ARG D 476 37.75 17.47 -1.34
CA ARG D 476 36.52 16.89 -0.81
C ARG D 476 36.54 16.72 0.72
N LYS D 477 37.45 17.40 1.40
CA LYS D 477 37.44 17.51 2.86
C LYS D 477 37.64 16.15 3.53
N LYS D 478 38.47 15.31 2.92
CA LYS D 478 38.75 13.98 3.41
C LYS D 478 39.95 13.92 4.34
N TYR D 479 40.76 14.98 4.39
CA TYR D 479 42.02 14.98 5.11
C TYR D 479 42.00 16.03 6.22
N TRP D 480 42.27 15.58 7.45
CA TRP D 480 42.45 16.51 8.56
C TRP D 480 43.67 17.39 8.33
N SER D 481 44.80 16.76 8.02
CA SER D 481 46.02 17.45 7.62
C SER D 481 46.16 17.36 6.10
N ILE D 482 46.59 18.46 5.48
CA ILE D 482 46.86 18.39 4.04
C ILE D 482 48.08 17.53 3.76
N VAL D 483 48.90 17.26 4.78
CA VAL D 483 50.10 16.46 4.57
C VAL D 483 49.76 14.99 4.41
N GLN D 484 48.64 14.53 4.99
CA GLN D 484 48.24 13.15 4.82
C GLN D 484 47.95 12.81 3.36
N ALA D 485 47.69 13.83 2.53
CA ALA D 485 47.46 13.61 1.11
C ALA D 485 48.75 13.42 0.32
N VAL D 486 49.91 13.72 0.92
CA VAL D 486 51.17 13.56 0.21
C VAL D 486 51.47 12.08 0.02
N ARG D 487 52.11 11.76 -1.11
CA ARG D 487 52.56 10.40 -1.40
C ARG D 487 53.94 10.50 -2.04
N ILE D 488 54.83 9.59 -1.66
CA ILE D 488 56.17 9.53 -2.22
C ILE D 488 56.43 8.12 -2.74
N GLY D 489 57.10 8.03 -3.88
CA GLY D 489 57.39 6.74 -4.48
C GLY D 489 56.42 6.38 -5.59
N GLU D 490 56.94 5.70 -6.62
CA GLU D 490 56.14 5.37 -7.80
C GLU D 490 54.88 4.59 -7.41
N GLY D 491 55.04 3.58 -6.57
CA GLY D 491 53.93 2.76 -6.12
C GLY D 491 52.79 3.57 -5.52
N PRO D 492 53.07 4.26 -4.41
CA PRO D 492 51.99 5.04 -3.76
C PRO D 492 51.37 6.08 -4.66
N ILE D 493 52.16 6.77 -5.48
CA ILE D 493 51.63 7.82 -6.32
C ILE D 493 50.71 7.23 -7.38
N ARG D 494 51.14 6.16 -8.04
CA ARG D 494 50.28 5.49 -9.02
C ARG D 494 49.00 4.97 -8.37
N LYS D 495 49.14 4.32 -7.21
CA LYS D 495 47.97 3.84 -6.48
C LYS D 495 47.06 4.99 -6.07
N MET D 496 47.63 6.17 -5.82
CA MET D 496 46.82 7.31 -5.39
C MET D 496 46.08 7.96 -6.56
N ILE D 497 46.76 8.14 -7.70
CA ILE D 497 46.10 8.73 -8.87
C ILE D 497 44.96 7.84 -9.35
N GLN D 498 45.13 6.52 -9.25
CA GLN D 498 44.05 5.62 -9.62
C GLN D 498 42.84 5.81 -8.70
N GLY D 499 43.08 5.96 -7.40
CA GLY D 499 41.99 6.22 -6.48
C GLY D 499 41.26 7.51 -6.77
N GLU D 500 41.97 8.52 -7.29
CA GLU D 500 41.33 9.78 -7.62
C GLU D 500 40.35 9.61 -8.78
N LEU D 501 40.73 8.83 -9.80
CA LEU D 501 39.83 8.60 -10.92
C LEU D 501 38.70 7.64 -10.58
N ALA D 502 38.86 6.85 -9.51
CA ALA D 502 37.72 6.07 -9.02
C ALA D 502 36.63 6.98 -8.48
N VAL D 503 36.99 8.16 -7.98
CA VAL D 503 36.01 9.12 -7.50
C VAL D 503 35.20 9.68 -8.68
N LEU D 504 35.88 10.02 -9.78
CA LEU D 504 35.18 10.50 -10.96
C LEU D 504 34.20 9.46 -11.48
N LYS D 505 34.61 8.18 -11.49
CA LYS D 505 33.71 7.13 -11.93
C LYS D 505 32.53 6.95 -10.99
N GLN D 506 32.71 7.24 -9.70
CA GLN D 506 31.60 7.09 -8.75
C GLN D 506 30.66 8.29 -8.75
N ASP D 507 31.06 9.41 -9.35
CA ASP D 507 30.19 10.57 -9.44
C ASP D 507 28.99 10.29 -10.33
N THR D 508 29.24 9.69 -11.50
CA THR D 508 28.17 9.46 -12.47
C THR D 508 27.09 8.54 -11.91
N ILE D 509 27.47 7.47 -11.24
CA ILE D 509 26.49 6.49 -10.77
C ILE D 509 25.72 7.04 -9.57
N ASP D 510 26.32 7.97 -8.85
CA ASP D 510 25.65 8.58 -7.70
C ASP D 510 24.68 9.66 -8.14
N ILE D 511 25.06 10.49 -9.10
CA ILE D 511 24.30 11.70 -9.45
C ILE D 511 23.54 11.52 -10.76
N LEU D 512 24.22 11.05 -11.81
CA LEU D 512 23.57 10.90 -13.10
C LEU D 512 22.82 9.57 -13.22
N GLY D 513 23.39 8.50 -12.70
CA GLY D 513 22.79 7.18 -12.84
C GLY D 513 23.72 6.20 -13.53
N ASN D 514 23.18 5.07 -13.98
CA ASN D 514 23.98 4.03 -14.62
C ASN D 514 24.26 4.43 -16.07
N TYR D 515 25.27 5.28 -16.22
CA TYR D 515 25.74 5.77 -17.51
C TYR D 515 27.25 5.56 -17.58
N PRO D 516 27.82 5.51 -18.78
CA PRO D 516 29.27 5.34 -18.89
C PRO D 516 30.02 6.58 -18.43
N THR D 517 31.29 6.38 -18.10
CA THR D 517 32.19 7.46 -17.73
C THR D 517 33.32 7.53 -18.74
N LEU D 518 33.54 8.72 -19.30
CA LEU D 518 34.57 8.94 -20.29
C LEU D 518 35.43 10.11 -19.86
N VAL D 519 36.72 9.86 -19.62
CA VAL D 519 37.65 10.93 -19.32
C VAL D 519 37.92 11.70 -20.61
N GLY D 520 37.21 12.81 -20.80
CA GLY D 520 37.31 13.55 -22.04
C GLY D 520 38.68 14.14 -22.30
N GLU D 521 39.41 14.46 -21.25
CA GLU D 521 40.75 15.00 -21.38
C GLU D 521 41.64 14.38 -20.31
N ILE D 522 42.84 13.94 -20.72
CA ILE D 522 43.85 13.43 -19.81
C ILE D 522 45.17 13.40 -20.57
N GLY D 523 46.23 13.79 -19.88
CA GLY D 523 47.54 13.82 -20.52
C GLY D 523 48.58 14.40 -19.61
N ILE D 524 49.79 14.51 -20.14
CA ILE D 524 50.93 15.04 -19.39
C ILE D 524 51.74 15.94 -20.30
N PRO D 525 52.49 16.87 -19.72
CA PRO D 525 53.35 17.74 -20.54
C PRO D 525 54.60 17.01 -21.00
N TYR D 526 55.08 17.40 -22.19
CA TYR D 526 56.29 16.83 -22.76
C TYR D 526 57.47 17.79 -22.70
N ASP D 527 57.23 19.09 -22.56
CA ASP D 527 58.30 20.05 -22.38
C ASP D 527 58.74 20.10 -20.93
N MET D 528 59.01 18.93 -20.34
CA MET D 528 59.43 18.87 -18.96
C MET D 528 60.92 19.20 -18.83
N ASP D 529 61.29 19.66 -17.64
CA ASP D 529 62.69 19.90 -17.29
C ASP D 529 63.36 20.87 -18.27
N ASP D 530 62.63 21.95 -18.60
CA ASP D 530 63.11 22.95 -19.56
C ASP D 530 63.53 22.32 -20.87
N LYS D 531 62.72 21.37 -21.35
CA LYS D 531 62.91 20.71 -22.64
C LYS D 531 64.25 19.98 -22.69
N LYS D 532 64.60 19.28 -21.61
CA LYS D 532 65.83 18.51 -21.58
C LYS D 532 65.80 17.38 -22.60
N ALA D 533 64.63 16.77 -22.80
CA ALA D 533 64.51 15.69 -23.77
C ALA D 533 64.66 16.18 -25.21
N TYR D 534 64.55 17.48 -25.44
CA TYR D 534 64.75 18.04 -26.77
C TYR D 534 66.20 18.48 -27.00
N GLY D 535 67.06 18.35 -26.01
CA GLY D 535 68.42 18.83 -26.12
C GLY D 535 68.59 20.31 -25.89
N TYR D 536 67.58 20.97 -25.33
CA TYR D 536 67.59 22.42 -25.18
C TYR D 536 68.48 22.90 -24.04
N VAL D 537 68.91 22.01 -23.14
CA VAL D 537 69.69 22.38 -21.97
C VAL D 537 70.91 21.48 -21.86
N ASP D 538 71.76 21.80 -20.91
CA ASP D 538 72.94 21.04 -20.59
C ASP D 538 73.78 20.63 -21.75
N GLY D 539 73.83 21.44 -22.77
CA GLY D 539 74.62 21.12 -23.92
C GLY D 539 74.11 19.99 -24.77
N GLY D 540 72.82 19.78 -24.72
CA GLY D 540 72.19 18.75 -25.51
C GLY D 540 72.08 17.40 -24.90
N ARG D 541 72.50 17.29 -23.66
CA ARG D 541 72.46 16.09 -22.89
C ARG D 541 71.06 15.76 -22.51
N GLY D 542 70.71 14.51 -22.54
CA GLY D 542 69.37 14.17 -22.17
C GLY D 542 68.38 14.25 -23.29
N GLU D 543 68.86 14.44 -24.49
CA GLU D 543 68.00 14.51 -25.60
C GLU D 543 67.52 13.16 -26.01
N GLY D 544 66.22 13.04 -26.21
CA GLY D 544 65.62 11.77 -26.55
C GLY D 544 65.25 10.91 -25.36
N ASP D 545 65.69 11.27 -24.15
CA ASP D 545 65.36 10.51 -22.94
C ASP D 545 64.00 11.00 -22.44
N TYR D 546 62.95 10.25 -22.74
CA TYR D 546 61.60 10.56 -22.28
C TYR D 546 61.19 9.68 -21.11
N SER D 547 62.14 9.34 -20.23
CA SER D 547 61.88 8.41 -19.13
C SER D 547 60.87 8.98 -18.16
N SER D 548 61.11 10.20 -17.68
CA SER D 548 60.16 10.86 -16.79
C SER D 548 58.83 11.11 -17.50
N GLN D 549 58.88 11.49 -18.78
CA GLN D 549 57.65 11.67 -19.54
C GLN D 549 56.91 10.36 -19.66
N GLN D 550 57.64 9.26 -19.89
CA GLN D 550 57.00 7.95 -19.95
C GLN D 550 56.37 7.59 -18.61
N LYS D 551 57.09 7.82 -17.51
CA LYS D 551 56.55 7.49 -16.19
C LYS D 551 55.30 8.30 -15.88
N ALA D 552 55.29 9.59 -16.22
CA ALA D 552 54.13 10.42 -15.99
C ALA D 552 52.93 9.94 -16.80
N MET D 553 53.15 9.67 -18.09
CA MET D 553 52.08 9.16 -18.93
C MET D 553 51.66 7.76 -18.52
N ASP D 554 52.62 6.92 -18.13
CA ASP D 554 52.30 5.55 -17.76
C ASP D 554 51.34 5.49 -16.57
N CYS D 555 51.60 6.31 -15.54
CA CYS D 555 50.79 6.26 -14.34
C CYS D 555 49.39 6.83 -14.59
N SER D 556 49.30 7.91 -15.36
CA SER D 556 47.99 8.47 -15.70
C SER D 556 47.16 7.45 -16.48
N MET D 557 47.78 6.77 -17.45
CA MET D 557 47.06 5.76 -18.21
C MET D 557 46.72 4.55 -17.33
N ASN D 558 47.67 4.14 -16.49
CA ASN D 558 47.39 3.03 -15.58
C ASN D 558 46.27 3.38 -14.60
N ALA D 559 46.16 4.65 -14.22
CA ALA D 559 45.12 5.07 -13.29
C ALA D 559 43.73 4.96 -13.88
N CYS D 560 43.63 4.84 -15.20
CA CYS D 560 42.37 4.53 -15.87
C CYS D 560 42.18 3.03 -16.07
N ASP D 561 43.19 2.23 -15.76
CA ASP D 561 43.08 0.78 -15.77
C ASP D 561 42.66 0.30 -14.39
N GLY D 562 43.30 -0.76 -13.89
CA GLY D 562 42.98 -1.32 -12.60
C GLY D 562 41.51 -1.69 -12.50
N PRO D 563 40.87 -1.32 -11.40
CA PRO D 563 39.43 -1.57 -11.24
C PRO D 563 38.55 -0.56 -11.95
N ASN D 564 39.14 0.46 -12.58
CA ASN D 564 38.35 1.50 -13.23
C ASN D 564 37.96 1.07 -14.65
N CYS D 565 38.96 0.76 -15.47
CA CYS D 565 38.75 0.35 -16.87
C CYS D 565 37.96 1.42 -17.62
N LEU D 566 38.55 2.61 -17.70
CA LEU D 566 37.84 3.81 -18.13
C LEU D 566 38.01 4.06 -19.62
N ASN D 567 37.02 4.73 -20.19
CA ASN D 567 37.13 5.32 -21.52
C ASN D 567 37.75 6.70 -21.41
N TYR D 568 38.62 7.04 -22.35
CA TYR D 568 39.29 8.33 -22.26
C TYR D 568 39.80 8.73 -23.64
N ALA D 569 39.99 10.04 -23.80
CA ALA D 569 40.57 10.62 -25.01
C ALA D 569 41.79 11.44 -24.57
N ILE D 570 42.98 10.94 -24.91
CA ILE D 570 44.22 11.58 -24.48
C ILE D 570 44.35 12.96 -25.12
N TRP D 571 44.78 13.93 -24.32
CA TRP D 571 45.03 15.28 -24.81
C TRP D 571 46.53 15.49 -24.93
N ASN D 572 47.02 15.67 -26.16
CA ASN D 572 46.23 15.58 -27.38
C ASN D 572 47.12 15.08 -28.51
N TYR D 573 46.73 15.35 -29.75
CA TYR D 573 47.50 14.92 -30.92
C TYR D 573 47.55 16.10 -31.89
N VAL D 574 48.71 16.76 -31.94
CA VAL D 574 48.88 18.00 -32.71
C VAL D 574 49.72 17.69 -33.94
N PRO D 575 49.16 17.81 -35.15
CA PRO D 575 49.97 17.52 -36.34
C PRO D 575 51.12 18.48 -36.54
N ASP D 576 50.91 19.78 -36.29
CA ASP D 576 51.95 20.78 -36.49
C ASP D 576 52.69 21.13 -35.20
N ASN D 577 52.89 20.15 -34.33
CA ASN D 577 53.63 20.38 -33.09
C ASN D 577 55.11 20.57 -33.39
N VAL D 578 55.74 21.51 -32.68
CA VAL D 578 57.17 21.75 -32.80
C VAL D 578 57.77 21.79 -31.40
N HIS D 579 59.07 21.51 -31.33
CA HIS D 579 59.76 21.51 -30.04
C HIS D 579 59.88 22.91 -29.48
N GLU D 580 60.08 23.91 -30.35
CA GLU D 580 60.33 25.27 -29.88
C GLU D 580 59.10 25.86 -29.22
N TRP D 581 57.93 25.68 -29.82
CA TRP D 581 56.70 26.29 -29.34
C TRP D 581 55.67 25.28 -28.84
N GLY D 582 56.06 24.02 -28.68
CA GLY D 582 55.12 23.02 -28.18
C GLY D 582 53.95 22.85 -29.12
N ASP D 583 52.74 23.02 -28.59
CA ASP D 583 51.52 22.91 -29.37
C ASP D 583 51.08 24.25 -29.95
N ASN D 584 51.97 25.25 -29.95
CA ASN D 584 51.68 26.58 -30.48
C ASN D 584 50.46 27.20 -29.79
N TRP D 585 50.31 26.92 -28.50
CA TRP D 585 49.16 27.41 -27.75
C TRP D 585 49.60 27.65 -26.30
N ASN D 586 49.99 28.89 -26.01
CA ASN D 586 50.25 29.38 -24.65
C ASN D 586 51.31 28.56 -23.92
N GLY D 587 52.20 27.89 -24.65
CA GLY D 587 53.30 27.17 -24.03
C GLY D 587 53.02 25.73 -23.67
N GLU D 588 51.90 25.17 -24.10
CA GLU D 588 51.58 23.78 -23.82
C GLU D 588 52.20 22.86 -24.85
N ASP D 589 52.57 21.65 -24.40
CA ASP D 589 53.22 20.67 -25.25
C ASP D 589 52.79 19.27 -24.77
N LEU D 590 51.55 18.91 -25.06
CA LEU D 590 50.97 17.65 -24.61
C LEU D 590 50.78 16.64 -25.72
N SER D 591 51.23 16.95 -26.94
CA SER D 591 50.94 16.08 -28.08
C SER D 591 51.91 14.91 -28.14
N LEU D 592 51.37 13.72 -28.40
CA LEU D 592 52.14 12.49 -28.44
C LEU D 592 53.05 12.38 -29.65
N TRP D 593 52.88 13.26 -30.65
CA TRP D 593 53.61 13.15 -31.90
C TRP D 593 54.06 14.54 -32.35
N SER D 594 55.31 14.62 -32.82
CA SER D 594 55.84 15.87 -33.34
C SER D 594 56.84 15.55 -34.43
N VAL D 595 56.89 16.41 -35.45
CA VAL D 595 57.82 16.21 -36.56
C VAL D 595 59.26 16.23 -36.07
N ASP D 596 59.53 16.93 -34.96
CA ASP D 596 60.89 17.11 -34.49
C ASP D 596 61.49 15.84 -33.89
N ASP D 597 60.67 14.86 -33.54
CA ASP D 597 61.16 13.59 -33.02
C ASP D 597 61.34 12.54 -34.10
N LYS D 598 61.31 12.95 -35.37
CA LYS D 598 61.53 12.03 -36.46
C LYS D 598 63.02 11.82 -36.72
N GLU D 599 63.36 10.64 -37.22
CA GLU D 599 64.75 10.27 -37.48
C GLU D 599 65.37 11.17 -38.54
N SER D 641 46.12 2.51 -45.85
CA SER D 641 44.67 2.37 -45.98
C SER D 641 44.10 1.60 -44.80
N PRO D 642 42.84 1.87 -44.44
CA PRO D 642 42.22 1.10 -43.33
C PRO D 642 42.28 -0.40 -43.54
N SER D 643 42.17 -0.85 -44.80
CA SER D 643 42.25 -2.27 -45.08
C SER D 643 43.60 -2.86 -44.66
N VAL D 644 44.68 -2.10 -44.84
CA VAL D 644 46.00 -2.66 -44.57
C VAL D 644 46.44 -2.41 -43.12
N ILE D 645 45.91 -1.38 -42.45
CA ILE D 645 46.28 -1.16 -41.06
C ILE D 645 45.65 -2.21 -40.15
N ASP D 646 44.37 -2.53 -40.38
CA ASP D 646 43.73 -3.59 -39.61
C ASP D 646 44.39 -4.94 -39.86
N SER D 647 45.12 -5.08 -40.97
CA SER D 647 45.89 -6.29 -41.20
C SER D 647 47.07 -6.39 -40.23
N GLY D 648 47.61 -5.24 -39.81
CA GLY D 648 48.93 -5.20 -39.21
C GLY D 648 50.05 -5.13 -40.23
N ASP D 649 49.72 -4.84 -41.49
CA ASP D 649 50.68 -4.89 -42.59
C ASP D 649 51.25 -3.49 -42.85
N PHE D 650 52.03 -3.01 -41.90
CA PHE D 650 52.63 -1.69 -42.02
C PHE D 650 54.05 -1.73 -41.50
N SER D 651 54.63 -0.58 -41.32
CA SER D 651 56.02 -0.41 -40.93
C SER D 651 56.12 -0.01 -39.47
N PRO D 652 57.21 -0.38 -38.78
CA PRO D 652 57.46 0.20 -37.46
C PRO D 652 57.64 1.70 -37.49
N THR D 653 58.00 2.27 -38.64
CA THR D 653 58.09 3.72 -38.77
C THR D 653 56.79 4.41 -38.38
N LEU D 654 55.66 3.78 -38.71
CA LEU D 654 54.37 4.44 -38.54
C LEU D 654 54.06 4.70 -37.07
N ILE D 655 54.36 3.74 -36.20
CA ILE D 655 53.94 3.80 -34.81
C ILE D 655 55.04 4.29 -33.88
N LEU D 656 56.25 4.50 -34.37
CA LEU D 656 57.38 4.76 -33.50
C LEU D 656 58.00 6.14 -33.71
N ASP D 657 58.39 6.47 -34.93
CA ASP D 657 59.18 7.67 -35.15
C ASP D 657 58.30 8.91 -35.20
N GLY D 658 58.75 9.99 -34.55
CA GLY D 658 57.91 11.13 -34.26
C GLY D 658 57.20 11.04 -32.92
N SER D 659 57.12 9.84 -32.34
CA SER D 659 56.41 9.64 -31.08
C SER D 659 57.31 9.96 -29.90
N ARG D 660 56.69 10.33 -28.78
CA ARG D 660 57.40 10.60 -27.54
C ARG D 660 56.72 9.82 -26.44
N ALA D 661 57.47 8.90 -25.81
CA ALA D 661 56.94 7.98 -24.81
C ALA D 661 55.80 7.14 -25.38
N VAL D 662 56.09 6.49 -26.51
CA VAL D 662 55.07 5.68 -27.18
C VAL D 662 54.76 4.43 -26.38
N ALA D 663 55.69 3.97 -25.56
CA ALA D 663 55.45 2.80 -24.73
C ALA D 663 54.43 3.07 -23.64
N ALA D 664 54.12 4.33 -23.36
CA ALA D 664 53.23 4.69 -22.27
C ALA D 664 51.80 4.95 -22.70
N PHE D 665 51.57 5.60 -23.84
CA PHE D 665 50.20 5.94 -24.22
C PHE D 665 49.55 4.94 -25.16
N CYS D 666 50.31 3.96 -25.67
CA CYS D 666 49.76 2.92 -26.54
C CYS D 666 49.91 1.60 -25.81
N ARG D 667 48.83 1.13 -25.21
CA ARG D 667 48.82 -0.01 -24.30
C ARG D 667 47.82 -1.05 -24.76
N PRO D 668 47.95 -2.28 -24.29
CA PRO D 668 46.89 -3.28 -24.54
C PRO D 668 45.67 -3.00 -23.69
N TYR D 669 44.49 -3.21 -24.28
CA TYR D 669 43.23 -2.96 -23.58
C TYR D 669 42.13 -3.73 -24.28
N PRO D 670 41.06 -4.08 -23.56
CA PRO D 670 39.90 -4.75 -24.19
C PRO D 670 39.04 -3.78 -24.98
N VAL D 671 39.06 -3.93 -26.31
CA VAL D 671 38.22 -3.09 -27.16
C VAL D 671 36.75 -3.45 -26.96
N ALA D 672 36.39 -4.71 -27.17
CA ALA D 672 35.05 -5.21 -26.92
C ALA D 672 35.13 -6.37 -25.94
N THR D 673 34.08 -6.52 -25.13
CA THR D 673 34.09 -7.50 -24.05
C THR D 673 32.72 -8.14 -23.90
N VAL D 674 32.68 -9.46 -23.94
CA VAL D 674 31.48 -10.22 -23.56
C VAL D 674 31.50 -10.35 -22.04
N GLY D 675 30.67 -9.56 -21.38
CA GLY D 675 30.67 -9.47 -19.94
C GLY D 675 30.94 -8.05 -19.47
N ILE D 676 31.51 -7.93 -18.28
CA ILE D 676 31.84 -6.65 -17.67
C ILE D 676 33.32 -6.66 -17.35
N PRO D 677 34.10 -5.68 -17.82
CA PRO D 677 35.51 -5.61 -17.43
C PRO D 677 35.66 -5.43 -15.93
N GLU D 678 36.42 -6.32 -15.31
CA GLU D 678 36.64 -6.28 -13.87
C GLU D 678 37.96 -5.62 -13.50
N ARG D 679 39.04 -5.96 -14.18
CA ARG D 679 40.35 -5.40 -13.86
C ARG D 679 41.25 -5.41 -15.09
N ILE D 680 41.99 -4.32 -15.27
CA ILE D 680 42.99 -4.20 -16.33
C ILE D 680 44.31 -3.83 -15.69
N ASP D 681 45.36 -4.60 -15.99
CA ASP D 681 46.69 -4.32 -15.45
C ASP D 681 47.71 -4.47 -16.56
N PHE D 682 48.55 -3.45 -16.73
CA PHE D 682 49.57 -3.45 -17.78
C PHE D 682 50.88 -2.97 -17.18
N ASP D 683 51.96 -3.67 -17.48
CA ASP D 683 53.30 -3.29 -17.06
C ASP D 683 54.15 -3.01 -18.29
N ILE D 684 54.92 -1.93 -18.25
CA ILE D 684 55.73 -1.54 -19.40
C ILE D 684 57.01 -2.35 -19.48
N THR D 685 57.66 -2.59 -18.33
CA THR D 685 58.90 -3.35 -18.35
C THR D 685 58.67 -4.82 -18.71
N SER D 686 57.76 -5.48 -17.99
CA SER D 686 57.54 -6.91 -18.18
C SER D 686 56.66 -7.23 -19.38
N THR D 687 55.97 -6.24 -19.96
CA THR D 687 54.95 -6.42 -20.98
C THR D 687 53.80 -7.30 -20.52
N LYS D 688 53.73 -7.63 -19.24
CA LYS D 688 52.67 -8.49 -18.73
C LYS D 688 51.36 -7.71 -18.68
N PHE D 689 50.31 -8.32 -19.22
CA PHE D 689 49.00 -7.70 -19.31
C PHE D 689 47.97 -8.69 -18.78
N LYS D 690 47.34 -8.36 -17.65
CA LYS D 690 46.34 -9.20 -17.02
C LYS D 690 44.99 -8.52 -17.10
N TYR D 691 43.97 -9.27 -17.52
CA TYR D 691 42.63 -8.74 -17.75
C TYR D 691 41.60 -9.68 -17.14
N ALA D 692 40.73 -9.12 -16.29
CA ALA D 692 39.70 -9.89 -15.61
C ALA D 692 38.32 -9.42 -16.06
N VAL D 693 37.45 -10.36 -16.38
CA VAL D 693 36.10 -10.08 -16.85
C VAL D 693 35.09 -10.75 -15.92
N ARG D 694 34.02 -10.05 -15.60
CA ARG D 694 32.90 -10.61 -14.87
C ARG D 694 31.81 -11.00 -15.87
N VAL D 695 31.53 -12.30 -15.98
CA VAL D 695 30.58 -12.82 -16.96
C VAL D 695 29.45 -13.51 -16.21
N ARG D 696 28.23 -13.04 -16.44
CA ARG D 696 27.04 -13.59 -15.81
C ARG D 696 26.34 -14.58 -16.74
N ALA D 697 25.29 -15.22 -16.20
CA ALA D 697 24.62 -16.28 -16.94
C ALA D 697 24.02 -15.77 -18.24
N ASP D 698 23.35 -14.61 -18.20
CA ASP D 698 22.78 -14.03 -19.40
C ASP D 698 23.85 -13.33 -20.23
N ASN D 702 25.58 -14.96 -28.00
CA ASN D 702 25.62 -16.36 -28.39
C ASN D 702 27.03 -16.92 -28.28
N GLU D 703 27.25 -18.10 -28.85
CA GLU D 703 28.55 -18.75 -28.78
C GLU D 703 29.54 -18.19 -29.78
N GLN D 704 29.07 -17.52 -30.83
CA GLN D 704 29.95 -17.01 -31.86
C GLN D 704 30.57 -15.67 -31.49
N VAL D 705 29.95 -14.90 -30.59
CA VAL D 705 30.51 -13.62 -30.18
C VAL D 705 31.75 -13.87 -29.33
N TYR D 706 32.69 -12.92 -29.36
CA TYR D 706 33.96 -13.06 -28.68
C TYR D 706 34.36 -11.74 -28.05
N THR D 707 35.31 -11.82 -27.12
CA THR D 707 35.90 -10.63 -26.50
C THR D 707 37.16 -10.25 -27.29
N GLU D 708 37.18 -9.03 -27.80
CA GLU D 708 38.28 -8.55 -28.61
C GLU D 708 39.27 -7.77 -27.73
N ILE D 709 40.55 -8.12 -27.84
CA ILE D 709 41.63 -7.46 -27.13
C ILE D 709 42.54 -6.81 -28.16
N TYR D 710 42.90 -5.56 -27.92
CA TYR D 710 43.95 -4.92 -28.71
C TYR D 710 45.29 -5.17 -28.03
N LEU D 711 46.27 -5.59 -28.83
CA LEU D 711 47.64 -5.77 -28.34
C LEU D 711 48.56 -5.08 -29.33
N PRO D 712 49.28 -4.04 -28.92
CA PRO D 712 50.09 -3.28 -29.87
C PRO D 712 51.39 -3.97 -30.23
N PHE D 713 51.86 -3.70 -31.46
CA PHE D 713 53.21 -4.05 -31.84
C PHE D 713 54.25 -3.27 -31.04
N VAL D 714 53.84 -2.16 -30.43
CA VAL D 714 54.75 -1.35 -29.62
C VAL D 714 55.41 -2.20 -28.54
N HIS D 715 54.63 -3.08 -27.90
CA HIS D 715 55.14 -3.92 -26.83
C HIS D 715 55.25 -5.39 -27.20
N TYR D 716 54.57 -5.84 -28.25
CA TYR D 716 54.39 -7.27 -28.47
C TYR D 716 54.85 -7.76 -29.84
N ALA D 717 55.39 -6.90 -30.69
CA ALA D 717 55.91 -7.36 -31.97
C ALA D 717 57.18 -8.17 -31.76
N ALA D 718 57.42 -9.11 -32.67
CA ALA D 718 58.63 -9.93 -32.58
C ALA D 718 59.89 -9.08 -32.68
N SER D 719 59.90 -8.12 -33.60
CA SER D 719 61.02 -7.19 -33.72
C SER D 719 60.54 -5.95 -34.45
N LEU D 720 61.17 -4.82 -34.13
CA LEU D 720 60.82 -3.54 -34.73
C LEU D 720 61.95 -2.97 -35.59
N ASN D 721 62.93 -3.81 -35.94
CA ASN D 721 63.95 -3.42 -36.90
C ASN D 721 63.35 -3.41 -38.30
N ALA D 722 63.19 -2.22 -38.86
CA ALA D 722 62.54 -2.06 -40.17
C ALA D 722 63.35 -2.74 -41.27
N LEU D 730 56.00 -9.05 -39.79
CA LEU D 730 55.54 -8.15 -38.73
C LEU D 730 54.27 -8.68 -38.06
N SER D 731 54.43 -9.30 -36.89
CA SER D 731 53.29 -9.77 -36.11
C SER D 731 53.75 -10.04 -34.69
N LEU D 732 52.82 -10.54 -33.88
CA LEU D 732 53.04 -10.69 -32.44
C LEU D 732 53.95 -11.88 -32.14
N ASP D 733 54.53 -11.85 -30.93
CA ASP D 733 55.45 -12.86 -30.44
C ASP D 733 55.14 -13.04 -28.94
N VAL D 734 53.96 -13.55 -28.63
CA VAL D 734 53.41 -13.45 -27.28
C VAL D 734 52.99 -14.81 -26.75
N THR D 735 53.01 -14.92 -25.42
CA THR D 735 52.46 -16.05 -24.68
C THR D 735 51.15 -15.62 -24.04
N ILE D 736 50.08 -16.36 -24.30
CA ILE D 736 48.74 -16.05 -23.81
C ILE D 736 48.27 -17.19 -22.93
N VAL D 737 47.84 -16.86 -21.71
CA VAL D 737 47.31 -17.83 -20.76
C VAL D 737 45.90 -17.39 -20.38
N ALA D 738 44.92 -18.23 -20.69
CA ALA D 738 43.52 -17.93 -20.40
C ALA D 738 42.96 -18.99 -19.45
N SER D 739 42.27 -18.54 -18.41
CA SER D 739 41.68 -19.47 -17.46
C SER D 739 40.52 -20.23 -18.09
N HIS D 740 39.79 -19.61 -19.01
CA HIS D 740 38.65 -20.26 -19.66
C HIS D 740 38.68 -19.95 -21.15
N GLY D 741 38.24 -20.92 -21.94
CA GLY D 741 37.98 -20.71 -23.35
C GLY D 741 39.20 -20.80 -24.26
N ARG D 742 38.98 -20.38 -25.50
CA ARG D 742 39.98 -20.44 -26.57
C ARG D 742 40.27 -19.05 -27.10
N VAL D 743 41.50 -18.86 -27.59
CA VAL D 743 41.93 -17.59 -28.15
C VAL D 743 42.58 -17.81 -29.51
N GLU D 744 42.59 -16.74 -30.30
CA GLU D 744 43.34 -16.67 -31.56
C GLU D 744 43.55 -15.20 -31.86
N ILE D 745 44.77 -14.82 -32.18
CA ILE D 745 45.12 -13.41 -32.35
C ILE D 745 44.61 -12.93 -33.71
N GLN D 746 45.24 -11.88 -34.26
CA GLN D 746 45.01 -11.38 -35.62
C GLN D 746 45.70 -10.04 -35.84
N GLY D 747 46.86 -10.04 -36.50
CA GLY D 747 47.59 -8.80 -36.69
C GLY D 747 47.93 -8.13 -35.37
N GLN D 748 47.10 -7.18 -34.95
CA GLN D 748 47.17 -6.59 -33.61
C GLN D 748 45.92 -6.89 -32.79
N THR D 749 45.12 -7.86 -33.23
CA THR D 749 43.90 -8.27 -32.57
C THR D 749 44.15 -9.55 -31.78
N LEU D 750 43.39 -9.73 -30.71
CA LEU D 750 43.34 -11.01 -29.99
C LEU D 750 41.89 -11.28 -29.63
N ARG D 751 41.32 -12.33 -30.22
CA ARG D 751 39.94 -12.71 -29.96
C ARG D 751 39.89 -13.72 -28.81
N TRP D 752 38.82 -13.65 -28.03
CA TRP D 752 38.68 -14.48 -26.84
C TRP D 752 37.26 -15.02 -26.75
N TRP D 753 37.10 -16.32 -27.01
CA TRP D 753 35.88 -17.04 -26.71
C TRP D 753 36.07 -17.80 -25.41
N TYR D 754 34.98 -17.93 -24.65
CA TYR D 754 35.03 -18.71 -23.41
C TYR D 754 33.65 -19.29 -23.16
N PRO D 755 33.57 -20.45 -22.50
CA PRO D 755 32.26 -21.07 -22.26
C PRO D 755 31.42 -20.27 -21.29
N VAL D 756 30.12 -20.55 -21.33
CA VAL D 756 29.14 -19.90 -20.46
C VAL D 756 29.43 -20.32 -19.02
N PRO D 757 29.15 -19.46 -18.04
CA PRO D 757 29.24 -19.90 -16.64
C PRO D 757 28.04 -20.76 -16.26
N GLY D 758 28.28 -21.69 -15.34
CA GLY D 758 27.23 -22.57 -14.85
C GLY D 758 25.99 -21.83 -14.43
N THR D 759 26.13 -20.97 -13.43
CA THR D 759 25.09 -20.02 -13.05
C THR D 759 25.74 -18.94 -12.19
N GLY D 760 25.05 -17.81 -12.09
CA GLY D 760 25.60 -16.67 -11.37
C GLY D 760 26.65 -15.96 -12.19
N GLU D 761 27.75 -15.58 -11.55
CA GLU D 761 28.83 -14.84 -12.21
C GLU D 761 30.18 -15.45 -11.86
N GLU D 762 31.04 -15.56 -12.86
CA GLU D 762 32.42 -15.99 -12.67
C GLU D 762 33.35 -14.98 -13.32
N VAL D 763 34.53 -14.84 -12.74
CA VAL D 763 35.52 -13.88 -13.23
C VAL D 763 36.58 -14.65 -14.02
N TYR D 764 36.55 -14.49 -15.33
CA TYR D 764 37.53 -15.11 -16.21
C TYR D 764 38.73 -14.18 -16.37
N THR D 765 39.92 -14.78 -16.35
CA THR D 765 41.15 -14.02 -16.48
C THR D 765 41.90 -14.46 -17.74
N ILE D 766 42.72 -13.55 -18.26
CA ILE D 766 43.59 -13.84 -19.40
C ILE D 766 44.86 -13.03 -19.23
N GLU D 767 46.01 -13.69 -19.40
CA GLU D 767 47.31 -13.07 -19.25
C GLU D 767 48.07 -13.18 -20.56
N VAL D 768 48.62 -12.05 -21.02
CA VAL D 768 49.43 -11.99 -22.24
C VAL D 768 50.78 -11.38 -21.89
N GLN D 769 51.84 -11.89 -22.51
CA GLN D 769 53.19 -11.37 -22.30
C GLN D 769 54.02 -11.68 -23.54
N ARG D 770 54.95 -10.78 -23.85
CA ARG D 770 55.86 -11.01 -24.98
C ARG D 770 56.95 -11.98 -24.57
N ASN D 771 57.24 -12.93 -25.46
CA ASN D 771 58.24 -13.95 -25.17
C ASN D 771 59.62 -13.32 -25.04
N GLY D 772 60.30 -13.63 -23.94
CA GLY D 772 61.60 -13.07 -23.66
C GLY D 772 61.58 -11.73 -22.96
N GLY D 773 60.42 -11.10 -22.81
CA GLY D 773 60.32 -9.81 -22.15
C GLY D 773 60.05 -8.66 -23.10
N ALA D 774 60.53 -7.48 -22.74
CA ALA D 774 60.32 -6.28 -23.53
C ALA D 774 61.38 -6.13 -24.62
N LEU D 775 61.15 -5.17 -25.52
CA LEU D 775 62.07 -4.91 -26.61
C LEU D 775 63.08 -3.82 -26.23
#